data_8POO
#
_entry.id   8POO
#
_cell.length_a   127.795
_cell.length_b   143.686
_cell.length_c   160.669
_cell.angle_alpha   90.000
_cell.angle_beta   112.372
_cell.angle_gamma   90.000
#
_symmetry.space_group_name_H-M   'P 1 21 1'
#
loop_
_entity.id
_entity.type
_entity.pdbx_description
1 polymer 'Ktr system potassium uptake protein B'
2 polymer 'Ktr system potassium uptake protein A'
#
loop_
_entity_poly.entity_id
_entity_poly.type
_entity_poly.pdbx_seq_one_letter_code
_entity_poly.pdbx_strand_id
1 'polypeptide(L)'
;MTLQKDKVIKWVRFTPPQVLAIGFFLTIIIGAVLLMLPISTTKPLSWIDALFTAASATTVTGLAVVDTGTQFTVFGQTVI
MGLIQIGGLGFMTFAVLIVMILGKKIGLKERMLVQEALNQPTIGGVIGLVKVLFLFSISIELIAALILSIRLVPQYGWSS
GLFASLFHAISAFNNAGFSLWPDNLMSYVGDPTVNLVITFLFITGGIGFTVLFDVMKNRRFKTFSLHTKLMLTGTLMLNA
IAMLTVFILEYSNPGTLGHLHIVDKLWASYFQAVTPRTAGFNSLDFGSMREGTIVFTLLLMFIGAGSASTASGIKLTTFI
VILTSVIAYLRGKKETVIFRRSIKYPIIIKALAVSVTSLFIVFLGIFALTITEQAPFLQIVFETFSAFGTVGLTMGLTPE
LTTAGKCIIIVIMFIGRIGPLTFVFSFAKTEQSNIRYPDGEVFTG
;
I,J,A,B
2 'polypeptide(L)'
;MGRIKNKQFAVIGLGRFGGSIVKELHRMGHEVLAVDINEEKVNAYASYATHAVIANATEENELLSLGIRNFEYVIVAIGA
NIQASTLTTLLLKELDIPNIWVKAQNYYHHKVLEKIGADRIIHPEKDMGVKIAQSLSDENVLNYLEGSKQFAVIGLGRFG
GSIVKELHRMGHEVLAVDINEEKVNAYASYATHAVIANATEENELLSLGIRNFEYVIVAIGANIQASTLTTLLLKELDIP
NIWVKAQNYYHHKVLEKIGADRIIHPEKDMGVKIAQSLSDENLELVPR
;
C,D,E,G
#
# COMPACT_ATOMS: atom_id res chain seq x y z
N THR A 15 54.61 49.13 -34.23
CA THR A 15 54.36 50.30 -33.41
C THR A 15 53.82 49.88 -32.04
N PRO A 16 54.04 50.71 -31.01
CA PRO A 16 53.69 50.32 -29.62
C PRO A 16 52.29 49.75 -29.50
N PRO A 17 51.25 50.32 -30.15
CA PRO A 17 49.92 49.70 -30.03
C PRO A 17 49.81 48.39 -30.82
N GLN A 18 50.17 48.43 -32.10
CA GLN A 18 49.95 47.27 -32.97
C GLN A 18 50.79 46.08 -32.53
N VAL A 19 52.00 46.32 -32.04
CA VAL A 19 52.88 45.23 -31.63
C VAL A 19 52.23 44.42 -30.51
N LEU A 20 51.64 45.10 -29.54
CA LEU A 20 50.94 44.40 -28.47
C LEU A 20 49.69 43.69 -28.97
N ALA A 21 49.12 44.15 -30.08
CA ALA A 21 47.88 43.55 -30.59
C ALA A 21 48.18 42.24 -31.32
N ILE A 22 48.90 42.31 -32.44
CA ILE A 22 49.19 41.12 -33.22
C ILE A 22 50.26 40.25 -32.57
N GLY A 23 51.13 40.82 -31.74
CA GLY A 23 52.17 40.05 -31.07
C GLY A 23 51.62 39.13 -30.00
N PHE A 24 50.89 39.69 -29.03
CA PHE A 24 50.19 38.89 -28.04
C PHE A 24 49.23 37.90 -28.68
N PHE A 25 48.80 38.17 -29.92
CA PHE A 25 47.94 37.24 -30.64
C PHE A 25 48.68 35.97 -31.03
N LEU A 26 50.01 36.04 -31.19
CA LEU A 26 50.77 34.88 -31.64
C LEU A 26 51.07 33.92 -30.50
N THR A 27 51.38 34.44 -29.30
CA THR A 27 51.57 33.59 -28.14
C THR A 27 50.33 32.74 -27.86
N ILE A 28 49.15 33.24 -28.26
CA ILE A 28 47.94 32.44 -28.21
C ILE A 28 48.03 31.30 -29.22
N ILE A 29 48.31 31.63 -30.48
CA ILE A 29 48.28 30.63 -31.55
C ILE A 29 49.37 29.59 -31.33
N ILE A 30 50.60 30.05 -31.08
CA ILE A 30 51.71 29.11 -30.88
C ILE A 30 51.46 28.23 -29.67
N GLY A 31 51.02 28.83 -28.56
CA GLY A 31 50.63 28.06 -27.39
C GLY A 31 49.46 27.15 -27.62
N ALA A 32 48.59 27.47 -28.59
CA ALA A 32 47.46 26.61 -28.90
C ALA A 32 47.87 25.34 -29.64
N VAL A 33 49.09 25.29 -30.16
CA VAL A 33 49.63 24.05 -30.70
C VAL A 33 50.61 23.39 -29.73
N LEU A 34 51.14 24.14 -28.77
CA LEU A 34 52.00 23.60 -27.73
C LEU A 34 51.25 22.67 -26.78
N LEU A 35 49.92 22.75 -26.76
CA LEU A 35 49.09 21.96 -25.85
C LEU A 35 48.27 20.89 -26.55
N MET A 36 47.79 21.16 -27.78
CA MET A 36 47.08 20.17 -28.57
C MET A 36 47.97 19.03 -29.03
N LEU A 37 49.26 19.08 -28.69
CA LEU A 37 50.18 18.01 -29.03
C LEU A 37 49.78 16.74 -28.26
N PRO A 38 49.89 15.56 -28.88
CA PRO A 38 49.46 14.32 -28.21
C PRO A 38 50.21 14.00 -26.92
N ILE A 39 51.26 14.76 -26.59
CA ILE A 39 51.97 14.53 -25.33
C ILE A 39 51.21 15.15 -24.17
N SER A 40 50.61 16.32 -24.39
CA SER A 40 49.93 17.07 -23.34
C SER A 40 48.44 16.77 -23.25
N THR A 41 47.88 16.01 -24.18
CA THR A 41 46.45 15.72 -24.18
C THR A 41 46.23 14.22 -24.09
N THR A 42 45.39 13.79 -23.15
CA THR A 42 45.02 12.38 -23.04
C THR A 42 43.86 12.06 -23.97
N LYS A 43 42.67 12.55 -23.64
CA LYS A 43 41.53 12.38 -24.53
C LYS A 43 41.66 13.33 -25.72
N PRO A 44 41.05 12.99 -26.86
CA PRO A 44 41.19 13.84 -28.05
C PRO A 44 40.75 15.27 -27.80
N LEU A 45 41.61 16.21 -28.19
CA LEU A 45 41.35 17.63 -28.01
C LEU A 45 40.91 18.21 -29.36
N SER A 46 39.60 18.48 -29.47
CA SER A 46 39.03 18.96 -30.72
C SER A 46 39.68 20.27 -31.16
N TRP A 47 39.60 20.55 -32.47
CA TRP A 47 40.20 21.76 -33.02
C TRP A 47 39.66 23.02 -32.36
N ILE A 48 38.47 22.95 -31.77
CA ILE A 48 37.84 24.12 -31.17
C ILE A 48 38.27 24.30 -29.71
N ASP A 49 38.29 23.21 -28.94
CA ASP A 49 38.65 23.24 -27.52
C ASP A 49 40.15 23.31 -27.27
N ALA A 50 40.95 23.64 -28.28
CA ALA A 50 42.39 23.75 -28.15
C ALA A 50 42.89 25.19 -28.33
N LEU A 51 42.40 25.90 -29.33
CA LEU A 51 42.66 27.33 -29.46
C LEU A 51 41.99 28.14 -28.37
N PHE A 52 41.20 27.51 -27.51
CA PHE A 52 40.46 28.22 -26.45
C PHE A 52 41.24 28.17 -25.14
N THR A 53 41.45 26.96 -24.60
CA THR A 53 42.10 26.83 -23.30
C THR A 53 43.50 27.44 -23.31
N ALA A 54 44.19 27.38 -24.45
CA ALA A 54 45.48 28.06 -24.57
C ALA A 54 45.33 29.58 -24.67
N ALA A 55 44.16 30.06 -25.10
CA ALA A 55 43.90 31.49 -25.10
C ALA A 55 43.54 32.00 -23.71
N SER A 56 42.94 31.16 -22.88
CA SER A 56 42.51 31.60 -21.56
C SER A 56 43.70 31.75 -20.62
N ALA A 57 44.67 30.85 -20.72
CA ALA A 57 45.85 30.93 -19.86
C ALA A 57 46.73 32.12 -20.23
N THR A 58 46.95 32.35 -21.52
CA THR A 58 47.74 33.51 -21.92
C THR A 58 47.01 34.81 -21.60
N THR A 59 45.68 34.83 -21.70
CA THR A 59 44.89 35.95 -21.23
C THR A 59 44.63 35.88 -19.74
N VAL A 60 45.11 34.82 -19.08
CA VAL A 60 45.08 34.68 -17.63
C VAL A 60 43.63 34.89 -17.20
N THR A 61 42.71 34.40 -18.03
CA THR A 61 41.30 34.70 -17.88
C THR A 61 40.65 33.82 -16.81
N GLY A 62 40.72 32.51 -16.96
CA GLY A 62 40.12 31.58 -16.03
C GLY A 62 38.96 30.76 -16.56
N LEU A 63 38.83 30.63 -17.87
CA LEU A 63 37.81 29.79 -18.47
C LEU A 63 38.49 28.65 -19.22
N ALA A 64 37.74 27.58 -19.47
CA ALA A 64 38.28 26.42 -20.19
C ALA A 64 37.17 25.50 -20.66
N VAL A 65 37.24 25.08 -21.93
CA VAL A 65 36.25 24.13 -22.44
C VAL A 65 36.44 22.77 -21.78
N VAL A 66 37.69 22.38 -21.52
CA VAL A 66 37.99 21.08 -20.92
C VAL A 66 38.70 21.31 -19.58
N ASP A 67 38.59 20.31 -18.70
CA ASP A 67 39.17 20.42 -17.37
C ASP A 67 40.69 20.29 -17.45
N THR A 68 41.40 21.23 -16.83
CA THR A 68 42.84 21.31 -17.06
C THR A 68 43.60 20.21 -16.32
N GLY A 69 43.11 19.83 -15.14
CA GLY A 69 43.89 18.91 -14.31
C GLY A 69 43.88 17.47 -14.78
N THR A 70 42.72 16.99 -15.26
CA THR A 70 42.56 15.61 -15.72
C THR A 70 42.78 15.43 -17.21
N GLN A 71 42.37 16.40 -18.03
CA GLN A 71 42.53 16.27 -19.47
C GLN A 71 43.99 16.43 -19.89
N PHE A 72 44.71 17.36 -19.25
CA PHE A 72 46.09 17.63 -19.62
C PHE A 72 47.06 16.85 -18.74
N THR A 73 48.14 16.37 -19.36
CA THR A 73 49.17 15.63 -18.64
C THR A 73 50.13 16.65 -18.00
N VAL A 74 51.29 16.17 -17.53
CA VAL A 74 52.27 17.06 -16.92
C VAL A 74 52.73 18.10 -17.92
N PHE A 75 52.88 17.72 -19.19
CA PHE A 75 53.31 18.65 -20.21
C PHE A 75 52.29 19.75 -20.42
N GLY A 76 51.00 19.40 -20.41
CA GLY A 76 49.97 20.40 -20.63
C GLY A 76 49.93 21.46 -19.56
N GLN A 77 49.93 21.03 -18.30
CA GLN A 77 49.93 21.96 -17.18
C GLN A 77 51.19 22.81 -17.19
N THR A 78 52.30 22.28 -17.68
CA THR A 78 53.54 23.05 -17.75
C THR A 78 53.42 24.16 -18.79
N VAL A 79 52.88 23.85 -19.98
CA VAL A 79 52.76 24.85 -21.03
C VAL A 79 51.79 25.95 -20.61
N ILE A 80 50.65 25.55 -20.00
CA ILE A 80 49.72 26.53 -19.45
C ILE A 80 50.45 27.43 -18.46
N MET A 81 51.15 26.81 -17.50
CA MET A 81 51.83 27.57 -16.45
C MET A 81 52.82 28.58 -17.03
N GLY A 82 53.70 28.13 -17.92
CA GLY A 82 54.68 29.03 -18.51
C GLY A 82 54.05 30.10 -19.38
N LEU A 83 52.97 29.75 -20.07
CA LEU A 83 52.27 30.73 -20.89
C LEU A 83 51.68 31.85 -20.04
N ILE A 84 51.26 31.53 -18.81
CA ILE A 84 50.72 32.55 -17.92
C ILE A 84 51.81 33.51 -17.49
N GLN A 85 53.02 33.00 -17.24
CA GLN A 85 54.14 33.86 -16.89
C GLN A 85 54.42 34.86 -18.02
N ILE A 86 54.30 34.40 -19.26
CA ILE A 86 54.45 35.31 -20.40
C ILE A 86 53.38 36.38 -20.38
N GLY A 87 52.14 36.00 -20.08
CA GLY A 87 51.05 36.96 -20.07
C GLY A 87 51.19 37.99 -18.97
N GLY A 88 51.57 37.55 -17.76
CA GLY A 88 51.83 38.49 -16.68
C GLY A 88 53.01 39.40 -16.99
N LEU A 89 54.02 38.87 -17.68
CA LEU A 89 55.12 39.69 -18.15
C LEU A 89 54.65 40.73 -19.16
N GLY A 90 53.76 40.32 -20.07
CA GLY A 90 53.24 41.25 -21.06
C GLY A 90 52.51 42.43 -20.44
N PHE A 91 51.72 42.17 -19.40
CA PHE A 91 51.11 43.24 -18.62
C PHE A 91 52.17 44.03 -17.88
N MET A 92 53.19 43.34 -17.38
CA MET A 92 54.25 44.04 -16.67
C MET A 92 54.89 45.08 -17.57
N THR A 93 54.99 44.77 -18.87
CA THR A 93 55.47 45.75 -19.83
C THR A 93 54.37 46.76 -20.17
N PHE A 94 53.13 46.28 -20.34
CA PHE A 94 51.98 47.15 -20.56
C PHE A 94 51.93 48.28 -19.53
N ALA A 95 52.17 47.95 -18.28
CA ALA A 95 52.08 48.97 -17.23
C ALA A 95 53.23 49.96 -17.33
N VAL A 96 54.45 49.45 -17.51
CA VAL A 96 55.63 50.30 -17.56
C VAL A 96 55.45 51.37 -18.63
N LEU A 97 54.89 50.98 -19.78
CA LEU A 97 54.61 51.95 -20.84
C LEU A 97 53.64 53.02 -20.38
N ILE A 98 52.63 52.63 -19.61
CA ILE A 98 51.69 53.60 -19.06
C ILE A 98 52.38 54.50 -18.04
N VAL A 99 53.36 53.96 -17.32
CA VAL A 99 54.02 54.74 -16.27
C VAL A 99 54.72 55.96 -16.86
N MET A 100 55.54 55.74 -17.90
CA MET A 100 56.38 56.82 -18.40
C MET A 100 55.55 57.90 -19.09
N ILE A 101 54.53 57.51 -19.84
CA ILE A 101 53.69 58.45 -20.56
C ILE A 101 52.87 59.30 -19.60
N ILE A 127 63.82 49.98 -19.84
CA ILE A 127 64.68 48.85 -20.19
C ILE A 127 65.31 48.25 -18.95
N GLY A 128 65.83 49.12 -18.08
CA GLY A 128 66.50 48.65 -16.88
C GLY A 128 65.58 47.98 -15.89
N LEU A 129 64.28 48.28 -15.95
CA LEU A 129 63.34 47.69 -15.00
C LEU A 129 62.97 46.25 -15.38
N VAL A 130 63.06 45.91 -16.66
CA VAL A 130 62.62 44.60 -17.14
C VAL A 130 63.30 43.47 -16.38
N LYS A 131 64.53 43.70 -15.90
CA LYS A 131 65.18 42.73 -15.04
C LYS A 131 64.42 42.56 -13.73
N VAL A 132 64.17 43.67 -13.02
CA VAL A 132 63.53 43.61 -11.71
C VAL A 132 62.19 42.91 -11.79
N LEU A 133 61.35 43.32 -12.73
CA LEU A 133 59.95 42.93 -12.71
C LEU A 133 59.79 41.42 -12.88
N PHE A 134 60.49 40.83 -13.84
CA PHE A 134 60.42 39.38 -14.03
C PHE A 134 61.16 38.65 -12.92
N LEU A 135 62.30 39.17 -12.49
CA LEU A 135 63.02 38.54 -11.39
C LEU A 135 62.23 38.65 -10.10
N PHE A 136 61.59 39.81 -9.86
CA PHE A 136 60.71 39.95 -8.72
C PHE A 136 59.44 39.11 -8.87
N SER A 137 59.07 38.76 -10.11
CA SER A 137 57.93 37.89 -10.33
C SER A 137 58.24 36.49 -9.80
N ILE A 138 59.19 35.80 -10.44
CA ILE A 138 59.57 34.44 -10.03
C ILE A 138 60.10 34.39 -8.61
N SER A 139 60.37 35.54 -7.98
CA SER A 139 60.78 35.52 -6.58
C SER A 139 59.59 35.31 -5.66
N ILE A 140 58.63 36.25 -5.67
CA ILE A 140 57.41 36.07 -4.89
C ILE A 140 56.55 34.93 -5.44
N GLU A 141 56.79 34.50 -6.67
CA GLU A 141 56.08 33.33 -7.19
C GLU A 141 56.65 32.03 -6.64
N LEU A 142 57.95 32.00 -6.33
CA LEU A 142 58.57 30.78 -5.82
C LEU A 142 58.51 30.72 -4.29
N ILE A 143 58.86 31.81 -3.60
CA ILE A 143 58.90 31.79 -2.14
C ILE A 143 57.50 31.67 -1.54
N ALA A 144 56.47 32.04 -2.27
CA ALA A 144 55.10 31.93 -1.78
C ALA A 144 54.39 30.69 -2.30
N ALA A 145 55.04 29.90 -3.15
CA ALA A 145 54.46 28.67 -3.67
C ALA A 145 55.20 27.44 -3.12
N LEU A 146 56.44 27.22 -3.56
CA LEU A 146 57.20 26.05 -3.13
C LEU A 146 57.62 26.11 -1.68
N ILE A 147 57.20 27.13 -0.92
CA ILE A 147 57.49 27.22 0.50
C ILE A 147 56.18 27.32 1.28
N LEU A 148 55.34 28.31 0.91
CA LEU A 148 54.12 28.60 1.65
C LEU A 148 52.90 27.84 1.14
N SER A 149 52.87 27.46 -0.13
CA SER A 149 51.78 26.66 -0.67
C SER A 149 52.05 25.15 -0.61
N ILE A 150 53.28 24.74 -0.32
CA ILE A 150 53.61 23.33 -0.17
C ILE A 150 53.49 22.88 1.28
N ARG A 151 52.85 23.69 2.13
CA ARG A 151 52.77 23.34 3.55
C ARG A 151 51.65 22.34 3.82
N LEU A 152 50.48 22.56 3.22
CA LEU A 152 49.31 21.72 3.46
C LEU A 152 48.87 20.96 2.23
N VAL A 153 49.66 20.99 1.15
CA VAL A 153 49.41 20.23 -0.06
C VAL A 153 50.34 19.02 -0.22
N PRO A 154 51.36 18.75 0.67
CA PRO A 154 52.18 17.55 0.41
C PRO A 154 51.43 16.25 0.63
N GLN A 155 50.11 16.31 0.82
CA GLN A 155 49.33 15.10 1.05
C GLN A 155 49.37 14.16 -0.14
N TYR A 156 49.15 14.69 -1.35
CA TYR A 156 49.11 13.88 -2.56
C TYR A 156 50.48 13.32 -2.96
N GLY A 157 51.50 13.42 -2.12
CA GLY A 157 52.83 12.93 -2.45
C GLY A 157 53.72 14.03 -3.02
N TRP A 158 54.79 13.60 -3.69
CA TRP A 158 55.69 14.52 -4.36
C TRP A 158 55.46 14.59 -5.87
N SER A 159 54.81 13.59 -6.46
CA SER A 159 54.45 13.68 -7.87
C SER A 159 53.27 14.60 -8.10
N SER A 160 52.47 14.88 -7.07
CA SER A 160 51.33 15.78 -7.18
C SER A 160 51.28 16.82 -6.07
N GLY A 161 52.22 16.83 -5.15
CA GLY A 161 52.28 17.85 -4.12
C GLY A 161 53.34 18.90 -4.38
N LEU A 162 54.41 18.52 -5.07
CA LEU A 162 55.42 19.49 -5.47
C LEU A 162 54.92 20.34 -6.63
N PHE A 163 54.15 19.74 -7.54
CA PHE A 163 53.68 20.47 -8.71
C PHE A 163 52.45 21.31 -8.40
N ALA A 164 51.42 20.70 -7.80
CA ALA A 164 50.17 21.41 -7.53
C ALA A 164 50.37 22.60 -6.59
N SER A 165 51.51 22.70 -5.93
CA SER A 165 51.83 23.85 -5.09
C SER A 165 52.56 24.95 -5.86
N LEU A 166 53.13 24.65 -7.02
CA LEU A 166 53.81 25.63 -7.86
C LEU A 166 52.97 26.07 -9.05
N PHE A 167 52.09 25.20 -9.55
CA PHE A 167 51.27 25.53 -10.71
C PHE A 167 50.26 26.64 -10.39
N HIS A 168 49.70 26.61 -9.18
CA HIS A 168 48.62 27.53 -8.83
C HIS A 168 49.11 28.95 -8.54
N ALA A 169 50.37 29.14 -8.12
CA ALA A 169 50.83 30.48 -7.78
C ALA A 169 51.15 31.31 -9.02
N ILE A 170 51.75 30.69 -10.04
CA ILE A 170 51.92 31.37 -11.32
C ILE A 170 50.56 31.70 -11.92
N SER A 171 49.51 31.00 -11.49
CA SER A 171 48.14 31.34 -11.85
C SER A 171 47.46 32.24 -10.83
N ALA A 172 47.77 32.11 -9.54
CA ALA A 172 47.20 32.99 -8.54
C ALA A 172 47.79 34.40 -8.65
N PHE A 173 49.12 34.51 -8.50
CA PHE A 173 49.76 35.82 -8.56
C PHE A 173 49.44 36.54 -9.87
N ASN A 174 49.26 35.81 -10.96
CA ASN A 174 48.90 36.40 -12.25
C ASN A 174 47.40 36.60 -12.43
N ASN A 175 46.57 36.21 -11.46
CA ASN A 175 45.11 36.33 -11.55
C ASN A 175 44.56 35.56 -12.75
N ALA A 176 44.84 34.26 -12.76
CA ALA A 176 44.42 33.38 -13.84
C ALA A 176 43.06 32.75 -13.59
N GLY A 177 42.99 31.85 -12.61
CA GLY A 177 41.83 31.02 -12.40
C GLY A 177 41.99 29.59 -12.86
N PHE A 178 43.17 29.20 -13.31
CA PHE A 178 43.43 27.83 -13.75
C PHE A 178 43.83 27.01 -12.53
N SER A 179 42.97 26.07 -12.14
CA SER A 179 43.20 25.16 -11.03
C SER A 179 43.40 23.74 -11.53
N LEU A 180 44.17 22.96 -10.77
CA LEU A 180 44.48 21.57 -11.13
C LEU A 180 43.27 20.68 -10.94
N TRP A 181 42.97 20.32 -9.70
CA TRP A 181 41.87 19.41 -9.42
C TRP A 181 40.57 19.95 -10.03
N PRO A 182 39.69 19.08 -10.50
CA PRO A 182 38.46 19.53 -11.17
C PRO A 182 37.59 20.44 -10.32
N ASP A 183 37.74 20.40 -8.99
CA ASP A 183 36.84 21.22 -8.16
C ASP A 183 37.18 22.71 -8.20
N ASN A 184 38.29 23.11 -8.82
CA ASN A 184 38.65 24.52 -8.95
C ASN A 184 38.69 25.21 -7.59
N LEU A 185 39.35 24.57 -6.63
CA LEU A 185 39.52 25.03 -5.26
C LEU A 185 38.23 24.98 -4.44
N MET A 186 37.17 24.36 -4.96
CA MET A 186 35.96 24.21 -4.16
C MET A 186 36.23 23.34 -2.93
N SER A 187 37.19 22.42 -3.01
CA SER A 187 37.44 21.51 -1.89
C SER A 187 37.98 22.26 -0.68
N TYR A 188 38.76 23.30 -0.90
CA TYR A 188 39.32 24.10 0.18
C TYR A 188 38.39 25.27 0.49
N VAL A 189 37.22 24.91 1.05
CA VAL A 189 36.23 25.93 1.42
C VAL A 189 36.77 26.82 2.52
N GLY A 190 37.08 26.23 3.67
CA GLY A 190 37.51 27.00 4.83
C GLY A 190 38.86 26.59 5.37
N ASP A 191 39.71 26.04 4.52
CA ASP A 191 41.05 25.67 4.97
C ASP A 191 41.90 26.93 5.10
N PRO A 192 42.55 27.16 6.25
CA PRO A 192 43.17 28.48 6.45
C PRO A 192 44.35 28.75 5.54
N THR A 193 45.17 27.74 5.24
CA THR A 193 46.35 27.98 4.41
C THR A 193 45.96 28.46 3.02
N VAL A 194 44.89 27.90 2.45
CA VAL A 194 44.51 28.21 1.07
C VAL A 194 43.97 29.63 0.97
N ASN A 195 42.96 29.95 1.77
CA ASN A 195 42.32 31.27 1.67
C ASN A 195 43.26 32.41 2.03
N LEU A 196 44.36 32.13 2.73
CA LEU A 196 45.33 33.16 3.12
C LEU A 196 46.50 33.28 2.15
N VAL A 197 46.98 32.16 1.58
CA VAL A 197 48.17 32.22 0.73
C VAL A 197 47.81 32.72 -0.67
N ILE A 198 46.75 32.15 -1.25
CA ILE A 198 46.41 32.47 -2.64
C ILE A 198 45.86 33.89 -2.75
N THR A 199 45.10 34.35 -1.75
CA THR A 199 44.54 35.69 -1.82
C THR A 199 45.66 36.74 -1.90
N PHE A 200 46.68 36.61 -1.05
CA PHE A 200 47.81 37.55 -1.10
C PHE A 200 48.51 37.54 -2.45
N LEU A 201 48.33 36.49 -3.26
CA LEU A 201 49.01 36.42 -4.55
C LEU A 201 48.28 37.25 -5.61
N PHE A 202 46.97 37.04 -5.78
CA PHE A 202 46.25 37.76 -6.81
C PHE A 202 45.84 39.17 -6.38
N ILE A 203 45.85 39.45 -5.08
CA ILE A 203 45.58 40.81 -4.62
C ILE A 203 46.74 41.72 -5.01
N THR A 204 47.93 41.43 -4.48
CA THR A 204 49.10 42.25 -4.80
C THR A 204 49.46 42.15 -6.28
N GLY A 205 49.47 40.94 -6.82
CA GLY A 205 49.61 40.80 -8.25
C GLY A 205 48.52 41.56 -9.00
N GLY A 206 47.32 41.62 -8.43
CA GLY A 206 46.22 42.33 -9.04
C GLY A 206 46.24 43.82 -8.85
N ILE A 207 46.89 44.32 -7.80
CA ILE A 207 47.06 45.77 -7.70
C ILE A 207 48.17 46.20 -8.65
N GLY A 208 48.16 47.47 -9.02
CA GLY A 208 49.14 47.97 -9.95
C GLY A 208 50.57 47.69 -9.56
N PHE A 209 51.41 47.34 -10.52
CA PHE A 209 52.85 47.29 -10.26
C PHE A 209 53.35 48.62 -9.72
N THR A 210 52.63 49.71 -9.99
CA THR A 210 52.91 50.98 -9.35
C THR A 210 52.84 50.81 -7.84
N VAL A 211 51.66 50.52 -7.30
CA VAL A 211 51.53 50.32 -5.87
C VAL A 211 52.37 49.13 -5.40
N LEU A 212 52.68 48.19 -6.30
CA LEU A 212 53.69 47.18 -5.97
C LEU A 212 55.06 47.83 -5.78
N PHE A 213 55.53 48.57 -6.78
CA PHE A 213 56.83 49.22 -6.68
C PHE A 213 56.81 50.37 -5.68
N ASP A 214 55.67 51.06 -5.56
CA ASP A 214 55.63 52.30 -4.78
C ASP A 214 55.88 52.03 -3.30
N VAL A 215 55.12 51.09 -2.72
CA VAL A 215 55.25 50.78 -1.31
C VAL A 215 56.66 50.28 -0.96
N MET A 216 57.44 49.87 -1.97
CA MET A 216 58.78 49.35 -1.67
C MET A 216 59.76 50.45 -1.30
N LYS A 217 60.02 51.39 -2.20
CA LYS A 217 61.00 52.43 -1.92
C LYS A 217 60.42 53.58 -1.09
N ASN A 218 59.15 53.91 -1.29
CA ASN A 218 58.53 54.94 -0.47
C ASN A 218 58.38 54.48 0.97
N ARG A 219 57.58 53.44 1.20
CA ARG A 219 57.43 52.77 2.49
C ARG A 219 56.90 53.66 3.60
N ARG A 220 56.48 54.89 3.31
CA ARG A 220 55.94 55.78 4.32
C ARG A 220 54.42 55.85 4.20
N PHE A 221 53.75 56.03 5.35
CA PHE A 221 52.30 56.09 5.38
C PHE A 221 51.74 57.32 4.67
N LYS A 222 52.57 58.32 4.40
CA LYS A 222 52.09 59.60 3.90
C LYS A 222 52.74 60.05 2.58
N THR A 223 53.73 59.33 2.07
CA THR A 223 54.45 59.78 0.87
C THR A 223 53.96 59.13 -0.41
N PHE A 224 52.91 58.31 -0.34
CA PHE A 224 52.45 57.62 -1.52
C PHE A 224 51.80 58.60 -2.49
N SER A 225 52.00 58.36 -3.79
CA SER A 225 51.44 59.22 -4.81
C SER A 225 49.92 59.05 -4.86
N LEU A 226 49.28 59.87 -5.71
CA LEU A 226 47.83 59.83 -5.85
C LEU A 226 47.34 58.44 -6.23
N HIS A 227 47.86 57.91 -7.34
CA HIS A 227 47.42 56.61 -7.85
C HIS A 227 47.65 55.50 -6.83
N THR A 228 48.85 55.43 -6.26
CA THR A 228 49.16 54.37 -5.29
C THR A 228 48.29 54.50 -4.04
N LYS A 229 48.11 55.74 -3.56
CA LYS A 229 47.26 55.95 -2.40
C LYS A 229 45.81 55.59 -2.72
N LEU A 230 45.39 55.83 -3.95
CA LEU A 230 44.06 55.39 -4.38
C LEU A 230 43.90 53.89 -4.21
N MET A 231 44.77 53.11 -4.84
CA MET A 231 44.59 51.66 -4.89
C MET A 231 44.40 51.07 -3.52
N LEU A 232 45.33 51.35 -2.60
CA LEU A 232 45.26 50.77 -1.25
C LEU A 232 43.91 51.03 -0.58
N THR A 233 43.43 52.26 -0.65
CA THR A 233 42.12 52.58 -0.09
C THR A 233 41.01 51.84 -0.80
N GLY A 234 40.88 52.06 -2.11
CA GLY A 234 39.79 51.45 -2.87
C GLY A 234 39.84 49.95 -2.88
N THR A 235 41.03 49.36 -2.85
CA THR A 235 41.15 47.91 -2.81
C THR A 235 40.52 47.35 -1.52
N LEU A 236 41.07 47.74 -0.36
CA LEU A 236 40.60 47.20 0.91
C LEU A 236 39.14 47.57 1.15
N MET A 237 38.80 48.86 0.99
CA MET A 237 37.45 49.33 1.29
C MET A 237 36.39 48.55 0.50
N LEU A 238 36.64 48.32 -0.79
CA LEU A 238 35.67 47.60 -1.61
C LEU A 238 35.51 46.16 -1.13
N ASN A 239 36.62 45.52 -0.73
CA ASN A 239 36.55 44.15 -0.24
C ASN A 239 35.61 44.03 0.97
N ALA A 240 35.55 45.07 1.81
CA ALA A 240 34.64 45.03 2.96
C ALA A 240 33.19 45.07 2.51
N ILE A 241 32.88 45.91 1.52
CA ILE A 241 31.55 45.93 0.93
C ILE A 241 31.25 44.59 0.26
N ALA A 242 32.28 43.94 -0.29
CA ALA A 242 32.05 42.70 -1.02
C ALA A 242 31.88 41.52 -0.08
N MET A 243 32.66 41.45 1.00
CA MET A 243 32.46 40.38 1.98
C MET A 243 31.12 40.54 2.69
N LEU A 244 30.72 41.78 2.96
CA LEU A 244 29.41 42.03 3.54
C LEU A 244 28.30 41.56 2.60
N THR A 245 28.43 41.85 1.30
CA THR A 245 27.40 41.48 0.34
C THR A 245 27.25 39.96 0.25
N VAL A 246 28.36 39.26 0.01
CA VAL A 246 28.30 37.81 -0.12
C VAL A 246 27.82 37.17 1.18
N PHE A 247 28.16 37.77 2.32
CA PHE A 247 27.79 37.19 3.61
C PHE A 247 26.33 37.41 3.96
N ILE A 248 25.74 38.52 3.50
CA ILE A 248 24.34 38.78 3.83
C ILE A 248 23.41 37.97 2.94
N LEU A 249 23.78 37.79 1.67
CA LEU A 249 22.90 37.12 0.71
C LEU A 249 23.07 35.61 0.70
N GLU A 250 24.31 35.13 0.79
CA GLU A 250 24.57 33.69 0.82
C GLU A 250 24.64 33.15 2.25
N TYR A 251 24.02 33.84 3.21
CA TYR A 251 24.08 33.41 4.60
C TYR A 251 23.18 32.20 4.86
N SER A 252 21.92 32.29 4.46
CA SER A 252 20.95 31.22 4.67
C SER A 252 20.83 30.29 3.47
N ASN A 253 21.55 30.57 2.36
CA ASN A 253 21.48 29.80 1.12
C ASN A 253 21.99 28.38 1.34
N PRO A 254 21.08 27.40 1.45
CA PRO A 254 21.52 26.05 1.86
C PRO A 254 22.48 25.39 0.89
N GLY A 255 22.55 25.85 -0.36
CA GLY A 255 23.47 25.29 -1.31
C GLY A 255 24.92 25.52 -0.95
N THR A 256 25.36 26.77 -0.99
CA THR A 256 26.73 27.13 -0.64
C THR A 256 26.68 28.22 0.43
N LEU A 257 27.40 28.00 1.55
CA LEU A 257 27.59 28.93 2.67
C LEU A 257 26.44 28.89 3.66
N GLY A 258 25.32 28.25 3.33
CA GLY A 258 24.17 28.34 4.22
C GLY A 258 24.32 27.57 5.51
N HIS A 259 24.92 26.38 5.45
CA HIS A 259 25.06 25.53 6.62
C HIS A 259 26.52 25.26 6.99
N LEU A 260 27.45 26.00 6.42
CA LEU A 260 28.84 25.94 6.86
C LEU A 260 28.95 26.41 8.30
N HIS A 261 30.02 26.00 8.97
CA HIS A 261 30.19 26.43 10.34
C HIS A 261 30.42 27.94 10.40
N ILE A 262 30.48 28.46 11.63
CA ILE A 262 30.60 29.91 11.83
C ILE A 262 31.91 30.42 11.25
N VAL A 263 32.98 29.65 11.40
CA VAL A 263 34.27 30.07 10.87
C VAL A 263 34.34 29.82 9.36
N ASP A 264 33.82 28.67 8.90
CA ASP A 264 33.78 28.39 7.47
C ASP A 264 32.91 29.37 6.71
N LYS A 265 32.05 30.13 7.40
CA LYS A 265 31.20 31.11 6.73
C LYS A 265 31.96 32.37 6.35
N LEU A 266 33.04 32.68 7.05
CA LEU A 266 33.85 33.85 6.68
C LEU A 266 34.84 33.52 5.58
N TRP A 267 35.39 32.30 5.58
CA TRP A 267 36.36 31.93 4.56
C TRP A 267 35.75 31.90 3.17
N ALA A 268 34.43 31.82 3.05
CA ALA A 268 33.80 31.85 1.74
C ALA A 268 33.33 33.24 1.37
N SER A 269 32.61 33.93 2.26
CA SER A 269 32.17 35.30 1.98
C SER A 269 33.34 36.19 1.65
N TYR A 270 34.44 36.05 2.40
CA TYR A 270 35.66 36.79 2.07
C TYR A 270 36.19 36.40 0.70
N PHE A 271 36.47 35.11 0.51
CA PHE A 271 37.11 34.66 -0.73
C PHE A 271 36.23 34.93 -1.95
N GLN A 272 34.93 34.60 -1.86
CA GLN A 272 34.00 34.91 -2.94
C GLN A 272 33.87 36.41 -3.16
N ALA A 273 34.30 37.22 -2.19
CA ALA A 273 34.32 38.67 -2.33
C ALA A 273 35.62 39.19 -2.92
N VAL A 274 36.67 38.40 -2.90
CA VAL A 274 37.95 38.82 -3.45
C VAL A 274 38.32 38.10 -4.74
N THR A 275 37.67 36.97 -5.07
CA THR A 275 37.95 36.26 -6.32
C THR A 275 37.32 36.89 -7.57
N PRO A 276 36.23 37.69 -7.49
CA PRO A 276 35.74 38.33 -8.73
C PRO A 276 36.69 39.38 -9.29
N ARG A 277 37.78 39.68 -8.59
CA ARG A 277 38.79 40.60 -9.07
C ARG A 277 39.69 39.93 -10.10
N THR A 278 39.08 39.35 -11.14
CA THR A 278 39.79 38.66 -12.22
C THR A 278 40.69 37.54 -11.69
N ALA A 279 40.33 36.96 -10.55
CA ALA A 279 41.13 35.90 -9.95
C ALA A 279 40.80 34.53 -10.55
N GLY A 280 39.54 34.11 -10.44
CA GLY A 280 39.10 32.88 -11.07
C GLY A 280 39.08 31.65 -10.20
N PHE A 281 39.01 31.79 -8.89
CA PHE A 281 38.97 30.65 -7.97
C PHE A 281 37.60 30.54 -7.31
N ASN A 282 37.14 29.31 -7.11
CA ASN A 282 35.84 29.03 -6.52
C ASN A 282 36.02 28.45 -5.12
N SER A 283 35.71 29.26 -4.10
CA SER A 283 35.56 28.70 -2.77
C SER A 283 34.21 28.01 -2.61
N LEU A 284 33.18 28.54 -3.28
CA LEU A 284 31.88 27.92 -3.36
C LEU A 284 31.37 28.06 -4.78
N ASP A 285 30.35 27.27 -5.11
CA ASP A 285 29.85 27.28 -6.48
C ASP A 285 28.92 28.46 -6.71
N PHE A 286 29.00 29.03 -7.93
CA PHE A 286 28.18 30.17 -8.28
C PHE A 286 26.84 29.78 -8.89
N GLY A 287 26.70 28.54 -9.35
CA GLY A 287 25.46 28.04 -9.90
C GLY A 287 24.44 27.62 -8.87
N SER A 288 24.62 27.99 -7.61
CA SER A 288 23.69 27.68 -6.55
C SER A 288 23.73 28.80 -5.52
N MET A 289 23.51 30.02 -5.98
CA MET A 289 23.53 31.20 -5.13
C MET A 289 22.32 32.05 -5.43
N ARG A 290 21.98 32.92 -4.48
CA ARG A 290 20.87 33.85 -4.67
C ARG A 290 21.10 34.71 -5.90
N GLU A 291 20.00 35.01 -6.60
CA GLU A 291 20.10 35.79 -7.84
C GLU A 291 20.75 37.14 -7.60
N GLY A 292 20.48 37.74 -6.43
CA GLY A 292 21.08 39.03 -6.13
C GLY A 292 22.58 38.98 -6.02
N THR A 293 23.12 37.92 -5.41
CA THR A 293 24.57 37.80 -5.24
C THR A 293 25.26 37.82 -6.60
N ILE A 294 24.73 37.04 -7.54
CA ILE A 294 25.31 36.99 -8.88
C ILE A 294 25.30 38.37 -9.53
N VAL A 295 24.25 39.14 -9.31
CA VAL A 295 24.15 40.48 -9.90
C VAL A 295 25.33 41.34 -9.48
N PHE A 296 25.53 41.48 -8.17
CA PHE A 296 26.61 42.31 -7.64
C PHE A 296 27.97 41.85 -8.14
N THR A 297 28.12 40.55 -8.41
CA THR A 297 29.37 40.03 -8.94
C THR A 297 29.62 40.52 -10.35
N LEU A 298 28.56 40.56 -11.18
CA LEU A 298 28.69 41.08 -12.54
C LEU A 298 29.37 42.44 -12.54
N LEU A 299 28.94 43.32 -11.64
CA LEU A 299 29.60 44.61 -11.47
C LEU A 299 30.96 44.43 -10.79
N LEU A 300 31.03 43.57 -9.77
CA LEU A 300 32.29 43.36 -9.05
C LEU A 300 33.36 42.75 -9.96
N MET A 301 32.95 41.94 -10.93
CA MET A 301 33.88 41.36 -11.88
C MET A 301 34.12 42.28 -13.07
N PHE A 302 33.13 43.12 -13.40
CA PHE A 302 33.28 44.06 -14.51
C PHE A 302 34.42 45.03 -14.24
N ILE A 303 34.32 45.77 -13.15
CA ILE A 303 35.42 46.64 -12.73
C ILE A 303 36.66 45.80 -12.52
N GLY A 304 37.71 46.12 -13.26
CA GLY A 304 38.98 45.51 -13.02
C GLY A 304 39.56 45.99 -11.71
N ALA A 305 40.70 45.41 -11.36
CA ALA A 305 41.42 45.76 -10.14
C ALA A 305 42.80 46.26 -10.53
N GLY A 306 43.06 47.54 -10.29
CA GLY A 306 44.37 48.12 -10.57
C GLY A 306 44.63 48.28 -12.05
N SER A 307 45.34 49.35 -12.42
CA SER A 307 45.66 49.57 -13.83
C SER A 307 46.79 48.65 -14.29
N ALA A 308 47.92 48.74 -13.59
CA ALA A 308 49.11 47.97 -13.94
C ALA A 308 48.89 46.47 -13.72
N SER A 309 48.42 46.11 -12.52
CA SER A 309 47.61 44.93 -12.23
C SER A 309 48.08 43.61 -12.85
N THR A 310 47.15 42.68 -13.11
CA THR A 310 47.47 41.42 -13.75
C THR A 310 46.56 41.09 -14.93
N ALA A 311 45.32 41.59 -14.92
CA ALA A 311 44.37 41.44 -16.02
C ALA A 311 43.05 42.05 -15.57
N SER A 312 42.37 42.78 -16.45
CA SER A 312 41.13 43.43 -16.04
C SER A 312 40.43 44.04 -17.25
N GLY A 313 39.10 44.10 -17.16
CA GLY A 313 38.30 44.71 -18.20
C GLY A 313 38.25 46.22 -18.08
N ILE A 314 38.03 46.72 -16.87
CA ILE A 314 38.07 48.16 -16.61
C ILE A 314 38.63 48.39 -15.21
N LYS A 315 39.88 48.84 -15.15
CA LYS A 315 40.64 48.85 -13.91
C LYS A 315 39.91 49.63 -12.83
N LEU A 316 40.16 49.25 -11.57
CA LEU A 316 39.48 49.87 -10.43
C LEU A 316 39.58 51.39 -10.47
N THR A 317 40.78 51.90 -10.75
CA THR A 317 40.98 53.34 -10.84
C THR A 317 39.97 53.99 -11.78
N THR A 318 39.70 53.35 -12.93
CA THR A 318 38.73 53.90 -13.86
C THR A 318 37.37 54.06 -13.21
N PHE A 319 36.91 53.04 -12.48
CA PHE A 319 35.60 53.11 -11.85
C PHE A 319 35.54 54.24 -10.82
N ILE A 320 36.59 54.35 -9.99
CA ILE A 320 36.61 55.41 -8.97
C ILE A 320 36.41 56.77 -9.62
N VAL A 321 37.31 57.12 -10.52
CA VAL A 321 37.31 58.40 -11.22
C VAL A 321 35.94 58.68 -11.81
N ILE A 322 35.47 57.82 -12.71
CA ILE A 322 34.18 58.03 -13.37
C ILE A 322 33.10 58.31 -12.34
N LEU A 323 32.98 57.43 -11.34
CA LEU A 323 31.92 57.57 -10.34
C LEU A 323 32.10 58.84 -9.52
N THR A 324 33.27 59.02 -8.90
CA THR A 324 33.46 60.18 -8.04
C THR A 324 33.44 61.48 -8.84
N SER A 325 33.77 61.43 -10.13
CA SER A 325 33.66 62.64 -10.95
C SER A 325 32.21 63.04 -11.15
N VAL A 326 31.30 62.06 -11.19
CA VAL A 326 29.88 62.36 -11.23
C VAL A 326 29.40 62.90 -9.89
N ILE A 327 29.90 62.31 -8.80
CA ILE A 327 29.51 62.76 -7.46
C ILE A 327 29.83 64.23 -7.28
N ALA A 328 30.92 64.69 -7.89
CA ALA A 328 31.27 66.11 -7.83
C ALA A 328 30.30 66.94 -8.66
N TYR A 329 29.86 66.42 -9.80
CA TYR A 329 28.92 67.15 -10.63
C TYR A 329 27.63 67.45 -9.87
N LEU A 330 27.10 66.44 -9.18
CA LEU A 330 25.81 66.58 -8.49
C LEU A 330 25.86 67.62 -7.38
N ARG A 331 27.04 68.14 -7.06
CA ARG A 331 27.19 69.15 -6.01
C ARG A 331 27.49 70.52 -6.60
N GLY A 332 28.75 70.76 -6.99
CA GLY A 332 29.09 72.03 -7.58
C GLY A 332 30.57 72.27 -7.90
N LYS A 333 31.46 71.48 -7.33
CA LYS A 333 32.91 71.69 -7.51
C LYS A 333 33.26 71.77 -8.98
N LYS A 334 33.86 72.91 -9.38
CA LYS A 334 34.20 73.14 -10.78
C LYS A 334 35.21 72.13 -11.31
N GLU A 335 35.90 71.42 -10.42
CA GLU A 335 36.92 70.44 -10.81
C GLU A 335 36.77 69.19 -9.97
N THR A 336 37.24 68.07 -10.51
CA THR A 336 37.19 66.78 -9.83
C THR A 336 38.46 66.64 -8.99
N VAL A 337 38.36 66.96 -7.71
CA VAL A 337 39.49 66.90 -6.78
C VAL A 337 39.32 65.70 -5.87
N ILE A 338 40.37 64.89 -5.74
CA ILE A 338 40.38 63.75 -4.84
C ILE A 338 41.63 63.82 -3.99
N PHE A 339 41.48 63.53 -2.70
CA PHE A 339 42.58 63.56 -1.72
C PHE A 339 43.30 64.90 -1.71
N ARG A 340 42.56 65.98 -1.96
CA ARG A 340 43.11 67.34 -2.03
C ARG A 340 44.29 67.43 -3.01
N ARG A 341 44.25 66.62 -4.07
CA ARG A 341 45.22 66.65 -5.16
C ARG A 341 44.43 66.42 -6.46
N SER A 342 43.86 67.50 -6.97
CA SER A 342 42.87 67.41 -8.05
C SER A 342 43.46 66.81 -9.31
N ILE A 343 42.71 65.88 -9.91
CA ILE A 343 43.11 65.25 -11.16
C ILE A 343 42.78 66.17 -12.30
N LYS A 344 43.66 66.23 -13.30
CA LYS A 344 43.41 67.10 -14.44
C LYS A 344 42.40 66.45 -15.38
N TYR A 345 41.82 67.29 -16.23
CA TYR A 345 40.72 66.89 -17.11
C TYR A 345 41.01 65.69 -18.00
N PRO A 346 42.21 65.51 -18.61
CA PRO A 346 42.39 64.36 -19.52
C PRO A 346 42.07 63.00 -18.92
N ILE A 347 42.26 62.83 -17.61
CA ILE A 347 41.96 61.54 -16.99
C ILE A 347 40.47 61.26 -17.05
N ILE A 348 39.64 62.31 -17.05
CA ILE A 348 38.20 62.12 -17.03
C ILE A 348 37.72 61.51 -18.34
N ILE A 349 38.15 62.10 -19.47
CA ILE A 349 37.66 61.61 -20.77
C ILE A 349 38.20 60.22 -21.07
N LYS A 350 39.44 59.94 -20.66
CA LYS A 350 40.01 58.62 -20.89
C LYS A 350 39.30 57.57 -20.05
N ALA A 351 39.01 57.88 -18.78
CA ALA A 351 38.28 56.94 -17.95
C ALA A 351 36.89 56.67 -18.51
N LEU A 352 36.21 57.73 -18.98
CA LEU A 352 34.91 57.54 -19.61
C LEU A 352 35.03 56.65 -20.84
N ALA A 353 36.08 56.83 -21.64
CA ALA A 353 36.26 56.02 -22.84
C ALA A 353 36.43 54.55 -22.49
N VAL A 354 37.30 54.26 -21.53
CA VAL A 354 37.51 52.88 -21.09
C VAL A 354 36.23 52.32 -20.48
N SER A 355 35.37 53.18 -19.93
CA SER A 355 34.14 52.72 -19.31
C SER A 355 33.14 52.23 -20.35
N VAL A 356 32.71 53.12 -21.24
CA VAL A 356 31.67 52.77 -22.21
C VAL A 356 32.15 51.67 -23.14
N THR A 357 33.44 51.65 -23.48
CA THR A 357 33.95 50.62 -24.38
C THR A 357 33.71 49.23 -23.82
N SER A 358 34.08 49.01 -22.55
CA SER A 358 33.87 47.71 -21.93
C SER A 358 32.39 47.32 -21.92
N LEU A 359 31.52 48.24 -21.49
CA LEU A 359 30.09 47.98 -21.53
C LEU A 359 29.60 47.71 -22.94
N PHE A 360 29.98 48.59 -23.87
CA PHE A 360 29.53 48.48 -25.25
C PHE A 360 29.93 47.13 -25.85
N ILE A 361 31.10 46.63 -25.50
CA ILE A 361 31.55 45.34 -25.99
C ILE A 361 30.86 44.20 -25.25
N VAL A 362 30.81 44.28 -23.92
CA VAL A 362 30.16 43.23 -23.12
C VAL A 362 28.70 43.08 -23.54
N PHE A 363 28.03 44.20 -23.82
CA PHE A 363 26.67 44.13 -24.32
C PHE A 363 26.61 43.39 -25.66
N LEU A 364 27.57 43.68 -26.55
CA LEU A 364 27.64 42.95 -27.82
C LEU A 364 27.80 41.46 -27.59
N GLY A 365 28.57 41.08 -26.58
CA GLY A 365 28.74 39.68 -26.23
C GLY A 365 27.46 39.06 -25.73
N ILE A 366 26.84 39.71 -24.74
CA ILE A 366 25.56 39.24 -24.20
C ILE A 366 24.54 39.10 -25.31
N PHE A 367 24.62 39.98 -26.30
CA PHE A 367 23.69 39.90 -27.43
C PHE A 367 24.06 38.75 -28.36
N ALA A 368 25.34 38.65 -28.74
CA ALA A 368 25.81 37.65 -29.69
C ALA A 368 25.96 36.26 -29.07
N LEU A 369 25.46 36.03 -27.86
CA LEU A 369 25.48 34.72 -27.22
C LEU A 369 24.11 34.21 -26.83
N THR A 370 23.16 35.10 -26.53
CA THR A 370 21.79 34.67 -26.24
C THR A 370 21.16 33.93 -27.40
N ILE A 371 21.64 34.15 -28.63
CA ILE A 371 21.05 33.54 -29.82
C ILE A 371 21.87 32.35 -30.25
N THR A 372 23.18 32.42 -30.00
CA THR A 372 24.07 31.36 -30.46
C THR A 372 23.81 30.05 -29.72
N GLU A 373 23.55 30.13 -28.42
CA GLU A 373 23.38 28.96 -27.57
C GLU A 373 22.13 29.11 -26.73
N GLN A 374 21.37 28.02 -26.60
CA GLN A 374 20.15 28.00 -25.80
C GLN A 374 20.53 27.79 -24.34
N ALA A 375 20.76 28.88 -23.64
CA ALA A 375 21.23 28.90 -22.27
C ALA A 375 20.41 29.91 -21.48
N PRO A 376 20.39 29.81 -20.15
CA PRO A 376 19.65 30.79 -19.35
C PRO A 376 20.24 32.19 -19.50
N PHE A 377 19.45 33.18 -19.10
CA PHE A 377 19.84 34.56 -19.33
C PHE A 377 20.83 35.05 -18.27
N LEU A 378 20.59 34.68 -17.00
CA LEU A 378 21.51 35.10 -15.93
C LEU A 378 22.92 34.57 -16.17
N GLN A 379 23.03 33.38 -16.76
CA GLN A 379 24.34 32.80 -17.04
C GLN A 379 25.00 33.46 -18.24
N ILE A 380 24.21 33.86 -19.23
CA ILE A 380 24.77 34.51 -20.42
C ILE A 380 25.35 35.87 -20.06
N VAL A 381 24.77 36.57 -19.09
CA VAL A 381 25.30 37.87 -18.69
C VAL A 381 26.51 37.71 -17.78
N PHE A 382 26.45 36.78 -16.83
CA PHE A 382 27.60 36.49 -15.97
C PHE A 382 28.82 36.08 -16.79
N GLU A 383 28.61 35.23 -17.80
CA GLU A 383 29.72 34.73 -18.59
C GLU A 383 30.42 35.86 -19.34
N THR A 384 29.66 36.82 -19.86
CA THR A 384 30.26 37.86 -20.70
C THR A 384 31.10 38.83 -19.87
N PHE A 385 30.52 39.33 -18.76
CA PHE A 385 31.27 40.20 -17.86
C PHE A 385 32.57 39.55 -17.41
N SER A 386 32.51 38.26 -17.10
CA SER A 386 33.72 37.53 -16.70
C SER A 386 34.68 37.36 -17.87
N ALA A 387 34.14 37.01 -19.04
CA ALA A 387 35.01 36.77 -20.19
C ALA A 387 35.79 38.03 -20.57
N PHE A 388 35.13 39.20 -20.50
CA PHE A 388 35.82 40.44 -20.84
C PHE A 388 36.70 40.94 -19.71
N GLY A 389 36.40 40.60 -18.46
CA GLY A 389 37.27 40.96 -17.36
C GLY A 389 38.37 39.98 -17.07
N THR A 390 38.46 38.87 -17.80
CA THR A 390 39.39 37.78 -17.49
C THR A 390 39.23 37.32 -16.05
N VAL A 391 37.97 37.16 -15.65
CA VAL A 391 37.64 37.02 -14.25
C VAL A 391 37.77 35.58 -13.76
N GLY A 392 37.42 34.61 -14.60
CA GLY A 392 37.59 33.21 -14.27
C GLY A 392 36.36 32.55 -13.67
N LEU A 393 35.55 33.30 -12.93
CA LEU A 393 34.35 32.73 -12.35
C LEU A 393 33.33 32.43 -13.44
N THR A 394 32.87 31.19 -13.50
CA THR A 394 31.92 30.75 -14.52
C THR A 394 30.79 30.00 -13.84
N MET A 395 29.55 30.31 -14.23
CA MET A 395 28.38 29.69 -13.63
C MET A 395 28.10 28.30 -14.20
N GLY A 396 29.09 27.68 -14.85
CA GLY A 396 28.91 26.36 -15.39
C GLY A 396 28.53 26.33 -16.87
N LEU A 397 28.86 27.38 -17.62
CA LEU A 397 28.56 27.43 -19.05
C LEU A 397 29.79 27.25 -19.92
N THR A 398 30.99 27.46 -19.38
CA THR A 398 32.20 27.36 -20.19
C THR A 398 32.41 25.96 -20.76
N PRO A 399 32.21 24.86 -20.02
CA PRO A 399 32.35 23.55 -20.67
C PRO A 399 31.32 23.30 -21.76
N GLU A 400 30.12 23.88 -21.63
CA GLU A 400 29.05 23.66 -22.60
C GLU A 400 28.94 24.80 -23.63
N LEU A 401 30.06 25.42 -23.98
CA LEU A 401 30.08 26.46 -25.00
C LEU A 401 30.10 25.83 -26.38
N THR A 402 29.24 26.32 -27.28
CA THR A 402 29.22 25.81 -28.64
C THR A 402 30.38 26.39 -29.44
N THR A 403 30.55 25.89 -30.66
CA THR A 403 31.65 26.35 -31.51
C THR A 403 31.42 27.77 -31.99
N ALA A 404 30.20 28.06 -32.44
CA ALA A 404 29.90 29.40 -32.98
C ALA A 404 30.09 30.47 -31.90
N GLY A 405 29.71 30.17 -30.66
CA GLY A 405 29.90 31.07 -29.56
C GLY A 405 31.30 31.09 -28.99
N LYS A 406 32.22 30.29 -29.52
CA LYS A 406 33.59 30.24 -29.01
C LYS A 406 34.49 31.26 -29.69
N CYS A 407 34.55 31.23 -31.03
CA CYS A 407 35.45 32.13 -31.74
C CYS A 407 35.19 33.59 -31.38
N ILE A 408 33.95 33.92 -31.04
CA ILE A 408 33.64 35.27 -30.58
C ILE A 408 34.06 35.45 -29.12
N ILE A 409 33.88 34.42 -28.29
CA ILE A 409 34.27 34.51 -26.90
C ILE A 409 35.78 34.62 -26.77
N ILE A 410 36.52 33.92 -27.62
CA ILE A 410 37.98 34.05 -27.65
C ILE A 410 38.38 35.50 -27.87
N VAL A 411 37.61 36.24 -28.68
CA VAL A 411 37.92 37.65 -28.91
C VAL A 411 37.60 38.46 -27.65
N ILE A 412 36.53 38.09 -26.93
CA ILE A 412 36.12 38.85 -25.75
C ILE A 412 37.26 38.90 -24.73
N MET A 413 37.71 37.72 -24.29
CA MET A 413 38.86 37.67 -23.38
C MET A 413 40.08 38.32 -24.01
N PHE A 414 40.27 38.13 -25.32
CA PHE A 414 41.36 38.79 -26.03
C PHE A 414 41.26 40.30 -25.90
N ILE A 415 40.09 40.86 -26.19
CA ILE A 415 39.90 42.31 -26.13
C ILE A 415 39.98 42.80 -24.69
N GLY A 416 39.30 42.12 -23.78
CA GLY A 416 39.25 42.61 -22.40
C GLY A 416 40.60 42.52 -21.72
N ARG A 417 41.35 41.46 -22.01
CA ARG A 417 42.69 41.30 -21.45
C ARG A 417 43.63 42.38 -21.96
N ILE A 418 43.62 42.63 -23.26
CA ILE A 418 44.54 43.56 -23.91
C ILE A 418 44.12 44.99 -23.59
N GLY A 419 42.99 45.14 -22.91
CA GLY A 419 42.49 46.44 -22.53
C GLY A 419 41.84 47.15 -23.69
N PRO A 420 40.66 47.75 -23.47
CA PRO A 420 39.92 48.34 -24.58
C PRO A 420 40.61 49.55 -25.21
N LEU A 421 41.54 50.19 -24.51
CA LEU A 421 42.15 51.41 -25.05
C LEU A 421 43.36 51.09 -25.93
N THR A 422 44.41 50.50 -25.34
CA THR A 422 45.61 50.15 -26.08
C THR A 422 45.35 49.15 -27.21
N PHE A 423 44.16 48.56 -27.25
CA PHE A 423 43.78 47.65 -28.33
C PHE A 423 43.17 48.40 -29.51
N VAL A 424 42.41 49.46 -29.25
CA VAL A 424 41.81 50.22 -30.33
C VAL A 424 42.84 51.10 -31.03
N PHE A 425 43.80 51.65 -30.29
CA PHE A 425 44.82 52.52 -30.89
C PHE A 425 45.57 51.85 -32.03
N SER A 426 45.52 50.52 -32.14
CA SER A 426 46.20 49.81 -33.22
C SER A 426 45.57 50.15 -34.57
N PHE A 427 44.38 49.59 -34.84
CA PHE A 427 43.73 49.77 -36.13
C PHE A 427 42.91 51.06 -36.17
N ALA A 428 43.30 52.04 -35.37
CA ALA A 428 42.65 53.35 -35.34
C ALA A 428 43.58 54.35 -36.03
N LYS A 429 43.21 54.75 -37.25
CA LYS A 429 43.95 55.77 -37.96
C LYS A 429 43.86 57.09 -37.20
N THR A 430 44.91 57.43 -36.45
CA THR A 430 44.92 58.65 -35.65
C THR A 430 44.83 59.88 -36.56
N GLU A 431 43.90 60.77 -36.24
CA GLU A 431 43.55 61.90 -37.10
C GLU A 431 43.60 63.20 -36.30
N GLN A 432 44.51 64.09 -36.68
CA GLN A 432 44.77 65.32 -35.93
C GLN A 432 43.99 66.49 -36.55
N SER A 433 43.16 67.14 -35.73
CA SER A 433 42.38 68.29 -36.18
C SER A 433 43.10 69.57 -35.81
N ASN A 434 43.23 70.48 -36.80
CA ASN A 434 43.93 71.75 -36.60
C ASN A 434 43.02 72.97 -36.58
N ILE A 435 41.81 72.87 -37.11
CA ILE A 435 40.88 74.00 -37.19
C ILE A 435 39.73 73.78 -36.22
N ARG A 436 39.29 74.85 -35.56
CA ARG A 436 38.18 74.79 -34.63
C ARG A 436 36.86 75.12 -35.33
N TYR A 437 35.77 74.91 -34.61
CA TYR A 437 34.42 74.97 -35.18
C TYR A 437 33.51 75.70 -34.22
N PRO A 438 32.36 76.20 -34.68
CA PRO A 438 31.49 77.00 -33.82
C PRO A 438 30.87 76.17 -32.71
N ASP A 439 30.38 76.89 -31.70
CA ASP A 439 29.72 76.24 -30.57
C ASP A 439 28.45 75.55 -31.04
N GLY A 440 28.21 74.35 -30.50
CA GLY A 440 27.00 73.62 -30.81
C GLY A 440 26.16 73.39 -29.57
N GLU A 441 25.05 74.11 -29.45
CA GLU A 441 24.20 73.96 -28.27
C GLU A 441 23.41 72.65 -28.36
N VAL A 442 23.23 72.00 -27.21
CA VAL A 442 22.46 70.76 -27.11
C VAL A 442 22.23 70.44 -25.63
N PHE A 443 20.99 70.08 -25.28
CA PHE A 443 20.63 69.72 -23.92
C PHE A 443 20.46 68.21 -23.80
N THR A 444 20.59 67.70 -22.56
CA THR A 444 20.53 66.27 -22.32
C THR A 444 19.80 65.88 -21.03
N GLY A 445 19.40 66.84 -20.21
CA GLY A 445 18.75 66.55 -18.94
C GLY A 445 17.51 65.68 -18.98
N THR B 15 12.35 76.40 -4.57
CA THR B 15 13.41 76.62 -5.53
C THR B 15 13.21 75.72 -6.76
N PRO B 16 13.70 76.15 -7.92
CA PRO B 16 13.40 75.45 -9.18
C PRO B 16 13.58 73.94 -9.10
N PRO B 17 14.69 73.42 -8.51
CA PRO B 17 14.83 71.95 -8.48
C PRO B 17 13.86 71.26 -7.52
N GLN B 18 13.84 71.70 -6.26
CA GLN B 18 13.03 71.05 -5.24
C GLN B 18 11.54 71.11 -5.55
N VAL B 19 11.10 72.17 -6.24
CA VAL B 19 9.68 72.30 -6.56
C VAL B 19 9.23 71.14 -7.44
N LEU B 20 10.02 70.81 -8.47
CA LEU B 20 9.67 69.72 -9.36
C LEU B 20 9.83 68.35 -8.71
N ALA B 21 10.58 68.25 -7.62
CA ALA B 21 10.77 66.97 -6.96
C ALA B 21 9.60 66.64 -6.04
N ILE B 22 9.37 67.49 -5.04
CA ILE B 22 8.28 67.23 -4.10
C ILE B 22 6.93 67.58 -4.70
N GLY B 23 6.90 68.50 -5.68
CA GLY B 23 5.64 68.88 -6.29
C GLY B 23 5.06 67.77 -7.16
N PHE B 24 5.87 67.24 -8.07
CA PHE B 24 5.42 66.11 -8.89
C PHE B 24 5.11 64.87 -8.04
N PHE B 25 5.63 64.82 -6.82
CA PHE B 25 5.34 63.69 -5.94
C PHE B 25 3.90 63.74 -5.42
N LEU B 26 3.29 64.92 -5.37
CA LEU B 26 1.94 65.05 -4.82
C LEU B 26 0.86 64.66 -5.82
N THR B 27 1.05 64.98 -7.10
CA THR B 27 0.12 64.51 -8.13
C THR B 27 0.04 62.99 -8.15
N ILE B 28 1.07 62.31 -7.65
CA ILE B 28 1.01 60.86 -7.52
C ILE B 28 0.10 60.45 -6.36
N ILE B 29 0.30 61.08 -5.20
CA ILE B 29 -0.45 60.69 -4.00
C ILE B 29 -1.92 61.05 -4.14
N ILE B 30 -2.21 62.31 -4.51
CA ILE B 30 -3.59 62.75 -4.66
C ILE B 30 -4.30 61.92 -5.71
N GLY B 31 -3.64 61.67 -6.85
CA GLY B 31 -4.21 60.82 -7.87
C GLY B 31 -4.36 59.37 -7.45
N ALA B 32 -3.59 58.93 -6.47
CA ALA B 32 -3.73 57.57 -5.95
C ALA B 32 -4.97 57.39 -5.08
N VAL B 33 -5.59 58.49 -4.66
CA VAL B 33 -6.89 58.43 -4.00
C VAL B 33 -8.02 58.83 -4.94
N LEU B 34 -7.73 59.57 -6.01
CA LEU B 34 -8.74 59.86 -7.03
C LEU B 34 -9.20 58.58 -7.74
N LEU B 35 -8.38 57.53 -7.72
CA LEU B 35 -8.68 56.28 -8.39
C LEU B 35 -9.02 55.15 -7.43
N MET B 36 -8.45 55.16 -6.22
CA MET B 36 -8.83 54.20 -5.19
C MET B 36 -10.26 54.41 -4.69
N LEU B 37 -10.94 55.45 -5.14
CA LEU B 37 -12.29 55.74 -4.69
C LEU B 37 -13.27 54.67 -5.20
N PRO B 38 -14.26 54.27 -4.41
CA PRO B 38 -15.18 53.20 -4.84
C PRO B 38 -15.93 53.49 -6.14
N ILE B 39 -15.85 54.71 -6.69
CA ILE B 39 -16.52 54.97 -7.95
C ILE B 39 -15.67 54.50 -9.13
N SER B 40 -14.35 54.71 -9.05
CA SER B 40 -13.43 54.35 -10.13
C SER B 40 -12.94 52.90 -10.06
N THR B 41 -13.18 52.21 -8.96
CA THR B 41 -12.73 50.84 -8.79
C THR B 41 -13.94 49.93 -8.62
N THR B 42 -14.09 48.96 -9.51
CA THR B 42 -15.14 47.95 -9.38
C THR B 42 -14.78 46.97 -8.27
N LYS B 43 -13.73 46.21 -8.51
CA LYS B 43 -13.22 45.23 -7.56
C LYS B 43 -12.31 45.91 -6.55
N PRO B 44 -12.23 45.40 -5.32
CA PRO B 44 -11.46 46.09 -4.29
C PRO B 44 -10.02 46.36 -4.70
N LEU B 45 -9.64 47.63 -4.64
CA LEU B 45 -8.31 48.08 -5.02
C LEU B 45 -7.46 48.14 -3.75
N SER B 46 -6.56 47.16 -3.61
CA SER B 46 -5.72 47.08 -2.42
C SER B 46 -4.90 48.36 -2.23
N TRP B 47 -4.53 48.64 -0.98
CA TRP B 47 -3.76 49.83 -0.68
C TRP B 47 -2.43 49.88 -1.43
N ILE B 48 -1.97 48.75 -1.95
CA ILE B 48 -0.70 48.69 -2.67
C ILE B 48 -0.91 48.96 -4.16
N ASP B 49 -1.91 48.31 -4.76
CA ASP B 49 -2.17 48.43 -6.19
C ASP B 49 -2.93 49.71 -6.56
N ALA B 50 -3.01 50.69 -5.66
CA ALA B 50 -3.63 51.98 -5.96
C ALA B 50 -2.63 53.12 -6.00
N LEU B 51 -1.64 53.13 -5.11
CA LEU B 51 -0.54 54.07 -5.15
C LEU B 51 0.43 53.75 -6.29
N PHE B 52 0.23 52.66 -7.01
CA PHE B 52 1.11 52.25 -8.10
C PHE B 52 0.54 52.63 -9.46
N THR B 53 -0.65 52.12 -9.80
CA THR B 53 -1.25 52.40 -11.09
C THR B 53 -1.46 53.90 -11.29
N ALA B 54 -1.77 54.61 -10.21
CA ALA B 54 -1.85 56.07 -10.31
C ALA B 54 -0.48 56.72 -10.40
N ALA B 55 0.57 56.04 -9.92
CA ALA B 55 1.93 56.50 -10.09
C ALA B 55 2.46 56.25 -11.49
N SER B 56 1.95 55.24 -12.17
CA SER B 56 2.45 54.90 -13.49
C SER B 56 1.84 55.76 -14.59
N ALA B 57 0.59 56.21 -14.40
CA ALA B 57 -0.03 57.09 -15.39
C ALA B 57 0.53 58.49 -15.30
N THR B 58 0.75 59.00 -14.07
CA THR B 58 1.33 60.32 -13.91
C THR B 58 2.79 60.36 -14.33
N THR B 59 3.53 59.26 -14.12
CA THR B 59 4.87 59.12 -14.69
C THR B 59 4.84 58.66 -16.13
N VAL B 60 3.64 58.40 -16.68
CA VAL B 60 3.42 58.10 -18.08
C VAL B 60 4.27 56.88 -18.44
N THR B 61 4.53 56.05 -17.42
CA THR B 61 5.46 54.94 -17.50
C THR B 61 4.94 53.80 -18.36
N GLY B 62 3.75 53.29 -18.06
CA GLY B 62 3.18 52.17 -18.78
C GLY B 62 3.12 50.87 -18.02
N LEU B 63 3.25 50.90 -16.70
CA LEU B 63 3.11 49.72 -15.88
C LEU B 63 1.80 49.83 -15.09
N ALA B 64 1.34 48.68 -14.58
CA ALA B 64 0.11 48.64 -13.80
C ALA B 64 -0.06 47.28 -13.12
N VAL B 65 -0.29 47.28 -11.81
CA VAL B 65 -0.56 46.03 -11.11
C VAL B 65 -1.88 45.44 -11.56
N VAL B 66 -2.88 46.29 -11.83
CA VAL B 66 -4.19 45.84 -12.26
C VAL B 66 -4.46 46.41 -13.64
N ASP B 67 -5.26 45.68 -14.43
CA ASP B 67 -5.55 46.09 -15.79
C ASP B 67 -6.46 47.31 -15.77
N THR B 68 -6.14 48.31 -16.60
CA THR B 68 -6.80 49.61 -16.48
C THR B 68 -8.19 49.61 -17.10
N GLY B 69 -8.38 48.84 -18.18
CA GLY B 69 -9.62 48.92 -18.93
C GLY B 69 -10.80 48.25 -18.26
N THR B 70 -10.56 47.13 -17.58
CA THR B 70 -11.63 46.36 -16.95
C THR B 70 -11.77 46.66 -15.46
N GLN B 71 -10.66 46.80 -14.73
CA GLN B 71 -10.73 47.09 -13.30
C GLN B 71 -11.30 48.48 -13.04
N PHE B 72 -10.92 49.46 -13.85
CA PHE B 72 -11.34 50.84 -13.64
C PHE B 72 -12.57 51.14 -14.49
N THR B 73 -13.51 51.86 -13.88
CA THR B 73 -14.72 52.28 -14.58
C THR B 73 -14.39 53.49 -15.46
N VAL B 74 -15.42 54.11 -16.04
CA VAL B 74 -15.23 55.34 -16.78
C VAL B 74 -14.60 56.42 -15.90
N PHE B 75 -14.78 56.32 -14.57
CA PHE B 75 -14.11 57.26 -13.68
C PHE B 75 -12.65 56.90 -13.46
N GLY B 76 -12.34 55.60 -13.50
CA GLY B 76 -10.97 55.14 -13.36
C GLY B 76 -10.11 55.23 -14.60
N GLN B 77 -10.72 55.50 -15.75
CA GLN B 77 -9.99 55.68 -17.00
C GLN B 77 -9.78 57.15 -17.34
N THR B 78 -10.74 58.02 -16.99
CA THR B 78 -10.60 59.44 -17.26
C THR B 78 -9.55 60.06 -16.34
N VAL B 79 -9.48 59.59 -15.09
CA VAL B 79 -8.47 60.12 -14.17
C VAL B 79 -7.07 59.67 -14.58
N ILE B 80 -6.96 58.47 -15.15
CA ILE B 80 -5.67 58.04 -15.70
C ILE B 80 -5.25 58.96 -16.83
N MET B 81 -6.19 59.27 -17.74
CA MET B 81 -5.91 60.22 -18.81
C MET B 81 -5.42 61.55 -18.25
N GLY B 82 -6.06 62.03 -17.19
CA GLY B 82 -5.65 63.30 -16.60
C GLY B 82 -4.25 63.25 -16.01
N LEU B 83 -3.91 62.16 -15.33
CA LEU B 83 -2.56 62.01 -14.82
C LEU B 83 -1.54 61.93 -15.94
N ILE B 84 -1.92 61.31 -17.06
CA ILE B 84 -1.04 61.28 -18.23
C ILE B 84 -0.86 62.69 -18.77
N GLN B 85 -1.95 63.47 -18.79
CA GLN B 85 -1.84 64.87 -19.19
C GLN B 85 -0.95 65.64 -18.21
N ILE B 86 -1.02 65.29 -16.93
CA ILE B 86 -0.17 65.92 -15.93
C ILE B 86 1.29 65.59 -16.19
N GLY B 87 1.59 64.33 -16.49
CA GLY B 87 2.95 63.95 -16.82
C GLY B 87 3.46 64.63 -18.08
N GLY B 88 2.57 64.86 -19.05
CA GLY B 88 2.96 65.61 -20.23
C GLY B 88 3.22 67.07 -19.94
N LEU B 89 2.54 67.63 -18.93
CA LEU B 89 2.74 69.03 -18.58
C LEU B 89 4.09 69.24 -17.92
N GLY B 90 4.43 68.39 -16.94
CA GLY B 90 5.74 68.46 -16.32
C GLY B 90 6.84 68.28 -17.35
N PHE B 91 6.56 67.52 -18.39
CA PHE B 91 7.42 67.52 -19.55
C PHE B 91 7.51 68.92 -20.17
N MET B 92 6.37 69.62 -20.29
CA MET B 92 6.42 70.97 -20.87
C MET B 92 7.22 71.93 -20.00
N THR B 93 7.27 71.68 -18.70
CA THR B 93 8.08 72.51 -17.81
C THR B 93 9.57 72.35 -18.08
N PHE B 94 9.99 71.12 -18.42
CA PHE B 94 11.42 70.85 -18.59
C PHE B 94 12.00 71.57 -19.81
N ALA B 95 11.20 71.83 -20.85
CA ALA B 95 11.71 72.57 -21.99
C ALA B 95 11.73 74.06 -21.73
N VAL B 96 10.75 74.56 -20.95
CA VAL B 96 10.83 75.93 -20.47
C VAL B 96 12.13 76.14 -19.70
N LEU B 97 12.54 75.13 -18.91
CA LEU B 97 13.86 75.15 -18.32
C LEU B 97 14.96 75.11 -19.37
N ILE B 98 14.76 74.27 -20.39
CA ILE B 98 15.75 74.17 -21.48
C ILE B 98 15.88 75.49 -22.22
N VAL B 99 14.75 76.19 -22.43
CA VAL B 99 14.76 77.40 -23.23
C VAL B 99 15.58 78.49 -22.57
N MET B 100 15.37 78.72 -21.27
CA MET B 100 16.11 79.77 -20.58
C MET B 100 17.59 79.47 -20.53
N ILE B 101 17.94 78.21 -20.26
CA ILE B 101 19.34 77.81 -20.18
C ILE B 101 19.93 77.67 -21.58
N ILE B 127 7.14 82.33 -19.56
CA ILE B 127 5.77 82.59 -19.14
C ILE B 127 4.85 82.70 -20.34
N GLY B 128 5.28 83.47 -21.35
CA GLY B 128 4.47 83.64 -22.53
C GLY B 128 4.33 82.37 -23.35
N LEU B 129 5.29 81.45 -23.24
CA LEU B 129 5.21 80.21 -23.99
C LEU B 129 4.17 79.25 -23.40
N VAL B 130 3.94 79.32 -22.09
CA VAL B 130 3.08 78.36 -21.40
C VAL B 130 1.70 78.29 -22.06
N LYS B 131 1.23 79.40 -22.61
CA LYS B 131 0.00 79.38 -23.39
C LYS B 131 0.13 78.44 -24.58
N VAL B 132 1.22 78.58 -25.34
CA VAL B 132 1.38 77.82 -26.59
C VAL B 132 1.47 76.32 -26.32
N LEU B 133 2.28 75.94 -25.32
CA LEU B 133 2.63 74.53 -25.15
C LEU B 133 1.42 73.66 -24.82
N PHE B 134 0.60 74.09 -23.86
CA PHE B 134 -0.56 73.27 -23.49
C PHE B 134 -1.67 73.37 -24.52
N LEU B 135 -1.87 74.56 -25.11
CA LEU B 135 -2.87 74.71 -26.15
C LEU B 135 -2.51 73.86 -27.36
N PHE B 136 -1.22 73.82 -27.73
CA PHE B 136 -0.77 72.99 -28.83
C PHE B 136 -0.85 71.50 -28.50
N SER B 137 -0.80 71.15 -27.21
CA SER B 137 -0.94 69.76 -26.81
C SER B 137 -2.34 69.25 -27.15
N ILE B 138 -3.37 69.83 -26.53
CA ILE B 138 -4.74 69.41 -26.75
C ILE B 138 -5.18 69.62 -28.19
N SER B 139 -4.34 70.28 -29.00
CA SER B 139 -4.64 70.45 -30.42
C SER B 139 -4.35 69.17 -31.20
N ILE B 140 -3.08 68.74 -31.21
CA ILE B 140 -2.71 67.50 -31.88
C ILE B 140 -3.22 66.28 -31.14
N GLU B 141 -3.59 66.43 -29.86
CA GLU B 141 -4.15 65.30 -29.13
C GLU B 141 -5.58 65.00 -29.54
N LEU B 142 -6.35 66.03 -29.91
CA LEU B 142 -7.74 65.89 -30.32
C LEU B 142 -7.87 65.56 -31.79
N ILE B 143 -7.19 66.31 -32.66
CA ILE B 143 -7.38 66.14 -34.09
C ILE B 143 -6.85 64.79 -34.56
N ALA B 144 -5.91 64.20 -33.82
CA ALA B 144 -5.35 62.91 -34.16
C ALA B 144 -5.99 61.76 -33.39
N ALA B 145 -6.95 62.05 -32.51
CA ALA B 145 -7.67 61.03 -31.77
C ALA B 145 -9.14 60.96 -32.20
N LEU B 146 -9.93 61.97 -31.87
CA LEU B 146 -11.35 61.98 -32.18
C LEU B 146 -11.64 62.16 -33.66
N ILE B 147 -10.61 62.16 -34.52
CA ILE B 147 -10.80 62.26 -35.97
C ILE B 147 -10.08 61.11 -36.65
N LEU B 148 -8.79 60.94 -36.36
CA LEU B 148 -7.98 59.94 -37.04
C LEU B 148 -7.96 58.60 -36.31
N SER B 149 -8.09 58.60 -34.99
CA SER B 149 -8.18 57.36 -34.24
C SER B 149 -9.61 56.86 -34.08
N ILE B 150 -10.61 57.67 -34.43
CA ILE B 150 -12.01 57.25 -34.40
C ILE B 150 -12.46 56.73 -35.77
N ARG B 151 -11.54 56.56 -36.71
CA ARG B 151 -11.92 56.09 -38.03
C ARG B 151 -12.25 54.60 -38.00
N LEU B 152 -11.42 53.81 -37.33
CA LEU B 152 -11.55 52.35 -37.34
C LEU B 152 -11.86 51.78 -35.96
N VAL B 153 -12.12 52.63 -34.97
CA VAL B 153 -12.52 52.20 -33.64
C VAL B 153 -14.03 52.40 -33.39
N PRO B 154 -14.87 53.01 -34.32
CA PRO B 154 -16.29 53.18 -33.95
C PRO B 154 -17.07 51.87 -33.88
N GLN B 155 -16.35 50.74 -33.99
CA GLN B 155 -17.00 49.44 -34.00
C GLN B 155 -17.71 49.16 -32.68
N TYR B 156 -17.05 49.41 -31.55
CA TYR B 156 -17.61 49.14 -30.22
C TYR B 156 -18.78 50.06 -29.87
N GLY B 157 -19.34 50.81 -30.81
CA GLY B 157 -20.40 51.74 -30.52
C GLY B 157 -19.87 53.13 -30.21
N TRP B 158 -20.73 53.93 -29.57
CA TRP B 158 -20.35 55.26 -29.12
C TRP B 158 -20.02 55.32 -27.64
N SER B 159 -20.43 54.32 -26.86
CA SER B 159 -20.05 54.28 -25.45
C SER B 159 -18.63 53.73 -25.27
N SER B 160 -18.08 53.05 -26.27
CA SER B 160 -16.72 52.53 -26.22
C SER B 160 -15.91 52.82 -27.46
N GLY B 161 -16.47 53.51 -28.45
CA GLY B 161 -15.71 53.91 -29.63
C GLY B 161 -15.31 55.37 -29.61
N LEU B 162 -16.10 56.20 -28.92
CA LEU B 162 -15.73 57.60 -28.75
C LEU B 162 -14.65 57.76 -27.70
N PHE B 163 -14.71 56.97 -26.63
CA PHE B 163 -13.76 57.11 -25.54
C PHE B 163 -12.43 56.41 -25.85
N ALA B 164 -12.49 55.18 -26.34
CA ALA B 164 -11.26 54.42 -26.61
C ALA B 164 -10.40 55.06 -27.69
N SER B 165 -10.99 55.90 -28.54
CA SER B 165 -10.22 56.62 -29.55
C SER B 165 -9.59 57.90 -29.00
N LEU B 166 -10.12 58.44 -27.90
CA LEU B 166 -9.54 59.61 -27.23
C LEU B 166 -8.64 59.24 -26.08
N PHE B 167 -8.93 58.13 -25.39
CA PHE B 167 -8.13 57.74 -24.23
C PHE B 167 -6.70 57.39 -24.63
N HIS B 168 -6.52 56.81 -25.81
CA HIS B 168 -5.21 56.32 -26.21
C HIS B 168 -4.28 57.42 -26.73
N ALA B 169 -4.82 58.51 -27.29
CA ALA B 169 -3.93 59.53 -27.82
C ALA B 169 -3.33 60.39 -26.73
N ILE B 170 -4.11 60.72 -25.68
CA ILE B 170 -3.52 61.38 -24.52
C ILE B 170 -2.39 60.54 -23.96
N SER B 171 -2.49 59.22 -24.12
CA SER B 171 -1.43 58.30 -23.72
C SER B 171 -0.44 58.00 -24.83
N ALA B 172 -0.87 57.97 -26.09
CA ALA B 172 0.09 57.79 -27.18
C ALA B 172 1.00 59.01 -27.30
N PHE B 173 0.41 60.17 -27.60
CA PHE B 173 1.21 61.38 -27.75
C PHE B 173 2.11 61.65 -26.54
N ASN B 174 1.67 61.28 -25.33
CA ASN B 174 2.46 61.49 -24.13
C ASN B 174 3.42 60.34 -23.83
N ASN B 175 3.44 59.29 -24.64
CA ASN B 175 4.31 58.13 -24.44
C ASN B 175 4.04 57.46 -23.09
N ALA B 176 2.79 57.02 -22.92
CA ALA B 176 2.33 56.44 -21.67
C ALA B 176 2.45 54.92 -21.67
N GLY B 177 1.66 54.25 -22.51
CA GLY B 177 1.53 52.81 -22.46
C GLY B 177 0.26 52.33 -21.81
N PHE B 178 -0.64 53.24 -21.42
CA PHE B 178 -1.91 52.87 -20.82
C PHE B 178 -2.95 52.68 -21.92
N SER B 179 -3.31 51.43 -22.18
CA SER B 179 -4.32 51.07 -23.17
C SER B 179 -5.59 50.59 -22.48
N LEU B 180 -6.72 50.75 -23.16
CA LEU B 180 -8.02 50.37 -22.62
C LEU B 180 -8.17 48.85 -22.57
N TRP B 181 -8.43 48.23 -23.73
CA TRP B 181 -8.66 46.80 -23.77
C TRP B 181 -7.47 46.07 -23.14
N PRO B 182 -7.71 44.95 -22.45
CA PRO B 182 -6.63 44.23 -21.77
C PRO B 182 -5.52 43.79 -22.71
N ASP B 183 -5.83 43.70 -24.00
CA ASP B 183 -4.83 43.29 -24.97
C ASP B 183 -3.68 44.28 -25.08
N ASN B 184 -3.87 45.53 -24.62
CA ASN B 184 -2.84 46.55 -24.70
C ASN B 184 -2.36 46.72 -26.13
N LEU B 185 -3.31 46.90 -27.05
CA LEU B 185 -3.10 47.08 -28.49
C LEU B 185 -2.57 45.82 -29.18
N MET B 186 -2.47 44.69 -28.46
CA MET B 186 -2.05 43.46 -29.13
C MET B 186 -3.02 43.08 -30.24
N SER B 187 -4.29 43.44 -30.09
CA SER B 187 -5.29 43.04 -31.09
C SER B 187 -5.04 43.71 -32.44
N TYR B 188 -4.54 44.95 -32.42
CA TYR B 188 -4.25 45.68 -33.66
C TYR B 188 -2.81 45.42 -34.09
N VAL B 189 -2.58 44.19 -34.53
CA VAL B 189 -1.24 43.79 -34.97
C VAL B 189 -0.87 44.54 -36.24
N GLY B 190 -1.61 44.30 -37.32
CA GLY B 190 -1.29 44.90 -38.59
C GLY B 190 -2.34 45.87 -39.08
N ASP B 191 -3.08 46.47 -38.16
CA ASP B 191 -4.08 47.46 -38.54
C ASP B 191 -3.37 48.69 -39.09
N PRO B 192 -3.60 49.08 -40.33
CA PRO B 192 -2.88 50.26 -40.87
C PRO B 192 -3.18 51.54 -40.11
N THR B 193 -4.43 51.76 -39.68
CA THR B 193 -4.76 52.99 -38.98
C THR B 193 -3.99 53.10 -37.66
N VAL B 194 -4.01 52.04 -36.85
CA VAL B 194 -3.40 52.07 -35.52
C VAL B 194 -1.90 52.32 -35.61
N ASN B 195 -1.19 51.47 -36.36
CA ASN B 195 0.25 51.58 -36.47
C ASN B 195 0.69 52.88 -37.13
N LEU B 196 -0.17 53.52 -37.92
CA LEU B 196 0.20 54.80 -38.50
C LEU B 196 -0.21 55.98 -37.64
N VAL B 197 -1.37 55.92 -37.00
CA VAL B 197 -1.85 57.05 -36.21
C VAL B 197 -1.11 57.16 -34.90
N ILE B 198 -1.07 56.06 -34.13
CA ILE B 198 -0.51 56.13 -32.78
C ILE B 198 1.00 56.35 -32.82
N THR B 199 1.69 55.78 -33.82
CA THR B 199 3.13 56.00 -33.93
C THR B 199 3.44 57.49 -34.09
N PHE B 200 2.77 58.16 -35.03
CA PHE B 200 2.98 59.59 -35.20
C PHE B 200 2.69 60.37 -33.93
N LEU B 201 1.97 59.78 -32.97
CA LEU B 201 1.66 60.47 -31.73
C LEU B 201 2.84 60.43 -30.76
N PHE B 202 3.34 59.24 -30.43
CA PHE B 202 4.44 59.17 -29.48
C PHE B 202 5.80 59.42 -30.10
N ILE B 203 5.90 59.42 -31.43
CA ILE B 203 7.16 59.77 -32.10
C ILE B 203 7.35 61.28 -31.97
N THR B 204 6.48 62.05 -32.61
CA THR B 204 6.57 63.51 -32.52
C THR B 204 6.34 63.97 -31.09
N GLY B 205 5.37 63.38 -30.42
CA GLY B 205 5.23 63.58 -28.99
C GLY B 205 6.46 63.17 -28.21
N GLY B 206 7.26 62.26 -28.75
CA GLY B 206 8.44 61.79 -28.08
C GLY B 206 9.70 62.60 -28.32
N ILE B 207 9.78 63.31 -29.43
CA ILE B 207 10.92 64.17 -29.68
C ILE B 207 10.79 65.44 -28.85
N GLY B 208 11.93 66.06 -28.56
CA GLY B 208 11.93 67.22 -27.68
C GLY B 208 11.09 68.36 -28.23
N PHE B 209 10.72 69.27 -27.34
CA PHE B 209 9.95 70.43 -27.76
C PHE B 209 10.73 71.27 -28.76
N THR B 210 12.05 71.29 -28.62
CA THR B 210 12.86 72.11 -29.50
C THR B 210 12.56 71.75 -30.95
N VAL B 211 12.85 70.50 -31.31
CA VAL B 211 12.57 70.05 -32.68
C VAL B 211 11.07 70.18 -32.99
N LEU B 212 10.21 70.04 -31.98
CA LEU B 212 8.80 70.36 -32.18
C LEU B 212 8.64 71.83 -32.56
N PHE B 213 9.19 72.73 -31.74
CA PHE B 213 9.06 74.16 -32.01
C PHE B 213 9.96 74.60 -33.16
N ASP B 214 11.14 73.98 -33.32
CA ASP B 214 12.11 74.47 -34.28
C ASP B 214 11.62 74.29 -35.71
N VAL B 215 11.20 73.07 -36.07
CA VAL B 215 10.74 72.79 -37.43
C VAL B 215 9.56 73.68 -37.81
N MET B 216 8.85 74.23 -36.83
CA MET B 216 7.71 75.09 -37.12
C MET B 216 8.14 76.43 -37.72
N LYS B 217 8.87 77.24 -36.96
CA LYS B 217 9.24 78.57 -37.46
C LYS B 217 10.46 78.52 -38.38
N ASN B 218 11.37 77.57 -38.19
CA ASN B 218 12.49 77.44 -39.11
C ASN B 218 12.03 76.90 -40.47
N ARG B 219 11.49 75.68 -40.49
CA ARG B 219 10.92 74.98 -41.65
C ARG B 219 11.88 74.78 -42.83
N ARG B 220 13.14 75.16 -42.73
CA ARG B 220 14.07 74.97 -43.84
C ARG B 220 14.91 73.73 -43.64
N PHE B 221 15.28 73.10 -44.76
CA PHE B 221 16.10 71.89 -44.70
C PHE B 221 17.50 72.14 -44.15
N LYS B 222 17.94 73.39 -44.04
CA LYS B 222 19.32 73.68 -43.67
C LYS B 222 19.49 74.66 -42.52
N THR B 223 18.41 75.22 -41.97
CA THR B 223 18.53 76.23 -40.93
C THR B 223 18.33 75.69 -39.53
N PHE B 224 18.15 74.39 -39.37
CA PHE B 224 17.90 73.84 -38.04
C PHE B 224 19.15 73.96 -37.19
N SER B 225 18.96 74.25 -35.91
CA SER B 225 20.08 74.35 -34.99
C SER B 225 20.71 72.96 -34.78
N LEU B 226 21.80 72.95 -34.01
CA LEU B 226 22.53 71.71 -33.76
C LEU B 226 21.63 70.65 -33.15
N HIS B 227 20.99 70.96 -32.02
CA HIS B 227 20.16 70.00 -31.31
C HIS B 227 19.01 69.49 -32.17
N THR B 228 18.29 70.41 -32.81
CA THR B 228 17.15 70.02 -33.63
C THR B 228 17.60 69.17 -34.82
N LYS B 229 18.70 69.56 -35.46
CA LYS B 229 19.22 68.77 -36.57
C LYS B 229 19.67 67.40 -36.10
N LEU B 230 20.13 67.30 -34.85
CA LEU B 230 20.50 66.01 -34.29
C LEU B 230 19.32 65.05 -34.25
N MET B 231 18.23 65.48 -33.59
CA MET B 231 17.12 64.58 -33.30
C MET B 231 16.58 63.92 -34.56
N LEU B 232 16.28 64.72 -35.58
CA LEU B 232 15.68 64.18 -36.81
C LEU B 232 16.52 63.05 -37.40
N THR B 233 17.84 63.24 -37.47
CA THR B 233 18.72 62.21 -37.98
C THR B 233 18.70 60.98 -37.08
N GLY B 234 19.07 61.15 -35.82
CA GLY B 234 19.18 60.01 -34.92
C GLY B 234 17.86 59.28 -34.70
N THR B 235 16.76 60.02 -34.73
CA THR B 235 15.45 59.40 -34.54
C THR B 235 15.15 58.40 -35.65
N LEU B 236 15.11 58.87 -36.90
CA LEU B 236 14.77 57.99 -38.02
C LEU B 236 15.83 56.91 -38.21
N MET B 237 17.10 57.29 -38.18
CA MET B 237 18.18 56.33 -38.42
C MET B 237 18.12 55.16 -37.43
N LEU B 238 17.90 55.46 -36.15
CA LEU B 238 17.81 54.39 -35.15
C LEU B 238 16.61 53.49 -35.41
N ASN B 239 15.47 54.07 -35.81
CA ASN B 239 14.29 53.26 -36.08
C ASN B 239 14.55 52.24 -37.18
N ALA B 240 15.42 52.59 -38.14
CA ALA B 240 15.80 51.64 -39.19
C ALA B 240 16.60 50.48 -38.61
N ILE B 241 17.62 50.80 -37.78
CA ILE B 241 18.36 49.77 -37.07
C ILE B 241 17.44 48.96 -36.16
N ALA B 242 16.43 49.62 -35.60
CA ALA B 242 15.53 48.93 -34.68
C ALA B 242 14.54 48.04 -35.43
N MET B 243 13.94 48.55 -36.51
CA MET B 243 13.04 47.72 -37.30
C MET B 243 13.78 46.55 -37.95
N LEU B 244 15.05 46.75 -38.31
CA LEU B 244 15.87 45.65 -38.81
C LEU B 244 16.12 44.62 -37.72
N THR B 245 16.43 45.07 -36.49
CA THR B 245 16.73 44.13 -35.42
C THR B 245 15.53 43.25 -35.09
N VAL B 246 14.38 43.86 -34.86
CA VAL B 246 13.18 43.10 -34.54
C VAL B 246 12.78 42.19 -35.70
N PHE B 247 12.98 42.64 -36.93
CA PHE B 247 12.54 41.86 -38.09
C PHE B 247 13.47 40.68 -38.36
N ILE B 248 14.74 40.77 -38.00
CA ILE B 248 15.67 39.66 -38.25
C ILE B 248 15.53 38.59 -37.18
N LEU B 249 15.34 38.98 -35.92
CA LEU B 249 15.34 38.04 -34.82
C LEU B 249 13.96 37.41 -34.59
N GLU B 250 12.88 38.18 -34.75
CA GLU B 250 11.52 37.67 -34.58
C GLU B 250 10.89 37.26 -35.90
N TYR B 251 11.70 36.98 -36.92
CA TYR B 251 11.17 36.63 -38.23
C TYR B 251 10.55 35.24 -38.22
N SER B 252 11.26 34.25 -37.67
CA SER B 252 10.81 32.87 -37.66
C SER B 252 10.17 32.45 -36.35
N ASN B 253 10.13 33.33 -35.34
CA ASN B 253 9.59 33.03 -34.02
C ASN B 253 8.11 32.68 -34.09
N PRO B 254 7.73 31.41 -33.96
CA PRO B 254 6.32 31.03 -34.19
C PRO B 254 5.36 31.68 -33.23
N GLY B 255 5.81 32.14 -32.07
CA GLY B 255 4.92 32.79 -31.13
C GLY B 255 4.35 34.09 -31.66
N THR B 256 5.21 35.09 -31.86
CA THR B 256 4.81 36.38 -32.39
C THR B 256 5.65 36.70 -33.63
N LEU B 257 4.97 37.13 -34.71
CA LEU B 257 5.57 37.57 -35.97
C LEU B 257 5.95 36.41 -36.89
N GLY B 258 6.14 35.21 -36.33
CA GLY B 258 6.64 34.11 -37.13
C GLY B 258 5.66 33.64 -38.19
N HIS B 259 4.37 33.57 -37.86
CA HIS B 259 3.35 33.10 -38.79
C HIS B 259 2.50 34.24 -39.35
N LEU B 260 2.83 35.49 -39.05
CA LEU B 260 2.08 36.61 -39.57
C LEU B 260 2.32 36.75 -41.07
N HIS B 261 1.43 37.49 -41.73
CA HIS B 261 1.53 37.66 -43.18
C HIS B 261 2.69 38.61 -43.52
N ILE B 262 2.96 38.70 -44.83
CA ILE B 262 4.13 39.45 -45.29
C ILE B 262 3.98 40.93 -44.96
N VAL B 263 2.76 41.46 -45.06
CA VAL B 263 2.55 42.86 -44.72
C VAL B 263 2.40 43.05 -43.22
N ASP B 264 1.75 42.09 -42.54
CA ASP B 264 1.63 42.16 -41.09
C ASP B 264 2.99 42.01 -40.40
N LYS B 265 4.00 41.50 -41.11
CA LYS B 265 5.34 41.37 -40.56
C LYS B 265 6.07 42.71 -40.44
N LEU B 266 5.69 43.69 -41.26
CA LEU B 266 6.28 45.02 -41.14
C LEU B 266 5.59 45.86 -40.08
N TRP B 267 4.27 45.73 -39.95
CA TRP B 267 3.55 46.51 -38.95
C TRP B 267 3.95 46.13 -37.54
N ALA B 268 4.47 44.92 -37.34
CA ALA B 268 4.97 44.50 -36.03
C ALA B 268 6.40 45.00 -35.81
N SER B 269 7.33 44.56 -36.68
CA SER B 269 8.73 44.93 -36.53
C SER B 269 8.92 46.43 -36.44
N TYR B 270 8.21 47.17 -37.29
CA TYR B 270 8.23 48.63 -37.19
C TYR B 270 7.73 49.07 -35.82
N PHE B 271 6.49 48.72 -35.48
CA PHE B 271 5.91 49.17 -34.22
C PHE B 271 6.68 48.61 -33.03
N GLN B 272 7.11 47.35 -33.10
CA GLN B 272 7.94 46.79 -32.03
C GLN B 272 9.22 47.56 -31.86
N ALA B 273 9.66 48.27 -32.89
CA ALA B 273 10.94 48.97 -32.90
C ALA B 273 10.76 50.47 -32.71
N VAL B 274 9.56 50.92 -32.39
CA VAL B 274 9.29 52.34 -32.25
C VAL B 274 8.59 52.52 -30.90
N THR B 275 8.07 51.41 -30.35
CA THR B 275 7.41 51.42 -29.05
C THR B 275 8.35 51.36 -27.84
N PRO B 276 9.57 50.80 -27.92
CA PRO B 276 10.46 50.87 -26.73
C PRO B 276 10.91 52.27 -26.40
N ARG B 277 10.58 53.25 -27.24
CA ARG B 277 10.86 54.65 -26.98
C ARG B 277 9.90 55.19 -25.92
N THR B 278 9.80 54.49 -24.80
CA THR B 278 8.95 54.88 -23.68
C THR B 278 7.48 55.01 -24.10
N ALA B 279 7.10 54.33 -25.18
CA ALA B 279 5.73 54.44 -25.66
C ALA B 279 4.80 53.55 -24.83
N GLY B 280 5.12 52.27 -24.71
CA GLY B 280 4.37 51.36 -23.86
C GLY B 280 3.27 50.57 -24.53
N PHE B 281 3.27 50.49 -25.86
CA PHE B 281 2.26 49.75 -26.59
C PHE B 281 2.82 48.42 -27.08
N ASN B 282 1.98 47.38 -27.07
CA ASN B 282 2.34 46.04 -27.48
C ASN B 282 1.64 45.70 -28.80
N SER B 283 2.39 45.68 -29.90
CA SER B 283 1.88 45.07 -31.12
C SER B 283 2.07 43.55 -31.09
N LEU B 284 3.11 43.08 -30.42
CA LEU B 284 3.33 41.67 -30.16
C LEU B 284 3.78 41.50 -28.72
N ASP B 285 3.60 40.28 -28.19
CA ASP B 285 3.94 40.02 -26.79
C ASP B 285 5.45 39.85 -26.61
N PHE B 286 5.95 40.37 -25.49
CA PHE B 286 7.38 40.32 -25.16
C PHE B 286 7.77 39.08 -24.36
N GLY B 287 6.80 38.35 -23.82
CA GLY B 287 7.05 37.13 -23.08
C GLY B 287 7.17 35.88 -23.93
N SER B 288 7.30 36.02 -25.24
CA SER B 288 7.47 34.91 -26.16
C SER B 288 8.30 35.36 -27.37
N MET B 289 9.51 35.85 -27.10
CA MET B 289 10.41 36.33 -28.14
C MET B 289 11.82 35.80 -27.86
N ARG B 290 12.66 35.83 -28.90
CA ARG B 290 14.04 35.38 -28.75
C ARG B 290 14.75 36.19 -27.68
N GLU B 291 15.68 35.54 -26.98
CA GLU B 291 16.36 36.21 -25.88
C GLU B 291 17.18 37.40 -26.38
N GLY B 292 17.73 37.31 -27.58
CA GLY B 292 18.54 38.39 -28.11
C GLY B 292 17.74 39.66 -28.38
N THR B 293 16.51 39.51 -28.85
CA THR B 293 15.67 40.68 -29.11
C THR B 293 15.44 41.46 -27.83
N ILE B 294 15.12 40.75 -26.75
CA ILE B 294 14.87 41.39 -25.45
C ILE B 294 16.11 42.16 -25.00
N VAL B 295 17.30 41.62 -25.27
CA VAL B 295 18.54 42.27 -24.88
C VAL B 295 18.62 43.66 -25.51
N PHE B 296 18.54 43.70 -26.85
CA PHE B 296 18.61 44.96 -27.59
C PHE B 296 17.54 45.95 -27.13
N THR B 297 16.38 45.44 -26.70
CA THR B 297 15.34 46.32 -26.20
C THR B 297 15.74 46.93 -24.86
N LEU B 298 16.38 46.15 -23.99
CA LEU B 298 16.90 46.69 -22.72
C LEU B 298 17.72 47.94 -22.98
N LEU B 299 18.59 47.89 -23.98
CA LEU B 299 19.33 49.08 -24.41
C LEU B 299 18.41 50.05 -25.13
N LEU B 300 17.57 49.55 -26.04
CA LEU B 300 16.68 50.42 -26.81
C LEU B 300 15.69 51.13 -25.91
N MET B 301 15.28 50.51 -24.81
CA MET B 301 14.39 51.15 -23.84
C MET B 301 15.16 51.95 -22.80
N PHE B 302 16.42 51.58 -22.53
CA PHE B 302 17.24 52.33 -21.60
C PHE B 302 17.44 53.76 -22.09
N ILE B 303 18.04 53.90 -23.28
CA ILE B 303 18.17 55.21 -23.90
C ILE B 303 16.80 55.82 -24.10
N GLY B 304 16.58 56.99 -23.52
CA GLY B 304 15.37 57.74 -23.79
C GLY B 304 15.37 58.34 -25.17
N ALA B 305 14.29 59.02 -25.49
CA ALA B 305 14.08 59.63 -26.80
C ALA B 305 13.80 61.11 -26.63
N GLY B 306 14.75 61.96 -27.03
CA GLY B 306 14.59 63.41 -27.00
C GLY B 306 14.90 64.02 -25.65
N SER B 307 15.50 65.21 -25.64
CA SER B 307 15.88 65.83 -24.38
C SER B 307 14.65 66.20 -23.56
N ALA B 308 13.86 67.12 -24.10
CA ALA B 308 12.54 67.41 -23.55
C ALA B 308 11.68 66.15 -23.51
N SER B 309 11.43 65.57 -24.69
CA SER B 309 10.92 64.22 -24.86
C SER B 309 9.41 64.11 -24.68
N THR B 310 9.01 63.42 -23.60
CA THR B 310 7.65 63.26 -23.08
C THR B 310 7.76 62.42 -21.82
N ALA B 311 8.91 61.75 -21.70
CA ALA B 311 9.32 60.83 -20.65
C ALA B 311 10.48 59.99 -21.17
N SER B 312 11.51 59.83 -20.36
CA SER B 312 12.66 59.05 -20.78
C SER B 312 13.64 58.91 -19.65
N GLY B 313 14.37 57.81 -19.65
CA GLY B 313 15.36 57.55 -18.63
C GLY B 313 16.65 58.30 -18.87
N ILE B 314 17.25 58.10 -20.06
CA ILE B 314 18.45 58.80 -20.48
C ILE B 314 18.25 59.19 -21.94
N LYS B 315 18.06 60.49 -22.19
CA LYS B 315 17.57 60.97 -23.48
C LYS B 315 18.52 60.56 -24.61
N LEU B 316 17.96 60.45 -25.82
CA LEU B 316 18.73 60.02 -26.98
C LEU B 316 19.97 60.88 -27.19
N THR B 317 19.81 62.20 -27.06
CA THR B 317 20.93 63.12 -27.21
C THR B 317 22.10 62.71 -26.32
N THR B 318 21.81 62.29 -25.09
CA THR B 318 22.86 61.87 -24.17
C THR B 318 23.66 60.72 -24.76
N PHE B 319 22.97 59.72 -25.32
CA PHE B 319 23.65 58.54 -25.86
C PHE B 319 24.57 58.91 -27.01
N ILE B 320 24.07 59.70 -27.97
CA ILE B 320 24.88 60.11 -29.11
C ILE B 320 26.17 60.75 -28.62
N VAL B 321 26.03 61.79 -27.80
CA VAL B 321 27.20 62.55 -27.34
C VAL B 321 28.22 61.62 -26.72
N ILE B 322 27.82 60.90 -25.65
CA ILE B 322 28.74 60.00 -24.96
C ILE B 322 29.43 59.07 -25.93
N LEU B 323 28.66 58.41 -26.80
CA LEU B 323 29.23 57.46 -27.73
C LEU B 323 30.17 58.15 -28.70
N THR B 324 29.67 59.14 -29.45
CA THR B 324 30.50 59.76 -30.49
C THR B 324 31.70 60.48 -29.89
N SER B 325 31.59 60.97 -28.65
CA SER B 325 32.74 61.60 -28.01
C SER B 325 33.85 60.59 -27.77
N VAL B 326 33.48 59.35 -27.41
CA VAL B 326 34.47 58.29 -27.30
C VAL B 326 35.06 57.98 -28.66
N ILE B 327 34.21 57.91 -29.69
CA ILE B 327 34.70 57.64 -31.05
C ILE B 327 35.75 58.66 -31.43
N ALA B 328 35.60 59.90 -30.97
CA ALA B 328 36.60 60.92 -31.26
C ALA B 328 37.87 60.71 -30.45
N TYR B 329 37.78 60.02 -29.30
CA TYR B 329 38.99 59.73 -28.54
C TYR B 329 39.84 58.69 -29.24
N LEU B 330 39.22 57.70 -29.87
CA LEU B 330 39.98 56.73 -30.65
C LEU B 330 40.65 57.41 -31.83
N ARG B 331 39.96 58.34 -32.48
CA ARG B 331 40.64 59.24 -33.39
C ARG B 331 41.49 60.22 -32.58
N GLY B 332 42.25 61.04 -33.30
CA GLY B 332 43.12 61.97 -32.62
C GLY B 332 42.57 63.36 -32.39
N LYS B 333 41.36 63.65 -32.87
CA LYS B 333 40.77 64.97 -32.72
C LYS B 333 40.70 65.35 -31.25
N LYS B 334 41.35 66.46 -30.90
CA LYS B 334 41.37 66.87 -29.49
C LYS B 334 39.97 67.14 -28.98
N GLU B 335 39.09 67.68 -29.83
CA GLU B 335 37.75 68.07 -29.43
C GLU B 335 36.70 67.18 -30.11
N THR B 336 35.50 67.20 -29.53
CA THR B 336 34.38 66.41 -30.03
C THR B 336 33.53 67.31 -30.92
N VAL B 337 33.70 67.18 -32.23
CA VAL B 337 33.01 68.00 -33.22
C VAL B 337 31.97 67.15 -33.93
N ILE B 338 30.77 67.69 -34.08
CA ILE B 338 29.67 67.01 -34.78
C ILE B 338 29.00 68.00 -35.71
N PHE B 339 28.67 67.53 -36.92
CA PHE B 339 28.00 68.34 -37.94
C PHE B 339 28.77 69.62 -38.25
N ARG B 340 30.10 69.57 -38.09
CA ARG B 340 30.96 70.73 -38.27
C ARG B 340 30.50 71.91 -37.42
N ARG B 341 29.95 71.61 -36.24
CA ARG B 341 29.57 72.61 -35.24
C ARG B 341 29.92 72.00 -33.87
N SER B 342 31.20 72.11 -33.52
CA SER B 342 31.73 71.38 -32.37
C SER B 342 31.05 71.77 -31.07
N ILE B 343 30.72 70.76 -30.27
CA ILE B 343 30.09 70.97 -28.97
C ILE B 343 31.18 71.29 -27.96
N LYS B 344 30.88 72.21 -27.05
CA LYS B 344 31.84 72.63 -26.04
C LYS B 344 31.89 71.59 -24.92
N TYR B 345 33.00 71.59 -24.20
CA TYR B 345 33.30 70.55 -23.22
C TYR B 345 32.20 70.30 -22.18
N PRO B 346 31.48 71.31 -21.64
CA PRO B 346 30.48 71.00 -20.60
C PRO B 346 29.45 69.94 -20.97
N ILE B 347 29.04 69.86 -22.23
CA ILE B 347 28.04 68.85 -22.63
C ILE B 347 28.58 67.44 -22.45
N ILE B 348 29.90 67.27 -22.42
CA ILE B 348 30.47 65.93 -22.31
C ILE B 348 30.31 65.39 -20.89
N ILE B 349 30.64 66.19 -19.88
CA ILE B 349 30.60 65.71 -18.50
C ILE B 349 29.16 65.51 -18.04
N LYS B 350 28.25 66.40 -18.43
CA LYS B 350 26.86 66.25 -18.03
C LYS B 350 26.25 65.00 -18.64
N ALA B 351 26.57 64.71 -19.91
CA ALA B 351 26.07 63.49 -20.53
C ALA B 351 26.60 62.26 -19.81
N LEU B 352 27.88 62.28 -19.43
CA LEU B 352 28.46 61.17 -18.68
C LEU B 352 27.74 60.98 -17.35
N ALA B 353 27.43 62.09 -16.66
CA ALA B 353 26.76 62.00 -15.37
C ALA B 353 25.38 61.36 -15.50
N VAL B 354 24.56 61.87 -16.44
CA VAL B 354 23.25 61.28 -16.68
C VAL B 354 23.38 59.84 -17.12
N SER B 355 24.49 59.50 -17.78
CA SER B 355 24.68 58.12 -18.24
C SER B 355 24.86 57.17 -17.07
N VAL B 356 25.91 57.38 -16.27
CA VAL B 356 26.21 56.47 -15.18
C VAL B 356 25.07 56.43 -14.17
N THR B 357 24.42 57.57 -13.94
CA THR B 357 23.35 57.63 -12.94
C THR B 357 22.23 56.66 -13.27
N SER B 358 21.72 56.70 -14.51
CA SER B 358 20.66 55.78 -14.92
C SER B 358 21.11 54.33 -14.78
N LEU B 359 22.31 54.01 -15.26
CA LEU B 359 22.84 52.67 -15.08
C LEU B 359 22.99 52.33 -13.60
N PHE B 360 23.60 53.23 -12.84
CA PHE B 360 23.83 52.98 -11.41
C PHE B 360 22.51 52.75 -10.68
N ILE B 361 21.43 53.39 -11.12
CA ILE B 361 20.14 53.22 -10.46
C ILE B 361 19.43 51.96 -10.95
N VAL B 362 19.38 51.77 -12.27
CA VAL B 362 18.77 50.56 -12.83
C VAL B 362 19.45 49.32 -12.28
N PHE B 363 20.77 49.38 -12.09
CA PHE B 363 21.47 48.27 -11.45
C PHE B 363 20.96 48.05 -10.03
N LEU B 364 20.71 49.14 -9.30
CA LEU B 364 20.18 49.01 -7.94
C LEU B 364 18.79 48.40 -7.94
N GLY B 365 18.03 48.58 -9.02
CA GLY B 365 16.70 47.99 -9.13
C GLY B 365 16.72 46.51 -9.45
N ILE B 366 17.50 46.13 -10.48
CA ILE B 366 17.69 44.72 -10.82
C ILE B 366 18.18 43.95 -9.60
N PHE B 367 19.03 44.58 -8.79
CA PHE B 367 19.54 43.94 -7.58
C PHE B 367 18.45 43.81 -6.52
N ALA B 368 17.75 44.90 -6.23
CA ALA B 368 16.75 44.91 -5.17
C ALA B 368 15.42 44.27 -5.59
N LEU B 369 15.36 43.63 -6.75
CA LEU B 369 14.18 42.90 -7.19
C LEU B 369 14.44 41.42 -7.41
N THR B 370 15.69 41.02 -7.69
CA THR B 370 16.00 39.61 -7.83
C THR B 370 15.76 38.84 -6.53
N ILE B 371 15.89 39.52 -5.39
CA ILE B 371 15.77 38.89 -4.09
C ILE B 371 14.36 39.08 -3.55
N THR B 372 13.74 40.21 -3.91
CA THR B 372 12.41 40.53 -3.39
C THR B 372 11.36 39.54 -3.92
N GLU B 373 11.44 39.21 -5.20
CA GLU B 373 10.46 38.35 -5.85
C GLU B 373 11.16 37.24 -6.61
N GLN B 374 10.68 36.01 -6.42
CA GLN B 374 11.23 34.84 -7.10
C GLN B 374 10.70 34.85 -8.54
N ALA B 375 11.41 35.57 -9.39
CA ALA B 375 11.05 35.77 -10.79
C ALA B 375 12.25 35.45 -11.66
N PRO B 376 12.04 35.17 -12.95
CA PRO B 376 13.19 34.93 -13.85
C PRO B 376 14.09 36.16 -13.93
N PHE B 377 15.32 35.94 -14.38
CA PHE B 377 16.31 37.01 -14.38
C PHE B 377 16.14 37.94 -15.58
N LEU B 378 15.88 37.37 -16.75
CA LEU B 378 15.66 38.19 -17.94
C LEU B 378 14.51 39.16 -17.74
N GLN B 379 13.49 38.75 -16.99
CA GLN B 379 12.33 39.62 -16.73
C GLN B 379 12.67 40.69 -15.71
N ILE B 380 13.48 40.36 -14.70
CA ILE B 380 13.85 41.33 -13.68
C ILE B 380 14.69 42.45 -14.27
N VAL B 381 15.54 42.13 -15.25
CA VAL B 381 16.34 43.16 -15.90
C VAL B 381 15.49 44.00 -16.84
N PHE B 382 14.66 43.34 -17.66
CA PHE B 382 13.76 44.06 -18.55
C PHE B 382 12.83 44.99 -17.76
N GLU B 383 12.27 44.51 -16.65
CA GLU B 383 11.34 45.32 -15.87
C GLU B 383 12.00 46.57 -15.33
N THR B 384 13.26 46.47 -14.92
CA THR B 384 13.92 47.62 -14.29
C THR B 384 14.27 48.67 -15.32
N PHE B 385 14.89 48.28 -16.42
CA PHE B 385 15.17 49.21 -17.51
C PHE B 385 13.91 49.93 -17.96
N SER B 386 12.80 49.19 -18.06
CA SER B 386 11.53 49.79 -18.45
C SER B 386 10.98 50.69 -17.35
N ALA B 387 11.00 50.22 -16.10
CA ALA B 387 10.47 51.01 -15.00
C ALA B 387 11.21 52.34 -14.91
N PHE B 388 12.54 52.31 -14.99
CA PHE B 388 13.31 53.55 -14.94
C PHE B 388 13.19 54.35 -16.23
N GLY B 389 13.01 53.69 -17.36
CA GLY B 389 12.80 54.42 -18.59
C GLY B 389 11.38 54.87 -18.82
N THR B 390 10.43 54.52 -17.95
CA THR B 390 9.01 54.79 -18.16
C THR B 390 8.59 54.25 -19.53
N VAL B 391 9.02 53.03 -19.82
CA VAL B 391 8.96 52.54 -21.18
C VAL B 391 7.61 51.89 -21.48
N GLY B 392 7.01 51.24 -20.49
CA GLY B 392 5.70 50.63 -20.64
C GLY B 392 5.71 49.18 -21.02
N LEU B 393 6.72 48.73 -21.76
CA LEU B 393 6.81 47.33 -22.13
C LEU B 393 7.17 46.50 -20.91
N THR B 394 6.34 45.51 -20.60
CA THR B 394 6.53 44.65 -19.44
C THR B 394 6.40 43.21 -19.89
N MET B 395 7.35 42.37 -19.49
CA MET B 395 7.35 40.97 -19.86
C MET B 395 6.38 40.14 -19.02
N GLY B 396 5.35 40.76 -18.46
CA GLY B 396 4.37 40.02 -17.69
C GLY B 396 4.67 39.92 -16.21
N LEU B 397 5.51 40.79 -15.68
CA LEU B 397 5.84 40.76 -14.26
C LEU B 397 5.15 41.86 -13.47
N THR B 398 4.70 42.91 -14.13
CA THR B 398 4.06 44.02 -13.41
C THR B 398 2.80 43.60 -12.68
N PRO B 399 1.88 42.81 -13.24
CA PRO B 399 0.76 42.35 -12.41
C PRO B 399 1.21 41.50 -11.24
N GLU B 400 2.28 40.71 -11.41
CA GLU B 400 2.77 39.82 -10.37
C GLU B 400 3.87 40.47 -9.52
N LEU B 401 3.90 41.80 -9.44
CA LEU B 401 4.83 42.47 -8.55
C LEU B 401 4.37 42.32 -7.11
N THR B 402 5.32 41.98 -6.23
CA THR B 402 5.00 41.89 -4.81
C THR B 402 4.94 43.30 -4.20
N THR B 403 4.56 43.36 -2.93
CA THR B 403 4.44 44.65 -2.25
C THR B 403 5.80 45.25 -1.96
N ALA B 404 6.73 44.44 -1.44
CA ALA B 404 8.06 44.94 -1.13
C ALA B 404 8.77 45.47 -2.37
N GLY B 405 8.62 44.77 -3.49
CA GLY B 405 9.18 45.22 -4.74
C GLY B 405 8.45 46.35 -5.41
N LYS B 406 7.28 46.73 -4.89
CA LYS B 406 6.50 47.80 -5.51
C LYS B 406 6.98 49.17 -5.06
N CYS B 407 7.01 49.39 -3.74
CA CYS B 407 7.44 50.68 -3.20
C CYS B 407 8.76 51.13 -3.82
N ILE B 408 9.69 50.19 -4.03
CA ILE B 408 10.95 50.55 -4.67
C ILE B 408 10.76 50.76 -6.16
N ILE B 409 9.90 49.96 -6.80
CA ILE B 409 9.63 50.15 -8.22
C ILE B 409 8.90 51.46 -8.46
N ILE B 410 7.99 51.83 -7.56
CA ILE B 410 7.36 53.14 -7.64
C ILE B 410 8.41 54.24 -7.64
N VAL B 411 9.49 54.05 -6.85
CA VAL B 411 10.57 55.03 -6.86
C VAL B 411 11.33 54.97 -8.18
N ILE B 412 11.49 53.77 -8.74
CA ILE B 412 12.25 53.63 -9.99
C ILE B 412 11.61 54.45 -11.10
N MET B 413 10.31 54.22 -11.34
CA MET B 413 9.60 55.03 -12.33
C MET B 413 9.56 56.49 -11.90
N PHE B 414 9.53 56.75 -10.60
CA PHE B 414 9.58 58.12 -10.11
C PHE B 414 10.91 58.78 -10.46
N ILE B 415 12.02 58.13 -10.14
CA ILE B 415 13.34 58.69 -10.40
C ILE B 415 13.60 58.80 -11.90
N GLY B 416 13.15 57.80 -12.67
CA GLY B 416 13.46 57.78 -14.08
C GLY B 416 12.73 58.85 -14.86
N ARG B 417 11.44 59.02 -14.58
CA ARG B 417 10.66 60.04 -15.26
C ARG B 417 11.19 61.44 -14.94
N ILE B 418 11.49 61.70 -13.68
CA ILE B 418 11.89 63.02 -13.21
C ILE B 418 13.30 63.32 -13.69
N GLY B 419 13.94 62.34 -14.32
CA GLY B 419 15.27 62.51 -14.86
C GLY B 419 16.31 62.48 -13.76
N PRO B 420 17.40 61.75 -13.98
CA PRO B 420 18.40 61.57 -12.91
C PRO B 420 19.14 62.83 -12.55
N LEU B 421 19.08 63.89 -13.36
CA LEU B 421 19.84 65.10 -13.07
C LEU B 421 19.01 66.10 -12.27
N THR B 422 17.91 66.58 -12.84
CA THR B 422 17.05 67.55 -12.17
C THR B 422 16.46 67.02 -10.87
N PHE B 423 16.58 65.72 -10.62
CA PHE B 423 16.13 65.06 -9.40
C PHE B 423 17.19 65.08 -8.31
N VAL B 424 18.47 64.93 -8.68
CA VAL B 424 19.51 64.94 -7.66
C VAL B 424 19.80 66.36 -7.18
N PHE B 425 19.60 67.36 -8.04
CA PHE B 425 19.88 68.76 -7.67
C PHE B 425 19.05 69.24 -6.48
N SER B 426 17.98 68.54 -6.14
CA SER B 426 17.12 68.93 -5.03
C SER B 426 17.83 68.77 -3.69
N PHE B 427 18.00 67.52 -3.25
CA PHE B 427 18.65 67.19 -1.98
C PHE B 427 20.17 67.18 -2.09
N ALA B 428 20.74 68.02 -2.95
CA ALA B 428 22.19 68.11 -3.08
C ALA B 428 22.61 69.49 -2.61
N LYS B 429 23.24 69.55 -1.44
CA LYS B 429 23.77 70.81 -0.94
C LYS B 429 24.86 71.31 -1.87
N THR B 430 24.54 72.31 -2.69
CA THR B 430 25.49 72.81 -3.68
C THR B 430 26.70 73.41 -2.98
N GLU B 431 27.90 73.01 -3.43
CA GLU B 431 29.15 73.43 -2.82
C GLU B 431 30.04 74.10 -3.87
N GLN B 432 30.68 75.21 -3.48
CA GLN B 432 31.49 76.01 -4.39
C GLN B 432 32.92 76.05 -3.89
N SER B 433 33.84 75.52 -4.69
CA SER B 433 35.27 75.51 -4.38
C SER B 433 35.93 76.73 -5.00
N ASN B 434 36.72 77.45 -4.21
CA ASN B 434 37.41 78.64 -4.68
C ASN B 434 38.93 78.48 -4.75
N ILE B 435 39.47 77.39 -4.24
CA ILE B 435 40.91 77.15 -4.22
C ILE B 435 41.20 75.90 -5.04
N ARG B 436 42.22 75.98 -5.89
CA ARG B 436 42.63 74.85 -6.71
C ARG B 436 43.59 73.95 -5.93
N TYR B 437 44.05 72.91 -6.59
CA TYR B 437 44.85 71.88 -5.92
C TYR B 437 45.86 71.33 -6.94
N PRO B 438 46.90 70.65 -6.44
CA PRO B 438 47.94 70.16 -7.36
C PRO B 438 47.42 69.07 -8.29
N ASP B 439 48.21 68.83 -9.34
CA ASP B 439 47.89 67.81 -10.32
C ASP B 439 47.96 66.42 -9.69
N GLY B 440 47.09 65.52 -10.14
CA GLY B 440 47.07 64.17 -9.63
C GLY B 440 47.12 63.12 -10.73
N GLU B 441 48.27 62.47 -10.87
CA GLU B 441 48.42 61.45 -11.89
C GLU B 441 47.75 60.16 -11.47
N VAL B 442 47.22 59.43 -12.45
CA VAL B 442 46.53 58.17 -12.20
C VAL B 442 46.33 57.43 -13.52
N PHE B 443 46.49 56.11 -13.49
CA PHE B 443 46.36 55.30 -14.68
C PHE B 443 44.98 54.67 -14.75
N THR B 444 44.54 54.37 -15.98
CA THR B 444 43.25 53.73 -16.19
C THR B 444 43.30 52.74 -17.35
N GLY B 445 44.34 52.79 -18.17
CA GLY B 445 44.40 51.98 -19.38
C GLY B 445 44.34 50.47 -19.19
N THR C 15 13.31 -17.91 29.10
CA THR C 15 12.44 -18.34 28.00
C THR C 15 12.95 -17.74 26.68
N PRO C 16 12.69 -18.42 25.56
CA PRO C 16 13.31 -18.06 24.28
C PRO C 16 13.22 -16.58 23.94
N PRO C 17 12.06 -15.91 24.14
CA PRO C 17 12.02 -14.48 23.81
C PRO C 17 12.79 -13.61 24.80
N GLN C 18 12.50 -13.78 26.10
CA GLN C 18 13.09 -12.91 27.11
C GLN C 18 14.61 -13.06 27.16
N VAL C 19 15.12 -14.28 26.93
CA VAL C 19 16.55 -14.52 26.97
C VAL C 19 17.26 -13.65 25.94
N LEU C 20 16.72 -13.58 24.72
CA LEU C 20 17.31 -12.72 23.70
C LEU C 20 17.16 -11.25 24.04
N ALA C 21 16.15 -10.89 24.82
CA ALA C 21 15.90 -9.50 25.19
C ALA C 21 16.90 -9.01 26.23
N ILE C 22 16.82 -9.57 27.44
CA ILE C 22 17.70 -9.12 28.52
C ILE C 22 19.12 -9.63 28.35
N GLY C 23 19.31 -10.75 27.65
CA GLY C 23 20.66 -11.28 27.46
C GLY C 23 21.49 -10.44 26.52
N PHE C 24 20.94 -10.16 25.33
CA PHE C 24 21.62 -9.27 24.39
C PHE C 24 21.82 -7.86 24.97
N PHE C 25 21.06 -7.52 26.02
CA PHE C 25 21.24 -6.22 26.68
C PHE C 25 22.51 -6.17 27.51
N LEU C 26 22.98 -7.32 28.00
CA LEU C 26 24.15 -7.32 28.88
C LEU C 26 25.46 -7.20 28.09
N THR C 27 25.53 -7.83 26.91
CA THR C 27 26.70 -7.67 26.06
C THR C 27 26.93 -6.21 25.70
N ILE C 28 25.89 -5.38 25.74
CA ILE C 28 26.05 -3.94 25.53
C ILE C 28 26.68 -3.30 26.76
N ILE C 29 26.11 -3.58 27.93
CA ILE C 29 26.58 -2.96 29.17
C ILE C 29 28.01 -3.39 29.48
N ILE C 30 28.25 -4.70 29.45
CA ILE C 30 29.59 -5.22 29.73
C ILE C 30 30.57 -4.66 28.71
N GLY C 31 30.19 -4.66 27.43
CA GLY C 31 31.04 -4.09 26.41
C GLY C 31 31.21 -2.59 26.52
N ALA C 32 30.24 -1.91 27.13
CA ALA C 32 30.33 -0.47 27.33
C ALA C 32 31.34 -0.09 28.40
N VAL C 33 31.74 -1.04 29.25
CA VAL C 33 32.85 -0.82 30.16
C VAL C 33 34.15 -1.42 29.61
N LEU C 34 34.06 -2.34 28.65
CA LEU C 34 35.25 -2.88 27.99
C LEU C 34 35.94 -1.84 27.12
N LEU C 35 35.25 -0.76 26.77
CA LEU C 35 35.80 0.27 25.89
C LEU C 35 36.06 1.60 26.57
N MET C 36 35.25 1.97 27.56
CA MET C 36 35.50 3.18 28.35
C MET C 36 36.71 3.03 29.26
N LEU C 37 37.34 1.86 29.27
CA LEU C 37 38.55 1.65 30.05
C LEU C 37 39.67 2.55 29.52
N PRO C 38 40.49 3.11 30.41
CA PRO C 38 41.55 4.04 29.97
C PRO C 38 42.54 3.43 28.97
N ILE C 39 42.52 2.12 28.75
CA ILE C 39 43.43 1.52 27.78
C ILE C 39 42.94 1.75 26.35
N SER C 40 41.62 1.70 26.14
CA SER C 40 41.03 1.79 24.80
C SER C 40 40.64 3.20 24.41
N THR C 41 40.65 4.16 25.32
CA THR C 41 40.23 5.52 25.01
C THR C 41 41.42 6.46 25.21
N THR C 42 41.75 7.23 24.18
CA THR C 42 42.80 8.24 24.29
C THR C 42 42.25 9.48 25.00
N LYS C 43 41.34 10.20 24.34
CA LYS C 43 40.68 11.35 24.93
C LYS C 43 39.59 10.88 25.89
N PRO C 44 39.25 11.70 26.90
CA PRO C 44 38.23 11.28 27.87
C PRO C 44 36.91 10.91 27.20
N LEU C 45 36.46 9.69 27.48
CA LEU C 45 35.21 9.18 26.94
C LEU C 45 34.12 9.42 27.98
N SER C 46 33.30 10.44 27.74
CA SER C 46 32.24 10.81 28.67
C SER C 46 31.33 9.63 28.95
N TRP C 47 30.69 9.65 30.13
CA TRP C 47 29.78 8.56 30.51
C TRP C 47 28.68 8.36 29.48
N ILE C 48 28.42 9.35 28.64
CA ILE C 48 27.36 9.26 27.64
C ILE C 48 27.89 8.66 26.33
N ASP C 49 29.01 9.17 25.82
CA ASP C 49 29.60 8.71 24.56
C ASP C 49 30.30 7.36 24.69
N ALA C 50 30.16 6.67 25.81
CA ALA C 50 30.75 5.34 26.02
C ALA C 50 29.72 4.24 25.94
N LEU C 51 28.58 4.39 26.62
CA LEU C 51 27.46 3.47 26.50
C LEU C 51 26.80 3.52 25.13
N PHE C 52 27.25 4.42 24.24
CA PHE C 52 26.67 4.57 22.91
C PHE C 52 27.46 3.81 21.87
N THR C 53 28.72 4.22 21.66
CA THR C 53 29.55 3.60 20.63
C THR C 53 29.71 2.11 20.86
N ALA C 54 29.69 1.67 22.11
CA ALA C 54 29.70 0.24 22.41
C ALA C 54 28.37 -0.42 22.05
N ALA C 55 27.27 0.34 22.10
CA ALA C 55 25.98 -0.19 21.70
C ALA C 55 25.81 -0.22 20.20
N SER C 56 26.53 0.64 19.47
CA SER C 56 26.39 0.67 18.02
C SER C 56 27.15 -0.47 17.36
N ALA C 57 28.25 -0.93 17.96
CA ALA C 57 28.98 -2.04 17.38
C ALA C 57 28.28 -3.37 17.64
N THR C 58 27.72 -3.54 18.84
CA THR C 58 27.00 -4.79 19.13
C THR C 58 25.72 -4.90 18.33
N THR C 59 25.07 -3.77 18.01
CA THR C 59 23.91 -3.75 17.14
C THR C 59 24.27 -3.65 15.67
N VAL C 60 25.57 -3.75 15.35
CA VAL C 60 26.16 -3.49 14.04
C VAL C 60 25.38 -2.40 13.32
N THR C 61 25.17 -1.28 14.00
CA THR C 61 24.35 -0.19 13.49
C THR C 61 25.12 0.71 12.53
N GLY C 62 26.23 1.27 12.98
CA GLY C 62 27.04 2.16 12.18
C GLY C 62 27.04 3.61 12.60
N LEU C 63 26.60 3.92 13.81
CA LEU C 63 26.66 5.26 14.33
C LEU C 63 27.70 5.30 15.45
N ALA C 64 28.13 6.51 15.81
CA ALA C 64 29.11 6.70 16.87
C ALA C 64 29.22 8.16 17.26
N VAL C 65 29.14 8.45 18.56
CA VAL C 65 29.32 9.83 19.01
C VAL C 65 30.75 10.29 18.73
N VAL C 66 31.72 9.40 18.93
CA VAL C 66 33.12 9.72 18.71
C VAL C 66 33.65 8.84 17.60
N ASP C 67 34.69 9.33 16.92
CA ASP C 67 35.24 8.62 15.77
C ASP C 67 36.00 7.39 16.24
N THR C 68 35.73 6.24 15.61
CA THR C 68 36.23 4.98 16.15
C THR C 68 37.73 4.80 15.90
N GLY C 69 38.21 5.22 14.73
CA GLY C 69 39.59 4.92 14.37
C GLY C 69 40.61 5.73 15.15
N THR C 70 40.28 6.99 15.46
CA THR C 70 41.20 7.90 16.14
C THR C 70 40.99 7.94 17.65
N GLN C 71 39.75 8.03 18.10
CA GLN C 71 39.49 8.10 19.54
C GLN C 71 39.90 6.82 20.23
N PHE C 72 39.69 5.68 19.58
CA PHE C 72 39.99 4.37 20.17
C PHE C 72 41.35 3.89 19.71
N THR C 73 42.07 3.23 20.62
CA THR C 73 43.38 2.65 20.34
C THR C 73 43.18 1.25 19.76
N VAL C 74 44.24 0.43 19.73
CA VAL C 74 44.15 -0.90 19.14
C VAL C 74 43.26 -1.80 19.97
N PHE C 75 43.31 -1.67 21.30
CA PHE C 75 42.48 -2.50 22.17
C PHE C 75 41.00 -2.20 21.98
N GLY C 76 40.65 -0.93 21.80
CA GLY C 76 39.26 -0.57 21.62
C GLY C 76 38.69 -1.06 20.31
N GLN C 77 39.44 -0.89 19.22
CA GLN C 77 38.99 -1.40 17.93
C GLN C 77 38.89 -2.92 17.95
N THR C 78 39.70 -3.59 18.79
CA THR C 78 39.58 -5.03 18.94
C THR C 78 38.29 -5.40 19.68
N VAL C 79 37.90 -4.60 20.67
CA VAL C 79 36.68 -4.87 21.41
C VAL C 79 35.46 -4.57 20.54
N ILE C 80 35.51 -3.48 19.77
CA ILE C 80 34.48 -3.20 18.79
C ILE C 80 34.34 -4.37 17.82
N MET C 81 35.48 -4.90 17.35
CA MET C 81 35.45 -6.02 16.43
C MET C 81 34.82 -7.25 17.05
N GLY C 82 35.21 -7.56 18.29
CA GLY C 82 34.62 -8.71 18.97
C GLY C 82 33.16 -8.50 19.31
N LEU C 83 32.77 -7.27 19.61
CA LEU C 83 31.36 -6.98 19.88
C LEU C 83 30.52 -7.14 18.62
N ILE C 84 31.10 -6.81 17.46
CA ILE C 84 30.42 -7.05 16.19
C ILE C 84 30.27 -8.54 15.93
N GLN C 85 31.28 -9.33 16.31
CA GLN C 85 31.21 -10.77 16.09
C GLN C 85 30.15 -11.41 16.96
N ILE C 86 29.98 -10.92 18.20
CA ILE C 86 28.96 -11.46 19.09
C ILE C 86 27.57 -11.19 18.53
N GLY C 87 27.36 -10.01 17.95
CA GLY C 87 26.04 -9.66 17.43
C GLY C 87 25.64 -10.51 16.23
N GLY C 88 26.59 -10.77 15.32
CA GLY C 88 26.28 -11.62 14.18
C GLY C 88 25.95 -13.04 14.58
N LEU C 89 26.62 -13.55 15.62
CA LEU C 89 26.30 -14.86 16.16
C LEU C 89 24.88 -14.87 16.75
N GLY C 90 24.53 -13.80 17.47
CA GLY C 90 23.20 -13.72 18.04
C GLY C 90 22.11 -13.73 16.98
N PHE C 91 22.34 -13.01 15.88
CA PHE C 91 21.45 -13.09 14.74
C PHE C 91 21.45 -14.48 14.14
N MET C 92 22.63 -15.11 14.11
CA MET C 92 22.72 -16.44 13.53
C MET C 92 21.82 -17.40 14.29
N THR C 93 21.78 -17.28 15.61
CA THR C 93 20.86 -18.08 16.41
C THR C 93 19.42 -17.60 16.22
N PHE C 94 19.23 -16.28 16.16
CA PHE C 94 17.91 -15.70 15.90
C PHE C 94 17.25 -16.34 14.69
N ALA C 95 18.02 -16.52 13.62
CA ALA C 95 17.44 -17.06 12.39
C ALA C 95 17.15 -18.56 12.54
N VAL C 96 18.10 -19.30 13.11
CA VAL C 96 17.92 -20.75 13.26
C VAL C 96 16.62 -21.04 14.00
N LEU C 97 16.33 -20.25 15.03
CA LEU C 97 15.06 -20.42 15.76
C LEU C 97 13.87 -20.16 14.83
N ILE C 98 14.00 -19.19 13.93
CA ILE C 98 12.92 -18.92 12.98
C ILE C 98 12.78 -20.06 11.98
N VAL C 99 13.89 -20.73 11.66
CA VAL C 99 13.87 -21.79 10.65
C VAL C 99 13.00 -22.96 11.11
N MET C 100 13.26 -23.48 12.31
CA MET C 100 12.58 -24.71 12.74
C MET C 100 11.08 -24.49 12.95
N ILE C 101 10.70 -23.34 13.50
CA ILE C 101 9.29 -23.07 13.77
C ILE C 101 8.52 -22.86 12.47
N ILE C 127 21.14 -27.49 17.72
CA ILE C 127 22.36 -27.65 18.52
C ILE C 127 23.53 -28.01 17.61
N GLY C 128 23.30 -28.94 16.68
CA GLY C 128 24.36 -29.39 15.81
C GLY C 128 24.81 -28.34 14.81
N LEU C 129 23.93 -27.39 14.47
CA LEU C 129 24.29 -26.38 13.47
C LEU C 129 25.19 -25.30 14.04
N VAL C 130 25.12 -25.06 15.36
CA VAL C 130 25.86 -23.97 15.99
C VAL C 130 27.35 -24.07 15.68
N LYS C 131 27.86 -25.27 15.45
CA LYS C 131 29.23 -25.43 15.01
C LYS C 131 29.45 -24.81 13.63
N VAL C 132 28.58 -25.16 12.67
CA VAL C 132 28.79 -24.74 11.28
C VAL C 132 28.76 -23.22 11.16
N LEU C 133 27.79 -22.58 11.81
CA LEU C 133 27.47 -21.19 11.53
C LEU C 133 28.59 -20.24 11.96
N PHE C 134 29.12 -20.42 13.18
CA PHE C 134 30.21 -19.57 13.63
C PHE C 134 31.52 -19.92 12.90
N LEU C 135 31.75 -21.20 12.65
CA LEU C 135 32.94 -21.60 11.91
C LEU C 135 32.90 -21.07 10.48
N PHE C 136 31.74 -21.11 9.84
CA PHE C 136 31.60 -20.56 8.50
C PHE C 136 31.66 -19.03 8.50
N SER C 137 31.37 -18.39 9.63
CA SER C 137 31.51 -16.94 9.74
C SER C 137 32.97 -16.54 9.62
N ILE C 138 33.80 -17.00 10.56
CA ILE C 138 35.21 -16.63 10.60
C ILE C 138 35.98 -17.13 9.39
N SER C 139 35.35 -17.98 8.57
CA SER C 139 36.00 -18.47 7.35
C SER C 139 35.93 -17.41 6.25
N ILE C 140 34.72 -17.07 5.81
CA ILE C 140 34.55 -16.02 4.81
C ILE C 140 34.95 -14.66 5.37
N GLU C 141 35.02 -14.52 6.69
CA GLU C 141 35.50 -13.27 7.27
C GLU C 141 37.02 -13.15 7.15
N LEU C 142 37.73 -14.27 7.25
CA LEU C 142 39.19 -14.23 7.17
C LEU C 142 39.68 -14.27 5.73
N ILE C 143 39.14 -15.17 4.92
CA ILE C 143 39.65 -15.34 3.56
C ILE C 143 39.32 -14.12 2.70
N ALA C 144 38.28 -13.37 3.04
CA ALA C 144 37.92 -12.18 2.28
C ALA C 144 38.46 -10.90 2.88
N ALA C 145 39.17 -10.98 4.01
CA ALA C 145 39.76 -9.81 4.64
C ALA C 145 41.29 -9.85 4.56
N LEU C 146 41.92 -10.72 5.34
CA LEU C 146 43.37 -10.85 5.38
C LEU C 146 43.95 -11.40 4.09
N ILE C 147 43.15 -11.57 3.03
CA ILE C 147 43.65 -12.01 1.74
C ILE C 147 43.20 -11.04 0.66
N LEU C 148 41.88 -10.79 0.58
CA LEU C 148 41.30 -9.96 -0.47
C LEU C 148 41.23 -8.49 -0.09
N SER C 149 41.00 -8.18 1.19
CA SER C 149 41.02 -6.80 1.65
C SER C 149 42.42 -6.31 2.01
N ILE C 150 43.40 -7.21 2.09
CA ILE C 150 44.78 -6.82 2.34
C ILE C 150 45.55 -6.64 1.03
N ARG C 151 44.86 -6.64 -0.11
CA ARG C 151 45.54 -6.49 -1.39
C ARG C 151 45.93 -5.05 -1.66
N LEU C 152 44.98 -4.13 -1.49
CA LEU C 152 45.20 -2.71 -1.80
C LEU C 152 45.25 -1.85 -0.55
N VAL C 153 45.28 -2.47 0.63
CA VAL C 153 45.40 -1.77 1.90
C VAL C 153 46.76 -1.96 2.56
N PRO C 154 47.74 -2.78 2.03
CA PRO C 154 49.01 -2.88 2.76
C PRO C 154 49.86 -1.61 2.66
N GLN C 155 49.27 -0.52 2.18
CA GLN C 155 50.00 0.73 2.01
C GLN C 155 50.43 1.31 3.36
N TYR C 156 49.51 1.33 4.32
CA TYR C 156 49.78 1.91 5.65
C TYR C 156 50.77 1.07 6.47
N GLY C 157 51.43 0.07 5.90
CA GLY C 157 52.32 -0.80 6.64
C GLY C 157 51.63 -2.06 7.13
N TRP C 158 52.27 -2.71 8.10
CA TRP C 158 51.71 -3.90 8.74
C TRP C 158 51.06 -3.59 10.10
N SER C 159 51.40 -2.47 10.73
CA SER C 159 50.72 -2.06 11.94
C SER C 159 49.33 -1.50 11.68
N SER C 160 49.07 -1.02 10.45
CA SER C 160 47.77 -0.50 10.09
C SER C 160 47.22 -1.09 8.80
N GLY C 161 47.95 -1.99 8.14
CA GLY C 161 47.45 -2.65 6.94
C GLY C 161 46.95 -4.05 7.22
N LEU C 162 47.57 -4.72 8.20
CA LEU C 162 47.08 -6.03 8.60
C LEU C 162 45.77 -5.91 9.38
N PHE C 163 45.65 -4.85 10.17
CA PHE C 163 44.46 -4.69 11.01
C PHE C 163 43.30 -4.09 10.23
N ALA C 164 43.52 -2.95 9.58
CA ALA C 164 42.45 -2.27 8.86
C ALA C 164 41.86 -3.12 7.74
N SER C 165 42.61 -4.12 7.26
CA SER C 165 42.05 -5.06 6.30
C SER C 165 41.22 -6.14 6.98
N LEU C 166 41.41 -6.36 8.27
CA LEU C 166 40.65 -7.34 9.04
C LEU C 166 39.53 -6.72 9.85
N PHE C 167 39.71 -5.49 10.34
CA PHE C 167 38.70 -4.84 11.14
C PHE C 167 37.43 -4.56 10.34
N HIS C 168 37.58 -4.22 9.05
CA HIS C 168 36.43 -3.80 8.26
C HIS C 168 35.54 -4.96 7.82
N ALA C 169 36.13 -6.13 7.56
CA ALA C 169 35.35 -7.24 7.06
C ALA C 169 34.41 -7.80 8.13
N ILE C 170 34.90 -7.90 9.37
CA ILE C 170 34.02 -8.31 10.47
C ILE C 170 32.88 -7.31 10.62
N SER C 171 33.12 -6.05 10.26
CA SER C 171 32.08 -5.04 10.21
C SER C 171 31.38 -4.97 8.86
N ALA C 172 32.05 -5.35 7.77
CA ALA C 172 31.38 -5.40 6.48
C ALA C 172 30.44 -6.60 6.41
N PHE C 173 30.98 -7.81 6.59
CA PHE C 173 30.15 -9.02 6.49
C PHE C 173 28.99 -9.00 7.48
N ASN C 174 29.18 -8.40 8.64
CA ASN C 174 28.11 -8.30 9.64
C ASN C 174 27.20 -7.10 9.44
N ASN C 175 27.41 -6.30 8.40
CA ASN C 175 26.61 -5.11 8.12
C ASN C 175 26.61 -4.16 9.32
N ALA C 176 27.82 -3.66 9.62
CA ALA C 176 28.02 -2.80 10.78
C ALA C 176 28.20 -1.34 10.43
N GLY C 177 29.15 -1.01 9.57
CA GLY C 177 29.42 0.37 9.23
C GLY C 177 30.48 1.04 10.06
N PHE C 178 31.16 0.30 10.93
CA PHE C 178 32.26 0.84 11.71
C PHE C 178 33.53 0.79 10.85
N SER C 179 33.96 1.95 10.38
CA SER C 179 35.19 2.06 9.60
C SER C 179 36.29 2.64 10.48
N LEU C 180 37.53 2.26 10.16
CA LEU C 180 38.69 2.74 10.91
C LEU C 180 38.95 4.22 10.64
N TRP C 181 39.49 4.53 9.47
CA TRP C 181 39.80 5.92 9.14
C TRP C 181 38.56 6.79 9.29
N PRO C 182 38.69 8.03 9.76
CA PRO C 182 37.50 8.88 9.95
C PRO C 182 36.69 9.09 8.68
N ASP C 183 37.29 8.85 7.51
CA ASP C 183 36.55 9.07 6.27
C ASP C 183 35.37 8.11 6.11
N ASN C 184 35.31 7.03 6.88
CA ASN C 184 34.20 6.07 6.79
C ASN C 184 34.08 5.54 5.36
N LEU C 185 35.22 5.17 4.78
CA LEU C 185 35.37 4.66 3.41
C LEU C 185 35.12 5.71 2.34
N MET C 186 34.99 6.99 2.71
CA MET C 186 34.80 8.01 1.68
C MET C 186 36.02 8.13 0.78
N SER C 187 37.21 7.78 1.29
CA SER C 187 38.42 7.92 0.49
C SER C 187 38.42 6.97 -0.70
N TYR C 188 37.89 5.76 -0.50
CA TYR C 188 37.84 4.76 -1.57
C TYR C 188 36.55 4.93 -2.37
N VAL C 189 36.49 6.05 -3.09
CA VAL C 189 35.30 6.35 -3.89
C VAL C 189 35.18 5.35 -5.04
N GLY C 190 36.17 5.34 -5.93
CA GLY C 190 36.09 4.51 -7.11
C GLY C 190 37.17 3.45 -7.19
N ASP C 191 37.77 3.13 -6.06
CA ASP C 191 38.82 2.13 -6.05
C ASP C 191 38.20 0.75 -6.28
N PRO C 192 38.66 -0.01 -7.28
CA PRO C 192 37.94 -1.24 -7.61
C PRO C 192 37.96 -2.26 -6.49
N THR C 193 39.09 -2.43 -5.78
CA THR C 193 39.17 -3.46 -4.75
C THR C 193 38.13 -3.24 -3.65
N VAL C 194 37.97 -2.00 -3.21
CA VAL C 194 37.12 -1.73 -2.05
C VAL C 194 35.65 -1.93 -2.39
N ASN C 195 35.19 -1.27 -3.45
CA ASN C 195 33.78 -1.38 -3.84
C ASN C 195 33.40 -2.81 -4.23
N LEU C 196 34.37 -3.65 -4.59
CA LEU C 196 34.06 -5.02 -4.95
C LEU C 196 34.18 -5.97 -3.76
N VAL C 197 35.18 -5.78 -2.90
CA VAL C 197 35.40 -6.71 -1.80
C VAL C 197 34.38 -6.49 -0.68
N ILE C 198 34.21 -5.23 -0.25
CA ILE C 198 33.35 -4.98 0.90
C ILE C 198 31.88 -5.20 0.55
N THR C 199 31.47 -4.88 -0.68
CA THR C 199 30.07 -5.09 -1.05
C THR C 199 29.68 -6.56 -0.93
N PHE C 200 30.51 -7.46 -1.45
CA PHE C 200 30.23 -8.88 -1.36
C PHE C 200 30.11 -9.36 0.09
N LEU C 201 30.65 -8.61 1.05
CA LEU C 201 30.59 -9.05 2.44
C LEU C 201 29.24 -8.74 3.08
N PHE C 202 28.75 -7.50 2.95
CA PHE C 202 27.48 -7.16 3.58
C PHE C 202 26.27 -7.57 2.75
N ILE C 203 26.45 -7.92 1.48
CA ILE C 203 25.34 -8.40 0.68
C ILE C 203 24.97 -9.83 1.09
N THR C 204 25.92 -10.76 0.94
CA THR C 204 25.66 -12.15 1.31
C THR C 204 25.46 -12.29 2.82
N GLY C 205 26.31 -11.66 3.62
CA GLY C 205 26.02 -11.57 5.03
C GLY C 205 24.67 -10.95 5.30
N GLY C 206 24.26 -10.01 4.44
CA GLY C 206 22.98 -9.35 4.58
C GLY C 206 21.80 -10.14 4.08
N ILE C 207 22.00 -11.10 3.19
CA ILE C 207 20.89 -11.97 2.83
C ILE C 207 20.75 -13.04 3.90
N GLY C 208 19.56 -13.62 4.01
CA GLY C 208 19.31 -14.59 5.04
C GLY C 208 20.27 -15.75 5.05
N PHE C 209 20.63 -16.24 6.24
CA PHE C 209 21.36 -17.49 6.36
C PHE C 209 20.64 -18.62 5.63
N THR C 210 19.33 -18.51 5.46
CA THR C 210 18.60 -19.47 4.64
C THR C 210 19.17 -19.50 3.23
N VAL C 211 19.06 -18.38 2.51
CA VAL C 211 19.61 -18.32 1.15
C VAL C 211 21.12 -18.54 1.17
N LEU C 212 21.78 -18.18 2.26
CA LEU C 212 23.18 -18.57 2.44
C LEU C 212 23.31 -20.08 2.43
N PHE C 213 22.59 -20.77 3.33
CA PHE C 213 22.68 -22.23 3.41
C PHE C 213 22.02 -22.90 2.20
N ASP C 214 20.98 -22.29 1.64
CA ASP C 214 20.19 -22.97 0.62
C ASP C 214 20.99 -23.19 -0.65
N VAL C 215 21.59 -22.11 -1.18
CA VAL C 215 22.35 -22.19 -2.42
C VAL C 215 23.50 -23.18 -2.32
N MET C 216 23.95 -23.50 -1.11
CA MET C 216 25.07 -24.41 -0.95
C MET C 216 24.71 -25.85 -1.30
N LYS C 217 23.81 -26.47 -0.54
CA LYS C 217 23.47 -27.86 -0.82
C LYS C 217 22.52 -28.00 -2.00
N ASN C 218 21.63 -27.03 -2.22
CA ASN C 218 20.75 -27.09 -3.37
C ASN C 218 21.52 -26.88 -4.66
N ARG C 219 22.10 -25.70 -4.84
CA ARG C 219 23.00 -25.36 -5.95
C ARG C 219 22.36 -25.46 -7.32
N ARG C 220 21.05 -25.71 -7.41
CA ARG C 220 20.37 -25.80 -8.69
C ARG C 220 19.59 -24.53 -8.95
N PHE C 221 19.47 -24.17 -10.23
CA PHE C 221 18.76 -22.96 -10.64
C PHE C 221 17.26 -23.04 -10.38
N LYS C 222 16.72 -24.23 -10.14
CA LYS C 222 15.28 -24.42 -10.06
C LYS C 222 14.80 -25.07 -8.76
N THR C 223 15.69 -25.49 -7.87
CA THR C 223 15.27 -26.22 -6.68
C THR C 223 15.18 -25.36 -5.44
N PHE C 224 15.40 -24.05 -5.56
CA PHE C 224 15.41 -23.21 -4.37
C PHE C 224 14.00 -23.05 -3.81
N SER C 225 13.90 -23.02 -2.49
CA SER C 225 12.61 -22.88 -1.85
C SER C 225 12.04 -21.49 -2.11
N LEU C 226 10.80 -21.31 -1.67
CA LEU C 226 10.10 -20.03 -1.88
C LEU C 226 10.91 -18.87 -1.32
N HIS C 227 11.24 -18.94 -0.03
CA HIS C 227 11.96 -17.86 0.64
C HIS C 227 13.31 -17.58 -0.02
N THR C 228 14.09 -18.63 -0.27
CA THR C 228 15.40 -18.46 -0.87
C THR C 228 15.29 -17.89 -2.28
N LYS C 229 14.35 -18.41 -3.08
CA LYS C 229 14.15 -17.90 -4.43
C LYS C 229 13.71 -16.44 -4.40
N LEU C 230 12.95 -16.05 -3.38
CA LEU C 230 12.56 -14.65 -3.22
C LEU C 230 13.77 -13.74 -3.09
N MET C 231 14.61 -14.01 -2.10
CA MET C 231 15.71 -13.12 -1.75
C MET C 231 16.56 -12.79 -2.97
N LEU C 232 17.07 -13.81 -3.65
CA LEU C 232 17.93 -13.60 -4.80
C LEU C 232 17.30 -12.64 -5.81
N THR C 233 16.03 -12.84 -6.12
CA THR C 233 15.32 -11.93 -7.02
C THR C 233 15.23 -10.54 -6.41
N GLY C 234 14.56 -10.43 -5.27
CA GLY C 234 14.33 -9.12 -4.66
C GLY C 234 15.61 -8.39 -4.34
N THR C 235 16.65 -9.11 -3.91
CA THR C 235 17.92 -8.47 -3.60
C THR C 235 18.51 -7.78 -4.83
N LEU C 236 18.80 -8.56 -5.87
CA LEU C 236 19.40 -8.00 -7.08
C LEU C 236 18.51 -6.96 -7.74
N MET C 237 17.23 -7.29 -7.91
CA MET C 237 16.31 -6.40 -8.62
C MET C 237 16.26 -5.01 -7.98
N LEU C 238 16.18 -4.97 -6.65
CA LEU C 238 16.11 -3.68 -5.96
C LEU C 238 17.40 -2.87 -6.15
N ASN C 239 18.54 -3.54 -6.11
CA ASN C 239 19.81 -2.83 -6.26
C ASN C 239 19.89 -2.09 -7.58
N ALA C 240 19.25 -2.62 -8.64
CA ALA C 240 19.24 -1.92 -9.91
C ALA C 240 18.41 -0.64 -9.83
N ILE C 241 17.22 -0.73 -9.23
CA ILE C 241 16.41 0.47 -8.97
C ILE C 241 17.17 1.45 -8.11
N ALA C 242 18.00 0.94 -7.20
CA ALA C 242 18.73 1.82 -6.29
C ALA C 242 19.91 2.48 -6.97
N MET C 243 20.68 1.71 -7.77
CA MET C 243 21.78 2.33 -8.51
C MET C 243 21.25 3.32 -9.54
N LEU C 244 20.13 2.99 -10.17
CA LEU C 244 19.49 3.93 -11.08
C LEU C 244 19.09 5.21 -10.35
N THR C 245 18.49 5.06 -9.17
CA THR C 245 18.04 6.24 -8.43
C THR C 245 19.21 7.14 -8.04
N VAL C 246 20.22 6.56 -7.40
CA VAL C 246 21.38 7.35 -6.97
C VAL C 246 22.12 7.93 -8.18
N PHE C 247 22.08 7.24 -9.32
CA PHE C 247 22.82 7.71 -10.48
C PHE C 247 22.06 8.78 -11.25
N ILE C 248 20.74 8.81 -11.18
CA ILE C 248 19.98 9.83 -11.89
C ILE C 248 19.95 11.12 -11.09
N LEU C 249 19.82 11.03 -9.77
CA LEU C 249 19.67 12.21 -8.93
C LEU C 249 21.01 12.81 -8.54
N GLU C 250 22.00 11.99 -8.18
CA GLU C 250 23.32 12.47 -7.83
C GLU C 250 24.24 12.56 -9.04
N TYR C 251 23.69 12.55 -10.25
CA TYR C 251 24.51 12.59 -11.45
C TYR C 251 25.20 13.95 -11.62
N SER C 252 24.43 15.03 -11.49
CA SER C 252 24.94 16.37 -11.67
C SER C 252 25.22 17.10 -10.37
N ASN C 253 24.94 16.48 -9.23
CA ASN C 253 25.07 17.17 -7.95
C ASN C 253 26.54 17.43 -7.63
N PRO C 254 26.93 18.67 -7.32
CA PRO C 254 28.34 18.93 -7.00
C PRO C 254 28.79 18.27 -5.70
N GLY C 255 27.91 18.16 -4.70
CA GLY C 255 28.32 17.59 -3.43
C GLY C 255 28.57 16.10 -3.48
N THR C 256 27.97 15.41 -4.44
CA THR C 256 28.09 13.97 -4.58
C THR C 256 29.05 13.66 -5.73
N LEU C 257 28.87 12.51 -6.38
CA LEU C 257 29.76 12.09 -7.46
C LEU C 257 29.88 13.16 -8.54
N GLY C 258 28.74 13.69 -8.99
CA GLY C 258 28.62 14.83 -9.87
C GLY C 258 29.71 15.03 -10.91
N HIS C 259 30.94 15.24 -10.44
CA HIS C 259 32.08 15.44 -11.30
C HIS C 259 33.08 14.29 -11.22
N LEU C 260 32.71 13.18 -10.58
CA LEU C 260 33.54 11.99 -10.59
C LEU C 260 33.67 11.46 -12.02
N HIS C 261 34.73 10.71 -12.27
CA HIS C 261 34.93 10.15 -13.60
C HIS C 261 33.79 9.21 -13.95
N ILE C 262 33.67 8.92 -15.25
CA ILE C 262 32.60 8.07 -15.76
C ILE C 262 32.62 6.71 -15.08
N VAL C 263 33.80 6.19 -14.76
CA VAL C 263 33.88 4.92 -14.04
C VAL C 263 33.66 5.15 -12.54
N ASP C 264 34.16 6.26 -12.00
CA ASP C 264 33.98 6.56 -10.58
C ASP C 264 32.55 6.93 -10.25
N LYS C 265 31.77 7.36 -11.23
CA LYS C 265 30.35 7.62 -11.01
C LYS C 265 29.58 6.33 -10.75
N LEU C 266 30.02 5.22 -11.35
CA LEU C 266 29.37 3.94 -11.13
C LEU C 266 29.75 3.36 -9.77
N TRP C 267 31.04 3.43 -9.41
CA TRP C 267 31.47 2.95 -8.10
C TRP C 267 30.78 3.68 -6.96
N ALA C 268 30.22 4.86 -7.24
CA ALA C 268 29.55 5.69 -6.25
C ALA C 268 28.05 5.44 -6.21
N SER C 269 27.38 5.48 -7.36
CA SER C 269 25.96 5.21 -7.40
C SER C 269 25.65 3.77 -7.01
N TYR C 270 26.48 2.83 -7.45
CA TYR C 270 26.32 1.45 -7.05
C TYR C 270 26.47 1.31 -5.53
N PHE C 271 27.62 1.75 -5.00
CA PHE C 271 27.89 1.57 -3.58
C PHE C 271 26.89 2.31 -2.71
N GLN C 272 26.58 3.56 -3.06
CA GLN C 272 25.54 4.31 -2.36
C GLN C 272 24.17 3.69 -2.51
N ALA C 273 24.00 2.76 -3.45
CA ALA C 273 22.76 2.04 -3.63
C ALA C 273 22.72 0.71 -2.89
N VAL C 274 23.87 0.19 -2.49
CA VAL C 274 23.93 -1.06 -1.76
C VAL C 274 24.31 -0.87 -0.29
N THR C 275 24.86 0.28 0.08
CA THR C 275 25.18 0.55 1.48
C THR C 275 23.98 0.93 2.35
N PRO C 276 22.85 1.44 1.82
CA PRO C 276 21.69 1.64 2.70
C PRO C 276 21.10 0.35 3.22
N ARG C 277 21.57 -0.80 2.75
CA ARG C 277 21.14 -2.09 3.24
C ARG C 277 21.78 -2.41 4.59
N THR C 278 21.65 -1.48 5.54
CA THR C 278 22.19 -1.64 6.90
C THR C 278 23.70 -1.88 6.88
N ALA C 279 24.38 -1.41 5.85
CA ALA C 279 25.82 -1.64 5.72
C ALA C 279 26.63 -0.62 6.51
N GLY C 280 26.41 0.67 6.25
CA GLY C 280 27.04 1.71 7.05
C GLY C 280 28.31 2.31 6.48
N PHE C 281 28.58 2.13 5.20
CA PHE C 281 29.78 2.66 4.57
C PHE C 281 29.42 3.82 3.64
N ASN C 282 30.25 4.86 3.67
CA ASN C 282 30.07 6.05 2.84
C ASN C 282 31.08 6.01 1.70
N SER C 283 30.63 5.67 0.49
CA SER C 283 31.45 5.96 -0.68
C SER C 283 31.45 7.45 -0.98
N LEU C 284 30.34 8.12 -0.70
CA LEU C 284 30.22 9.56 -0.77
C LEU C 284 29.38 10.02 0.41
N ASP C 285 29.47 11.31 0.72
CA ASP C 285 28.79 11.84 1.89
C ASP C 285 27.31 12.06 1.61
N PHE C 286 26.50 11.96 2.69
CA PHE C 286 25.06 12.13 2.59
C PHE C 286 24.58 13.53 2.95
N GLY C 287 25.39 14.29 3.68
CA GLY C 287 25.07 15.67 3.96
C GLY C 287 25.24 16.62 2.81
N SER C 288 25.44 16.12 1.59
CA SER C 288 25.61 16.97 0.42
C SER C 288 25.04 16.26 -0.80
N MET C 289 23.78 15.83 -0.72
CA MET C 289 23.09 15.16 -1.81
C MET C 289 21.74 15.83 -2.03
N ARG C 290 21.19 15.62 -3.23
CA ARG C 290 19.86 16.12 -3.53
C ARG C 290 18.86 15.62 -2.50
N GLU C 291 17.91 16.50 -2.14
CA GLU C 291 16.92 16.14 -1.12
C GLU C 291 16.15 14.88 -1.51
N GLY C 292 15.94 14.66 -2.81
CA GLY C 292 15.22 13.48 -3.25
C GLY C 292 15.97 12.19 -3.01
N THR C 293 17.28 12.20 -3.24
CA THR C 293 18.08 11.00 -3.02
C THR C 293 17.99 10.53 -1.58
N ILE C 294 18.11 11.48 -0.65
CA ILE C 294 17.99 11.18 0.78
C ILE C 294 16.64 10.55 1.07
N VAL C 295 15.57 11.03 0.41
CA VAL C 295 14.24 10.50 0.64
C VAL C 295 14.19 9.01 0.30
N PHE C 296 14.56 8.67 -0.93
CA PHE C 296 14.56 7.28 -1.38
C PHE C 296 15.42 6.40 -0.48
N THR C 297 16.49 6.96 0.08
CA THR C 297 17.32 6.22 1.00
C THR C 297 16.58 5.91 2.29
N LEU C 298 15.79 6.87 2.79
CA LEU C 298 15.00 6.65 3.99
C LEU C 298 14.17 5.38 3.85
N LEU C 299 13.54 5.19 2.69
CA LEU C 299 12.81 3.95 2.42
C LEU C 299 13.78 2.80 2.16
N LEU C 300 14.84 3.06 1.38
CA LEU C 300 15.79 2.00 1.05
C LEU C 300 16.50 1.48 2.29
N MET C 301 16.69 2.32 3.30
CA MET C 301 17.28 1.90 4.55
C MET C 301 16.26 1.43 5.56
N PHE C 302 15.00 1.87 5.43
CA PHE C 302 13.95 1.39 6.31
C PHE C 302 13.75 -0.11 6.13
N ILE C 303 13.46 -0.51 4.89
CA ILE C 303 13.33 -1.94 4.58
C ILE C 303 14.65 -2.63 4.89
N GLY C 304 14.62 -3.58 5.80
CA GLY C 304 15.76 -4.43 6.01
C GLY C 304 16.03 -5.29 4.79
N ALA C 305 17.15 -6.00 4.84
CA ALA C 305 17.56 -6.91 3.77
C ALA C 305 17.65 -8.30 4.38
N GLY C 306 16.78 -9.21 3.93
CA GLY C 306 16.83 -10.59 4.39
C GLY C 306 16.36 -10.77 5.82
N SER C 307 15.66 -11.85 6.11
CA SER C 307 15.16 -12.09 7.46
C SER C 307 16.29 -12.48 8.38
N ALA C 308 16.92 -13.59 8.04
CA ALA C 308 18.04 -14.11 8.82
C ALA C 308 19.20 -13.12 8.84
N SER C 309 19.63 -12.67 7.66
CA SER C 309 20.54 -11.54 7.42
C SER C 309 21.63 -11.30 8.44
N THR C 310 22.05 -10.03 8.60
CA THR C 310 23.07 -9.68 9.58
C THR C 310 22.71 -8.43 10.39
N ALA C 311 21.63 -7.74 10.04
CA ALA C 311 20.97 -6.70 10.84
C ALA C 311 19.96 -5.99 9.97
N SER C 312 18.77 -5.74 10.50
CA SER C 312 17.75 -5.09 9.68
C SER C 312 16.57 -4.70 10.55
N GLY C 313 15.88 -3.64 10.11
CA GLY C 313 14.72 -3.14 10.82
C GLY C 313 13.45 -3.86 10.42
N ILE C 314 13.16 -3.90 9.13
CA ILE C 314 12.03 -4.66 8.59
C ILE C 314 12.53 -5.38 7.34
N LYS C 315 12.70 -6.70 7.46
CA LYS C 315 13.44 -7.47 6.46
C LYS C 315 12.80 -7.33 5.07
N LEU C 316 13.63 -7.48 4.04
CA LEU C 316 13.17 -7.33 2.67
C LEU C 316 11.94 -8.18 2.37
N THR C 317 11.97 -9.43 2.83
CA THR C 317 10.84 -10.33 2.66
C THR C 317 9.54 -9.67 3.12
N THR C 318 9.59 -9.02 4.29
CA THR C 318 8.40 -8.37 4.82
C THR C 318 7.82 -7.36 3.85
N PHE C 319 8.68 -6.53 3.26
CA PHE C 319 8.23 -5.51 2.31
C PHE C 319 7.55 -6.14 1.11
N ILE C 320 8.21 -7.11 0.48
CA ILE C 320 7.69 -7.79 -0.70
C ILE C 320 6.26 -8.23 -0.42
N VAL C 321 6.11 -9.06 0.62
CA VAL C 321 4.83 -9.63 1.00
C VAL C 321 3.78 -8.54 1.14
N ILE C 322 3.99 -7.63 2.11
CA ILE C 322 3.00 -6.59 2.38
C ILE C 322 2.61 -5.88 1.09
N LEU C 323 3.60 -5.48 0.30
CA LEU C 323 3.31 -4.75 -0.93
C LEU C 323 2.57 -5.62 -1.94
N THR C 324 3.16 -6.76 -2.30
CA THR C 324 2.56 -7.59 -3.35
C THR C 324 1.20 -8.14 -2.92
N SER C 325 0.97 -8.28 -1.60
CA SER C 325 -0.32 -8.74 -1.12
C SER C 325 -1.42 -7.70 -1.40
N VAL C 326 -1.07 -6.42 -1.28
CA VAL C 326 -2.01 -5.37 -1.67
C VAL C 326 -2.25 -5.40 -3.17
N ILE C 327 -1.20 -5.68 -3.95
CA ILE C 327 -1.33 -5.71 -5.41
C ILE C 327 -2.38 -6.72 -5.83
N ALA C 328 -2.50 -7.83 -5.11
CA ALA C 328 -3.51 -8.82 -5.44
C ALA C 328 -4.91 -8.33 -5.08
N TYR C 329 -5.04 -7.63 -3.96
CA TYR C 329 -6.34 -7.10 -3.55
C TYR C 329 -6.95 -6.23 -4.64
N LEU C 330 -6.15 -5.32 -5.19
CA LEU C 330 -6.64 -4.32 -6.14
C LEU C 330 -7.12 -4.99 -7.41
N ARG C 331 -6.79 -6.27 -7.57
CA ARG C 331 -7.21 -7.05 -8.71
C ARG C 331 -8.41 -7.92 -8.34
N GLY C 332 -8.17 -9.09 -7.75
CA GLY C 332 -9.27 -9.96 -7.38
C GLY C 332 -8.91 -11.33 -6.84
N LYS C 333 -7.66 -11.76 -7.02
CA LYS C 333 -7.22 -13.08 -6.55
C LYS C 333 -7.58 -13.30 -5.09
N LYS C 334 -8.47 -14.27 -4.83
CA LYS C 334 -8.92 -14.54 -3.48
C LYS C 334 -7.78 -14.83 -2.51
N GLU C 335 -6.63 -15.24 -3.03
CA GLU C 335 -5.45 -15.54 -2.22
C GLU C 335 -4.24 -14.84 -2.81
N THR C 336 -3.21 -14.70 -1.97
CA THR C 336 -1.94 -14.10 -2.37
C THR C 336 -0.99 -15.21 -2.80
N VAL C 337 -0.80 -15.34 -4.11
CA VAL C 337 0.04 -16.39 -4.69
C VAL C 337 1.25 -15.74 -5.35
N ILE C 338 2.44 -16.22 -5.01
CA ILE C 338 3.69 -15.73 -5.58
C ILE C 338 4.50 -16.92 -6.10
N PHE C 339 5.11 -16.75 -7.28
CA PHE C 339 5.92 -17.80 -7.92
C PHE C 339 5.13 -19.10 -8.09
N ARG C 340 3.81 -18.97 -8.26
CA ARG C 340 2.89 -20.12 -8.36
C ARG C 340 3.05 -21.08 -7.19
N ARG C 341 3.37 -20.55 -6.00
CA ARG C 341 3.43 -21.30 -4.75
C ARG C 341 2.82 -20.40 -3.67
N SER C 342 1.49 -20.43 -3.57
CA SER C 342 0.77 -19.44 -2.78
C SER C 342 1.12 -19.52 -1.30
N ILE C 343 1.38 -18.35 -0.70
CA ILE C 343 1.69 -18.27 0.72
C ILE C 343 0.38 -18.33 1.50
N LYS C 344 0.40 -19.04 2.62
CA LYS C 344 -0.79 -19.15 3.46
C LYS C 344 -0.95 -17.88 4.31
N TYR C 345 -2.20 -17.63 4.69
CA TYR C 345 -2.68 -16.44 5.39
C TYR C 345 -1.82 -15.95 6.56
N PRO C 346 -1.28 -16.82 7.44
CA PRO C 346 -0.51 -16.33 8.59
C PRO C 346 0.63 -15.38 8.26
N ILE C 347 1.34 -15.60 7.14
CA ILE C 347 2.49 -14.74 6.82
C ILE C 347 2.03 -13.31 6.58
N ILE C 348 0.77 -13.11 6.18
CA ILE C 348 0.29 -11.77 5.85
C ILE C 348 0.19 -10.91 7.11
N ILE C 349 -0.45 -11.44 8.16
CA ILE C 349 -0.68 -10.63 9.36
C ILE C 349 0.63 -10.34 10.08
N LYS C 350 1.54 -11.31 10.13
CA LYS C 350 2.83 -11.09 10.77
C LYS C 350 3.64 -10.02 10.06
N ALA C 351 3.61 -10.03 8.72
CA ALA C 351 4.31 -8.99 7.96
C ALA C 351 3.71 -7.62 8.24
N LEU C 352 2.38 -7.52 8.29
CA LEU C 352 1.73 -6.26 8.61
C LEU C 352 2.12 -5.80 10.01
N ALA C 353 2.19 -6.72 10.98
CA ALA C 353 2.58 -6.34 12.32
C ALA C 353 4.00 -5.79 12.36
N VAL C 354 4.94 -6.53 11.78
CA VAL C 354 6.32 -6.04 11.71
C VAL C 354 6.38 -4.72 10.93
N SER C 355 5.43 -4.51 10.01
CA SER C 355 5.42 -3.28 9.23
C SER C 355 5.04 -2.07 10.07
N VAL C 356 3.82 -2.06 10.60
CA VAL C 356 3.33 -0.91 11.36
C VAL C 356 4.20 -0.66 12.58
N THR C 357 4.69 -1.73 13.22
CA THR C 357 5.51 -1.58 14.41
C THR C 357 6.74 -0.72 14.13
N SER C 358 7.53 -1.09 13.12
CA SER C 358 8.70 -0.30 12.75
C SER C 358 8.32 1.14 12.45
N LEU C 359 7.27 1.34 11.65
CA LEU C 359 6.79 2.69 11.38
C LEU C 359 6.34 3.39 12.65
N PHE C 360 5.51 2.70 13.44
CA PHE C 360 4.99 3.30 14.67
C PHE C 360 6.11 3.67 15.62
N ILE C 361 7.21 2.92 15.62
CA ILE C 361 8.33 3.22 16.49
C ILE C 361 9.20 4.33 15.91
N VAL C 362 9.57 4.20 14.63
CA VAL C 362 10.40 5.23 13.99
C VAL C 362 9.73 6.58 14.04
N PHE C 363 8.39 6.60 13.95
CA PHE C 363 7.65 7.84 14.12
C PHE C 363 7.83 8.41 15.52
N LEU C 364 7.81 7.54 16.53
CA LEU C 364 8.02 8.01 17.90
C LEU C 364 9.41 8.61 18.09
N GLY C 365 10.39 8.13 17.33
CA GLY C 365 11.74 8.65 17.40
C GLY C 365 11.90 10.01 16.75
N ILE C 366 11.43 10.15 15.50
CA ILE C 366 11.44 11.44 14.82
C ILE C 366 10.70 12.49 15.64
N PHE C 367 9.67 12.08 16.38
CA PHE C 367 8.95 13.00 17.24
C PHE C 367 9.79 13.40 18.45
N ALA C 368 10.43 12.43 19.09
CA ALA C 368 11.17 12.65 20.32
C ALA C 368 12.60 13.14 20.09
N LEU C 369 12.93 13.61 18.89
CA LEU C 369 14.27 14.13 18.61
C LEU C 369 14.21 15.54 18.04
N THR C 370 13.12 15.86 17.33
CA THR C 370 12.93 17.22 16.81
C THR C 370 12.90 18.26 17.93
N ILE C 371 12.50 17.85 19.14
CA ILE C 371 12.36 18.76 20.26
C ILE C 371 13.61 18.69 21.13
N THR C 372 14.23 17.51 21.17
CA THR C 372 15.40 17.31 22.04
C THR C 372 16.59 18.12 21.56
N GLU C 373 16.85 18.11 20.26
CA GLU C 373 18.01 18.79 19.68
C GLU C 373 17.56 19.71 18.56
N GLN C 374 18.11 20.92 18.54
CA GLN C 374 17.82 21.89 17.49
C GLN C 374 18.64 21.52 16.25
N ALA C 375 18.08 20.64 15.44
CA ALA C 375 18.72 20.08 14.26
C ALA C 375 17.76 20.19 13.08
N PRO C 376 18.28 20.13 11.85
CA PRO C 376 17.39 20.18 10.68
C PRO C 376 16.43 18.99 10.64
N PHE C 377 15.33 19.19 9.92
CA PHE C 377 14.28 18.17 9.89
C PHE C 377 14.66 16.99 9.01
N LEU C 378 15.23 17.26 7.82
CA LEU C 378 15.66 16.18 6.94
C LEU C 378 16.68 15.28 7.62
N GLN C 379 17.57 15.87 8.44
CA GLN C 379 18.56 15.08 9.14
C GLN C 379 17.94 14.30 10.29
N ILE C 380 16.93 14.86 10.94
CA ILE C 380 16.27 14.18 12.04
C ILE C 380 15.53 12.93 11.55
N VAL C 381 14.99 12.98 10.33
CA VAL C 381 14.27 11.82 9.80
C VAL C 381 15.24 10.77 9.28
N PHE C 382 16.31 11.21 8.59
CA PHE C 382 17.32 10.27 8.11
C PHE C 382 17.98 9.54 9.27
N GLU C 383 18.29 10.24 10.35
CA GLU C 383 18.96 9.62 11.49
C GLU C 383 18.09 8.53 12.12
N THR C 384 16.78 8.74 12.19
CA THR C 384 15.92 7.80 12.88
C THR C 384 15.77 6.51 12.08
N PHE C 385 15.43 6.62 10.79
CA PHE C 385 15.33 5.44 9.94
C PHE C 385 16.61 4.62 9.97
N SER C 386 17.77 5.30 9.95
CA SER C 386 19.03 4.59 10.01
C SER C 386 19.26 3.97 11.38
N ALA C 387 18.85 4.66 12.45
CA ALA C 387 19.06 4.14 13.79
C ALA C 387 18.24 2.87 14.00
N PHE C 388 16.97 2.87 13.60
CA PHE C 388 16.14 1.68 13.79
C PHE C 388 16.49 0.56 12.82
N GLY C 389 17.07 0.88 11.67
CA GLY C 389 17.51 -0.13 10.73
C GLY C 389 18.94 -0.58 10.90
N THR C 390 19.68 -0.03 11.86
CA THR C 390 21.11 -0.32 12.03
C THR C 390 21.84 -0.08 10.71
N VAL C 391 21.55 1.06 10.09
CA VAL C 391 21.95 1.26 8.71
C VAL C 391 23.34 1.86 8.60
N GLY C 392 23.74 2.71 9.55
CA GLY C 392 25.07 3.25 9.60
C GLY C 392 25.26 4.57 8.89
N LEU C 393 24.49 4.81 7.84
CA LEU C 393 24.59 6.07 7.11
C LEU C 393 24.03 7.19 7.98
N THR C 394 24.83 8.23 8.20
CA THR C 394 24.46 9.34 9.05
C THR C 394 24.78 10.63 8.32
N MET C 395 23.83 11.57 8.32
CA MET C 395 24.01 12.84 7.63
C MET C 395 24.83 13.84 8.44
N GLY C 396 25.60 13.37 9.41
CA GLY C 396 26.45 14.24 10.18
C GLY C 396 25.85 14.74 11.49
N LEU C 397 24.87 14.02 12.03
CA LEU C 397 24.26 14.38 13.29
C LEU C 397 24.68 13.49 14.45
N THR C 398 25.18 12.28 14.17
CA THR C 398 25.56 11.38 15.24
C THR C 398 26.65 11.96 16.15
N PRO C 399 27.71 12.61 15.65
CA PRO C 399 28.64 13.24 16.60
C PRO C 399 28.00 14.37 17.40
N GLU C 400 27.02 15.08 16.84
CA GLU C 400 26.37 16.21 17.49
C GLU C 400 25.08 15.81 18.20
N LEU C 401 24.95 14.55 18.61
CA LEU C 401 23.80 14.13 19.40
C LEU C 401 23.96 14.62 20.83
N THR C 402 22.90 15.21 21.37
CA THR C 402 22.91 15.63 22.76
C THR C 402 22.73 14.41 23.67
N THR C 403 22.80 14.65 24.98
CA THR C 403 22.67 13.56 25.95
C THR C 403 21.23 13.06 26.03
N ALA C 404 20.26 13.99 26.09
CA ALA C 404 18.86 13.59 26.22
C ALA C 404 18.41 12.78 25.01
N GLY C 405 18.89 13.14 23.83
CA GLY C 405 18.57 12.41 22.62
C GLY C 405 19.35 11.14 22.41
N LYS C 406 20.28 10.81 23.30
CA LYS C 406 21.08 9.60 23.15
C LYS C 406 20.42 8.39 23.79
N CYS C 407 20.05 8.51 25.08
CA CYS C 407 19.45 7.39 25.80
C CYS C 407 18.26 6.81 25.03
N ILE C 408 17.51 7.67 24.35
CA ILE C 408 16.40 7.19 23.53
C ILE C 408 16.90 6.60 22.21
N ILE C 409 17.95 7.19 21.64
CA ILE C 409 18.49 6.68 20.38
C ILE C 409 19.11 5.30 20.58
N ILE C 410 19.74 5.09 21.75
CA ILE C 410 20.29 3.79 22.09
C ILE C 410 19.19 2.73 22.08
N VAL C 411 17.97 3.09 22.49
CA VAL C 411 16.87 2.13 22.46
C VAL C 411 16.42 1.87 21.03
N ILE C 412 16.48 2.90 20.18
CA ILE C 412 16.04 2.74 18.79
C ILE C 412 16.84 1.65 18.10
N MET C 413 18.17 1.80 18.08
CA MET C 413 19.02 0.77 17.51
C MET C 413 18.86 -0.55 18.25
N PHE C 414 18.59 -0.49 19.56
CA PHE C 414 18.34 -1.71 20.33
C PHE C 414 17.08 -2.41 19.84
N ILE C 415 15.99 -1.67 19.67
CA ILE C 415 14.71 -2.26 19.29
C ILE C 415 14.76 -2.76 17.85
N GLY C 416 15.27 -1.94 16.94
CA GLY C 416 15.24 -2.32 15.54
C GLY C 416 16.15 -3.50 15.23
N ARG C 417 17.30 -3.57 15.91
CA ARG C 417 18.22 -4.66 15.72
C ARG C 417 17.64 -5.98 16.19
N ILE C 418 17.01 -5.96 17.37
CA ILE C 418 16.46 -7.16 18.00
C ILE C 418 15.18 -7.56 17.27
N GLY C 419 14.74 -6.73 16.33
CA GLY C 419 13.57 -7.02 15.56
C GLY C 419 12.31 -6.74 16.35
N PRO C 420 11.38 -6.01 15.75
CA PRO C 420 10.20 -5.56 16.51
C PRO C 420 9.30 -6.69 16.97
N LEU C 421 9.41 -7.87 16.38
CA LEU C 421 8.51 -8.97 16.74
C LEU C 421 9.05 -9.75 17.93
N THR C 422 10.20 -10.41 17.76
CA THR C 422 10.82 -11.17 18.82
C THR C 422 11.18 -10.33 20.03
N PHE C 423 11.12 -9.00 19.92
CA PHE C 423 11.35 -8.11 21.04
C PHE C 423 10.08 -7.87 21.84
N VAL C 424 8.94 -7.71 21.17
CA VAL C 424 7.68 -7.47 21.88
C VAL C 424 7.22 -8.75 22.59
N PHE C 425 7.49 -9.92 22.02
CA PHE C 425 7.06 -11.18 22.63
C PHE C 425 7.60 -11.37 24.04
N SER C 426 8.63 -10.62 24.43
CA SER C 426 9.22 -10.78 25.76
C SER C 426 8.26 -10.30 26.84
N PHE C 427 8.06 -8.98 26.93
CA PHE C 427 7.17 -8.37 27.91
C PHE C 427 5.71 -8.35 27.47
N ALA C 428 5.28 -9.33 26.68
CA ALA C 428 3.89 -9.41 26.24
C ALA C 428 3.26 -10.64 26.87
N LYS C 429 2.37 -10.41 27.84
CA LYS C 429 1.64 -11.50 28.47
C LYS C 429 0.74 -12.19 27.45
N THR C 430 1.13 -13.38 27.00
CA THR C 430 0.36 -14.07 25.97
C THR C 430 -1.01 -14.47 26.49
N GLU C 431 -2.06 -14.14 25.73
CA GLU C 431 -3.44 -14.39 26.12
C GLU C 431 -4.12 -15.29 25.10
N GLN C 432 -4.90 -16.27 25.57
CA GLN C 432 -5.54 -17.25 24.72
C GLN C 432 -7.06 -17.14 24.87
N SER C 433 -7.74 -16.85 23.76
CA SER C 433 -9.20 -16.74 23.72
C SER C 433 -9.80 -18.06 23.24
N ASN C 434 -10.82 -18.54 23.97
CA ASN C 434 -11.52 -19.76 23.62
C ASN C 434 -12.92 -19.53 23.08
N ILE C 435 -13.52 -18.38 23.36
CA ILE C 435 -14.89 -18.07 22.96
C ILE C 435 -14.87 -17.13 21.76
N ARG C 436 -15.75 -17.38 20.80
CA ARG C 436 -15.90 -16.49 19.66
C ARG C 436 -16.93 -15.41 19.98
N TYR C 437 -17.06 -14.44 19.07
CA TYR C 437 -17.89 -13.27 19.29
C TYR C 437 -18.62 -12.94 17.99
N PRO C 438 -19.77 -12.25 18.09
CA PRO C 438 -20.56 -11.99 16.89
C PRO C 438 -19.80 -11.15 15.87
N ASP C 439 -20.28 -11.21 14.62
CA ASP C 439 -19.66 -10.48 13.54
C ASP C 439 -19.76 -8.97 13.79
N GLY C 440 -18.71 -8.26 13.39
CA GLY C 440 -18.68 -6.82 13.56
C GLY C 440 -18.46 -6.10 12.25
N GLU C 441 -19.49 -5.44 11.74
CA GLU C 441 -19.39 -4.74 10.47
C GLU C 441 -18.70 -3.39 10.68
N VAL C 442 -17.87 -3.01 9.71
CA VAL C 442 -17.20 -1.71 9.72
C VAL C 442 -16.56 -1.49 8.35
N PHE C 443 -16.71 -0.30 7.79
CA PHE C 443 -16.11 0.01 6.50
C PHE C 443 -14.90 0.92 6.67
N THR C 444 -14.04 0.89 5.66
CA THR C 444 -12.79 1.66 5.70
C THR C 444 -12.41 2.32 4.38
N GLY C 445 -13.13 2.11 3.29
CA GLY C 445 -12.72 2.66 2.00
C GLY C 445 -12.63 4.17 1.89
N THR D 15 -19.45 2.12 -15.27
CA THR D 15 -19.44 1.17 -14.16
C THR D 15 -19.17 1.90 -12.85
N PRO D 16 -19.65 1.34 -11.74
CA PRO D 16 -19.59 2.05 -10.44
C PRO D 16 -18.22 2.64 -10.14
N PRO D 17 -17.10 1.90 -10.35
CA PRO D 17 -15.79 2.52 -10.02
C PRO D 17 -15.39 3.61 -11.01
N GLN D 18 -15.41 3.28 -12.31
CA GLN D 18 -14.92 4.21 -13.33
C GLN D 18 -15.76 5.48 -13.38
N VAL D 19 -17.07 5.36 -13.14
CA VAL D 19 -17.95 6.52 -13.21
C VAL D 19 -17.52 7.57 -12.19
N LEU D 20 -17.18 7.14 -10.98
CA LEU D 20 -16.69 8.08 -9.97
C LEU D 20 -15.27 8.53 -10.25
N ALA D 21 -14.53 7.80 -11.09
CA ALA D 21 -13.16 8.19 -11.40
C ALA D 21 -13.12 9.26 -12.48
N ILE D 22 -13.68 8.96 -13.65
CA ILE D 22 -13.65 9.92 -14.74
C ILE D 22 -14.77 10.95 -14.60
N GLY D 23 -15.86 10.60 -13.90
CA GLY D 23 -16.94 11.56 -13.73
C GLY D 23 -16.59 12.69 -12.79
N PHE D 24 -16.10 12.36 -11.59
CA PHE D 24 -15.61 13.39 -10.68
C PHE D 24 -14.46 14.19 -11.28
N PHE D 25 -13.77 13.63 -12.28
CA PHE D 25 -12.71 14.35 -12.97
C PHE D 25 -13.26 15.49 -13.82
N LEU D 26 -14.51 15.39 -14.26
CA LEU D 26 -15.07 16.43 -15.13
C LEU D 26 -15.55 17.64 -14.34
N THR D 27 -16.11 17.43 -13.14
CA THR D 27 -16.48 18.55 -12.29
C THR D 27 -15.28 19.41 -11.93
N ILE D 28 -14.07 18.84 -12.00
CA ILE D 28 -12.86 19.64 -11.79
C ILE D 28 -12.55 20.46 -13.03
N ILE D 29 -12.64 19.85 -14.20
CA ILE D 29 -12.28 20.53 -15.44
C ILE D 29 -13.31 21.61 -15.76
N ILE D 30 -14.58 21.26 -15.73
CA ILE D 30 -15.64 22.23 -16.03
C ILE D 30 -15.60 23.39 -15.03
N GLY D 31 -15.35 23.08 -13.76
CA GLY D 31 -15.23 24.13 -12.74
C GLY D 31 -13.98 24.97 -12.83
N ALA D 32 -12.91 24.44 -13.44
CA ALA D 32 -11.68 25.21 -13.62
C ALA D 32 -11.81 26.27 -14.70
N VAL D 33 -12.85 26.23 -15.51
CA VAL D 33 -13.17 27.32 -16.41
C VAL D 33 -14.32 28.17 -15.88
N LEU D 34 -15.12 27.66 -14.94
CA LEU D 34 -16.14 28.48 -14.29
C LEU D 34 -15.53 29.58 -13.44
N LEU D 35 -14.26 29.45 -13.07
CA LEU D 35 -13.57 30.43 -12.24
C LEU D 35 -12.49 31.21 -12.97
N MET D 36 -11.89 30.63 -14.03
CA MET D 36 -10.92 31.32 -14.87
C MET D 36 -11.54 32.41 -15.74
N LEU D 37 -12.86 32.63 -15.64
CA LEU D 37 -13.59 33.60 -16.45
C LEU D 37 -13.30 35.01 -15.95
N PRO D 38 -13.18 36.01 -16.85
CA PRO D 38 -12.85 37.37 -16.41
C PRO D 38 -13.84 38.01 -15.44
N ILE D 39 -14.97 37.35 -15.14
CA ILE D 39 -15.92 37.93 -14.19
C ILE D 39 -15.50 37.60 -12.76
N SER D 40 -14.97 36.40 -12.52
CA SER D 40 -14.62 35.93 -11.19
C SER D 40 -13.16 36.20 -10.82
N THR D 41 -12.33 36.66 -11.76
CA THR D 41 -10.92 36.88 -11.48
C THR D 41 -10.60 38.37 -11.63
N THR D 42 -10.05 38.96 -10.57
CA THR D 42 -9.61 40.35 -10.61
C THR D 42 -8.33 40.43 -11.44
N LYS D 43 -7.22 40.01 -10.85
CA LYS D 43 -5.91 39.93 -11.48
C LYS D 43 -5.85 38.73 -12.41
N PRO D 44 -5.01 38.79 -13.46
CA PRO D 44 -4.96 37.67 -14.42
C PRO D 44 -4.64 36.35 -13.74
N LEU D 45 -5.44 35.34 -14.04
CA LEU D 45 -5.29 34.01 -13.47
C LEU D 45 -4.58 33.14 -14.51
N SER D 46 -3.32 32.83 -14.24
CA SER D 46 -2.51 32.04 -15.17
C SER D 46 -3.14 30.68 -15.42
N TRP D 47 -2.80 30.10 -16.57
CA TRP D 47 -3.35 28.79 -16.93
C TRP D 47 -3.03 27.72 -15.90
N ILE D 48 -2.06 27.96 -15.03
CA ILE D 48 -1.65 26.98 -14.03
C ILE D 48 -2.41 27.15 -12.72
N ASP D 49 -2.53 28.38 -12.24
CA ASP D 49 -3.18 28.67 -10.97
C ASP D 49 -4.71 28.70 -11.07
N ALA D 50 -5.27 28.16 -12.15
CA ALA D 50 -6.72 28.10 -12.33
C ALA D 50 -7.25 26.68 -12.31
N LEU D 51 -6.56 25.75 -12.95
CA LEU D 51 -6.89 24.34 -12.85
C LEU D 51 -6.55 23.77 -11.47
N PHE D 52 -6.00 24.59 -10.58
CA PHE D 52 -5.59 24.16 -9.25
C PHE D 52 -6.62 24.55 -8.21
N THR D 53 -6.82 25.86 -8.02
CA THR D 53 -7.73 26.34 -6.99
C THR D 53 -9.14 25.80 -7.19
N ALA D 54 -9.55 25.57 -8.44
CA ALA D 54 -10.83 24.93 -8.70
C ALA D 54 -10.80 23.43 -8.40
N ALA D 55 -9.61 22.81 -8.46
CA ALA D 55 -9.47 21.41 -8.08
C ALA D 55 -9.47 21.23 -6.57
N SER D 56 -9.06 22.27 -5.83
CA SER D 56 -8.96 22.16 -4.38
C SER D 56 -10.32 22.30 -3.70
N ALA D 57 -11.21 23.11 -4.26
CA ALA D 57 -12.54 23.27 -3.66
C ALA D 57 -13.41 22.05 -3.94
N THR D 58 -13.36 21.53 -5.16
CA THR D 58 -14.15 20.35 -5.48
C THR D 58 -13.63 19.11 -4.76
N THR D 59 -12.32 19.02 -4.53
CA THR D 59 -11.77 18.00 -3.64
C THR D 59 -11.83 18.43 -2.18
N VAL D 60 -12.41 19.61 -1.91
CA VAL D 60 -12.71 20.11 -0.57
C VAL D 60 -11.47 19.97 0.29
N THR D 61 -10.31 20.25 -0.32
CA THR D 61 -8.98 19.98 0.21
C THR D 61 -8.47 21.08 1.14
N GLY D 62 -8.44 22.32 0.67
CA GLY D 62 -8.00 23.44 1.47
C GLY D 62 -6.70 24.11 1.04
N LEU D 63 -6.27 23.91 -0.22
CA LEU D 63 -5.09 24.56 -0.74
C LEU D 63 -5.50 25.51 -1.86
N ALA D 64 -4.61 26.44 -2.20
CA ALA D 64 -4.88 27.40 -3.26
C ALA D 64 -3.62 28.15 -3.65
N VAL D 65 -3.35 28.24 -4.96
CA VAL D 65 -2.20 29.02 -5.42
C VAL D 65 -2.44 30.50 -5.18
N VAL D 66 -3.69 30.95 -5.32
CA VAL D 66 -4.03 32.36 -5.12
C VAL D 66 -5.06 32.44 -4.01
N ASP D 67 -5.07 33.59 -3.32
CA ASP D 67 -5.95 33.77 -2.17
C ASP D 67 -7.39 33.89 -2.65
N THR D 68 -8.30 33.19 -1.99
CA THR D 68 -9.65 33.06 -2.51
C THR D 68 -10.48 34.32 -2.29
N GLY D 69 -10.25 35.01 -1.18
CA GLY D 69 -11.11 36.13 -0.83
C GLY D 69 -10.86 37.39 -1.63
N THR D 70 -9.59 37.72 -1.87
CA THR D 70 -9.25 38.97 -2.57
C THR D 70 -9.10 38.78 -4.08
N GLN D 71 -8.52 37.66 -4.52
CA GLN D 71 -8.33 37.43 -5.94
C GLN D 71 -9.66 37.18 -6.64
N PHE D 72 -10.59 36.50 -5.97
CA PHE D 72 -11.87 36.15 -6.55
C PHE D 72 -12.95 37.13 -6.10
N THR D 73 -13.82 37.49 -7.04
CA THR D 73 -14.95 38.38 -6.77
C THR D 73 -16.09 37.55 -6.17
N VAL D 74 -17.28 38.16 -6.05
CA VAL D 74 -18.46 37.45 -5.57
C VAL D 74 -18.80 36.27 -6.47
N PHE D 75 -18.42 36.33 -7.75
CA PHE D 75 -18.57 35.19 -8.65
C PHE D 75 -17.54 34.11 -8.38
N GLY D 76 -16.32 34.49 -7.99
CA GLY D 76 -15.28 33.52 -7.71
C GLY D 76 -15.38 32.85 -6.36
N GLN D 77 -16.25 33.35 -5.47
CA GLN D 77 -16.45 32.76 -4.16
C GLN D 77 -17.70 31.88 -4.11
N THR D 78 -18.75 32.25 -4.84
CA THR D 78 -19.95 31.42 -4.87
C THR D 78 -19.69 30.12 -5.62
N VAL D 79 -18.87 30.16 -6.68
CA VAL D 79 -18.57 28.95 -7.43
C VAL D 79 -17.70 28.01 -6.60
N ILE D 80 -16.80 28.57 -5.80
CA ILE D 80 -16.04 27.76 -4.86
C ILE D 80 -17.00 27.05 -3.89
N MET D 81 -18.01 27.78 -3.40
CA MET D 81 -19.01 27.16 -2.54
C MET D 81 -19.71 26.02 -3.25
N GLY D 82 -20.03 26.18 -4.53
CA GLY D 82 -20.75 25.15 -5.25
C GLY D 82 -19.93 23.88 -5.45
N LEU D 83 -18.64 24.04 -5.78
CA LEU D 83 -17.77 22.88 -5.92
C LEU D 83 -17.57 22.16 -4.59
N ILE D 84 -17.57 22.91 -3.49
CA ILE D 84 -17.51 22.29 -2.17
C ILE D 84 -18.78 21.48 -1.92
N GLN D 85 -19.93 22.01 -2.33
CA GLN D 85 -21.17 21.23 -2.23
C GLN D 85 -21.13 20.03 -3.16
N ILE D 86 -20.46 20.14 -4.30
CA ILE D 86 -20.29 19.01 -5.21
C ILE D 86 -19.42 17.94 -4.54
N GLY D 87 -18.31 18.35 -3.94
CA GLY D 87 -17.48 17.41 -3.21
C GLY D 87 -18.22 16.80 -2.03
N GLY D 88 -19.09 17.56 -1.37
CA GLY D 88 -19.95 16.98 -0.36
C GLY D 88 -20.89 15.95 -0.92
N LEU D 89 -21.36 16.14 -2.16
CA LEU D 89 -22.31 15.21 -2.76
C LEU D 89 -21.64 13.89 -3.11
N GLY D 90 -20.46 13.94 -3.74
CA GLY D 90 -19.72 12.72 -4.00
C GLY D 90 -19.38 11.98 -2.72
N PHE D 91 -19.17 12.72 -1.64
CA PHE D 91 -19.15 12.12 -0.32
C PHE D 91 -20.47 11.40 -0.04
N MET D 92 -21.62 12.03 -0.35
CA MET D 92 -22.90 11.34 -0.11
C MET D 92 -23.06 10.11 -1.00
N THR D 93 -22.37 10.08 -2.13
CA THR D 93 -22.40 8.90 -3.00
C THR D 93 -21.65 7.73 -2.36
N PHE D 94 -20.56 8.01 -1.65
CA PHE D 94 -19.72 6.95 -1.09
C PHE D 94 -20.42 6.20 0.04
N ALA D 95 -21.27 6.88 0.83
CA ALA D 95 -22.01 6.17 1.87
C ALA D 95 -23.12 5.34 1.27
N VAL D 96 -23.75 5.83 0.19
CA VAL D 96 -24.69 5.01 -0.55
C VAL D 96 -24.01 3.72 -0.99
N LEU D 97 -22.75 3.80 -1.43
CA LEU D 97 -21.96 2.60 -1.69
C LEU D 97 -21.75 1.80 -0.41
N ILE D 98 -21.45 2.48 0.69
CA ILE D 98 -21.24 1.79 1.96
C ILE D 98 -22.50 1.08 2.39
N VAL D 99 -23.66 1.71 2.15
CA VAL D 99 -24.93 1.16 2.63
C VAL D 99 -25.23 -0.16 1.95
N MET D 100 -25.08 -0.22 0.63
CA MET D 100 -25.42 -1.46 -0.09
C MET D 100 -24.45 -2.58 0.26
N ILE D 101 -23.17 -2.26 0.43
CA ILE D 101 -22.18 -3.27 0.78
C ILE D 101 -22.23 -3.57 2.28
N ILE D 127 -31.46 5.10 -3.77
CA ILE D 127 -32.16 6.09 -4.58
C ILE D 127 -33.03 6.98 -3.70
N GLY D 128 -33.81 6.34 -2.82
CA GLY D 128 -34.70 7.10 -1.95
C GLY D 128 -33.97 7.94 -0.93
N LEU D 129 -32.74 7.56 -0.58
CA LEU D 129 -31.98 8.33 0.40
C LEU D 129 -31.48 9.65 -0.18
N VAL D 130 -31.25 9.70 -1.50
CA VAL D 130 -30.64 10.87 -2.13
C VAL D 130 -31.40 12.14 -1.81
N LYS D 131 -32.72 12.05 -1.64
CA LYS D 131 -33.50 13.18 -1.16
C LYS D 131 -33.03 13.65 0.20
N VAL D 132 -33.03 12.73 1.18
CA VAL D 132 -32.73 13.11 2.57
C VAL D 132 -31.32 13.70 2.66
N LEU D 133 -30.35 13.02 2.06
CA LEU D 133 -28.95 13.38 2.27
C LEU D 133 -28.68 14.81 1.80
N PHE D 134 -29.18 15.17 0.61
CA PHE D 134 -28.95 16.52 0.13
C PHE D 134 -29.86 17.53 0.84
N LEU D 135 -31.12 17.15 1.09
CA LEU D 135 -32.01 18.04 1.83
C LEU D 135 -31.52 18.24 3.26
N PHE D 136 -31.01 17.18 3.88
CA PHE D 136 -30.46 17.31 5.23
C PHE D 136 -29.15 18.08 5.22
N SER D 137 -28.42 18.06 4.10
CA SER D 137 -27.20 18.85 3.98
C SER D 137 -27.54 20.33 4.08
N ILE D 138 -28.27 20.84 3.09
CA ILE D 138 -28.67 22.24 3.07
C ILE D 138 -29.50 22.61 4.28
N SER D 139 -29.93 21.63 5.06
CA SER D 139 -30.63 21.90 6.31
C SER D 139 -29.67 22.37 7.39
N ILE D 140 -28.74 21.50 7.81
CA ILE D 140 -27.74 21.87 8.81
C ILE D 140 -26.72 22.86 8.25
N GLU D 141 -26.61 22.98 6.92
CA GLU D 141 -25.71 23.97 6.35
C GLU D 141 -26.26 25.38 6.46
N LEU D 142 -27.57 25.53 6.39
CA LEU D 142 -28.19 26.85 6.46
C LEU D 142 -28.45 27.28 7.90
N ILE D 143 -29.02 26.39 8.71
CA ILE D 143 -29.41 26.78 10.07
C ILE D 143 -28.18 27.04 10.93
N ALA D 144 -27.03 26.45 10.60
CA ALA D 144 -25.81 26.66 11.36
C ALA D 144 -24.92 27.74 10.75
N ALA D 145 -25.31 28.31 9.61
CA ALA D 145 -24.56 29.37 8.98
C ALA D 145 -25.30 30.70 9.07
N LEU D 146 -26.37 30.87 8.31
CA LEU D 146 -27.12 32.11 8.26
C LEU D 146 -27.86 32.43 9.55
N ILE D 147 -27.65 31.62 10.60
CA ILE D 147 -28.26 31.86 11.91
C ILE D 147 -27.17 31.92 12.98
N LEU D 148 -26.40 30.84 13.11
CA LEU D 148 -25.42 30.75 14.18
C LEU D 148 -24.07 31.37 13.80
N SER D 149 -23.75 31.42 12.51
CA SER D 149 -22.52 32.05 12.06
C SER D 149 -22.70 33.51 11.68
N ILE D 150 -23.93 33.99 11.57
CA ILE D 150 -24.20 35.40 11.32
C ILE D 150 -24.41 36.18 12.62
N ARG D 151 -24.17 35.54 13.77
CA ARG D 151 -24.36 36.24 15.04
C ARG D 151 -23.26 37.27 15.26
N LEU D 152 -22.02 36.89 14.98
CA LEU D 152 -20.87 37.74 15.27
C LEU D 152 -20.09 38.15 14.03
N VAL D 153 -20.62 37.86 12.84
CA VAL D 153 -20.03 38.31 11.59
C VAL D 153 -20.82 39.45 10.93
N PRO D 154 -21.98 39.98 11.48
CA PRO D 154 -22.65 41.07 10.75
C PRO D 154 -21.90 42.39 10.79
N GLN D 155 -20.67 42.38 11.30
CA GLN D 155 -19.90 43.61 11.45
C GLN D 155 -19.59 44.24 10.10
N TYR D 156 -19.19 43.42 9.11
CA TYR D 156 -18.73 43.95 7.83
C TYR D 156 -19.90 44.45 6.99
N GLY D 157 -21.05 44.64 7.61
CA GLY D 157 -22.25 45.04 6.90
C GLY D 157 -23.02 43.83 6.41
N TRP D 158 -23.86 44.07 5.41
CA TRP D 158 -24.62 43.01 4.78
C TRP D 158 -24.05 42.57 3.44
N SER D 159 -23.20 43.37 2.82
CA SER D 159 -22.52 42.94 1.61
C SER D 159 -21.40 41.96 1.90
N SER D 160 -20.89 41.94 3.13
CA SER D 160 -19.83 41.02 3.52
C SER D 160 -20.10 40.30 4.82
N GLY D 161 -21.23 40.57 5.48
CA GLY D 161 -21.59 39.87 6.69
C GLY D 161 -22.63 38.79 6.44
N LEU D 162 -23.42 38.96 5.38
CA LEU D 162 -24.38 37.93 4.99
C LEU D 162 -23.68 36.82 4.22
N PHE D 163 -22.72 37.17 3.37
CA PHE D 163 -22.08 36.17 2.53
C PHE D 163 -21.02 35.39 3.30
N ALA D 164 -20.16 36.09 4.06
CA ALA D 164 -19.06 35.43 4.74
C ALA D 164 -19.53 34.47 5.83
N SER D 165 -20.79 34.58 6.26
CA SER D 165 -21.35 33.66 7.24
C SER D 165 -21.98 32.41 6.61
N LEU D 166 -22.25 32.44 5.30
CA LEU D 166 -22.77 31.28 4.58
C LEU D 166 -21.68 30.58 3.75
N PHE D 167 -20.68 31.32 3.29
CA PHE D 167 -19.60 30.74 2.51
C PHE D 167 -18.79 29.73 3.30
N HIS D 168 -18.60 29.99 4.60
CA HIS D 168 -17.69 29.15 5.38
C HIS D 168 -18.33 27.86 5.88
N ALA D 169 -19.67 27.83 6.02
CA ALA D 169 -20.31 26.62 6.54
C ALA D 169 -20.46 25.55 5.48
N ILE D 170 -20.76 25.94 4.23
CA ILE D 170 -20.68 24.98 3.14
C ILE D 170 -19.28 24.39 3.07
N SER D 171 -18.28 25.16 3.49
CA SER D 171 -16.90 24.70 3.55
C SER D 171 -16.52 24.08 4.89
N ALA D 172 -17.10 24.57 6.00
CA ALA D 172 -16.83 23.96 7.29
C ALA D 172 -17.49 22.59 7.39
N PHE D 173 -18.81 22.54 7.21
CA PHE D 173 -19.52 21.25 7.30
C PHE D 173 -18.96 20.22 6.32
N ASN D 174 -18.47 20.66 5.15
CA ASN D 174 -17.90 19.76 4.17
C ASN D 174 -16.40 19.53 4.36
N ASN D 175 -15.79 20.14 5.38
CA ASN D 175 -14.37 19.97 5.67
C ASN D 175 -13.50 20.43 4.48
N ALA D 176 -13.58 21.72 4.19
CA ALA D 176 -12.90 22.32 3.04
C ALA D 176 -11.60 23.01 3.42
N GLY D 177 -11.69 24.10 4.19
CA GLY D 177 -10.55 24.94 4.46
C GLY D 177 -10.46 26.17 3.59
N PHE D 178 -11.45 26.41 2.74
CA PHE D 178 -11.50 27.61 1.91
C PHE D 178 -12.12 28.73 2.74
N SER D 179 -11.29 29.66 3.18
CA SER D 179 -11.76 30.81 3.96
C SER D 179 -11.74 32.06 3.09
N LEU D 180 -12.68 32.97 3.38
CA LEU D 180 -12.79 34.22 2.63
C LEU D 180 -11.58 35.11 2.89
N TRP D 181 -11.54 35.75 4.05
CA TRP D 181 -10.48 36.71 4.35
C TRP D 181 -9.10 36.03 4.20
N PRO D 182 -8.07 36.76 3.78
CA PRO D 182 -6.75 36.11 3.58
C PRO D 182 -6.20 35.46 4.82
N ASP D 183 -6.65 35.87 6.00
CA ASP D 183 -6.14 35.29 7.24
C ASP D 183 -6.55 33.83 7.44
N ASN D 184 -7.39 33.27 6.56
CA ASN D 184 -7.76 31.85 6.62
C ASN D 184 -8.37 31.48 7.97
N LEU D 185 -9.22 32.36 8.48
CA LEU D 185 -9.92 32.26 9.77
C LEU D 185 -8.98 32.44 10.97
N MET D 186 -7.68 32.72 10.75
CA MET D 186 -6.79 32.98 11.87
C MET D 186 -7.26 34.16 12.69
N SER D 187 -7.92 35.13 12.06
CA SER D 187 -8.33 36.35 12.75
C SER D 187 -9.21 36.06 13.95
N TYR D 188 -9.90 34.92 13.94
CA TYR D 188 -10.72 34.49 15.07
C TYR D 188 -9.93 33.45 15.86
N VAL D 189 -8.97 33.93 16.65
CA VAL D 189 -8.13 33.03 17.44
C VAL D 189 -8.92 32.43 18.58
N GLY D 190 -9.53 33.28 19.41
CA GLY D 190 -10.28 32.81 20.56
C GLY D 190 -11.72 33.26 20.59
N ASP D 191 -12.32 33.46 19.41
CA ASP D 191 -13.72 33.83 19.33
C ASP D 191 -14.58 32.66 19.77
N PRO D 192 -15.40 32.79 20.81
CA PRO D 192 -16.23 31.64 21.23
C PRO D 192 -17.20 31.17 20.17
N THR D 193 -17.79 32.10 19.41
CA THR D 193 -18.75 31.69 18.39
C THR D 193 -18.07 30.85 17.31
N VAL D 194 -16.94 31.32 16.78
CA VAL D 194 -16.27 30.65 15.67
C VAL D 194 -15.81 29.24 16.08
N ASN D 195 -15.03 29.14 17.16
CA ASN D 195 -14.48 27.85 17.56
C ASN D 195 -15.57 26.87 17.98
N LEU D 196 -16.74 27.37 18.37
CA LEU D 196 -17.82 26.47 18.75
C LEU D 196 -18.74 26.15 17.56
N VAL D 197 -18.98 27.11 16.68
CA VAL D 197 -19.89 26.87 15.56
C VAL D 197 -19.22 26.06 14.47
N ILE D 198 -18.05 26.50 14.01
CA ILE D 198 -17.42 25.85 12.87
C ILE D 198 -16.94 24.44 13.23
N THR D 199 -16.47 24.23 14.47
CA THR D 199 -16.04 22.89 14.86
C THR D 199 -17.17 21.88 14.74
N PHE D 200 -18.35 22.22 15.29
CA PHE D 200 -19.49 21.32 15.18
C PHE D 200 -19.88 21.02 13.73
N LEU D 201 -19.44 21.86 12.78
CA LEU D 201 -19.77 21.63 11.39
C LEU D 201 -18.88 20.56 10.76
N PHE D 202 -17.55 20.69 10.89
CA PHE D 202 -16.67 19.71 10.29
C PHE D 202 -16.43 18.49 11.18
N ILE D 203 -16.85 18.51 12.43
CA ILE D 203 -16.79 17.32 13.28
C ILE D 203 -17.90 16.37 12.89
N THR D 204 -19.15 16.79 13.13
CA THR D 204 -20.28 15.98 12.68
C THR D 204 -20.27 15.82 11.17
N GLY D 205 -20.11 16.92 10.45
CA GLY D 205 -19.84 16.83 9.03
C GLY D 205 -18.73 15.85 8.71
N GLY D 206 -17.72 15.76 9.58
CA GLY D 206 -16.57 14.91 9.32
C GLY D 206 -16.70 13.47 9.77
N ILE D 207 -17.55 13.18 10.75
CA ILE D 207 -17.86 11.79 11.07
C ILE D 207 -18.72 11.20 9.97
N GLY D 208 -18.62 9.88 9.78
CA GLY D 208 -19.29 9.21 8.69
C GLY D 208 -20.79 9.44 8.68
N PHE D 209 -21.41 9.30 7.50
CA PHE D 209 -22.86 9.37 7.41
C PHE D 209 -23.52 8.38 8.35
N THR D 210 -22.89 7.21 8.52
CA THR D 210 -23.46 6.20 9.41
C THR D 210 -23.74 6.81 10.77
N VAL D 211 -22.67 7.24 11.46
CA VAL D 211 -22.84 7.84 12.79
C VAL D 211 -23.70 9.10 12.70
N LEU D 212 -23.68 9.80 11.57
CA LEU D 212 -24.66 10.87 11.35
C LEU D 212 -26.07 10.31 11.36
N PHE D 213 -26.32 9.30 10.53
CA PHE D 213 -27.66 8.72 10.43
C PHE D 213 -27.97 7.81 11.63
N ASP D 214 -26.95 7.15 12.18
CA ASP D 214 -27.18 6.15 13.22
C ASP D 214 -27.73 6.80 14.48
N VAL D 215 -27.03 7.81 15.00
CA VAL D 215 -27.45 8.50 16.21
C VAL D 215 -28.85 9.11 16.05
N MET D 216 -29.31 9.34 14.81
CA MET D 216 -30.63 9.94 14.61
C MET D 216 -31.76 8.97 15.00
N LYS D 217 -31.84 7.83 14.32
CA LYS D 217 -32.94 6.91 14.60
C LYS D 217 -32.65 5.98 15.79
N ASN D 218 -31.38 5.64 16.03
CA ASN D 218 -31.06 4.81 17.19
C ASN D 218 -31.19 5.60 18.49
N ARG D 219 -30.38 6.65 18.65
CA ARG D 219 -30.50 7.61 19.75
C ARG D 219 -30.30 7.01 21.14
N ARG D 220 -30.02 5.72 21.23
CA ARG D 220 -29.79 5.07 22.52
C ARG D 220 -28.29 4.96 22.80
N PHE D 221 -27.93 5.01 24.09
CA PHE D 221 -26.53 4.92 24.48
C PHE D 221 -25.95 3.52 24.26
N LYS D 222 -26.79 2.51 24.02
CA LYS D 222 -26.35 1.13 23.97
C LYS D 222 -26.57 0.45 22.62
N THR D 223 -27.44 0.99 21.76
CA THR D 223 -27.86 0.27 20.55
C THR D 223 -27.02 0.60 19.33
N PHE D 224 -25.97 1.41 19.46
CA PHE D 224 -25.19 1.78 18.29
C PHE D 224 -24.42 0.57 17.77
N SER D 225 -24.35 0.45 16.44
CA SER D 225 -23.65 -0.65 15.83
C SER D 225 -22.15 -0.54 16.11
N LEU D 226 -21.41 -1.54 15.63
CA LEU D 226 -19.96 -1.56 15.83
C LEU D 226 -19.32 -0.29 15.28
N HIS D 227 -19.53 -0.01 13.98
CA HIS D 227 -18.88 1.12 13.33
C HIS D 227 -19.25 2.44 13.98
N THR D 228 -20.54 2.67 14.22
CA THR D 228 -20.97 3.93 14.81
C THR D 228 -20.43 4.09 16.22
N LYS D 229 -20.49 3.02 17.02
CA LYS D 229 -19.94 3.08 18.36
C LYS D 229 -18.43 3.33 18.33
N LEU D 230 -17.75 2.86 17.29
CA LEU D 230 -16.34 3.17 17.12
C LEU D 230 -16.11 4.66 17.01
N MET D 231 -16.78 5.31 16.05
CA MET D 231 -16.46 6.69 15.70
C MET D 231 -16.55 7.62 16.90
N LEU D 232 -17.70 7.61 17.58
CA LEU D 232 -17.90 8.52 18.72
C LEU D 232 -16.79 8.42 19.74
N THR D 233 -16.40 7.20 20.09
CA THR D 233 -15.29 7.00 21.02
C THR D 233 -13.99 7.55 20.44
N GLY D 234 -13.57 7.01 19.30
CA GLY D 234 -12.29 7.40 18.73
C GLY D 234 -12.23 8.87 18.36
N THR D 235 -13.35 9.44 17.93
CA THR D 235 -13.39 10.86 17.60
C THR D 235 -13.05 11.70 18.82
N LEU D 236 -13.85 11.59 19.89
CA LEU D 236 -13.64 12.42 21.08
C LEU D 236 -12.30 12.11 21.73
N MET D 237 -12.02 10.83 21.95
CA MET D 237 -10.81 10.44 22.68
C MET D 237 -9.55 10.98 22.02
N LEU D 238 -9.45 10.86 20.69
CA LEU D 238 -8.29 11.37 19.98
C LEU D 238 -8.16 12.87 20.12
N ASN D 239 -9.28 13.60 20.07
CA ASN D 239 -9.25 15.04 20.26
C ASN D 239 -8.64 15.40 21.61
N ALA D 240 -8.85 14.57 22.63
CA ALA D 240 -8.24 14.83 23.93
C ALA D 240 -6.73 14.67 23.85
N ILE D 241 -6.26 13.60 23.20
CA ILE D 241 -4.84 13.43 22.95
C ILE D 241 -4.31 14.55 22.07
N ALA D 242 -5.11 14.97 21.08
CA ALA D 242 -4.65 16.00 20.17
C ALA D 242 -4.63 17.37 20.86
N MET D 243 -5.66 17.67 21.66
CA MET D 243 -5.64 18.93 22.41
C MET D 243 -4.52 18.94 23.42
N LEU D 244 -4.22 17.79 24.01
CA LEU D 244 -3.09 17.70 24.92
C LEU D 244 -1.77 17.92 24.20
N THR D 245 -1.63 17.37 22.99
CA THR D 245 -0.37 17.47 22.26
C THR D 245 -0.07 18.92 21.87
N VAL D 246 -1.00 19.57 21.18
CA VAL D 246 -0.78 20.94 20.73
C VAL D 246 -0.59 21.87 21.93
N PHE D 247 -1.22 21.54 23.06
CA PHE D 247 -1.13 22.40 24.24
C PHE D 247 0.19 22.24 24.98
N ILE D 248 0.81 21.06 24.92
CA ILE D 248 2.06 20.89 25.65
C ILE D 248 3.25 21.41 24.85
N LEU D 249 3.22 21.28 23.52
CA LEU D 249 4.37 21.67 22.71
C LEU D 249 4.35 23.15 22.34
N GLU D 250 3.20 23.67 21.91
CA GLU D 250 3.08 25.06 21.52
C GLU D 250 2.70 25.96 22.71
N TYR D 251 2.93 25.49 23.93
CA TYR D 251 2.56 26.25 25.12
C TYR D 251 3.47 27.46 25.31
N SER D 252 4.77 27.29 25.09
CA SER D 252 5.74 28.36 25.29
C SER D 252 6.28 28.93 23.98
N ASN D 253 5.86 28.41 22.84
CA ASN D 253 6.41 28.86 21.57
C ASN D 253 5.96 30.29 21.28
N PRO D 254 6.89 31.21 20.97
CA PRO D 254 6.46 32.57 20.63
C PRO D 254 5.67 32.65 19.33
N GLY D 255 5.99 31.79 18.36
CA GLY D 255 5.31 31.83 17.07
C GLY D 255 3.87 31.37 17.13
N THR D 256 3.49 30.65 18.18
CA THR D 256 2.16 30.07 18.30
C THR D 256 1.40 30.78 19.43
N LEU D 257 0.51 30.05 20.12
CA LEU D 257 -0.28 30.69 21.18
C LEU D 257 0.64 31.24 22.27
N GLY D 258 1.66 30.49 22.66
CA GLY D 258 2.70 30.88 23.59
C GLY D 258 2.40 31.97 24.60
N HIS D 259 2.07 33.17 24.11
CA HIS D 259 1.75 34.31 24.95
C HIS D 259 0.28 34.68 24.90
N LEU D 260 -0.55 33.83 24.29
CA LEU D 260 -1.99 34.03 24.32
C LEU D 260 -2.52 33.91 25.74
N HIS D 261 -3.72 34.44 25.96
CA HIS D 261 -4.29 34.39 27.30
C HIS D 261 -4.64 32.95 27.69
N ILE D 262 -4.98 32.78 28.97
CA ILE D 262 -5.20 31.44 29.51
C ILE D 262 -6.39 30.77 28.83
N VAL D 263 -7.42 31.55 28.51
CA VAL D 263 -8.56 30.97 27.80
C VAL D 263 -8.26 30.88 26.31
N ASP D 264 -7.50 31.82 25.76
CA ASP D 264 -7.16 31.80 24.34
C ASP D 264 -6.21 30.65 23.99
N LYS D 265 -5.51 30.08 24.98
CA LYS D 265 -4.66 28.92 24.72
C LYS D 265 -5.45 27.64 24.55
N LEU D 266 -6.66 27.57 25.10
CA LEU D 266 -7.50 26.41 24.90
C LEU D 266 -8.19 26.43 23.54
N TRP D 267 -8.69 27.60 23.12
CA TRP D 267 -9.34 27.71 21.83
C TRP D 267 -8.39 27.45 20.66
N ALA D 268 -7.08 27.56 20.90
CA ALA D 268 -6.08 27.30 19.87
C ALA D 268 -5.58 25.86 19.90
N SER D 269 -5.31 25.32 21.09
CA SER D 269 -4.91 23.92 21.18
C SER D 269 -6.05 23.01 20.79
N TYR D 270 -7.26 23.31 21.23
CA TYR D 270 -8.44 22.53 20.84
C TYR D 270 -8.65 22.60 19.33
N PHE D 271 -8.80 23.81 18.78
CA PHE D 271 -9.13 23.96 17.37
C PHE D 271 -8.05 23.33 16.48
N GLN D 272 -6.78 23.66 16.73
CA GLN D 272 -5.69 23.04 15.98
C GLN D 272 -5.54 21.55 16.27
N ALA D 273 -6.23 21.04 17.28
CA ALA D 273 -6.31 19.61 17.51
C ALA D 273 -7.48 18.97 16.77
N VAL D 274 -8.42 19.77 16.29
CA VAL D 274 -9.57 19.26 15.55
C VAL D 274 -9.56 19.67 14.08
N THR D 275 -8.71 20.62 13.67
CA THR D 275 -8.63 21.05 12.27
C THR D 275 -7.75 20.18 11.37
N PRO D 276 -6.75 19.42 11.87
CA PRO D 276 -6.05 18.49 10.96
C PRO D 276 -6.92 17.36 10.47
N ARG D 277 -8.14 17.24 11.00
CA ARG D 277 -9.11 16.27 10.51
C ARG D 277 -9.69 16.72 9.19
N THR D 278 -8.81 17.07 8.24
CA THR D 278 -9.21 17.48 6.89
C THR D 278 -10.14 18.68 6.91
N ALA D 279 -9.97 19.57 7.89
CA ALA D 279 -10.84 20.73 8.02
C ALA D 279 -10.30 21.92 7.23
N GLY D 280 -9.03 22.25 7.40
CA GLY D 280 -8.38 23.28 6.61
C GLY D 280 -8.42 24.68 7.18
N PHE D 281 -8.81 24.84 8.43
CA PHE D 281 -8.87 26.15 9.07
C PHE D 281 -7.66 26.34 9.98
N ASN D 282 -7.06 27.53 9.89
CA ASN D 282 -5.94 27.89 10.72
C ASN D 282 -6.44 28.74 11.89
N SER D 283 -6.24 28.24 13.11
CA SER D 283 -6.40 29.10 14.28
C SER D 283 -5.12 29.83 14.61
N LEU D 284 -3.97 29.18 14.37
CA LEU D 284 -2.67 29.82 14.42
C LEU D 284 -1.84 29.31 13.24
N ASP D 285 -0.75 30.02 12.94
CA ASP D 285 0.05 29.66 11.78
C ASP D 285 0.89 28.42 12.07
N PHE D 286 1.14 27.64 11.02
CA PHE D 286 1.91 26.41 11.11
C PHE D 286 3.38 26.59 10.73
N GLY D 287 3.72 27.69 10.05
CA GLY D 287 5.08 28.04 9.70
C GLY D 287 5.89 28.64 10.81
N SER D 288 5.41 28.60 12.05
CA SER D 288 6.14 29.13 13.20
C SER D 288 5.79 28.32 14.44
N MET D 289 5.84 26.98 14.35
CA MET D 289 5.56 26.10 15.46
C MET D 289 6.76 25.20 15.71
N ARG D 290 6.79 24.60 16.91
CA ARG D 290 7.84 23.65 17.22
C ARG D 290 7.85 22.52 16.20
N GLU D 291 9.05 22.07 15.83
CA GLU D 291 9.16 21.01 14.84
C GLU D 291 8.37 19.78 15.24
N GLY D 292 8.26 19.53 16.55
CA GLY D 292 7.57 18.32 17.00
C GLY D 292 6.06 18.37 16.76
N THR D 293 5.44 19.54 16.96
CA THR D 293 4.00 19.65 16.75
C THR D 293 3.65 19.37 15.30
N ILE D 294 4.44 19.94 14.38
CA ILE D 294 4.23 19.70 12.95
C ILE D 294 4.27 18.21 12.65
N VAL D 295 5.16 17.47 13.31
CA VAL D 295 5.29 16.03 13.09
C VAL D 295 3.99 15.33 13.43
N PHE D 296 3.52 15.50 14.68
CA PHE D 296 2.29 14.86 15.13
C PHE D 296 1.11 15.21 14.23
N THR D 297 1.14 16.40 13.63
CA THR D 297 0.09 16.78 12.70
C THR D 297 0.15 15.94 11.43
N LEU D 298 1.36 15.67 10.92
CA LEU D 298 1.51 14.85 9.72
C LEU D 298 0.76 13.53 9.86
N LEU D 299 0.86 12.89 11.03
CA LEU D 299 0.10 11.69 11.31
C LEU D 299 -1.37 12.02 11.58
N LEU D 300 -1.61 13.03 12.41
CA LEU D 300 -2.99 13.42 12.73
C LEU D 300 -3.76 13.85 11.49
N MET D 301 -3.06 14.41 10.50
CA MET D 301 -3.68 14.75 9.22
C MET D 301 -3.65 13.59 8.23
N PHE D 302 -2.69 12.66 8.38
CA PHE D 302 -2.65 11.50 7.50
C PHE D 302 -3.89 10.65 7.67
N ILE D 303 -4.16 10.22 8.90
CA ILE D 303 -5.38 9.47 9.19
C ILE D 303 -6.58 10.35 8.89
N GLY D 304 -7.43 9.89 7.99
CA GLY D 304 -8.71 10.54 7.81
C GLY D 304 -9.60 10.37 9.02
N ALA D 305 -10.75 11.02 8.95
CA ALA D 305 -11.72 11.01 10.05
C ALA D 305 -13.05 10.47 9.53
N GLY D 306 -13.38 9.23 9.88
CA GLY D 306 -14.65 8.63 9.50
C GLY D 306 -14.59 7.97 8.15
N SER D 307 -15.37 6.91 7.95
CA SER D 307 -15.29 6.19 6.68
C SER D 307 -15.91 7.00 5.55
N ALA D 308 -17.21 7.25 5.64
CA ALA D 308 -17.89 8.18 4.76
C ALA D 308 -17.23 9.56 4.79
N SER D 309 -17.28 10.22 5.95
CA SER D 309 -16.35 11.26 6.40
C SER D 309 -16.73 12.64 5.88
N THR D 310 -16.43 12.90 4.59
CA THR D 310 -16.56 14.17 3.85
C THR D 310 -15.38 14.19 2.91
N ALA D 311 -14.19 14.06 3.50
CA ALA D 311 -12.94 14.07 2.77
C ALA D 311 -11.86 13.55 3.71
N SER D 312 -11.03 12.65 3.19
CA SER D 312 -9.99 12.03 4.00
C SER D 312 -9.16 11.14 3.10
N GLY D 313 -7.94 10.86 3.56
CA GLY D 313 -7.05 9.95 2.88
C GLY D 313 -7.23 8.53 3.35
N ILE D 314 -6.89 8.28 4.61
CA ILE D 314 -7.06 6.96 5.22
C ILE D 314 -7.94 7.16 6.45
N LYS D 315 -9.19 6.71 6.34
CA LYS D 315 -10.22 7.02 7.32
C LYS D 315 -9.82 6.56 8.71
N LEU D 316 -10.39 7.20 9.73
CA LEU D 316 -10.05 6.89 11.11
C LEU D 316 -10.23 5.42 11.42
N THR D 317 -11.36 4.85 10.98
CA THR D 317 -11.65 3.44 11.19
C THR D 317 -10.49 2.58 10.70
N THR D 318 -9.93 2.92 9.53
CA THR D 318 -8.80 2.17 9.00
C THR D 318 -7.64 2.14 10.00
N PHE D 319 -7.30 3.29 10.56
CA PHE D 319 -6.18 3.37 11.50
C PHE D 319 -6.42 2.51 12.72
N ILE D 320 -7.60 2.64 13.33
CA ILE D 320 -7.97 1.86 14.52
C ILE D 320 -7.74 0.40 14.23
N VAL D 321 -8.46 -0.13 13.24
CA VAL D 321 -8.39 -1.54 12.84
C VAL D 321 -6.95 -1.99 12.71
N ILE D 322 -6.21 -1.37 11.77
CA ILE D 322 -4.82 -1.76 11.53
C ILE D 322 -4.02 -1.76 12.82
N LEU D 323 -4.11 -0.67 13.57
CA LEU D 323 -3.34 -0.57 14.81
C LEU D 323 -3.77 -1.61 15.82
N THR D 324 -5.07 -1.62 16.17
CA THR D 324 -5.53 -2.53 17.22
C THR D 324 -5.41 -3.99 16.80
N SER D 325 -5.42 -4.27 15.48
CA SER D 325 -5.21 -5.64 15.03
C SER D 325 -3.79 -6.09 15.28
N VAL D 326 -2.82 -5.16 15.18
CA VAL D 326 -1.45 -5.48 15.54
C VAL D 326 -1.32 -5.69 17.04
N ILE D 327 -2.01 -4.86 17.83
CA ILE D 327 -1.98 -5.00 19.28
C ILE D 327 -2.42 -6.38 19.71
N ALA D 328 -3.36 -6.98 18.97
CA ALA D 328 -3.81 -8.32 19.30
C ALA D 328 -2.74 -9.36 18.95
N TYR D 329 -2.03 -9.15 17.84
CA TYR D 329 -0.95 -10.07 17.47
C TYR D 329 0.10 -10.18 18.57
N LEU D 330 0.53 -9.03 19.10
CA LEU D 330 1.61 -9.03 20.09
C LEU D 330 1.22 -9.77 21.36
N ARG D 331 -0.07 -10.08 21.51
CA ARG D 331 -0.56 -10.81 22.67
C ARG D 331 -0.81 -12.27 22.30
N GLY D 332 -1.98 -12.57 21.73
CA GLY D 332 -2.28 -13.95 21.37
C GLY D 332 -3.64 -14.23 20.75
N LYS D 333 -4.61 -13.34 20.94
CA LYS D 333 -5.98 -13.56 20.47
C LYS D 333 -6.04 -14.01 19.01
N LYS D 334 -6.54 -15.23 18.78
CA LYS D 334 -6.60 -15.79 17.43
C LYS D 334 -7.38 -14.92 16.47
N GLU D 335 -8.25 -14.05 16.98
CA GLU D 335 -9.06 -13.16 16.16
C GLU D 335 -9.00 -11.75 16.73
N THR D 336 -9.30 -10.79 15.86
CA THR D 336 -9.31 -9.37 16.24
C THR D 336 -10.73 -9.02 16.67
N VAL D 337 -10.95 -8.97 17.98
CA VAL D 337 -12.26 -8.68 18.54
C VAL D 337 -12.24 -7.30 19.17
N ILE D 338 -13.24 -6.49 18.85
CA ILE D 338 -13.40 -5.14 19.40
C ILE D 338 -14.81 -5.02 19.95
N PHE D 339 -14.93 -4.46 21.16
CA PHE D 339 -16.21 -4.21 21.82
C PHE D 339 -17.02 -5.50 21.97
N ARG D 340 -16.33 -6.62 22.17
CA ARG D 340 -16.95 -7.94 22.30
C ARG D 340 -17.85 -8.26 21.10
N ARG D 341 -17.48 -7.76 19.93
CA ARG D 341 -18.17 -8.04 18.67
C ARG D 341 -17.09 -8.13 17.59
N SER D 342 -16.50 -9.32 17.48
CA SER D 342 -15.29 -9.50 16.69
C SER D 342 -15.51 -9.21 15.21
N ILE D 343 -14.55 -8.52 14.62
CA ILE D 343 -14.60 -8.18 13.21
C ILE D 343 -14.06 -9.35 12.40
N LYS D 344 -14.70 -9.62 11.27
CA LYS D 344 -14.26 -10.75 10.46
C LYS D 344 -13.02 -10.35 9.65
N TYR D 345 -12.30 -11.37 9.20
CA TYR D 345 -10.99 -11.20 8.57
C TYR D 345 -10.96 -10.23 7.39
N PRO D 346 -11.96 -10.18 6.48
CA PRO D 346 -11.83 -9.27 5.33
C PRO D 346 -11.56 -7.81 5.67
N ILE D 347 -12.04 -7.33 6.82
CA ILE D 347 -11.82 -5.93 7.16
C ILE D 347 -10.35 -5.66 7.42
N ILE D 348 -9.60 -6.71 7.79
CA ILE D 348 -8.19 -6.53 8.10
C ILE D 348 -7.39 -6.26 6.83
N ILE D 349 -7.59 -7.07 5.79
CA ILE D 349 -6.78 -6.94 4.59
C ILE D 349 -7.11 -5.64 3.85
N LYS D 350 -8.38 -5.26 3.84
CA LYS D 350 -8.76 -4.01 3.17
C LYS D 350 -8.17 -2.80 3.89
N ALA D 351 -8.19 -2.81 5.22
CA ALA D 351 -7.60 -1.71 5.98
C ALA D 351 -6.11 -1.59 5.71
N LEU D 352 -5.41 -2.72 5.70
CA LEU D 352 -3.98 -2.71 5.37
C LEU D 352 -3.76 -2.14 3.97
N ALA D 353 -4.59 -2.53 3.01
CA ALA D 353 -4.43 -2.05 1.65
C ALA D 353 -4.57 -0.54 1.57
N VAL D 354 -5.66 0.00 2.13
CA VAL D 354 -5.85 1.45 2.20
C VAL D 354 -4.69 2.09 2.97
N SER D 355 -4.11 1.36 3.93
CA SER D 355 -3.00 1.92 4.71
C SER D 355 -1.78 2.14 3.85
N VAL D 356 -1.22 1.06 3.31
CA VAL D 356 0.03 1.16 2.55
C VAL D 356 -0.16 2.01 1.31
N THR D 357 -1.33 1.93 0.68
CA THR D 357 -1.56 2.71 -0.54
C THR D 357 -1.40 4.21 -0.27
N SER D 358 -2.05 4.71 0.78
CA SER D 358 -1.90 6.12 1.13
C SER D 358 -0.43 6.47 1.40
N LEU D 359 0.25 5.64 2.20
CA LEU D 359 1.66 5.87 2.47
C LEU D 359 2.48 5.78 1.19
N PHE D 360 2.28 4.71 0.41
CA PHE D 360 3.05 4.51 -0.81
C PHE D 360 2.89 5.66 -1.78
N ILE D 361 1.72 6.29 -1.80
CA ILE D 361 1.50 7.43 -2.70
C ILE D 361 2.10 8.70 -2.11
N VAL D 362 1.85 8.94 -0.82
CA VAL D 362 2.38 10.13 -0.16
C VAL D 362 3.91 10.14 -0.25
N PHE D 363 4.53 8.97 -0.16
CA PHE D 363 5.98 8.91 -0.34
C PHE D 363 6.38 9.33 -1.75
N LEU D 364 5.61 8.89 -2.77
CA LEU D 364 5.90 9.28 -4.14
C LEU D 364 5.82 10.78 -4.34
N GLY D 365 4.99 11.46 -3.55
CA GLY D 365 4.87 12.90 -3.64
C GLY D 365 6.00 13.65 -2.99
N ILE D 366 6.33 13.27 -1.74
CA ILE D 366 7.47 13.85 -1.04
C ILE D 366 8.73 13.68 -1.85
N PHE D 367 8.84 12.57 -2.57
CA PHE D 367 9.98 12.34 -3.44
C PHE D 367 9.94 13.25 -4.66
N ALA D 368 8.79 13.33 -5.32
CA ALA D 368 8.66 14.10 -6.56
C ALA D 368 8.45 15.59 -6.32
N LEU D 369 8.73 16.09 -5.13
CA LEU D 369 8.57 17.51 -4.85
C LEU D 369 9.85 18.11 -4.28
N THR D 370 10.65 17.29 -3.59
CA THR D 370 11.93 17.75 -3.08
C THR D 370 12.86 18.18 -4.20
N ILE D 371 12.69 17.63 -5.39
CA ILE D 371 13.57 17.92 -6.51
C ILE D 371 12.94 18.98 -7.40
N THR D 372 11.61 19.03 -7.42
CA THR D 372 10.90 19.95 -8.30
C THR D 372 11.08 21.40 -7.84
N GLU D 373 10.99 21.64 -6.53
CA GLU D 373 11.03 22.97 -5.98
C GLU D 373 12.02 23.02 -4.82
N GLN D 374 12.86 24.05 -4.81
CA GLN D 374 13.86 24.23 -3.76
C GLN D 374 13.16 24.80 -2.53
N ALA D 375 12.64 23.90 -1.71
CA ALA D 375 11.86 24.22 -0.52
C ALA D 375 12.40 23.45 0.66
N PRO D 376 12.11 23.88 1.89
CA PRO D 376 12.57 23.13 3.06
C PRO D 376 11.94 21.74 3.10
N PHE D 377 12.61 20.85 3.85
CA PHE D 377 12.17 19.46 3.87
C PHE D 377 10.96 19.27 4.76
N LEU D 378 10.94 19.91 5.93
CA LEU D 378 9.79 19.81 6.82
C LEU D 378 8.52 20.29 6.13
N GLN D 379 8.63 21.32 5.28
CA GLN D 379 7.46 21.84 4.58
C GLN D 379 7.04 20.91 3.45
N ILE D 380 8.01 20.29 2.77
CA ILE D 380 7.69 19.40 1.67
C ILE D 380 6.94 18.17 2.17
N VAL D 381 7.21 17.72 3.39
CA VAL D 381 6.52 16.56 3.93
C VAL D 381 5.14 16.94 4.46
N PHE D 382 5.06 18.06 5.18
CA PHE D 382 3.76 18.54 5.65
C PHE D 382 2.80 18.78 4.50
N GLU D 383 3.29 19.36 3.40
CA GLU D 383 2.42 19.67 2.27
C GLU D 383 1.85 18.40 1.65
N THR D 384 2.64 17.34 1.57
CA THR D 384 2.20 16.14 0.88
C THR D 384 1.13 15.41 1.69
N PHE D 385 1.39 15.19 2.98
CA PHE D 385 0.39 14.56 3.84
C PHE D 385 -0.92 15.33 3.82
N SER D 386 -0.84 16.67 3.80
CA SER D 386 -2.06 17.47 3.72
C SER D 386 -2.70 17.35 2.35
N ALA D 387 -1.90 17.28 1.29
CA ALA D 387 -2.45 17.25 -0.06
C ALA D 387 -3.22 15.94 -0.30
N PHE D 388 -2.67 14.81 0.12
CA PHE D 388 -3.35 13.53 -0.07
C PHE D 388 -4.51 13.33 0.90
N GLY D 389 -4.46 13.95 2.07
CA GLY D 389 -5.55 13.86 3.01
C GLY D 389 -6.62 14.92 2.86
N THR D 390 -6.44 15.85 1.91
CA THR D 390 -7.33 17.01 1.74
C THR D 390 -7.50 17.75 3.08
N VAL D 391 -6.36 18.06 3.68
CA VAL D 391 -6.36 18.53 5.07
C VAL D 391 -6.48 20.05 5.16
N GLY D 392 -5.93 20.78 4.19
CA GLY D 392 -6.06 22.21 4.12
C GLY D 392 -4.97 22.99 4.83
N LEU D 393 -4.39 22.43 5.89
CA LEU D 393 -3.31 23.11 6.58
C LEU D 393 -2.06 23.11 5.71
N THR D 394 -1.52 24.30 5.45
CA THR D 394 -0.35 24.47 4.61
C THR D 394 0.66 25.36 5.35
N MET D 395 1.91 24.94 5.38
CA MET D 395 2.97 25.68 6.06
C MET D 395 3.49 26.84 5.23
N GLY D 396 2.72 27.34 4.26
CA GLY D 396 3.15 28.48 3.49
C GLY D 396 3.85 28.16 2.19
N LEU D 397 3.61 26.96 1.63
CA LEU D 397 4.22 26.55 0.37
C LEU D 397 3.23 26.48 -0.78
N THR D 398 1.94 26.44 -0.50
CA THR D 398 0.96 26.36 -1.58
C THR D 398 0.98 27.57 -2.51
N PRO D 399 1.08 28.82 -2.04
CA PRO D 399 1.19 29.93 -3.00
C PRO D 399 2.47 29.89 -3.82
N GLU D 400 3.57 29.39 -3.25
CA GLU D 400 4.85 29.35 -3.94
C GLU D 400 5.10 28.00 -4.63
N LEU D 401 4.05 27.32 -5.06
CA LEU D 401 4.19 26.07 -5.80
C LEU D 401 4.54 26.37 -7.25
N THR D 402 5.55 25.69 -7.77
CA THR D 402 5.93 25.87 -9.16
C THR D 402 4.91 25.19 -10.08
N THR D 403 5.07 25.40 -11.38
CA THR D 403 4.18 24.76 -12.35
C THR D 403 4.43 23.27 -12.41
N ALA D 404 5.70 22.84 -12.41
CA ALA D 404 6.01 21.42 -12.51
C ALA D 404 5.48 20.65 -11.30
N GLY D 405 5.57 21.24 -10.12
CA GLY D 405 5.07 20.62 -8.92
C GLY D 405 3.57 20.71 -8.71
N LYS D 406 2.84 21.34 -9.63
CA LYS D 406 1.41 21.51 -9.48
C LYS D 406 0.62 20.36 -10.09
N CYS D 407 0.87 20.05 -11.36
CA CYS D 407 0.12 18.99 -12.04
C CYS D 407 0.16 17.69 -11.25
N ILE D 408 1.29 17.39 -10.61
CA ILE D 408 1.39 16.18 -9.79
C ILE D 408 0.62 16.37 -8.48
N ILE D 409 0.67 17.57 -7.92
CA ILE D 409 -0.06 17.84 -6.68
C ILE D 409 -1.56 17.78 -6.93
N ILE D 410 -2.01 18.26 -8.10
CA ILE D 410 -3.42 18.14 -8.46
C ILE D 410 -3.85 16.68 -8.47
N VAL D 411 -2.95 15.77 -8.84
CA VAL D 411 -3.27 14.35 -8.79
C VAL D 411 -3.29 13.83 -7.35
N ILE D 412 -2.42 14.37 -6.50
CA ILE D 412 -2.36 13.91 -5.11
C ILE D 412 -3.70 14.14 -4.41
N MET D 413 -4.18 15.38 -4.41
CA MET D 413 -5.49 15.67 -3.85
C MET D 413 -6.58 14.92 -4.59
N PHE D 414 -6.39 14.69 -5.89
CA PHE D 414 -7.35 13.89 -6.66
C PHE D 414 -7.40 12.46 -6.13
N ILE D 415 -6.24 11.82 -5.99
CA ILE D 415 -6.20 10.42 -5.57
C ILE D 415 -6.65 10.28 -4.12
N GLY D 416 -6.25 11.20 -3.26
CA GLY D 416 -6.53 11.06 -1.84
C GLY D 416 -8.01 11.21 -1.52
N ARG D 417 -8.64 12.23 -2.11
CA ARG D 417 -10.06 12.47 -1.86
C ARG D 417 -10.91 11.31 -2.40
N ILE D 418 -10.58 10.82 -3.59
CA ILE D 418 -11.35 9.77 -4.25
C ILE D 418 -11.08 8.44 -3.54
N GLY D 419 -10.17 8.47 -2.57
CA GLY D 419 -9.86 7.31 -1.77
C GLY D 419 -9.01 6.33 -2.54
N PRO D 420 -7.96 5.83 -1.90
CA PRO D 420 -7.02 4.95 -2.61
C PRO D 420 -7.62 3.63 -3.06
N LEU D 421 -8.78 3.24 -2.54
CA LEU D 421 -9.37 1.95 -2.89
C LEU D 421 -10.32 2.07 -4.08
N THR D 422 -11.41 2.83 -3.91
CA THR D 422 -12.39 3.01 -4.97
C THR D 422 -11.80 3.66 -6.21
N PHE D 423 -10.60 4.24 -6.10
CA PHE D 423 -9.93 4.84 -7.23
C PHE D 423 -9.14 3.82 -8.03
N VAL D 424 -8.49 2.87 -7.35
CA VAL D 424 -7.71 1.88 -8.06
C VAL D 424 -8.62 0.86 -8.77
N PHE D 425 -9.79 0.58 -8.21
CA PHE D 425 -10.71 -0.38 -8.81
C PHE D 425 -11.13 -0.02 -10.23
N SER D 426 -10.93 1.24 -10.64
CA SER D 426 -11.32 1.67 -11.98
C SER D 426 -10.44 1.02 -13.05
N PHE D 427 -9.18 1.45 -13.13
CA PHE D 427 -8.21 0.93 -14.09
C PHE D 427 -7.53 -0.34 -13.61
N ALA D 428 -8.23 -1.17 -12.84
CA ALA D 428 -7.69 -2.44 -12.37
C ALA D 428 -8.48 -3.58 -13.00
N LYS D 429 -7.86 -4.29 -13.94
CA LYS D 429 -8.50 -5.46 -14.55
C LYS D 429 -8.69 -6.55 -13.51
N THR D 430 -9.92 -6.71 -13.02
CA THR D 430 -10.19 -7.70 -11.97
C THR D 430 -9.92 -9.11 -12.49
N GLU D 431 -9.19 -9.89 -11.69
CA GLU D 431 -8.79 -11.23 -12.06
C GLU D 431 -9.29 -12.23 -11.02
N GLN D 432 -9.83 -13.34 -11.48
CA GLN D 432 -10.44 -14.35 -10.61
C GLN D 432 -9.66 -15.66 -10.74
N SER D 433 -9.03 -16.09 -9.65
CA SER D 433 -8.29 -17.34 -9.62
C SER D 433 -9.21 -18.47 -9.14
N ASN D 434 -9.27 -19.54 -9.93
CA ASN D 434 -10.07 -20.70 -9.59
C ASN D 434 -9.25 -21.89 -9.09
N ILE D 435 -7.94 -21.86 -9.28
CA ILE D 435 -7.06 -22.96 -8.91
C ILE D 435 -6.15 -22.53 -7.78
N ARG D 436 -5.96 -23.42 -6.81
CA ARG D 436 -5.09 -23.13 -5.68
C ARG D 436 -3.68 -23.61 -5.96
N TYR D 437 -2.77 -23.32 -5.03
CA TYR D 437 -1.35 -23.55 -5.23
C TYR D 437 -0.71 -24.04 -3.94
N PRO D 438 0.50 -24.61 -3.98
CA PRO D 438 1.09 -25.17 -2.76
C PRO D 438 1.49 -24.10 -1.76
N ASP D 439 1.69 -24.54 -0.52
CA ASP D 439 2.11 -23.63 0.54
C ASP D 439 3.50 -23.08 0.26
N GLY D 440 3.73 -21.86 0.72
CA GLY D 440 5.03 -21.23 0.55
C GLY D 440 5.56 -20.65 1.84
N GLU D 441 6.63 -21.25 2.36
CA GLU D 441 7.22 -20.78 3.61
C GLU D 441 8.12 -19.57 3.34
N VAL D 442 8.16 -18.66 4.31
CA VAL D 442 8.97 -17.45 4.20
C VAL D 442 9.08 -16.79 5.56
N PHE D 443 10.25 -16.25 5.87
CA PHE D 443 10.50 -15.60 7.15
C PHE D 443 10.37 -14.09 7.04
N THR D 444 10.06 -13.45 8.17
CA THR D 444 9.94 -12.00 8.20
C THR D 444 10.42 -11.41 9.53
N GLY D 445 10.56 -12.23 10.56
CA GLY D 445 10.85 -11.74 11.90
C GLY D 445 12.10 -10.89 12.07
N LYS E 7 9.91 -73.87 -8.62
CA LYS E 7 9.12 -74.95 -9.19
C LYS E 7 7.76 -75.06 -8.52
N GLN E 8 7.76 -75.20 -7.21
CA GLN E 8 6.53 -75.28 -6.43
C GLN E 8 6.14 -73.87 -5.98
N PHE E 9 4.96 -73.42 -6.39
CA PHE E 9 4.47 -72.08 -6.07
C PHE E 9 3.20 -72.20 -5.23
N ALA E 10 3.08 -71.32 -4.24
CA ALA E 10 1.93 -71.26 -3.36
C ALA E 10 1.63 -69.80 -3.04
N VAL E 11 0.38 -69.39 -3.24
CA VAL E 11 -0.05 -68.01 -3.03
C VAL E 11 -1.12 -68.01 -1.93
N ILE E 12 -0.84 -67.29 -0.85
CA ILE E 12 -1.76 -67.15 0.26
C ILE E 12 -2.57 -65.88 0.07
N GLY E 13 -3.87 -65.95 0.36
CA GLY E 13 -4.73 -64.80 0.19
C GLY E 13 -5.11 -64.58 -1.26
N LEU E 14 -6.36 -64.86 -1.60
CA LEU E 14 -6.85 -64.72 -2.97
C LEU E 14 -7.60 -63.40 -3.16
N GLY E 15 -6.98 -62.29 -2.78
CA GLY E 15 -7.56 -61.00 -3.08
C GLY E 15 -7.45 -60.69 -4.56
N ARG E 16 -7.62 -59.42 -4.93
CA ARG E 16 -7.42 -59.04 -6.31
C ARG E 16 -6.00 -59.32 -6.77
N PHE E 17 -5.01 -59.09 -5.89
CA PHE E 17 -3.62 -59.35 -6.25
C PHE E 17 -3.32 -60.84 -6.23
N GLY E 18 -3.60 -61.50 -5.11
CA GLY E 18 -3.33 -62.92 -4.98
C GLY E 18 -4.16 -63.79 -5.90
N GLY E 19 -5.23 -63.25 -6.47
CA GLY E 19 -5.98 -63.97 -7.47
C GLY E 19 -5.43 -63.79 -8.86
N SER E 20 -4.79 -62.65 -9.12
CA SER E 20 -4.21 -62.38 -10.44
C SER E 20 -2.87 -63.07 -10.65
N ILE E 21 -2.31 -63.70 -9.61
CA ILE E 21 -1.04 -64.41 -9.71
C ILE E 21 -1.32 -65.90 -9.79
N VAL E 22 -2.43 -66.32 -9.18
CA VAL E 22 -2.84 -67.71 -9.25
C VAL E 22 -3.33 -68.06 -10.65
N LYS E 23 -4.13 -67.17 -11.25
CA LYS E 23 -4.63 -67.42 -12.60
C LYS E 23 -3.55 -67.26 -13.67
N GLU E 24 -2.55 -66.39 -13.43
CA GLU E 24 -1.50 -66.15 -14.42
C GLU E 24 -0.47 -67.28 -14.41
N LEU E 25 0.03 -67.63 -13.23
CA LEU E 25 0.99 -68.74 -13.13
C LEU E 25 0.40 -70.03 -13.67
N HIS E 26 -0.91 -70.23 -13.46
CA HIS E 26 -1.58 -71.41 -14.00
C HIS E 26 -1.73 -71.33 -15.51
N ARG E 27 -1.77 -70.12 -16.07
CA ARG E 27 -1.95 -69.95 -17.50
C ARG E 27 -0.76 -70.49 -18.28
N MET E 28 0.45 -70.03 -17.94
CA MET E 28 1.65 -70.55 -18.58
C MET E 28 1.78 -72.05 -18.40
N GLY E 29 1.52 -72.54 -17.19
CA GLY E 29 1.60 -73.96 -16.91
C GLY E 29 2.48 -74.29 -15.73
N HIS E 30 2.33 -73.51 -14.65
CA HIS E 30 3.10 -73.70 -13.42
C HIS E 30 2.16 -74.08 -12.29
N GLU E 31 2.64 -74.91 -11.39
CA GLU E 31 1.84 -75.38 -10.27
C GLU E 31 1.67 -74.28 -9.23
N VAL E 32 0.42 -74.03 -8.83
CA VAL E 32 0.09 -72.96 -7.88
C VAL E 32 -0.77 -73.55 -6.78
N LEU E 33 -0.29 -73.48 -5.54
CA LEU E 33 -1.08 -73.87 -4.37
C LEU E 33 -1.80 -72.62 -3.86
N ALA E 34 -2.92 -72.31 -4.51
CA ALA E 34 -3.73 -71.18 -4.07
C ALA E 34 -4.40 -71.50 -2.74
N VAL E 35 -4.53 -70.48 -1.90
CA VAL E 35 -5.14 -70.64 -0.58
C VAL E 35 -5.54 -69.27 -0.03
N ASP E 36 -6.74 -69.19 0.57
CA ASP E 36 -7.27 -67.97 1.16
C ASP E 36 -8.03 -68.33 2.44
N ILE E 37 -8.32 -67.31 3.26
CA ILE E 37 -8.91 -67.56 4.57
C ILE E 37 -10.33 -68.12 4.42
N ASN E 38 -11.14 -67.51 3.54
CA ASN E 38 -12.52 -67.94 3.34
C ASN E 38 -12.55 -69.06 2.29
N GLU E 39 -13.76 -69.51 1.93
CA GLU E 39 -13.95 -70.41 0.79
C GLU E 39 -14.60 -69.73 -0.40
N GLU E 40 -15.19 -68.54 -0.21
CA GLU E 40 -15.87 -67.87 -1.31
C GLU E 40 -14.95 -67.65 -2.50
N LYS E 41 -13.68 -67.31 -2.23
CA LYS E 41 -12.69 -67.09 -3.27
C LYS E 41 -12.04 -68.40 -3.73
N VAL E 42 -11.77 -69.32 -2.80
CA VAL E 42 -11.13 -70.58 -3.15
C VAL E 42 -12.02 -71.39 -4.10
N ASN E 43 -13.33 -71.16 -4.06
CA ASN E 43 -14.24 -71.85 -4.99
C ASN E 43 -13.98 -71.41 -6.42
N ALA E 44 -13.99 -70.10 -6.68
CA ALA E 44 -13.79 -69.58 -8.03
C ALA E 44 -12.40 -69.85 -8.58
N TYR E 45 -11.45 -70.22 -7.73
CA TYR E 45 -10.09 -70.52 -8.14
C TYR E 45 -9.75 -72.00 -8.04
N ALA E 46 -10.77 -72.86 -8.17
CA ALA E 46 -10.54 -74.30 -8.15
C ALA E 46 -9.89 -74.79 -9.44
N SER E 47 -10.24 -74.19 -10.57
CA SER E 47 -9.67 -74.52 -11.87
C SER E 47 -8.64 -73.50 -12.33
N TYR E 48 -8.28 -72.55 -11.46
CA TYR E 48 -7.29 -71.54 -11.77
C TYR E 48 -5.96 -71.80 -11.08
N ALA E 49 -5.83 -72.96 -10.43
CA ALA E 49 -4.61 -73.30 -9.70
C ALA E 49 -4.43 -74.81 -9.70
N THR E 50 -3.19 -75.23 -9.43
CA THR E 50 -2.91 -76.65 -9.29
C THR E 50 -3.64 -77.24 -8.09
N HIS E 51 -3.73 -76.47 -7.00
CA HIS E 51 -4.42 -76.92 -5.80
C HIS E 51 -5.04 -75.72 -5.10
N ALA E 52 -6.38 -75.72 -5.01
CA ALA E 52 -7.12 -74.69 -4.27
C ALA E 52 -7.43 -75.21 -2.87
N VAL E 53 -7.04 -74.43 -1.86
CA VAL E 53 -7.15 -74.85 -0.47
C VAL E 53 -7.82 -73.75 0.35
N ILE E 54 -8.63 -74.15 1.33
CA ILE E 54 -9.30 -73.25 2.26
C ILE E 54 -8.61 -73.40 3.61
N ALA E 55 -7.91 -72.35 4.04
CA ALA E 55 -7.14 -72.41 5.28
C ALA E 55 -6.85 -71.00 5.79
N ASN E 56 -6.58 -70.91 7.10
CA ASN E 56 -6.13 -69.67 7.73
C ASN E 56 -4.63 -69.75 7.93
N ALA E 57 -3.89 -68.80 7.36
CA ALA E 57 -2.44 -68.87 7.37
C ALA E 57 -1.82 -68.51 8.71
N THR E 58 -2.64 -68.30 9.75
CA THR E 58 -2.15 -68.01 11.09
C THR E 58 -2.07 -69.26 11.97
N GLU E 59 -2.75 -70.35 11.59
CA GLU E 59 -2.69 -71.58 12.35
C GLU E 59 -1.54 -72.44 11.87
N GLU E 60 -0.77 -72.98 12.81
CA GLU E 60 0.41 -73.76 12.45
C GLU E 60 0.02 -75.06 11.76
N ASN E 61 -0.91 -75.82 12.36
CA ASN E 61 -1.26 -77.13 11.84
C ASN E 61 -1.78 -77.07 10.42
N GLU E 62 -2.37 -75.95 10.03
CA GLU E 62 -2.85 -75.81 8.65
C GLU E 62 -1.72 -75.53 7.68
N LEU E 63 -0.66 -74.85 8.12
CA LEU E 63 0.50 -74.65 7.26
C LEU E 63 1.27 -75.94 7.08
N LEU E 64 1.41 -76.74 8.14
CA LEU E 64 2.13 -78.00 8.05
C LEU E 64 1.35 -79.01 7.21
N SER E 65 0.06 -79.18 7.51
CA SER E 65 -0.75 -80.16 6.80
C SER E 65 -0.87 -79.85 5.32
N LEU E 66 -0.57 -78.62 4.92
CA LEU E 66 -0.58 -78.22 3.52
C LEU E 66 0.74 -78.45 2.81
N GLY E 67 1.75 -78.94 3.52
CA GLY E 67 3.05 -79.14 2.91
C GLY E 67 3.64 -77.87 2.35
N ILE E 68 3.36 -76.73 2.99
CA ILE E 68 3.78 -75.44 2.46
C ILE E 68 5.30 -75.34 2.40
N ARG E 69 6.00 -76.06 3.28
CA ARG E 69 7.46 -76.02 3.30
C ARG E 69 8.06 -76.46 1.98
N ASN E 70 7.41 -77.39 1.27
CA ASN E 70 7.91 -77.85 -0.02
C ASN E 70 7.89 -76.76 -1.07
N PHE E 71 7.31 -75.60 -0.79
CA PHE E 71 7.19 -74.51 -1.74
C PHE E 71 8.30 -73.49 -1.48
N GLU E 72 9.23 -73.37 -2.43
CA GLU E 72 10.30 -72.39 -2.29
C GLU E 72 9.80 -70.96 -2.41
N TYR E 73 8.58 -70.77 -2.94
CA TYR E 73 8.03 -69.45 -3.21
C TYR E 73 6.61 -69.38 -2.63
N VAL E 74 6.47 -68.73 -1.48
CA VAL E 74 5.18 -68.50 -0.85
C VAL E 74 4.84 -67.02 -0.98
N ILE E 75 3.60 -66.73 -1.37
CA ILE E 75 3.14 -65.37 -1.62
C ILE E 75 2.01 -65.07 -0.66
N VAL E 76 2.20 -64.06 0.18
CA VAL E 76 1.18 -63.61 1.14
C VAL E 76 0.51 -62.38 0.54
N ALA E 77 -0.68 -62.56 -0.01
CA ALA E 77 -1.44 -61.47 -0.60
C ALA E 77 -2.68 -61.12 0.20
N ILE E 78 -2.77 -61.60 1.44
CA ILE E 78 -3.90 -61.29 2.31
C ILE E 78 -3.92 -59.79 2.60
N GLY E 79 -4.93 -59.11 2.09
CA GLY E 79 -5.07 -57.69 2.30
C GLY E 79 -5.82 -57.38 3.57
N ALA E 80 -6.42 -56.19 3.59
CA ALA E 80 -7.25 -55.72 4.69
C ALA E 80 -6.35 -55.66 5.93
N ASN E 81 -6.70 -56.32 7.03
CA ASN E 81 -5.89 -56.20 8.24
C ASN E 81 -4.51 -56.78 8.02
N ILE E 82 -3.52 -56.16 8.66
CA ILE E 82 -2.13 -56.48 8.38
C ILE E 82 -1.66 -57.69 9.16
N GLN E 83 -2.22 -57.94 10.35
CA GLN E 83 -1.74 -59.04 11.17
C GLN E 83 -1.87 -60.38 10.47
N ALA E 84 -2.94 -60.57 9.71
CA ALA E 84 -3.05 -61.78 8.90
C ALA E 84 -1.89 -61.87 7.91
N SER E 85 -1.47 -60.75 7.34
CA SER E 85 -0.31 -60.75 6.48
C SER E 85 0.97 -61.03 7.25
N THR E 86 1.20 -60.28 8.34
CA THR E 86 2.46 -60.41 9.08
C THR E 86 2.62 -61.78 9.71
N LEU E 87 1.65 -62.17 10.55
CA LEU E 87 1.75 -63.43 11.27
C LEU E 87 1.99 -64.60 10.31
N THR E 88 1.37 -64.56 9.13
CA THR E 88 1.61 -65.56 8.10
C THR E 88 3.09 -65.65 7.76
N THR E 89 3.66 -64.57 7.21
CA THR E 89 5.08 -64.55 6.87
C THR E 89 5.94 -64.88 8.08
N LEU E 90 5.51 -64.42 9.26
CA LEU E 90 6.19 -64.79 10.49
C LEU E 90 6.22 -66.29 10.67
N LEU E 91 5.09 -66.96 10.39
CA LEU E 91 5.08 -68.42 10.42
C LEU E 91 5.89 -69.00 9.26
N LEU E 92 5.78 -68.40 8.07
CA LEU E 92 6.49 -68.93 6.91
C LEU E 92 8.01 -68.90 7.12
N LYS E 93 8.52 -67.79 7.65
CA LYS E 93 9.95 -67.68 7.90
C LYS E 93 10.42 -68.68 8.95
N GLU E 94 9.50 -69.26 9.73
CA GLU E 94 9.86 -70.33 10.65
C GLU E 94 10.02 -71.67 9.96
N LEU E 95 9.23 -71.93 8.91
CA LEU E 95 9.36 -73.15 8.12
C LEU E 95 10.51 -73.12 7.13
N ASP E 96 11.43 -72.16 7.29
CA ASP E 96 12.62 -72.02 6.43
C ASP E 96 12.24 -71.91 4.95
N ILE E 97 11.15 -71.21 4.65
CA ILE E 97 10.70 -71.03 3.26
C ILE E 97 11.80 -70.27 2.53
N PRO E 98 12.34 -70.81 1.43
CA PRO E 98 13.49 -70.17 0.77
C PRO E 98 13.22 -68.73 0.37
N ASN E 99 12.08 -68.45 -0.28
CA ASN E 99 11.76 -67.11 -0.75
C ASN E 99 10.30 -66.82 -0.42
N ILE E 100 10.07 -65.95 0.56
CA ILE E 100 8.73 -65.48 0.91
C ILE E 100 8.52 -64.10 0.30
N TRP E 101 7.44 -63.96 -0.47
CA TRP E 101 7.08 -62.70 -1.10
C TRP E 101 5.77 -62.21 -0.49
N VAL E 102 5.75 -60.96 -0.03
CA VAL E 102 4.64 -60.46 0.76
C VAL E 102 4.11 -59.17 0.15
N LYS E 103 2.80 -58.98 0.27
CA LYS E 103 2.11 -57.76 -0.14
C LYS E 103 1.95 -56.88 1.09
N ALA E 104 2.70 -55.77 1.13
CA ALA E 104 2.56 -54.81 2.21
C ALA E 104 1.52 -53.76 1.87
N GLN E 105 1.08 -53.05 2.91
CA GLN E 105 0.02 -52.05 2.78
C GLN E 105 0.55 -50.62 2.88
N ASN E 106 1.08 -50.22 4.03
CA ASN E 106 1.61 -48.87 4.21
C ASN E 106 3.13 -48.92 4.41
N TYR E 107 3.68 -47.77 4.81
CA TYR E 107 5.13 -47.65 4.98
C TYR E 107 5.63 -48.52 6.12
N TYR E 108 4.97 -48.48 7.28
CA TYR E 108 5.46 -49.25 8.41
C TYR E 108 5.36 -50.75 8.15
N HIS E 109 4.42 -51.17 7.30
CA HIS E 109 4.34 -52.58 6.92
C HIS E 109 5.61 -53.03 6.22
N HIS E 110 6.20 -52.13 5.43
CA HIS E 110 7.47 -52.43 4.78
C HIS E 110 8.56 -52.67 5.80
N LYS E 111 8.62 -51.82 6.84
CA LYS E 111 9.69 -51.93 7.82
C LYS E 111 9.57 -53.21 8.65
N VAL E 112 8.38 -53.49 9.18
CA VAL E 112 8.22 -54.63 10.07
C VAL E 112 8.42 -55.94 9.30
N LEU E 113 7.85 -56.04 8.10
CA LEU E 113 8.08 -57.23 7.28
C LEU E 113 9.55 -57.39 6.91
N GLU E 114 10.31 -56.29 6.86
CA GLU E 114 11.72 -56.37 6.50
C GLU E 114 12.54 -57.02 7.61
N LYS E 115 12.21 -56.74 8.87
CA LYS E 115 12.92 -57.33 9.99
C LYS E 115 12.39 -58.70 10.37
N ILE E 116 11.26 -59.13 9.79
CA ILE E 116 10.80 -60.49 9.99
C ILE E 116 11.64 -61.47 9.17
N GLY E 117 11.99 -61.10 7.95
CA GLY E 117 12.75 -61.95 7.06
C GLY E 117 12.09 -62.10 5.70
N ALA E 118 11.20 -61.18 5.36
CA ALA E 118 10.52 -61.21 4.07
C ALA E 118 11.52 -61.08 2.93
N ASP E 119 11.63 -62.12 2.11
CA ASP E 119 12.58 -62.12 1.00
C ASP E 119 12.21 -61.10 -0.08
N ARG E 120 10.96 -60.64 -0.10
CA ARG E 120 10.53 -59.61 -1.05
C ARG E 120 9.22 -59.01 -0.58
N ILE E 121 9.04 -57.72 -0.85
CA ILE E 121 7.84 -56.96 -0.50
C ILE E 121 7.39 -56.20 -1.74
N ILE E 122 6.08 -56.21 -2.01
CA ILE E 122 5.52 -55.59 -3.20
C ILE E 122 4.45 -54.59 -2.79
N HIS E 123 4.55 -53.36 -3.29
CA HIS E 123 3.51 -52.35 -3.14
C HIS E 123 2.74 -52.24 -4.44
N PRO E 124 1.56 -52.86 -4.56
CA PRO E 124 0.85 -52.83 -5.85
C PRO E 124 0.54 -51.43 -6.35
N GLU E 125 0.12 -50.53 -5.46
CA GLU E 125 -0.20 -49.17 -5.90
C GLU E 125 1.06 -48.37 -6.21
N LYS E 126 2.08 -48.49 -5.36
CA LYS E 126 3.31 -47.72 -5.54
C LYS E 126 4.13 -48.24 -6.71
N ASP E 127 4.49 -49.53 -6.67
CA ASP E 127 5.35 -50.11 -7.70
C ASP E 127 4.75 -50.02 -9.09
N MET E 128 3.43 -49.89 -9.19
CA MET E 128 2.80 -49.77 -10.49
C MET E 128 2.95 -48.35 -11.04
N GLY E 129 2.83 -47.34 -10.17
CA GLY E 129 2.97 -45.97 -10.61
C GLY E 129 4.33 -45.68 -11.22
N VAL E 130 5.37 -46.30 -10.69
CA VAL E 130 6.70 -46.09 -11.26
C VAL E 130 6.82 -46.77 -12.61
N LYS E 131 6.06 -47.84 -12.84
CA LYS E 131 6.09 -48.48 -14.15
C LYS E 131 5.29 -47.69 -15.16
N ILE E 132 4.16 -47.13 -14.74
CA ILE E 132 3.39 -46.25 -15.62
C ILE E 132 4.17 -44.97 -15.91
N ALA E 133 4.81 -44.40 -14.88
CA ALA E 133 5.67 -43.23 -15.10
C ALA E 133 6.83 -43.56 -16.05
N GLN E 134 7.15 -44.84 -16.22
CA GLN E 134 8.07 -45.28 -17.26
C GLN E 134 7.38 -45.47 -18.60
N SER E 135 6.10 -45.87 -18.60
CA SER E 135 5.38 -46.03 -19.86
C SER E 135 5.06 -44.68 -20.49
N LEU E 136 4.73 -43.68 -19.66
CA LEU E 136 4.44 -42.36 -20.19
C LEU E 136 5.70 -41.66 -20.69
N SER E 137 6.85 -41.97 -20.09
CA SER E 137 8.10 -41.33 -20.49
C SER E 137 8.59 -41.87 -21.83
N ASP E 138 8.66 -43.20 -21.95
CA ASP E 138 9.09 -43.83 -23.19
C ASP E 138 8.05 -43.74 -24.30
N GLU E 139 6.85 -43.24 -24.00
CA GLU E 139 5.80 -43.06 -25.00
C GLU E 139 6.01 -41.81 -25.85
N ASN E 140 7.01 -40.98 -25.53
CA ASN E 140 7.25 -39.76 -26.29
C ASN E 140 8.67 -39.24 -26.06
N LYS E 149 5.10 -34.96 -23.44
CA LYS E 149 5.90 -33.87 -22.91
C LYS E 149 5.25 -33.27 -21.67
N GLN E 150 4.00 -32.86 -21.83
CA GLN E 150 3.24 -32.26 -20.73
C GLN E 150 2.47 -33.36 -20.01
N PHE E 151 2.78 -33.58 -18.74
CA PHE E 151 2.18 -34.63 -17.94
C PHE E 151 1.41 -34.04 -16.77
N ALA E 152 0.24 -34.61 -16.49
CA ALA E 152 -0.60 -34.19 -15.37
C ALA E 152 -1.27 -35.42 -14.78
N VAL E 153 -1.21 -35.54 -13.46
CA VAL E 153 -1.78 -36.67 -12.73
C VAL E 153 -2.82 -36.13 -11.75
N ILE E 154 -4.06 -36.59 -11.90
CA ILE E 154 -5.16 -36.21 -11.03
C ILE E 154 -5.31 -37.26 -9.94
N GLY E 155 -5.53 -36.82 -8.71
CA GLY E 155 -5.70 -37.73 -7.60
C GLY E 155 -4.39 -38.24 -7.06
N LEU E 156 -3.96 -37.69 -5.92
CA LEU E 156 -2.66 -38.04 -5.35
C LEU E 156 -2.79 -39.17 -4.32
N GLY E 157 -3.50 -40.23 -4.72
CA GLY E 157 -3.52 -41.44 -3.95
C GLY E 157 -2.13 -42.07 -3.92
N ARG E 158 -2.08 -43.26 -3.32
CA ARG E 158 -0.84 -44.03 -3.33
C ARG E 158 -0.32 -44.25 -4.75
N PHE E 159 -1.22 -44.54 -5.69
CA PHE E 159 -0.83 -44.72 -7.08
C PHE E 159 -0.49 -43.38 -7.73
N GLY E 160 -1.44 -42.44 -7.72
CA GLY E 160 -1.20 -41.12 -8.27
C GLY E 160 -0.06 -40.36 -7.62
N GLY E 161 0.32 -40.76 -6.41
CA GLY E 161 1.49 -40.16 -5.79
C GLY E 161 2.78 -40.81 -6.21
N SER E 162 2.75 -42.09 -6.55
CA SER E 162 3.95 -42.81 -6.99
C SER E 162 4.32 -42.50 -8.43
N ILE E 163 3.45 -41.84 -9.19
CA ILE E 163 3.76 -41.46 -10.57
C ILE E 163 4.24 -40.01 -10.65
N VAL E 164 3.64 -39.14 -9.84
CA VAL E 164 4.16 -37.78 -9.69
C VAL E 164 5.57 -37.82 -9.12
N LYS E 165 5.82 -38.73 -8.18
CA LYS E 165 7.15 -38.83 -7.57
C LYS E 165 8.17 -39.36 -8.57
N GLU E 166 7.78 -40.33 -9.40
CA GLU E 166 8.74 -40.97 -10.27
C GLU E 166 8.96 -40.17 -11.55
N LEU E 167 7.90 -39.63 -12.13
CA LEU E 167 8.06 -38.79 -13.31
C LEU E 167 8.92 -37.57 -13.02
N HIS E 168 8.72 -36.95 -11.86
CA HIS E 168 9.57 -35.83 -11.45
C HIS E 168 10.99 -36.29 -11.17
N ARG E 169 11.17 -37.58 -10.83
CA ARG E 169 12.50 -38.07 -10.52
C ARG E 169 13.39 -38.07 -11.76
N MET E 170 12.91 -38.64 -12.86
CA MET E 170 13.68 -38.62 -14.10
C MET E 170 13.87 -37.19 -14.61
N GLY E 171 12.84 -36.36 -14.48
CA GLY E 171 12.94 -34.99 -14.91
C GLY E 171 11.90 -34.61 -15.94
N HIS E 172 10.65 -34.97 -15.68
CA HIS E 172 9.54 -34.66 -16.56
C HIS E 172 8.52 -33.81 -15.81
N GLU E 173 7.93 -32.86 -16.53
CA GLU E 173 6.97 -31.96 -15.92
C GLU E 173 5.70 -32.70 -15.52
N VAL E 174 5.30 -32.53 -14.26
CA VAL E 174 4.11 -33.20 -13.72
C VAL E 174 3.23 -32.14 -13.08
N LEU E 175 2.02 -31.99 -13.61
CA LEU E 175 0.99 -31.15 -12.99
C LEU E 175 0.18 -32.05 -12.04
N ALA E 176 0.71 -32.24 -10.84
CA ALA E 176 0.00 -32.99 -9.83
C ALA E 176 -1.19 -32.18 -9.31
N VAL E 177 -2.28 -32.88 -9.00
CA VAL E 177 -3.50 -32.25 -8.51
C VAL E 177 -4.38 -33.29 -7.84
N ASP E 178 -4.93 -32.94 -6.67
CA ASP E 178 -5.76 -33.85 -5.89
C ASP E 178 -6.96 -33.08 -5.36
N ILE E 179 -7.95 -33.83 -4.87
CA ILE E 179 -9.20 -33.24 -4.38
C ILE E 179 -8.93 -32.25 -3.26
N ASN E 180 -8.24 -32.70 -2.21
CA ASN E 180 -7.94 -31.88 -1.06
C ASN E 180 -6.48 -31.44 -1.08
N GLU E 181 -6.13 -30.54 -0.15
CA GLU E 181 -4.79 -29.97 -0.11
C GLU E 181 -3.81 -30.79 0.71
N GLU E 182 -4.30 -31.66 1.60
CA GLU E 182 -3.40 -32.40 2.49
C GLU E 182 -2.33 -33.15 1.71
N LYS E 183 -2.69 -33.70 0.55
CA LYS E 183 -1.72 -34.41 -0.28
C LYS E 183 -0.94 -33.45 -1.18
N VAL E 184 -1.62 -32.44 -1.72
CA VAL E 184 -0.99 -31.48 -2.60
C VAL E 184 0.13 -30.75 -1.87
N ASN E 185 0.04 -30.65 -0.54
CA ASN E 185 1.09 -30.02 0.24
C ASN E 185 2.38 -30.83 0.20
N ALA E 186 2.28 -32.13 0.52
CA ALA E 186 3.46 -32.99 0.54
C ALA E 186 4.05 -33.20 -0.85
N TYR E 187 3.31 -32.87 -1.91
CA TYR E 187 3.78 -33.01 -3.28
C TYR E 187 4.09 -31.66 -3.92
N ALA E 188 4.42 -30.66 -3.10
CA ALA E 188 4.79 -29.35 -3.64
C ALA E 188 6.12 -29.40 -4.37
N SER E 189 7.11 -30.09 -3.79
CA SER E 189 8.43 -30.24 -4.39
C SER E 189 8.56 -31.56 -5.13
N TYR E 190 7.47 -32.28 -5.32
CA TYR E 190 7.48 -33.57 -6.00
C TYR E 190 6.87 -33.48 -7.39
N ALA E 191 6.50 -32.29 -7.84
CA ALA E 191 5.88 -32.11 -9.13
C ALA E 191 6.28 -30.75 -9.70
N THR E 192 6.20 -30.64 -11.02
CA THR E 192 6.40 -29.35 -11.66
C THR E 192 5.38 -28.34 -11.16
N HIS E 193 4.15 -28.78 -10.91
CA HIS E 193 3.10 -27.89 -10.41
C HIS E 193 2.15 -28.67 -9.51
N ALA E 194 2.09 -28.29 -8.24
CA ALA E 194 1.10 -28.83 -7.32
C ALA E 194 -0.11 -27.90 -7.31
N VAL E 195 -1.30 -28.48 -7.48
CA VAL E 195 -2.53 -27.72 -7.58
C VAL E 195 -3.61 -28.41 -6.75
N ILE E 196 -4.41 -27.61 -6.04
CA ILE E 196 -5.54 -28.10 -5.27
C ILE E 196 -6.80 -27.78 -6.06
N ALA E 197 -7.47 -28.81 -6.57
CA ALA E 197 -8.63 -28.60 -7.43
C ALA E 197 -9.50 -29.85 -7.41
N ASN E 198 -10.76 -29.66 -7.78
CA ASN E 198 -11.69 -30.77 -7.95
C ASN E 198 -11.85 -31.03 -9.44
N ALA E 199 -11.49 -32.24 -9.87
CA ALA E 199 -11.49 -32.56 -11.29
C ALA E 199 -12.88 -32.67 -11.88
N THR E 200 -13.93 -32.48 -11.08
CA THR E 200 -15.30 -32.51 -11.57
C THR E 200 -15.81 -31.15 -12.02
N GLU E 201 -15.16 -30.07 -11.60
CA GLU E 201 -15.59 -28.73 -11.99
C GLU E 201 -14.92 -28.34 -13.31
N GLU E 202 -15.73 -27.90 -14.26
CA GLU E 202 -15.17 -27.55 -15.57
C GLU E 202 -14.20 -26.39 -15.45
N ASN E 203 -14.61 -25.31 -14.78
CA ASN E 203 -13.79 -24.11 -14.70
C ASN E 203 -12.43 -24.39 -14.05
N GLU E 204 -12.38 -25.32 -13.10
CA GLU E 204 -11.10 -25.69 -12.51
C GLU E 204 -10.24 -26.46 -13.51
N LEU E 205 -10.87 -27.21 -14.42
CA LEU E 205 -10.10 -27.89 -15.45
C LEU E 205 -9.61 -26.92 -16.51
N LEU E 206 -10.46 -25.97 -16.91
CA LEU E 206 -10.05 -24.98 -17.90
C LEU E 206 -8.97 -24.06 -17.32
N SER E 207 -9.23 -23.50 -16.15
CA SER E 207 -8.28 -22.56 -15.53
C SER E 207 -6.93 -23.19 -15.27
N LEU E 208 -6.85 -24.51 -15.15
CA LEU E 208 -5.59 -25.20 -14.94
C LEU E 208 -4.83 -25.46 -16.23
N GLY E 209 -5.36 -25.00 -17.37
CA GLY E 209 -4.73 -25.27 -18.65
C GLY E 209 -4.56 -26.74 -18.95
N ILE E 210 -5.45 -27.59 -18.41
CA ILE E 210 -5.33 -29.03 -18.56
C ILE E 210 -5.41 -29.46 -20.03
N ARG E 211 -5.99 -28.63 -20.89
CA ARG E 211 -6.09 -28.99 -22.30
C ARG E 211 -4.72 -29.16 -22.94
N ASN E 212 -3.71 -28.46 -22.43
CA ASN E 212 -2.37 -28.53 -23.01
C ASN E 212 -1.65 -29.83 -22.69
N PHE E 213 -2.23 -30.69 -21.86
CA PHE E 213 -1.59 -31.91 -21.41
C PHE E 213 -2.06 -33.08 -22.26
N GLU E 214 -1.14 -33.68 -23.01
CA GLU E 214 -1.49 -34.83 -23.84
C GLU E 214 -1.71 -36.09 -23.00
N TYR E 215 -1.23 -36.11 -21.76
CA TYR E 215 -1.31 -37.30 -20.91
C TYR E 215 -1.87 -36.91 -19.55
N VAL E 216 -3.15 -37.19 -19.34
CA VAL E 216 -3.82 -36.94 -18.06
C VAL E 216 -4.01 -38.27 -17.36
N ILE E 217 -3.70 -38.30 -16.07
CA ILE E 217 -3.80 -39.52 -15.27
C ILE E 217 -4.82 -39.29 -14.15
N VAL E 218 -5.87 -40.09 -14.15
CA VAL E 218 -6.92 -40.02 -13.14
C VAL E 218 -6.69 -41.19 -12.17
N ALA E 219 -6.03 -40.91 -11.05
CA ALA E 219 -5.76 -41.90 -10.03
C ALA E 219 -6.59 -41.71 -8.77
N ILE E 220 -7.66 -40.91 -8.87
CA ILE E 220 -8.57 -40.70 -7.75
C ILE E 220 -9.21 -42.04 -7.39
N GLY E 221 -8.83 -42.60 -6.26
CA GLY E 221 -9.33 -43.88 -5.83
C GLY E 221 -10.67 -43.76 -5.15
N ALA E 222 -11.00 -44.73 -4.30
CA ALA E 222 -12.22 -44.69 -3.52
C ALA E 222 -13.41 -44.67 -4.49
N ASN E 223 -14.35 -43.75 -4.36
CA ASN E 223 -15.55 -43.83 -5.17
C ASN E 223 -15.21 -43.63 -6.63
N ILE E 224 -16.03 -44.26 -7.47
CA ILE E 224 -15.78 -44.33 -8.90
C ILE E 224 -16.20 -43.05 -9.61
N GLN E 225 -17.27 -42.37 -9.15
CA GLN E 225 -17.79 -41.20 -9.88
C GLN E 225 -16.75 -40.10 -10.04
N ALA E 226 -15.97 -39.84 -8.99
CA ALA E 226 -14.88 -38.88 -9.13
C ALA E 226 -13.88 -39.33 -10.18
N SER E 227 -13.60 -40.63 -10.25
CA SER E 227 -12.72 -41.14 -11.29
C SER E 227 -13.35 -40.98 -12.67
N THR E 228 -14.59 -41.44 -12.82
CA THR E 228 -15.26 -41.40 -14.12
C THR E 228 -15.51 -39.99 -14.61
N LEU E 229 -16.29 -39.22 -13.83
CA LEU E 229 -16.68 -37.88 -14.24
C LEU E 229 -15.49 -37.06 -14.71
N THR E 230 -14.36 -37.20 -14.00
CA THR E 230 -13.12 -36.56 -14.44
C THR E 230 -12.82 -36.90 -15.90
N THR E 231 -12.61 -38.19 -16.17
CA THR E 231 -12.31 -38.63 -17.53
C THR E 231 -13.38 -38.19 -18.52
N LEU E 232 -14.64 -38.22 -18.11
CA LEU E 232 -15.72 -37.72 -18.95
C LEU E 232 -15.46 -36.28 -19.35
N LEU E 233 -15.02 -35.44 -18.39
CA LEU E 233 -14.66 -34.08 -18.72
C LEU E 233 -13.43 -34.03 -19.61
N LEU E 234 -12.41 -34.81 -19.26
CA LEU E 234 -11.16 -34.79 -20.03
C LEU E 234 -11.43 -35.12 -21.49
N LYS E 235 -12.22 -36.17 -21.74
CA LYS E 235 -12.53 -36.53 -23.11
C LYS E 235 -13.26 -35.41 -23.84
N GLU E 236 -14.01 -34.57 -23.10
CA GLU E 236 -14.64 -33.43 -23.73
C GLU E 236 -13.61 -32.40 -24.17
N LEU E 237 -12.55 -32.22 -23.38
CA LEU E 237 -11.46 -31.32 -23.77
C LEU E 237 -10.54 -31.94 -24.83
N ASP E 238 -10.95 -33.04 -25.44
CA ASP E 238 -10.19 -33.66 -26.53
C ASP E 238 -8.78 -34.02 -26.06
N ILE E 239 -8.66 -34.41 -24.81
CA ILE E 239 -7.34 -34.80 -24.29
C ILE E 239 -6.80 -35.96 -25.11
N PRO E 240 -5.59 -35.86 -25.66
CA PRO E 240 -5.07 -36.92 -26.55
C PRO E 240 -5.05 -38.30 -25.92
N ASN E 241 -4.43 -38.43 -24.75
CA ASN E 241 -4.27 -39.72 -24.07
C ASN E 241 -4.65 -39.56 -22.60
N ILE E 242 -5.81 -40.08 -22.22
CA ILE E 242 -6.25 -40.12 -20.83
C ILE E 242 -6.02 -41.52 -20.27
N TRP E 243 -5.29 -41.60 -19.17
CA TRP E 243 -5.03 -42.86 -18.48
C TRP E 243 -5.73 -42.81 -17.12
N VAL E 244 -6.50 -43.85 -16.81
CA VAL E 244 -7.39 -43.84 -15.66
C VAL E 244 -7.14 -45.07 -14.79
N LYS E 245 -7.28 -44.89 -13.48
CA LYS E 245 -7.18 -45.98 -12.52
C LYS E 245 -8.59 -46.48 -12.22
N ALA E 246 -8.91 -47.67 -12.72
CA ALA E 246 -10.20 -48.26 -12.47
C ALA E 246 -10.17 -49.08 -11.18
N GLN E 247 -11.36 -49.42 -10.69
CA GLN E 247 -11.49 -50.11 -9.41
C GLN E 247 -11.98 -51.55 -9.62
N ASN E 248 -13.22 -51.75 -10.04
CA ASN E 248 -13.76 -53.09 -10.21
C ASN E 248 -13.92 -53.42 -11.69
N TYR E 249 -14.52 -54.58 -11.96
CA TYR E 249 -14.72 -55.01 -13.34
C TYR E 249 -15.65 -54.06 -14.09
N TYR E 250 -16.74 -53.65 -13.45
CA TYR E 250 -17.66 -52.74 -14.12
C TYR E 250 -17.04 -51.37 -14.36
N HIS E 251 -16.14 -50.93 -13.47
CA HIS E 251 -15.44 -49.68 -13.70
C HIS E 251 -14.57 -49.76 -14.96
N HIS E 252 -14.10 -50.95 -15.29
CA HIS E 252 -13.36 -51.15 -16.54
C HIS E 252 -14.27 -50.94 -17.74
N LYS E 253 -15.49 -51.48 -17.68
CA LYS E 253 -16.40 -51.40 -18.81
C LYS E 253 -16.85 -49.96 -19.05
N VAL E 254 -17.25 -49.26 -17.99
CA VAL E 254 -17.83 -47.93 -18.16
C VAL E 254 -16.78 -46.94 -18.64
N LEU E 255 -15.59 -46.96 -18.04
CA LEU E 255 -14.50 -46.10 -18.50
C LEU E 255 -14.12 -46.39 -19.94
N GLU E 256 -14.35 -47.61 -20.42
CA GLU E 256 -14.02 -47.95 -21.80
C GLU E 256 -14.95 -47.27 -22.79
N LYS E 257 -16.23 -47.17 -22.46
CA LYS E 257 -17.20 -46.51 -23.34
C LYS E 257 -17.16 -44.99 -23.25
N ILE E 258 -16.43 -44.43 -22.28
CA ILE E 258 -16.29 -42.99 -22.18
C ILE E 258 -15.26 -42.47 -23.18
N GLY E 259 -14.16 -43.21 -23.35
CA GLY E 259 -13.11 -42.81 -24.24
C GLY E 259 -11.74 -42.86 -23.58
N ALA E 260 -11.66 -43.60 -22.47
CA ALA E 260 -10.41 -43.71 -21.74
C ALA E 260 -9.34 -44.35 -22.63
N ASP E 261 -8.25 -43.61 -22.87
CA ASP E 261 -7.21 -44.11 -23.74
C ASP E 261 -6.42 -45.26 -23.12
N ARG E 262 -6.53 -45.45 -21.82
CA ARG E 262 -5.97 -46.63 -21.15
C ARG E 262 -6.52 -46.71 -19.73
N ILE E 263 -6.59 -47.95 -19.22
CA ILE E 263 -7.09 -48.25 -17.89
C ILE E 263 -6.09 -49.15 -17.19
N ILE E 264 -5.83 -48.87 -15.91
CA ILE E 264 -4.82 -49.59 -15.14
C ILE E 264 -5.47 -50.16 -13.88
N HIS E 265 -5.27 -51.46 -13.66
CA HIS E 265 -5.66 -52.12 -12.41
C HIS E 265 -4.40 -52.35 -11.59
N PRO E 266 -4.12 -51.51 -10.58
CA PRO E 266 -2.83 -51.62 -9.87
C PRO E 266 -2.55 -53.00 -9.29
N GLU E 267 -3.53 -53.66 -8.69
CA GLU E 267 -3.25 -54.98 -8.12
C GLU E 267 -3.32 -56.09 -9.17
N LYS E 268 -4.31 -56.03 -10.07
CA LYS E 268 -4.45 -57.07 -11.09
C LYS E 268 -3.24 -57.08 -12.02
N ASP E 269 -2.90 -55.92 -12.58
CA ASP E 269 -1.78 -55.81 -13.50
C ASP E 269 -0.44 -56.10 -12.83
N MET E 270 -0.35 -55.94 -11.50
CA MET E 270 0.90 -56.24 -10.82
C MET E 270 1.06 -57.73 -10.57
N GLY E 271 -0.05 -58.42 -10.28
CA GLY E 271 0.02 -59.85 -10.04
C GLY E 271 0.55 -60.62 -11.24
N VAL E 272 0.17 -60.21 -12.45
CA VAL E 272 0.66 -60.89 -13.63
C VAL E 272 2.15 -60.61 -13.83
N LYS E 273 2.63 -59.46 -13.35
CA LYS E 273 4.06 -59.17 -13.44
C LYS E 273 4.85 -59.96 -12.40
N ILE E 274 4.27 -60.13 -11.21
CA ILE E 274 4.90 -60.98 -10.20
C ILE E 274 4.85 -62.44 -10.62
N ALA E 275 3.73 -62.86 -11.20
CA ALA E 275 3.63 -64.22 -11.74
C ALA E 275 4.61 -64.45 -12.87
N GLN E 276 5.10 -63.39 -13.49
CA GLN E 276 6.22 -63.47 -14.43
C GLN E 276 7.57 -63.44 -13.74
N SER E 277 7.68 -62.77 -12.58
CA SER E 277 8.95 -62.76 -11.87
C SER E 277 9.22 -64.09 -11.19
N LEU E 278 8.17 -64.78 -10.74
CA LEU E 278 8.35 -66.09 -10.12
C LEU E 278 8.63 -67.18 -11.15
N SER E 279 8.06 -67.06 -12.35
CA SER E 279 8.31 -68.07 -13.38
C SER E 279 9.75 -67.99 -13.87
N ASP E 280 10.21 -66.78 -14.20
CA ASP E 280 11.57 -66.57 -14.70
C ASP E 280 12.62 -66.66 -13.60
N GLU E 281 12.21 -66.76 -12.34
CA GLU E 281 13.17 -66.92 -11.23
C GLU E 281 13.64 -68.36 -11.08
N ASN E 282 13.10 -69.28 -11.85
CA ASN E 282 13.52 -70.69 -11.77
C ASN E 282 13.19 -71.44 -13.05
N LYS F 7 15.50 -49.64 37.34
CA LYS F 7 15.93 -48.33 37.81
C LYS F 7 15.56 -47.25 36.81
N GLN F 8 15.92 -47.48 35.55
CA GLN F 8 15.60 -46.57 34.47
C GLN F 8 14.31 -47.03 33.80
N PHE F 9 13.28 -46.19 33.83
CA PHE F 9 11.98 -46.50 33.24
C PHE F 9 11.66 -45.54 32.10
N ALA F 10 11.02 -46.08 31.06
CA ALA F 10 10.64 -45.32 29.88
C ALA F 10 9.33 -45.87 29.33
N VAL F 11 8.36 -44.99 29.11
CA VAL F 11 7.05 -45.38 28.59
C VAL F 11 6.82 -44.65 27.27
N ILE F 12 6.52 -45.41 26.22
CA ILE F 12 6.26 -44.88 24.88
C ILE F 12 4.76 -44.84 24.66
N GLY F 13 4.27 -43.73 24.12
CA GLY F 13 2.85 -43.57 23.86
C GLY F 13 2.08 -43.11 25.08
N LEU F 14 1.61 -41.86 25.06
CA LEU F 14 0.88 -41.29 26.21
C LEU F 14 -0.63 -41.33 26.00
N GLY F 15 -1.17 -42.50 25.69
CA GLY F 15 -2.61 -42.65 25.62
C GLY F 15 -3.22 -42.69 27.01
N ARG F 16 -4.46 -43.19 27.12
CA ARG F 16 -5.06 -43.37 28.43
C ARG F 16 -4.26 -44.36 29.28
N PHE F 17 -3.80 -45.45 28.67
CA PHE F 17 -3.01 -46.44 29.41
C PHE F 17 -1.62 -45.92 29.70
N GLY F 18 -0.89 -45.50 28.67
CA GLY F 18 0.46 -45.01 28.84
C GLY F 18 0.55 -43.69 29.59
N GLY F 19 -0.58 -43.01 29.81
CA GLY F 19 -0.59 -41.82 30.62
C GLY F 19 -0.78 -42.12 32.09
N SER F 20 -1.57 -43.15 32.38
CA SER F 20 -1.82 -43.58 33.75
C SER F 20 -0.62 -44.27 34.39
N ILE F 21 0.44 -44.54 33.63
CA ILE F 21 1.62 -45.21 34.16
C ILE F 21 2.71 -44.17 34.40
N VAL F 22 2.75 -43.16 33.55
CA VAL F 22 3.68 -42.07 33.76
C VAL F 22 3.32 -41.27 35.02
N LYS F 23 2.02 -41.10 35.28
CA LYS F 23 1.60 -40.37 36.47
C LYS F 23 1.77 -41.17 37.76
N GLU F 24 1.54 -42.48 37.70
CA GLU F 24 1.65 -43.31 38.90
C GLU F 24 3.10 -43.52 39.28
N LEU F 25 3.94 -43.88 38.31
CA LEU F 25 5.36 -44.10 38.60
C LEU F 25 6.01 -42.84 39.15
N HIS F 26 5.61 -41.68 38.62
CA HIS F 26 6.12 -40.41 39.14
C HIS F 26 5.56 -40.12 40.53
N ARG F 27 4.40 -40.69 40.88
CA ARG F 27 3.79 -40.40 42.17
C ARG F 27 4.62 -40.97 43.32
N MET F 28 4.91 -42.27 43.27
CA MET F 28 5.70 -42.89 44.34
C MET F 28 7.13 -42.37 44.33
N GLY F 29 7.70 -42.14 43.16
CA GLY F 29 9.01 -41.53 43.06
C GLY F 29 10.04 -42.29 42.24
N HIS F 30 9.71 -42.59 40.99
CA HIS F 30 10.62 -43.28 40.09
C HIS F 30 10.79 -42.49 38.81
N GLU F 31 11.99 -42.59 38.23
CA GLU F 31 12.30 -41.87 36.99
C GLU F 31 11.53 -42.47 35.83
N VAL F 32 10.83 -41.61 35.08
CA VAL F 32 9.99 -42.04 33.97
C VAL F 32 10.37 -41.22 32.74
N LEU F 33 10.79 -41.91 31.67
CA LEU F 33 11.05 -41.27 30.39
C LEU F 33 9.79 -41.35 29.54
N ALA F 34 8.86 -40.43 29.80
CA ALA F 34 7.63 -40.37 29.03
C ALA F 34 7.90 -39.80 27.63
N VAL F 35 7.18 -40.33 26.64
CA VAL F 35 7.36 -39.92 25.26
C VAL F 35 6.16 -40.39 24.43
N ASP F 36 5.67 -39.51 23.54
CA ASP F 36 4.52 -39.79 22.69
C ASP F 36 4.81 -39.26 21.28
N ILE F 37 4.00 -39.70 20.32
CA ILE F 37 4.29 -39.42 18.91
C ILE F 37 4.25 -37.92 18.62
N ASN F 38 3.22 -37.24 19.09
CA ASN F 38 3.12 -35.80 18.93
C ASN F 38 3.42 -35.12 20.27
N GLU F 39 3.08 -33.83 20.37
CA GLU F 39 3.39 -33.06 21.57
C GLU F 39 2.18 -32.71 22.42
N GLU F 40 0.96 -32.88 21.89
CA GLU F 40 -0.24 -32.51 22.64
C GLU F 40 -0.29 -33.21 23.99
N LYS F 41 0.15 -34.47 24.03
CA LYS F 41 0.16 -35.22 25.29
C LYS F 41 1.43 -34.95 26.10
N VAL F 42 2.56 -34.80 25.42
CA VAL F 42 3.84 -34.61 26.10
C VAL F 42 3.86 -33.29 26.88
N ASN F 43 3.02 -32.34 26.50
CA ASN F 43 2.96 -31.06 27.21
C ASN F 43 2.31 -31.24 28.59
N ALA F 44 1.15 -31.88 28.65
CA ALA F 44 0.45 -32.06 29.93
C ALA F 44 1.22 -32.98 30.88
N TYR F 45 2.17 -33.76 30.37
CA TYR F 45 2.97 -34.67 31.16
C TYR F 45 4.39 -34.16 31.37
N ALA F 46 4.60 -32.84 31.28
CA ALA F 46 5.92 -32.27 31.50
C ALA F 46 6.32 -32.33 32.96
N SER F 47 5.37 -32.11 33.86
CA SER F 47 5.59 -32.22 35.30
C SER F 47 5.14 -33.56 35.86
N TYR F 48 4.79 -34.51 34.99
CA TYR F 48 4.30 -35.82 35.40
C TYR F 48 5.32 -36.92 35.14
N ALA F 49 6.53 -36.56 34.69
CA ALA F 49 7.56 -37.54 34.39
C ALA F 49 8.93 -36.91 34.63
N THR F 50 9.93 -37.78 34.78
CA THR F 50 11.30 -37.30 34.92
C THR F 50 11.76 -36.56 33.68
N HIS F 51 11.40 -37.08 32.50
CA HIS F 51 11.78 -36.46 31.23
C HIS F 51 10.62 -36.62 30.24
N ALA F 52 10.01 -35.50 29.85
CA ALA F 52 9.00 -35.49 28.81
C ALA F 52 9.66 -35.23 27.47
N VAL F 53 9.44 -36.12 26.50
CA VAL F 53 10.10 -36.08 25.20
C VAL F 53 9.05 -36.23 24.11
N ILE F 54 9.26 -35.51 23.00
CA ILE F 54 8.40 -35.58 21.81
C ILE F 54 9.19 -36.29 20.73
N ALA F 55 8.77 -37.50 20.35
CA ALA F 55 9.52 -38.32 19.41
C ALA F 55 8.60 -39.37 18.80
N ASN F 56 9.05 -39.94 17.67
CA ASN F 56 8.38 -41.05 17.00
C ASN F 56 9.21 -42.30 17.22
N ALA F 57 8.61 -43.32 17.83
CA ALA F 57 9.35 -44.51 18.24
C ALA F 57 9.72 -45.41 17.06
N THR F 58 9.38 -45.03 15.83
CA THR F 58 9.75 -45.81 14.66
C THR F 58 11.07 -45.37 14.05
N GLU F 59 11.58 -44.20 14.41
CA GLU F 59 12.84 -43.70 13.87
C GLU F 59 14.00 -44.15 14.77
N GLU F 60 15.04 -44.72 14.16
CA GLU F 60 16.15 -45.25 14.95
C GLU F 60 16.90 -44.14 15.67
N ASN F 61 17.22 -43.05 14.96
CA ASN F 61 18.03 -41.98 15.53
C ASN F 61 17.35 -41.33 16.72
N GLU F 62 16.02 -41.33 16.75
CA GLU F 62 15.30 -40.80 17.90
C GLU F 62 15.38 -41.75 19.09
N LEU F 63 15.51 -43.06 18.84
CA LEU F 63 15.68 -44.01 19.93
C LEU F 63 17.10 -43.95 20.50
N LEU F 64 18.11 -43.78 19.64
CA LEU F 64 19.48 -43.72 20.10
C LEU F 64 19.77 -42.41 20.84
N SER F 65 19.39 -41.28 20.24
CA SER F 65 19.66 -39.97 20.84
C SER F 65 18.98 -39.79 22.19
N LEU F 66 17.98 -40.61 22.50
CA LEU F 66 17.27 -40.55 23.78
C LEU F 66 17.90 -41.45 24.84
N GLY F 67 19.01 -42.10 24.53
CA GLY F 67 19.63 -43.01 25.47
C GLY F 67 18.72 -44.12 25.94
N ILE F 68 17.81 -44.58 25.06
CA ILE F 68 16.79 -45.55 25.46
C ILE F 68 17.41 -46.87 25.87
N ARG F 69 18.58 -47.21 25.32
CA ARG F 69 19.24 -48.47 25.70
C ARG F 69 19.59 -48.50 27.18
N ASN F 70 19.86 -47.35 27.79
CA ASN F 70 20.16 -47.30 29.22
C ASN F 70 18.94 -47.66 30.07
N PHE F 71 17.78 -47.83 29.46
CA PHE F 71 16.55 -48.15 30.15
C PHE F 71 16.27 -49.66 30.05
N GLU F 72 16.29 -50.34 31.20
CA GLU F 72 16.02 -51.77 31.23
C GLU F 72 14.55 -52.08 30.99
N TYR F 73 13.66 -51.10 31.12
CA TYR F 73 12.22 -51.32 31.01
C TYR F 73 11.63 -50.29 30.07
N VAL F 74 11.16 -50.75 28.90
CA VAL F 74 10.51 -49.91 27.92
C VAL F 74 9.08 -50.38 27.74
N ILE F 75 8.15 -49.42 27.68
CA ILE F 75 6.72 -49.71 27.63
C ILE F 75 6.17 -49.08 26.36
N VAL F 76 5.57 -49.90 25.50
CA VAL F 76 4.96 -49.44 24.26
C VAL F 76 3.44 -49.44 24.48
N ALA F 77 2.89 -48.27 24.76
CA ALA F 77 1.46 -48.13 25.00
C ALA F 77 0.76 -47.42 23.85
N ILE F 78 1.41 -47.29 22.69
CA ILE F 78 0.84 -46.63 21.54
C ILE F 78 -0.34 -47.42 21.02
N GLY F 79 -1.54 -46.86 21.11
CA GLY F 79 -2.74 -47.50 20.63
C GLY F 79 -2.97 -47.23 19.15
N ALA F 80 -4.24 -47.34 18.76
CA ALA F 80 -4.70 -47.05 17.40
C ALA F 80 -3.94 -47.98 16.46
N ASN F 81 -3.14 -47.48 15.53
CA ASN F 81 -2.46 -48.32 14.56
C ASN F 81 -1.51 -49.29 15.26
N ILE F 82 -1.61 -50.57 14.90
CA ILE F 82 -0.83 -51.60 15.56
C ILE F 82 0.64 -51.54 15.13
N GLN F 83 0.89 -51.17 13.87
CA GLN F 83 2.27 -51.16 13.38
C GLN F 83 3.16 -50.23 14.20
N ALA F 84 2.62 -49.12 14.65
CA ALA F 84 3.39 -48.25 15.54
C ALA F 84 3.78 -48.99 16.81
N SER F 85 2.88 -49.82 17.33
CA SER F 85 3.23 -50.65 18.47
C SER F 85 4.28 -51.69 18.11
N THR F 86 4.03 -52.46 17.04
CA THR F 86 4.91 -53.57 16.70
C THR F 86 6.30 -53.09 16.33
N LEU F 87 6.40 -52.19 15.34
CA LEU F 87 7.70 -51.73 14.85
C LEU F 87 8.53 -51.15 15.98
N THR F 88 7.90 -50.47 16.93
CA THR F 88 8.61 -49.96 18.09
C THR F 88 9.31 -51.09 18.83
N THR F 89 8.54 -52.06 19.32
CA THR F 89 9.12 -53.20 20.02
C THR F 89 10.15 -53.91 19.15
N LEU F 90 9.93 -53.95 17.85
CA LEU F 90 10.90 -54.53 16.93
C LEU F 90 12.23 -53.79 17.01
N LEU F 91 12.19 -52.45 17.08
CA LEU F 91 13.42 -51.70 17.25
C LEU F 91 14.01 -51.90 18.63
N LEU F 92 13.16 -51.91 19.66
CA LEU F 92 13.66 -52.06 21.03
C LEU F 92 14.41 -53.37 21.21
N LYS F 93 13.85 -54.46 20.67
CA LYS F 93 14.51 -55.75 20.77
C LYS F 93 15.86 -55.76 20.08
N GLU F 94 16.10 -54.81 19.17
CA GLU F 94 17.40 -54.72 18.51
C GLU F 94 18.43 -54.04 19.41
N LEU F 95 18.01 -53.05 20.19
CA LEU F 95 18.89 -52.39 21.14
C LEU F 95 19.17 -53.24 22.38
N ASP F 96 18.80 -54.52 22.35
CA ASP F 96 19.02 -55.44 23.47
C ASP F 96 18.39 -54.90 24.75
N ILE F 97 17.23 -54.26 24.60
CA ILE F 97 16.46 -53.76 25.74
C ILE F 97 16.14 -54.95 26.63
N PRO F 98 16.54 -54.92 27.90
CA PRO F 98 16.35 -56.10 28.77
C PRO F 98 14.91 -56.59 28.85
N ASN F 99 13.96 -55.70 29.11
CA ASN F 99 12.56 -56.10 29.27
C ASN F 99 11.67 -55.12 28.51
N ILE F 100 10.95 -55.62 27.51
CA ILE F 100 10.01 -54.81 26.73
C ILE F 100 8.60 -55.28 27.03
N TRP F 101 7.74 -54.36 27.49
CA TRP F 101 6.35 -54.64 27.77
C TRP F 101 5.48 -53.89 26.77
N VAL F 102 4.53 -54.59 26.18
CA VAL F 102 3.76 -54.06 25.05
C VAL F 102 2.27 -54.20 25.35
N LYS F 103 1.49 -53.24 24.88
CA LYS F 103 0.03 -53.28 24.96
C LYS F 103 -0.51 -53.80 23.63
N ALA F 104 -1.04 -55.02 23.65
CA ALA F 104 -1.62 -55.61 22.44
C ALA F 104 -3.09 -55.25 22.33
N GLN F 105 -3.61 -55.35 21.11
CA GLN F 105 -4.98 -54.95 20.84
C GLN F 105 -5.88 -56.18 20.70
N ASN F 106 -5.65 -56.99 19.67
CA ASN F 106 -6.48 -58.16 19.42
C ASN F 106 -5.67 -59.44 19.66
N TYR F 107 -6.25 -60.57 19.28
CA TYR F 107 -5.61 -61.86 19.55
C TYR F 107 -4.35 -62.03 18.70
N TYR F 108 -4.41 -61.68 17.42
CA TYR F 108 -3.23 -61.85 16.57
C TYR F 108 -2.09 -60.94 17.02
N HIS F 109 -2.42 -59.78 17.60
CA HIS F 109 -1.38 -58.92 18.15
C HIS F 109 -0.60 -59.62 19.24
N HIS F 110 -1.31 -60.38 20.09
CA HIS F 110 -0.64 -61.21 21.08
C HIS F 110 0.33 -62.16 20.42
N LYS F 111 -0.08 -62.77 19.30
CA LYS F 111 0.76 -63.76 18.63
C LYS F 111 1.98 -63.10 17.99
N VAL F 112 1.77 -62.05 17.18
CA VAL F 112 2.88 -61.48 16.44
C VAL F 112 3.89 -60.83 17.39
N LEU F 113 3.40 -60.11 18.40
CA LEU F 113 4.31 -59.56 19.40
C LEU F 113 5.07 -60.65 20.14
N GLU F 114 4.45 -61.81 20.31
CA GLU F 114 5.09 -62.90 21.04
C GLU F 114 6.31 -63.43 20.30
N LYS F 115 6.28 -63.42 18.97
CA LYS F 115 7.40 -63.91 18.18
C LYS F 115 8.43 -62.82 17.85
N ILE F 116 8.14 -61.56 18.18
CA ILE F 116 9.13 -60.50 18.01
C ILE F 116 10.18 -60.56 19.10
N GLY F 117 9.76 -60.84 20.33
CA GLY F 117 10.64 -60.84 21.47
C GLY F 117 10.07 -60.01 22.59
N ALA F 118 8.78 -59.70 22.49
CA ALA F 118 8.09 -58.93 23.52
C ALA F 118 8.13 -59.67 24.85
N ASP F 119 8.82 -59.09 25.83
CA ASP F 119 8.98 -59.72 27.12
C ASP F 119 7.67 -59.80 27.92
N ARG F 120 6.65 -59.04 27.52
CA ARG F 120 5.37 -59.07 28.21
C ARG F 120 4.32 -58.39 27.34
N ILE F 121 3.10 -58.93 27.40
CA ILE F 121 1.96 -58.43 26.63
C ILE F 121 0.80 -58.25 27.59
N ILE F 122 0.14 -57.09 27.51
CA ILE F 122 -0.95 -56.74 28.41
C ILE F 122 -2.19 -56.41 27.58
N HIS F 123 -3.31 -57.05 27.92
CA HIS F 123 -4.62 -56.71 27.35
C HIS F 123 -5.40 -55.92 28.38
N PRO F 124 -5.45 -54.59 28.27
CA PRO F 124 -6.14 -53.80 29.32
C PRO F 124 -7.59 -54.18 29.54
N GLU F 125 -8.35 -54.39 28.46
CA GLU F 125 -9.75 -54.75 28.62
C GLU F 125 -9.91 -56.18 29.13
N LYS F 126 -9.08 -57.09 28.62
CA LYS F 126 -9.18 -58.50 29.01
C LYS F 126 -8.65 -58.72 30.42
N ASP F 127 -7.38 -58.37 30.65
CA ASP F 127 -6.76 -58.64 31.94
C ASP F 127 -7.44 -57.91 33.08
N MET F 128 -8.21 -56.85 32.80
CA MET F 128 -8.93 -56.18 33.87
C MET F 128 -10.20 -56.93 34.24
N GLY F 129 -10.90 -57.50 33.25
CA GLY F 129 -12.09 -58.27 33.54
C GLY F 129 -11.81 -59.46 34.44
N VAL F 130 -10.65 -60.09 34.27
CA VAL F 130 -10.33 -61.23 35.12
C VAL F 130 -10.04 -60.78 36.54
N LYS F 131 -9.57 -59.54 36.71
CA LYS F 131 -9.34 -59.02 38.05
C LYS F 131 -10.65 -58.62 38.71
N ILE F 132 -11.55 -57.99 37.95
CA ILE F 132 -12.87 -57.67 38.46
C ILE F 132 -13.63 -58.95 38.79
N ALA F 133 -13.51 -59.97 37.92
CA ALA F 133 -14.14 -61.26 38.19
C ALA F 133 -13.58 -61.92 39.44
N GLN F 134 -12.41 -61.48 39.92
CA GLN F 134 -11.88 -61.90 41.20
C GLN F 134 -12.35 -61.02 42.35
N SER F 135 -12.65 -59.74 42.07
CA SER F 135 -13.16 -58.86 43.11
C SER F 135 -14.61 -59.19 43.43
N LEU F 136 -15.40 -59.57 42.42
CA LEU F 136 -16.79 -59.94 42.67
C LEU F 136 -16.91 -61.29 43.37
N SER F 137 -15.94 -62.18 43.16
CA SER F 137 -15.98 -63.51 43.77
C SER F 137 -15.66 -63.44 45.26
N ASP F 138 -14.53 -62.84 45.61
CA ASP F 138 -14.12 -62.67 47.00
C ASP F 138 -15.00 -61.67 47.76
N GLU F 139 -15.93 -61.00 47.07
CA GLU F 139 -16.82 -60.06 47.72
C GLU F 139 -18.02 -60.74 48.39
N ASN F 140 -18.14 -62.06 48.29
CA ASN F 140 -19.25 -62.78 48.91
C ASN F 140 -18.95 -64.27 49.01
N LYS F 149 -23.40 -63.71 45.15
CA LYS F 149 -23.91 -64.99 44.67
C LYS F 149 -24.48 -64.87 43.27
N GLN F 150 -25.42 -63.94 43.09
CA GLN F 150 -26.03 -63.67 41.80
C GLN F 150 -25.20 -62.63 41.05
N PHE F 151 -24.63 -63.02 39.92
CA PHE F 151 -23.81 -62.14 39.10
C PHE F 151 -24.43 -61.95 37.72
N ALA F 152 -24.38 -60.72 37.22
CA ALA F 152 -24.92 -60.36 35.92
C ALA F 152 -24.05 -59.28 35.29
N VAL F 153 -23.61 -59.50 34.06
CA VAL F 153 -22.75 -58.56 33.34
C VAL F 153 -23.48 -58.10 32.09
N ILE F 154 -23.63 -56.78 31.95
CA ILE F 154 -24.27 -56.18 30.79
C ILE F 154 -23.19 -55.65 29.85
N GLY F 155 -23.38 -55.89 28.55
CA GLY F 155 -22.40 -55.46 27.57
C GLY F 155 -21.24 -56.41 27.43
N LEU F 156 -21.27 -57.24 26.39
CA LEU F 156 -20.24 -58.25 26.17
C LEU F 156 -19.10 -57.72 25.28
N GLY F 157 -18.62 -56.53 25.63
CA GLY F 157 -17.42 -56.01 25.01
C GLY F 157 -16.23 -56.86 25.40
N ARG F 158 -15.05 -56.37 25.01
CA ARG F 158 -13.80 -57.03 25.40
C ARG F 158 -13.67 -57.11 26.91
N PHE F 159 -14.10 -56.06 27.62
CA PHE F 159 -14.07 -56.09 29.09
C PHE F 159 -15.19 -56.98 29.63
N GLY F 160 -16.44 -56.70 29.23
CA GLY F 160 -17.57 -57.49 29.66
C GLY F 160 -17.55 -58.94 29.20
N GLY F 161 -16.68 -59.27 28.25
CA GLY F 161 -16.52 -60.64 27.82
C GLY F 161 -15.45 -61.37 28.61
N SER F 162 -14.47 -60.63 29.10
CA SER F 162 -13.40 -61.22 29.90
C SER F 162 -13.82 -61.43 31.36
N ILE F 163 -14.95 -60.90 31.77
CA ILE F 163 -15.48 -61.14 33.11
C ILE F 163 -16.48 -62.28 33.12
N VAL F 164 -17.27 -62.39 32.06
CA VAL F 164 -18.14 -63.55 31.89
C VAL F 164 -17.30 -64.81 31.69
N LYS F 165 -16.17 -64.70 30.99
CA LYS F 165 -15.32 -65.86 30.73
C LYS F 165 -14.59 -66.30 32.00
N GLU F 166 -14.23 -65.36 32.88
CA GLU F 166 -13.44 -65.70 34.05
C GLU F 166 -14.32 -66.16 35.21
N LEU F 167 -15.40 -65.43 35.49
CA LEU F 167 -16.30 -65.82 36.58
C LEU F 167 -16.86 -67.22 36.34
N HIS F 168 -17.12 -67.56 35.08
CA HIS F 168 -17.57 -68.90 34.75
C HIS F 168 -16.47 -69.93 34.95
N ARG F 169 -15.20 -69.50 34.89
CA ARG F 169 -14.09 -70.44 35.01
C ARG F 169 -13.98 -70.98 36.43
N MET F 170 -13.93 -70.10 37.44
CA MET F 170 -13.88 -70.56 38.82
C MET F 170 -15.13 -71.35 39.18
N GLY F 171 -16.29 -70.89 38.72
CA GLY F 171 -17.53 -71.59 38.99
C GLY F 171 -18.57 -70.72 39.68
N HIS F 172 -18.87 -69.57 39.08
CA HIS F 172 -19.87 -68.65 39.61
C HIS F 172 -20.89 -68.32 38.54
N GLU F 173 -22.16 -68.22 38.96
CA GLU F 173 -23.25 -67.94 38.04
C GLU F 173 -23.10 -66.54 37.45
N VAL F 174 -23.21 -66.45 36.12
CA VAL F 174 -23.05 -65.19 35.40
C VAL F 174 -24.22 -65.02 34.45
N LEU F 175 -24.99 -63.94 34.64
CA LEU F 175 -26.06 -63.58 33.71
C LEU F 175 -25.49 -62.62 32.67
N ALA F 176 -24.85 -63.22 31.66
CA ALA F 176 -24.31 -62.43 30.55
C ALA F 176 -25.44 -61.93 29.66
N VAL F 177 -25.30 -60.70 29.19
CA VAL F 177 -26.33 -60.09 28.34
C VAL F 177 -25.74 -58.91 27.59
N ASP F 178 -25.97 -58.86 26.28
CA ASP F 178 -25.48 -57.78 25.43
C ASP F 178 -26.63 -57.31 24.55
N ILE F 179 -26.43 -56.13 23.94
CA ILE F 179 -27.48 -55.51 23.13
C ILE F 179 -27.89 -56.42 21.98
N ASN F 180 -26.91 -56.94 21.23
CA ASN F 180 -27.19 -57.80 20.10
C ASN F 180 -26.77 -59.23 20.40
N GLU F 181 -27.10 -60.12 19.47
CA GLU F 181 -26.89 -61.55 19.64
C GLU F 181 -25.51 -62.03 19.23
N GLU F 182 -24.82 -61.29 18.36
CA GLU F 182 -23.55 -61.77 17.80
C GLU F 182 -22.57 -62.16 18.90
N LYS F 183 -22.56 -61.41 20.00
CA LYS F 183 -21.68 -61.75 21.12
C LYS F 183 -22.33 -62.77 22.04
N VAL F 184 -23.64 -62.66 22.27
CA VAL F 184 -24.33 -63.57 23.15
C VAL F 184 -24.30 -64.99 22.60
N ASN F 185 -24.13 -65.14 21.29
CA ASN F 185 -23.98 -66.46 20.70
C ASN F 185 -22.67 -67.12 21.15
N ALA F 186 -21.55 -66.42 20.96
CA ALA F 186 -20.24 -66.98 21.34
C ALA F 186 -20.07 -67.12 22.84
N TYR F 187 -20.98 -66.56 23.64
CA TYR F 187 -20.95 -66.66 25.10
C TYR F 187 -22.11 -67.49 25.64
N ALA F 188 -22.56 -68.48 24.86
CA ALA F 188 -23.64 -69.36 25.31
C ALA F 188 -23.15 -70.36 26.35
N SER F 189 -21.97 -70.94 26.14
CA SER F 189 -21.36 -71.87 27.08
C SER F 189 -20.31 -71.20 27.95
N TYR F 190 -20.25 -69.86 27.94
CA TYR F 190 -19.31 -69.10 28.74
C TYR F 190 -19.98 -68.44 29.94
N ALA F 191 -21.27 -68.68 30.14
CA ALA F 191 -22.03 -68.03 31.20
C ALA F 191 -23.14 -68.95 31.67
N THR F 192 -23.64 -68.66 32.87
CA THR F 192 -24.80 -69.39 33.38
C THR F 192 -26.03 -69.14 32.53
N HIS F 193 -26.22 -67.91 32.09
CA HIS F 193 -27.36 -67.55 31.25
C HIS F 193 -26.95 -66.50 30.24
N ALA F 194 -26.95 -66.87 28.96
CA ALA F 194 -26.69 -65.93 27.89
C ALA F 194 -28.03 -65.36 27.41
N VAL F 195 -28.16 -64.03 27.47
CA VAL F 195 -29.40 -63.35 27.16
C VAL F 195 -29.10 -62.23 26.17
N ILE F 196 -30.05 -61.97 25.28
CA ILE F 196 -29.91 -60.96 24.24
C ILE F 196 -30.95 -59.89 24.52
N ALA F 197 -30.51 -58.76 25.08
CA ALA F 197 -31.44 -57.74 25.56
C ALA F 197 -30.77 -56.38 25.52
N ASN F 198 -31.60 -55.35 25.48
CA ASN F 198 -31.15 -53.97 25.57
C ASN F 198 -31.38 -53.49 27.00
N ALA F 199 -30.31 -53.05 27.65
CA ALA F 199 -30.38 -52.67 29.06
C ALA F 199 -31.05 -51.33 29.29
N THR F 200 -31.55 -50.68 28.24
CA THR F 200 -32.26 -49.42 28.39
C THR F 200 -33.77 -49.60 28.52
N GLU F 201 -34.29 -50.76 28.16
CA GLU F 201 -35.73 -51.02 28.26
C GLU F 201 -36.04 -51.60 29.63
N GLU F 202 -37.06 -51.04 30.29
CA GLU F 202 -37.38 -51.48 31.64
C GLU F 202 -37.87 -52.92 31.65
N ASN F 203 -38.81 -53.26 30.77
CA ASN F 203 -39.41 -54.59 30.78
C ASN F 203 -38.38 -55.69 30.54
N GLU F 204 -37.32 -55.39 29.79
CA GLU F 204 -36.27 -56.38 29.58
C GLU F 204 -35.43 -56.57 30.84
N LEU F 205 -35.34 -55.54 31.69
CA LEU F 205 -34.63 -55.68 32.95
C LEU F 205 -35.46 -56.43 33.98
N LEU F 206 -36.78 -56.20 34.00
CA LEU F 206 -37.63 -56.89 34.96
C LEU F 206 -37.78 -58.36 34.59
N SER F 207 -38.13 -58.65 33.33
CA SER F 207 -38.36 -60.02 32.90
C SER F 207 -37.12 -60.89 33.04
N LEU F 208 -35.93 -60.28 33.10
CA LEU F 208 -34.68 -61.03 33.29
C LEU F 208 -34.39 -61.31 34.75
N GLY F 209 -35.28 -60.94 35.66
CA GLY F 209 -35.03 -61.12 37.08
C GLY F 209 -33.78 -60.43 37.57
N ILE F 210 -33.36 -59.37 36.89
CA ILE F 210 -32.14 -58.65 37.26
C ILE F 210 -32.21 -58.12 38.69
N ARG F 211 -33.43 -57.90 39.21
CA ARG F 211 -33.59 -57.47 40.59
C ARG F 211 -32.93 -58.44 41.56
N ASN F 212 -32.96 -59.74 41.25
CA ASN F 212 -32.39 -60.75 42.15
C ASN F 212 -30.87 -60.75 42.15
N PHE F 213 -30.24 -59.94 41.32
CA PHE F 213 -28.79 -59.92 41.19
C PHE F 213 -28.21 -58.77 42.01
N GLU F 214 -27.40 -59.12 43.02
CA GLU F 214 -26.77 -58.11 43.87
C GLU F 214 -25.62 -57.40 43.16
N TYR F 215 -25.08 -57.96 42.08
CA TYR F 215 -23.93 -57.39 41.39
C TYR F 215 -24.24 -57.31 39.90
N VAL F 216 -24.45 -56.11 39.38
CA VAL F 216 -24.68 -55.88 37.96
C VAL F 216 -23.49 -55.10 37.40
N ILE F 217 -23.01 -55.54 36.23
CA ILE F 217 -21.84 -54.96 35.59
C ILE F 217 -22.28 -54.39 34.25
N VAL F 218 -22.09 -53.09 34.07
CA VAL F 218 -22.42 -52.40 32.82
C VAL F 218 -21.10 -52.19 32.09
N ALA F 219 -20.75 -53.10 31.21
CA ALA F 219 -19.55 -53.00 30.40
C ALA F 219 -19.85 -52.56 28.97
N ILE F 220 -21.05 -52.06 28.72
CA ILE F 220 -21.41 -51.56 27.39
C ILE F 220 -20.50 -50.38 27.05
N GLY F 221 -19.57 -50.60 26.15
CA GLY F 221 -18.72 -49.54 25.65
C GLY F 221 -19.43 -48.68 24.64
N ALA F 222 -18.65 -48.07 23.75
CA ALA F 222 -19.15 -47.25 22.65
C ALA F 222 -19.97 -46.13 23.25
N ASN F 223 -21.26 -45.98 22.91
CA ASN F 223 -22.02 -44.84 23.39
C ASN F 223 -22.22 -44.91 24.90
N ILE F 224 -21.97 -43.78 25.54
CA ILE F 224 -22.05 -43.70 26.99
C ILE F 224 -23.49 -43.83 27.48
N GLN F 225 -24.46 -43.34 26.69
CA GLN F 225 -25.84 -43.30 27.17
C GLN F 225 -26.35 -44.71 27.49
N ALA F 226 -26.01 -45.70 26.66
CA ALA F 226 -26.37 -47.07 27.00
C ALA F 226 -25.73 -47.49 28.32
N SER F 227 -24.47 -47.09 28.54
CA SER F 227 -23.84 -47.37 29.83
C SER F 227 -24.62 -46.70 30.96
N THR F 228 -24.75 -45.37 30.88
CA THR F 228 -25.40 -44.60 31.94
C THR F 228 -26.83 -45.03 32.16
N LEU F 229 -27.65 -44.91 31.11
CA LEU F 229 -29.09 -45.17 31.25
C LEU F 229 -29.34 -46.52 31.90
N THR F 230 -28.56 -47.51 31.52
CA THR F 230 -28.58 -48.82 32.17
C THR F 230 -28.46 -48.68 33.68
N THR F 231 -27.32 -48.16 34.15
CA THR F 231 -27.11 -47.95 35.58
C THR F 231 -28.24 -47.14 36.19
N LEU F 232 -28.72 -46.12 35.47
CA LEU F 232 -29.86 -45.35 35.96
C LEU F 232 -31.05 -46.25 36.24
N LEU F 233 -31.33 -47.17 35.32
CA LEU F 233 -32.40 -48.14 35.54
C LEU F 233 -32.05 -49.06 36.70
N LEU F 234 -30.83 -49.61 36.70
CA LEU F 234 -30.43 -50.54 37.75
C LEU F 234 -30.57 -49.92 39.12
N LYS F 235 -30.15 -48.66 39.26
CA LYS F 235 -30.27 -47.99 40.55
C LYS F 235 -31.73 -47.83 40.95
N GLU F 236 -32.65 -47.82 39.98
CA GLU F 236 -34.06 -47.76 40.32
C GLU F 236 -34.57 -49.09 40.87
N LEU F 237 -34.04 -50.21 40.37
CA LEU F 237 -34.39 -51.52 40.89
C LEU F 237 -33.71 -51.83 42.23
N ASP F 238 -33.13 -50.82 42.89
CA ASP F 238 -32.45 -51.00 44.18
C ASP F 238 -31.38 -52.08 44.10
N ILE F 239 -30.72 -52.20 42.95
CA ILE F 239 -29.64 -53.17 42.80
C ILE F 239 -28.60 -52.89 43.86
N PRO F 240 -28.23 -53.88 44.68
CA PRO F 240 -27.30 -53.63 45.79
C PRO F 240 -25.98 -53.00 45.35
N ASN F 241 -25.30 -53.61 44.38
CA ASN F 241 -24.00 -53.15 43.93
C ASN F 241 -23.97 -53.13 42.40
N ILE F 242 -23.95 -51.93 41.82
CA ILE F 242 -23.83 -51.76 40.38
C ILE F 242 -22.40 -51.33 40.06
N TRP F 243 -21.73 -52.09 39.21
CA TRP F 243 -20.38 -51.79 38.76
C TRP F 243 -20.45 -51.41 37.28
N VAL F 244 -19.82 -50.29 36.93
CA VAL F 244 -19.99 -49.71 35.60
C VAL F 244 -18.63 -49.45 34.97
N LYS F 245 -18.55 -49.65 33.66
CA LYS F 245 -17.37 -49.33 32.88
C LYS F 245 -17.54 -47.93 32.31
N ALA F 246 -16.82 -46.97 32.87
CA ALA F 246 -16.83 -45.61 32.37
C ALA F 246 -15.81 -45.44 31.24
N GLN F 247 -15.99 -44.36 30.47
CA GLN F 247 -15.16 -44.10 29.30
C GLN F 247 -14.21 -42.94 29.57
N ASN F 248 -14.72 -41.73 29.75
CA ASN F 248 -13.90 -40.55 29.94
C ASN F 248 -14.06 -40.02 31.37
N TYR F 249 -13.42 -38.88 31.63
CA TYR F 249 -13.46 -38.28 32.96
C TYR F 249 -14.88 -37.88 33.34
N TYR F 250 -15.61 -37.25 32.41
CA TYR F 250 -16.96 -36.82 32.72
C TYR F 250 -17.88 -38.01 32.93
N HIS F 251 -17.62 -39.13 32.25
CA HIS F 251 -18.41 -40.33 32.48
C HIS F 251 -18.25 -40.84 33.90
N HIS F 252 -17.09 -40.58 34.53
CA HIS F 252 -16.89 -40.94 35.92
C HIS F 252 -17.77 -40.10 36.84
N LYS F 253 -17.86 -38.79 36.57
CA LYS F 253 -18.62 -37.91 37.45
C LYS F 253 -20.11 -38.20 37.39
N VAL F 254 -20.65 -38.37 36.17
CA VAL F 254 -22.10 -38.52 36.02
C VAL F 254 -22.57 -39.84 36.62
N LEU F 255 -21.85 -40.94 36.33
CA LEU F 255 -22.18 -42.22 36.94
C LEU F 255 -22.09 -42.15 38.47
N GLU F 256 -21.22 -41.30 39.00
CA GLU F 256 -21.08 -41.18 40.46
C GLU F 256 -22.32 -40.57 41.08
N LYS F 257 -22.96 -39.61 40.40
CA LYS F 257 -24.18 -38.99 40.91
C LYS F 257 -25.42 -39.82 40.65
N ILE F 258 -25.35 -40.81 39.76
CA ILE F 258 -26.49 -41.69 39.54
C ILE F 258 -26.65 -42.64 40.72
N GLY F 259 -25.54 -43.11 41.27
CA GLY F 259 -25.58 -44.08 42.35
C GLY F 259 -24.75 -45.31 42.02
N ALA F 260 -23.86 -45.18 41.04
CA ALA F 260 -22.99 -46.28 40.67
C ALA F 260 -22.11 -46.69 41.84
N ASP F 261 -22.29 -47.92 42.31
CA ASP F 261 -21.53 -48.39 43.46
C ASP F 261 -20.05 -48.53 43.13
N ARG F 262 -19.72 -48.83 41.87
CA ARG F 262 -18.32 -48.99 41.46
C ARG F 262 -18.17 -48.51 40.03
N ILE F 263 -17.03 -47.89 39.73
CA ILE F 263 -16.68 -47.43 38.39
C ILE F 263 -15.27 -47.91 38.08
N ILE F 264 -15.09 -48.47 36.89
CA ILE F 264 -13.82 -49.05 36.48
C ILE F 264 -13.38 -48.41 35.18
N HIS F 265 -12.12 -47.94 35.16
CA HIS F 265 -11.49 -47.47 33.94
C HIS F 265 -10.52 -48.54 33.46
N PRO F 266 -10.90 -49.40 32.51
CA PRO F 266 -9.97 -50.44 32.06
C PRO F 266 -8.67 -49.87 31.52
N GLU F 267 -8.74 -48.69 30.89
CA GLU F 267 -7.53 -48.03 30.41
C GLU F 267 -6.68 -47.50 31.57
N LYS F 268 -7.29 -46.71 32.46
CA LYS F 268 -6.52 -46.06 33.52
C LYS F 268 -6.14 -47.03 34.61
N ASP F 269 -7.10 -47.77 35.15
CA ASP F 269 -6.85 -48.60 36.32
C ASP F 269 -5.81 -49.68 36.04
N MET F 270 -5.67 -50.12 34.79
CA MET F 270 -4.67 -51.13 34.48
C MET F 270 -3.27 -50.54 34.48
N GLY F 271 -3.13 -49.27 34.07
CA GLY F 271 -1.82 -48.65 34.03
C GLY F 271 -1.18 -48.54 35.41
N VAL F 272 -1.99 -48.21 36.43
CA VAL F 272 -1.46 -48.09 37.77
C VAL F 272 -1.03 -49.45 38.30
N LYS F 273 -1.62 -50.52 37.77
CA LYS F 273 -1.21 -51.88 38.16
C LYS F 273 0.11 -52.26 37.48
N ILE F 274 0.27 -51.89 36.21
CA ILE F 274 1.54 -52.15 35.53
C ILE F 274 2.62 -51.23 36.09
N ALA F 275 2.26 -49.99 36.44
CA ALA F 275 3.22 -49.09 37.09
C ALA F 275 3.69 -49.64 38.42
N GLN F 276 2.90 -50.51 39.06
CA GLN F 276 3.34 -51.24 40.23
C GLN F 276 4.11 -52.52 39.89
N SER F 277 3.88 -53.10 38.70
CA SER F 277 4.61 -54.30 38.32
C SER F 277 6.05 -53.97 37.93
N LEU F 278 6.27 -52.81 37.32
CA LEU F 278 7.60 -52.42 36.92
C LEU F 278 8.43 -51.90 38.08
N SER F 279 7.78 -51.39 39.14
CA SER F 279 8.51 -50.89 40.29
C SER F 279 9.05 -52.05 41.14
N ASP F 280 8.20 -53.00 41.48
CA ASP F 280 8.58 -54.16 42.27
C ASP F 280 9.40 -55.18 41.49
N GLU F 281 9.70 -54.92 40.21
CA GLU F 281 10.50 -55.81 39.39
C GLU F 281 12.00 -55.52 39.47
N ASN F 282 12.40 -54.45 40.15
CA ASN F 282 13.83 -54.12 40.34
C ASN F 282 14.03 -53.30 41.60
N LYS G 7 -51.05 -13.73 -21.25
CA LYS G 7 -50.15 -12.73 -21.79
C LYS G 7 -48.97 -12.49 -20.86
N GLN G 8 -49.27 -12.18 -19.60
CA GLN G 8 -48.24 -11.98 -18.58
C GLN G 8 -48.03 -13.30 -17.82
N PHE G 9 -46.82 -13.85 -17.90
CA PHE G 9 -46.47 -15.09 -17.23
C PHE G 9 -45.45 -14.85 -16.13
N ALA G 10 -45.56 -15.64 -15.07
CA ALA G 10 -44.66 -15.56 -13.91
C ALA G 10 -44.48 -16.97 -13.33
N VAL G 11 -43.23 -17.34 -13.07
CA VAL G 11 -42.87 -18.65 -12.52
C VAL G 11 -42.06 -18.43 -11.25
N ILE G 12 -42.55 -18.99 -10.14
CA ILE G 12 -41.88 -18.90 -8.85
C ILE G 12 -41.12 -20.19 -8.59
N GLY G 13 -39.92 -20.06 -8.04
CA GLY G 13 -39.10 -21.23 -7.74
C GLY G 13 -38.37 -21.77 -8.95
N LEU G 14 -37.06 -21.51 -9.00
CA LEU G 14 -36.22 -21.93 -10.14
C LEU G 14 -35.55 -23.27 -9.88
N GLY G 15 -36.33 -24.27 -9.48
CA GLY G 15 -35.81 -25.62 -9.41
C GLY G 15 -35.62 -26.20 -10.80
N ARG G 16 -35.40 -27.51 -10.85
CA ARG G 16 -35.25 -28.16 -12.15
C ARG G 16 -36.51 -28.01 -12.99
N PHE G 17 -37.68 -28.12 -12.37
CA PHE G 17 -38.92 -27.96 -13.10
C PHE G 17 -39.17 -26.49 -13.45
N GLY G 18 -39.12 -25.61 -12.46
CA GLY G 18 -39.34 -24.19 -12.67
C GLY G 18 -38.28 -23.49 -13.50
N GLY G 19 -37.15 -24.14 -13.72
CA GLY G 19 -36.14 -23.60 -14.60
C GLY G 19 -36.36 -24.01 -16.04
N SER G 20 -37.00 -25.17 -16.24
CA SER G 20 -37.28 -25.69 -17.57
C SER G 20 -38.49 -25.04 -18.22
N ILE G 21 -39.21 -24.19 -17.50
CA ILE G 21 -40.39 -23.49 -18.02
C ILE G 21 -40.02 -22.04 -18.32
N VAL G 22 -39.12 -21.50 -17.50
CA VAL G 22 -38.64 -20.15 -17.73
C VAL G 22 -37.81 -20.08 -19.01
N LYS G 23 -36.98 -21.09 -19.25
CA LYS G 23 -36.15 -21.11 -20.46
C LYS G 23 -36.95 -21.48 -21.70
N GLU G 24 -38.03 -22.26 -21.55
CA GLU G 24 -38.81 -22.69 -22.70
C GLU G 24 -39.81 -21.62 -23.13
N LEU G 25 -40.53 -21.04 -22.16
CA LEU G 25 -41.43 -19.93 -22.49
C LEU G 25 -40.67 -18.77 -23.09
N HIS G 26 -39.43 -18.53 -22.62
CA HIS G 26 -38.60 -17.49 -23.21
C HIS G 26 -38.12 -17.87 -24.60
N ARG G 27 -38.05 -19.17 -24.90
CA ARG G 27 -37.55 -19.61 -26.19
C ARG G 27 -38.50 -19.24 -27.32
N MET G 28 -39.78 -19.60 -27.20
CA MET G 28 -40.77 -19.22 -28.20
C MET G 28 -40.94 -17.71 -28.28
N GLY G 29 -41.00 -17.04 -27.11
CA GLY G 29 -41.11 -15.60 -27.09
C GLY G 29 -42.25 -15.06 -26.26
N HIS G 30 -42.33 -15.47 -24.99
CA HIS G 30 -43.36 -15.00 -24.07
C HIS G 30 -42.71 -14.41 -22.83
N GLU G 31 -43.33 -13.36 -22.28
CA GLU G 31 -42.81 -12.69 -21.10
C GLU G 31 -42.92 -13.62 -19.88
N VAL G 32 -41.80 -13.80 -19.17
CA VAL G 32 -41.72 -14.69 -18.02
C VAL G 32 -41.13 -13.92 -16.84
N LEU G 33 -41.89 -13.81 -15.76
CA LEU G 33 -41.41 -13.19 -14.52
C LEU G 33 -40.84 -14.29 -13.63
N ALA G 34 -39.58 -14.65 -13.89
CA ALA G 34 -38.89 -15.66 -13.11
C ALA G 34 -38.45 -15.10 -11.76
N VAL G 35 -38.51 -15.95 -10.73
CA VAL G 35 -38.18 -15.54 -9.37
C VAL G 35 -37.94 -16.77 -8.50
N ASP G 36 -36.90 -16.73 -7.66
CA ASP G 36 -36.55 -17.83 -6.76
C ASP G 36 -36.16 -17.25 -5.41
N ILE G 37 -36.07 -18.12 -4.40
CA ILE G 37 -35.93 -17.66 -3.02
C ILE G 37 -34.59 -16.98 -2.80
N ASN G 38 -33.51 -17.54 -3.35
CA ASN G 38 -32.19 -16.96 -3.22
C ASN G 38 -31.75 -16.39 -4.58
N GLU G 39 -30.46 -16.11 -4.73
CA GLU G 39 -29.94 -15.48 -5.94
C GLU G 39 -29.07 -16.40 -6.78
N GLU G 40 -28.59 -17.51 -6.23
CA GLU G 40 -27.70 -18.40 -6.98
C GLU G 40 -28.34 -18.87 -8.28
N LYS G 41 -29.65 -19.14 -8.25
CA LYS G 41 -30.36 -19.56 -9.45
C LYS G 41 -30.79 -18.36 -10.30
N VAL G 42 -31.22 -17.27 -9.66
CA VAL G 42 -31.67 -16.09 -10.37
C VAL G 42 -30.54 -15.47 -11.18
N ASN G 43 -29.29 -15.72 -10.80
CA ASN G 43 -28.15 -15.20 -11.56
C ASN G 43 -28.04 -15.89 -12.92
N ALA G 44 -28.03 -17.22 -12.94
CA ALA G 44 -27.92 -17.96 -14.18
C ALA G 44 -29.16 -17.82 -15.07
N TYR G 45 -30.27 -17.30 -14.53
CA TYR G 45 -31.50 -17.09 -15.30
C TYR G 45 -31.77 -15.62 -15.55
N ALA G 46 -30.71 -14.79 -15.57
CA ALA G 46 -30.88 -13.37 -15.85
C ALA G 46 -31.19 -13.10 -17.31
N SER G 47 -30.66 -13.94 -18.20
CA SER G 47 -30.91 -13.81 -19.64
C SER G 47 -31.84 -14.89 -20.16
N TYR G 48 -32.54 -15.60 -19.26
CA TYR G 48 -33.46 -16.67 -19.62
C TYR G 48 -34.91 -16.30 -19.36
N ALA G 49 -35.18 -15.06 -18.95
CA ALA G 49 -36.53 -14.61 -18.61
C ALA G 49 -36.67 -13.12 -18.91
N THR G 50 -37.92 -12.68 -19.01
CA THR G 50 -38.21 -11.25 -19.18
C THR G 50 -37.76 -10.45 -17.98
N HIS G 51 -37.99 -10.97 -16.77
CA HIS G 51 -37.56 -10.30 -15.54
C HIS G 51 -37.12 -11.34 -14.52
N ALA G 52 -35.84 -11.31 -14.15
CA ALA G 52 -35.30 -12.16 -13.11
C ALA G 52 -35.30 -11.39 -11.79
N VAL G 53 -35.94 -11.97 -10.78
CA VAL G 53 -36.16 -11.31 -9.49
C VAL G 53 -35.73 -12.23 -8.36
N ILE G 54 -35.12 -11.65 -7.32
CA ILE G 54 -34.72 -12.37 -6.11
C ILE G 54 -35.68 -11.97 -5.00
N ALA G 55 -36.54 -12.90 -4.58
CA ALA G 55 -37.58 -12.60 -3.60
C ALA G 55 -38.03 -13.89 -2.93
N ASN G 56 -38.69 -13.75 -1.79
CA ASN G 56 -39.30 -14.87 -1.08
C ASN G 56 -40.82 -14.76 -1.25
N ALA G 57 -41.42 -15.81 -1.82
CA ALA G 57 -42.83 -15.78 -2.19
C ALA G 57 -43.76 -15.88 -0.99
N THR G 58 -43.23 -15.92 0.23
CA THR G 58 -44.03 -15.94 1.43
C THR G 58 -44.27 -14.54 2.01
N GLU G 59 -43.48 -13.55 1.61
CA GLU G 59 -43.65 -12.18 2.10
C GLU G 59 -44.65 -11.43 1.23
N GLU G 60 -45.57 -10.71 1.87
CA GLU G 60 -46.62 -10.03 1.10
C GLU G 60 -46.05 -8.87 0.29
N ASN G 61 -45.21 -8.03 0.91
CA ASN G 61 -44.72 -6.82 0.26
C ASN G 61 -43.86 -7.13 -0.97
N GLU G 62 -43.24 -8.31 -1.01
CA GLU G 62 -42.46 -8.69 -2.19
C GLU G 62 -43.34 -9.17 -3.33
N LEU G 63 -44.54 -9.69 -3.02
CA LEU G 63 -45.47 -10.07 -4.08
C LEU G 63 -46.13 -8.85 -4.70
N LEU G 64 -46.53 -7.88 -3.86
CA LEU G 64 -47.18 -6.68 -4.37
C LEU G 64 -46.20 -5.82 -5.17
N SER G 65 -45.02 -5.56 -4.59
CA SER G 65 -44.04 -4.71 -5.26
C SER G 65 -43.58 -5.28 -6.60
N LEU G 66 -43.81 -6.57 -6.83
CA LEU G 66 -43.46 -7.23 -8.08
C LEU G 66 -44.57 -7.16 -9.12
N GLY G 67 -45.69 -6.50 -8.80
CA GLY G 67 -46.80 -6.38 -9.72
C GLY G 67 -47.30 -7.73 -10.18
N ILE G 68 -47.24 -8.72 -9.28
CA ILE G 68 -47.58 -10.09 -9.63
C ILE G 68 -49.05 -10.21 -10.02
N ARG G 69 -49.92 -9.36 -9.47
CA ARG G 69 -51.33 -9.44 -9.79
C ARG G 69 -51.63 -9.13 -11.24
N ASN G 70 -50.74 -8.40 -11.94
CA ASN G 70 -50.91 -8.16 -13.36
C ASN G 70 -50.70 -9.42 -14.19
N PHE G 71 -50.20 -10.48 -13.58
CA PHE G 71 -49.91 -11.73 -14.26
C PHE G 71 -51.08 -12.70 -14.11
N GLU G 72 -51.69 -13.06 -15.23
CA GLU G 72 -52.79 -14.00 -15.19
C GLU G 72 -52.34 -15.44 -14.91
N TYR G 73 -51.05 -15.72 -15.02
CA TYR G 73 -50.52 -17.08 -14.87
C TYR G 73 -49.31 -17.04 -13.95
N VAL G 74 -49.46 -17.61 -12.76
CA VAL G 74 -48.38 -17.72 -11.80
C VAL G 74 -48.08 -19.20 -11.59
N ILE G 75 -46.79 -19.54 -11.57
CA ILE G 75 -46.34 -20.92 -11.46
C ILE G 75 -45.46 -21.03 -10.22
N VAL G 76 -45.82 -21.94 -9.31
CA VAL G 76 -45.08 -22.19 -8.08
C VAL G 76 -44.38 -23.52 -8.26
N ALA G 77 -43.06 -23.49 -8.45
CA ALA G 77 -42.26 -24.69 -8.63
C ALA G 77 -41.21 -24.87 -7.53
N ILE G 78 -41.42 -24.22 -6.38
CA ILE G 78 -40.50 -24.35 -5.25
C ILE G 78 -40.59 -25.77 -4.72
N GLY G 79 -39.49 -26.52 -4.81
CA GLY G 79 -39.42 -27.86 -4.27
C GLY G 79 -39.03 -27.85 -2.81
N ALA G 80 -38.51 -28.98 -2.36
CA ALA G 80 -37.99 -29.15 -0.99
C ALA G 80 -39.13 -28.90 -0.01
N ASN G 81 -39.02 -27.94 0.90
CA ASN G 81 -40.06 -27.70 1.90
C ASN G 81 -41.39 -27.34 1.24
N ILE G 82 -42.44 -28.05 1.65
CA ILE G 82 -43.75 -27.85 1.04
C ILE G 82 -44.38 -26.55 1.50
N GLN G 83 -44.11 -26.12 2.75
CA GLN G 83 -44.73 -24.89 3.26
C GLN G 83 -44.41 -23.70 2.38
N ALA G 84 -43.22 -23.65 1.80
CA ALA G 84 -42.91 -22.59 0.84
C ALA G 84 -43.79 -22.69 -0.39
N SER G 85 -44.09 -23.92 -0.83
CA SER G 85 -44.98 -24.10 -1.97
C SER G 85 -46.42 -23.75 -1.62
N THR G 86 -46.90 -24.19 -0.45
CA THR G 86 -48.29 -23.96 -0.08
C THR G 86 -48.57 -22.49 0.23
N LEU G 87 -47.80 -21.92 1.16
CA LEU G 87 -48.04 -20.55 1.60
C LEU G 87 -47.98 -19.58 0.43
N THR G 88 -47.14 -19.85 -0.56
CA THR G 88 -47.09 -19.02 -1.76
C THR G 88 -48.46 -18.98 -2.45
N THR G 89 -48.96 -20.15 -2.85
CA THR G 89 -50.26 -20.21 -3.53
C THR G 89 -51.37 -19.66 -2.65
N LEU G 90 -51.23 -19.78 -1.33
CA LEU G 90 -52.19 -19.17 -0.42
C LEU G 90 -52.21 -17.66 -0.57
N LEU G 91 -51.03 -17.05 -0.74
CA LEU G 91 -50.98 -15.62 -0.97
C LEU G 91 -51.45 -15.27 -2.37
N LEU G 92 -51.10 -16.08 -3.37
CA LEU G 92 -51.50 -15.80 -4.75
C LEU G 92 -53.02 -15.80 -4.89
N LYS G 93 -53.69 -16.78 -4.28
CA LYS G 93 -55.15 -16.85 -4.35
C LYS G 93 -55.81 -15.65 -3.68
N GLU G 94 -55.07 -14.91 -2.84
CA GLU G 94 -55.59 -13.69 -2.23
C GLU G 94 -55.51 -12.49 -3.17
N LEU G 95 -54.49 -12.42 -4.02
CA LEU G 95 -54.37 -11.36 -5.01
C LEU G 95 -55.28 -11.58 -6.23
N ASP G 96 -56.22 -12.53 -6.14
CA ASP G 96 -57.16 -12.85 -7.21
C ASP G 96 -56.43 -13.19 -8.51
N ILE G 97 -55.32 -13.93 -8.39
CA ILE G 97 -54.57 -14.37 -9.57
C ILE G 97 -55.47 -15.25 -10.40
N PRO G 98 -55.67 -14.93 -11.69
CA PRO G 98 -56.62 -15.71 -12.50
C PRO G 98 -56.32 -17.20 -12.54
N ASN G 99 -55.08 -17.58 -12.84
CA ASN G 99 -54.70 -18.98 -12.95
C ASN G 99 -53.38 -19.22 -12.23
N ILE G 100 -53.43 -19.98 -11.14
CA ILE G 100 -52.23 -20.38 -10.39
C ILE G 100 -51.95 -21.86 -10.67
N TRP G 101 -50.73 -22.15 -11.10
CA TRP G 101 -50.30 -23.53 -11.36
C TRP G 101 -49.19 -23.87 -10.36
N VAL G 102 -49.31 -25.04 -9.73
CA VAL G 102 -48.44 -25.42 -8.62
C VAL G 102 -47.84 -26.79 -8.87
N LYS G 103 -46.61 -26.99 -8.42
CA LYS G 103 -45.93 -28.27 -8.46
C LYS G 103 -46.07 -28.94 -7.10
N ALA G 104 -46.87 -29.99 -7.03
CA ALA G 104 -47.06 -30.73 -5.79
C ALA G 104 -46.01 -31.83 -5.66
N GLN G 105 -45.81 -32.27 -4.41
CA GLN G 105 -44.79 -33.27 -4.09
C GLN G 105 -45.41 -34.65 -3.87
N ASN G 106 -46.24 -34.79 -2.84
CA ASN G 106 -46.86 -36.07 -2.50
C ASN G 106 -48.37 -36.01 -2.70
N TYR G 107 -49.06 -37.05 -2.25
CA TYR G 107 -50.51 -37.15 -2.46
C TYR G 107 -51.27 -36.14 -1.60
N TYR G 108 -50.87 -35.99 -0.34
CA TYR G 108 -51.55 -35.03 0.52
C TYR G 108 -51.33 -33.61 0.03
N HIS G 109 -50.17 -33.34 -0.59
CA HIS G 109 -49.95 -32.04 -1.20
C HIS G 109 -50.97 -31.76 -2.30
N HIS G 110 -51.42 -32.81 -2.99
CA HIS G 110 -52.47 -32.64 -3.99
C HIS G 110 -53.78 -32.23 -3.34
N LYS G 111 -54.12 -32.83 -2.20
CA LYS G 111 -55.40 -32.54 -1.56
C LYS G 111 -55.43 -31.15 -0.97
N VAL G 112 -54.36 -30.76 -0.24
CA VAL G 112 -54.38 -29.47 0.44
C VAL G 112 -54.35 -28.33 -0.56
N LEU G 113 -53.53 -28.43 -1.61
CA LEU G 113 -53.53 -27.41 -2.64
C LEU G 113 -54.88 -27.31 -3.35
N GLU G 114 -55.61 -28.42 -3.43
CA GLU G 114 -56.91 -28.40 -4.10
C GLU G 114 -57.95 -27.61 -3.32
N LYS G 115 -57.87 -27.62 -1.98
CA LYS G 115 -58.79 -26.83 -1.17
C LYS G 115 -58.36 -25.39 -0.98
N ILE G 116 -57.11 -25.05 -1.30
CA ILE G 116 -56.67 -23.66 -1.23
C ILE G 116 -57.28 -22.87 -2.39
N GLY G 117 -57.36 -23.49 -3.56
CA GLY G 117 -57.84 -22.82 -4.74
C GLY G 117 -56.87 -22.92 -5.89
N ALA G 118 -55.95 -23.90 -5.81
CA ALA G 118 -54.97 -24.09 -6.86
C ALA G 118 -55.66 -24.46 -8.16
N ASP G 119 -55.52 -23.60 -9.17
CA ASP G 119 -56.16 -23.82 -10.46
C ASP G 119 -55.62 -25.07 -11.16
N ARG G 120 -54.31 -25.34 -11.05
CA ARG G 120 -53.70 -26.52 -11.63
C ARG G 120 -52.66 -27.09 -10.69
N ILE G 121 -52.47 -28.41 -10.75
CA ILE G 121 -51.47 -29.12 -9.97
C ILE G 121 -50.76 -30.10 -10.90
N ILE G 122 -49.42 -30.11 -10.86
CA ILE G 122 -48.60 -30.92 -11.75
C ILE G 122 -47.68 -31.80 -10.93
N HIS G 123 -47.68 -33.10 -11.22
CA HIS G 123 -46.73 -34.04 -10.63
C HIS G 123 -45.67 -34.38 -11.67
N PRO G 124 -44.48 -33.76 -11.62
CA PRO G 124 -43.48 -34.03 -12.66
C PRO G 124 -43.09 -35.49 -12.81
N GLU G 125 -42.96 -36.23 -11.71
CA GLU G 125 -42.60 -37.64 -11.82
C GLU G 125 -43.78 -38.50 -12.23
N LYS G 126 -44.96 -38.23 -11.68
CA LYS G 126 -46.14 -39.03 -11.99
C LYS G 126 -46.67 -38.73 -13.38
N ASP G 127 -46.98 -37.47 -13.66
CA ASP G 127 -47.57 -37.12 -14.95
C ASP G 127 -46.66 -37.43 -16.12
N MET G 128 -45.35 -37.54 -15.88
CA MET G 128 -44.44 -37.92 -16.95
C MET G 128 -44.53 -39.41 -17.25
N GLY G 129 -44.65 -40.23 -16.20
CA GLY G 129 -44.76 -41.67 -16.40
C GLY G 129 -45.96 -42.04 -17.25
N VAL G 130 -47.08 -41.35 -17.07
CA VAL G 130 -48.25 -41.66 -17.88
C VAL G 130 -48.02 -41.23 -19.34
N LYS G 131 -47.16 -40.24 -19.56
CA LYS G 131 -46.83 -39.85 -20.92
C LYS G 131 -45.86 -40.82 -21.56
N ILE G 132 -44.87 -41.27 -20.79
CA ILE G 132 -43.95 -42.29 -21.31
C ILE G 132 -44.70 -43.60 -21.53
N ALA G 133 -45.61 -43.95 -20.63
CA ALA G 133 -46.43 -45.15 -20.82
C ALA G 133 -47.33 -45.05 -22.04
N GLN G 134 -47.56 -43.84 -22.55
CA GLN G 134 -48.20 -43.65 -23.85
C GLN G 134 -47.20 -43.68 -25.00
N SER G 135 -45.96 -43.26 -24.75
CA SER G 135 -44.95 -43.32 -25.82
C SER G 135 -44.55 -44.75 -26.12
N LEU G 136 -44.43 -45.58 -25.09
CA LEU G 136 -44.11 -46.99 -25.30
C LEU G 136 -45.27 -47.77 -25.90
N SER G 137 -46.50 -47.33 -25.65
CA SER G 137 -47.66 -48.03 -26.19
C SER G 137 -47.81 -47.77 -27.68
N ASP G 138 -47.75 -46.50 -28.09
CA ASP G 138 -47.85 -46.12 -29.49
C ASP G 138 -46.56 -46.35 -30.26
N GLU G 139 -45.49 -46.81 -29.61
CA GLU G 139 -44.25 -47.15 -30.30
C GLU G 139 -44.28 -48.54 -30.94
N ASN G 140 -45.36 -49.30 -30.75
CA ASN G 140 -45.47 -50.64 -31.32
C ASN G 140 -46.94 -51.07 -31.42
N LYS G 149 -44.33 -55.19 -27.32
CA LYS G 149 -45.18 -56.21 -26.76
C LYS G 149 -44.74 -56.57 -25.34
N GLN G 150 -43.45 -56.89 -25.19
CA GLN G 150 -42.88 -57.22 -23.90
C GLN G 150 -42.35 -55.95 -23.25
N PHE G 151 -42.94 -55.56 -22.12
CA PHE G 151 -42.56 -54.35 -21.40
C PHE G 151 -42.04 -54.72 -20.01
N ALA G 152 -40.97 -54.05 -19.61
CA ALA G 152 -40.34 -54.26 -18.31
C ALA G 152 -39.81 -52.94 -17.78
N VAL G 153 -40.22 -52.58 -16.56
CA VAL G 153 -39.82 -51.33 -15.92
C VAL G 153 -39.02 -51.67 -14.68
N ILE G 154 -37.77 -51.21 -14.63
CA ILE G 154 -36.90 -51.41 -13.49
C ILE G 154 -36.95 -50.16 -12.62
N GLY G 155 -36.98 -50.37 -11.30
CA GLY G 155 -37.05 -49.26 -10.37
C GLY G 155 -38.45 -48.71 -10.24
N LEU G 156 -39.11 -49.05 -9.13
CA LEU G 156 -40.50 -48.63 -8.89
C LEU G 156 -40.57 -47.34 -8.09
N GLY G 157 -39.78 -46.35 -8.51
CA GLY G 157 -39.91 -45.03 -7.96
C GLY G 157 -41.24 -44.43 -8.36
N ARG G 158 -41.38 -43.15 -8.03
CA ARG G 158 -42.57 -42.39 -8.45
C ARG G 158 -42.75 -42.45 -9.96
N PHE G 159 -41.66 -42.28 -10.71
CA PHE G 159 -41.73 -42.39 -12.17
C PHE G 159 -41.96 -43.84 -12.60
N GLY G 160 -41.10 -44.75 -12.15
CA GLY G 160 -41.26 -46.16 -12.49
C GLY G 160 -42.53 -46.78 -11.97
N GLY G 161 -43.18 -46.15 -10.99
CA GLY G 161 -44.46 -46.63 -10.53
C GLY G 161 -45.63 -46.12 -11.35
N SER G 162 -45.49 -44.90 -11.90
CA SER G 162 -46.53 -44.32 -12.73
C SER G 162 -46.56 -44.90 -14.14
N ILE G 163 -45.54 -45.65 -14.54
CA ILE G 163 -45.54 -46.27 -15.86
C ILE G 163 -46.05 -47.71 -15.78
N VAL G 164 -45.73 -48.39 -14.69
CA VAL G 164 -46.31 -49.69 -14.42
C VAL G 164 -47.81 -49.57 -14.16
N LYS G 165 -48.23 -48.50 -13.47
CA LYS G 165 -49.65 -48.32 -13.18
C LYS G 165 -50.43 -47.95 -14.44
N GLU G 166 -49.81 -47.20 -15.35
CA GLU G 166 -50.51 -46.74 -16.54
C GLU G 166 -50.54 -47.82 -17.62
N LEU G 167 -49.38 -48.42 -17.90
CA LEU G 167 -49.33 -49.46 -18.92
C LEU G 167 -50.28 -50.62 -18.60
N HIS G 168 -50.40 -50.96 -17.31
CA HIS G 168 -51.35 -51.99 -16.91
C HIS G 168 -52.80 -51.52 -17.11
N ARG G 169 -53.04 -50.21 -17.00
CA ARG G 169 -54.39 -49.70 -17.21
C ARG G 169 -54.82 -49.85 -18.66
N MET G 170 -53.93 -49.50 -19.60
CA MET G 170 -54.25 -49.67 -21.02
C MET G 170 -54.44 -51.13 -21.38
N GLY G 171 -53.68 -52.02 -20.76
CA GLY G 171 -53.80 -53.44 -21.02
C GLY G 171 -52.59 -54.05 -21.68
N HIS G 172 -51.40 -53.71 -21.21
CA HIS G 172 -50.14 -54.23 -21.74
C HIS G 172 -49.34 -54.90 -20.63
N GLU G 173 -48.65 -55.98 -20.99
CA GLU G 173 -47.86 -56.72 -20.03
C GLU G 173 -46.68 -55.87 -19.55
N VAL G 174 -46.50 -55.79 -18.23
CA VAL G 174 -45.46 -54.97 -17.62
C VAL G 174 -44.69 -55.83 -16.63
N LEU G 175 -43.40 -56.03 -16.88
CA LEU G 175 -42.52 -56.72 -15.93
C LEU G 175 -41.96 -55.67 -14.97
N ALA G 176 -42.78 -55.32 -13.98
CA ALA G 176 -42.34 -54.40 -12.94
C ALA G 176 -41.31 -55.08 -12.05
N VAL G 177 -40.28 -54.33 -11.67
CA VAL G 177 -39.22 -54.87 -10.82
C VAL G 177 -38.47 -53.72 -10.15
N ASP G 178 -38.30 -53.82 -8.85
CA ASP G 178 -37.61 -52.81 -8.06
C ASP G 178 -36.60 -53.51 -7.16
N ILE G 179 -35.70 -52.71 -6.57
CA ILE G 179 -34.57 -53.27 -5.83
C ILE G 179 -35.05 -54.05 -4.61
N ASN G 180 -36.03 -53.52 -3.88
CA ASN G 180 -36.60 -54.19 -2.72
C ASN G 180 -38.04 -54.63 -3.04
N GLU G 181 -38.77 -55.05 -1.99
CA GLU G 181 -40.11 -55.58 -2.13
C GLU G 181 -41.20 -54.64 -1.65
N GLU G 182 -40.86 -53.62 -0.85
CA GLU G 182 -41.86 -52.71 -0.32
C GLU G 182 -42.71 -52.10 -1.44
N LYS G 183 -42.08 -51.74 -2.55
CA LYS G 183 -42.82 -51.21 -3.68
C LYS G 183 -43.44 -52.34 -4.50
N VAL G 184 -42.70 -53.44 -4.69
CA VAL G 184 -43.19 -54.56 -5.47
C VAL G 184 -44.44 -55.17 -4.84
N ASN G 185 -44.62 -54.99 -3.52
CA ASN G 185 -45.82 -55.49 -2.87
C ASN G 185 -47.06 -54.72 -3.31
N ALA G 186 -47.02 -53.39 -3.18
CA ALA G 186 -48.16 -52.57 -3.58
C ALA G 186 -48.40 -52.61 -5.08
N TYR G 187 -47.43 -53.09 -5.85
CA TYR G 187 -47.56 -53.23 -7.29
C TYR G 187 -47.73 -54.69 -7.72
N ALA G 188 -48.30 -55.51 -6.83
CA ALA G 188 -48.52 -56.92 -7.17
C ALA G 188 -49.69 -57.07 -8.13
N SER G 189 -50.74 -56.28 -7.95
CA SER G 189 -51.89 -56.26 -8.84
C SER G 189 -51.84 -55.09 -9.82
N TYR G 190 -50.68 -54.44 -9.95
CA TYR G 190 -50.50 -53.29 -10.82
C TYR G 190 -49.63 -53.62 -12.03
N ALA G 191 -49.25 -54.89 -12.20
CA ALA G 191 -48.37 -55.28 -13.30
C ALA G 191 -48.65 -56.74 -13.67
N THR G 192 -48.21 -57.12 -14.86
CA THR G 192 -48.31 -58.51 -15.29
C THR G 192 -47.45 -59.41 -14.42
N HIS G 193 -46.25 -58.95 -14.05
CA HIS G 193 -45.36 -59.72 -13.20
C HIS G 193 -44.58 -58.78 -12.29
N ALA G 194 -44.89 -58.81 -11.00
CA ALA G 194 -44.15 -58.05 -10.01
C ALA G 194 -42.98 -58.90 -9.51
N VAL G 195 -41.77 -58.36 -9.62
CA VAL G 195 -40.55 -59.10 -9.32
C VAL G 195 -39.68 -58.28 -8.37
N ILE G 196 -39.08 -58.96 -7.41
CA ILE G 196 -38.15 -58.34 -6.46
C ILE G 196 -36.74 -58.75 -6.90
N ALA G 197 -35.97 -57.80 -7.44
CA ALA G 197 -34.65 -58.13 -7.95
C ALA G 197 -33.80 -56.87 -8.01
N ASN G 198 -32.48 -57.08 -8.00
CA ASN G 198 -31.52 -56.01 -8.20
C ASN G 198 -31.02 -56.07 -9.64
N ALA G 199 -31.16 -54.96 -10.36
CA ALA G 199 -30.85 -54.96 -11.79
C ALA G 199 -29.36 -54.90 -12.06
N THR G 200 -28.51 -54.95 -11.04
CA THR G 200 -27.08 -54.96 -11.22
C THR G 200 -26.50 -56.37 -11.27
N GLU G 201 -27.28 -57.39 -10.90
CA GLU G 201 -26.81 -58.76 -10.92
C GLU G 201 -27.17 -59.40 -12.25
N GLU G 202 -26.20 -60.05 -12.89
CA GLU G 202 -26.44 -60.66 -14.19
C GLU G 202 -27.47 -61.77 -14.08
N ASN G 203 -27.27 -62.69 -13.14
CA ASN G 203 -28.15 -63.87 -13.04
C ASN G 203 -29.60 -63.47 -12.76
N GLU G 204 -29.81 -62.36 -12.06
CA GLU G 204 -31.18 -61.90 -11.85
C GLU G 204 -31.78 -61.32 -13.12
N LEU G 205 -30.95 -60.83 -14.03
CA LEU G 205 -31.46 -60.33 -15.31
C LEU G 205 -31.74 -61.48 -16.28
N LEU G 206 -30.90 -62.51 -16.26
CA LEU G 206 -31.11 -63.64 -17.17
C LEU G 206 -32.30 -64.49 -16.73
N SER G 207 -32.34 -64.85 -15.44
CA SER G 207 -33.41 -65.71 -14.94
C SER G 207 -34.78 -65.06 -15.09
N LEU G 208 -34.83 -63.73 -15.12
CA LEU G 208 -36.08 -63.02 -15.31
C LEU G 208 -36.53 -62.99 -16.77
N GLY G 209 -35.75 -63.58 -17.68
CA GLY G 209 -36.10 -63.58 -19.08
C GLY G 209 -36.17 -62.18 -19.65
N ILE G 210 -35.40 -61.26 -19.04
CA ILE G 210 -35.40 -59.87 -19.47
C ILE G 210 -34.96 -59.76 -20.93
N ARG G 211 -34.16 -60.72 -21.41
CA ARG G 211 -33.78 -60.77 -22.81
C ARG G 211 -34.99 -60.70 -23.73
N ASN G 212 -36.11 -61.33 -23.33
CA ASN G 212 -37.30 -61.38 -24.17
C ASN G 212 -38.02 -60.04 -24.25
N PHE G 213 -37.60 -59.05 -23.47
CA PHE G 213 -38.29 -57.78 -23.39
C PHE G 213 -37.61 -56.76 -24.30
N GLU G 214 -38.36 -56.26 -25.29
CA GLU G 214 -37.81 -55.28 -26.22
C GLU G 214 -37.74 -53.88 -25.62
N TYR G 215 -38.45 -53.62 -24.52
CA TYR G 215 -38.51 -52.29 -23.92
C TYR G 215 -38.25 -52.42 -22.42
N VAL G 216 -37.07 -52.00 -21.98
CA VAL G 216 -36.71 -52.00 -20.57
C VAL G 216 -36.60 -50.55 -20.11
N ILE G 217 -37.21 -50.27 -18.96
CA ILE G 217 -37.26 -48.93 -18.41
C ILE G 217 -36.53 -48.95 -17.09
N VAL G 218 -35.43 -48.20 -17.00
CA VAL G 218 -34.66 -48.08 -15.77
C VAL G 218 -35.08 -46.77 -15.12
N ALA G 219 -36.01 -46.87 -14.17
CA ALA G 219 -36.50 -45.70 -13.44
C ALA G 219 -35.98 -45.68 -12.01
N ILE G 220 -34.89 -46.42 -11.74
CA ILE G 220 -34.30 -46.40 -10.41
C ILE G 220 -33.85 -44.99 -10.09
N GLY G 221 -34.21 -44.51 -8.91
CA GLY G 221 -33.88 -43.17 -8.48
C GLY G 221 -32.61 -43.16 -7.64
N ALA G 222 -32.42 -42.07 -6.91
CA ALA G 222 -31.33 -41.94 -5.96
C ALA G 222 -30.00 -42.06 -6.73
N ASN G 223 -29.06 -42.87 -6.30
CA ASN G 223 -27.74 -42.82 -6.90
C ASN G 223 -27.79 -43.30 -8.33
N ILE G 224 -26.84 -42.77 -9.11
CA ILE G 224 -26.80 -42.98 -10.54
C ILE G 224 -26.26 -44.37 -10.89
N GLN G 225 -25.32 -44.93 -10.11
CA GLN G 225 -24.68 -46.21 -10.49
C GLN G 225 -25.70 -47.34 -10.66
N ALA G 226 -26.72 -47.37 -9.80
CA ALA G 226 -27.77 -48.37 -9.98
C ALA G 226 -28.48 -48.19 -11.31
N SER G 227 -28.75 -46.93 -11.69
CA SER G 227 -29.37 -46.68 -12.99
C SER G 227 -28.44 -47.10 -14.12
N THR G 228 -27.20 -46.61 -14.11
CA THR G 228 -26.26 -46.88 -15.19
C THR G 228 -25.97 -48.37 -15.35
N LEU G 229 -25.38 -48.97 -14.32
CA LEU G 229 -24.95 -50.37 -14.37
C LEU G 229 -26.05 -51.26 -14.92
N THR G 230 -27.29 -51.01 -14.50
CA THR G 230 -28.44 -51.69 -15.06
C THR G 230 -28.43 -51.60 -16.58
N THR G 231 -28.52 -50.39 -17.11
CA THR G 231 -28.53 -50.19 -18.57
C THR G 231 -27.27 -50.78 -19.20
N LEU G 232 -26.14 -50.66 -18.53
CA LEU G 232 -24.91 -51.28 -19.03
C LEU G 232 -25.11 -52.77 -19.23
N LEU G 233 -25.73 -53.43 -18.25
CA LEU G 233 -26.05 -54.84 -18.40
C LEU G 233 -27.11 -55.06 -19.47
N LEU G 234 -28.14 -54.20 -19.50
CA LEU G 234 -29.20 -54.35 -20.49
C LEU G 234 -28.63 -54.30 -21.90
N LYS G 235 -27.78 -53.32 -22.18
CA LYS G 235 -27.18 -53.23 -23.51
C LYS G 235 -26.34 -54.46 -23.83
N GLU G 236 -25.88 -55.20 -22.82
CA GLU G 236 -25.12 -56.42 -23.10
C GLU G 236 -26.04 -57.54 -23.56
N LEU G 237 -27.24 -57.63 -23.00
CA LEU G 237 -28.22 -58.61 -23.44
C LEU G 237 -28.88 -58.25 -24.77
N ASP G 238 -28.34 -57.26 -25.48
CA ASP G 238 -28.85 -56.84 -26.79
C ASP G 238 -30.31 -56.42 -26.70
N ILE G 239 -30.67 -55.75 -25.61
CA ILE G 239 -32.03 -55.25 -25.43
C ILE G 239 -32.32 -54.25 -26.54
N PRO G 240 -33.39 -54.43 -27.30
CA PRO G 240 -33.65 -53.57 -28.47
C PRO G 240 -33.73 -52.09 -28.12
N ASN G 241 -34.60 -51.73 -27.17
CA ASN G 241 -34.83 -50.34 -26.82
C ASN G 241 -34.80 -50.19 -25.30
N ILE G 242 -33.71 -49.62 -24.79
CA ILE G 242 -33.57 -49.35 -23.36
C ILE G 242 -33.91 -47.89 -23.12
N TRP G 243 -34.86 -47.65 -22.23
CA TRP G 243 -35.26 -46.30 -21.84
C TRP G 243 -34.88 -46.10 -20.38
N VAL G 244 -34.19 -45.00 -20.10
CA VAL G 244 -33.56 -44.79 -18.80
C VAL G 244 -33.97 -43.44 -18.25
N LYS G 245 -34.15 -43.38 -16.93
CA LYS G 245 -34.43 -42.13 -16.22
C LYS G 245 -33.11 -41.57 -15.71
N ALA G 246 -32.66 -40.48 -16.32
CA ALA G 246 -31.42 -39.83 -15.91
C ALA G 246 -31.69 -38.80 -14.82
N GLN G 247 -30.62 -38.34 -14.19
CA GLN G 247 -30.71 -37.42 -13.06
C GLN G 247 -30.12 -36.06 -13.38
N ASN G 248 -28.83 -35.97 -13.68
CA ASN G 248 -28.17 -34.71 -13.97
C ASN G 248 -27.64 -34.70 -15.41
N TYR G 249 -26.97 -33.60 -15.76
CA TYR G 249 -26.46 -33.43 -17.12
C TYR G 249 -25.42 -34.49 -17.47
N TYR G 250 -24.45 -34.72 -16.57
CA TYR G 250 -23.43 -35.72 -16.84
C TYR G 250 -24.04 -37.11 -16.95
N HIS G 251 -25.15 -37.35 -16.25
CA HIS G 251 -25.85 -38.62 -16.41
C HIS G 251 -26.36 -38.79 -17.83
N HIS G 252 -26.73 -37.70 -18.50
CA HIS G 252 -27.17 -37.79 -19.90
C HIS G 252 -26.01 -38.19 -20.81
N LYS G 253 -24.85 -37.55 -20.64
CA LYS G 253 -23.71 -37.83 -21.52
C LYS G 253 -23.24 -39.27 -21.36
N VAL G 254 -23.06 -39.73 -20.13
CA VAL G 254 -22.55 -41.07 -19.92
C VAL G 254 -23.56 -42.10 -20.43
N LEU G 255 -24.86 -41.90 -20.14
CA LEU G 255 -25.86 -42.83 -20.66
C LEU G 255 -25.92 -42.80 -22.18
N GLU G 256 -25.59 -41.66 -22.80
CA GLU G 256 -25.61 -41.58 -24.25
C GLU G 256 -24.50 -42.41 -24.87
N LYS G 257 -23.34 -42.50 -24.22
CA LYS G 257 -22.22 -43.28 -24.70
C LYS G 257 -22.32 -44.76 -24.35
N ILE G 258 -23.26 -45.15 -23.47
CA ILE G 258 -23.42 -46.57 -23.15
C ILE G 258 -24.23 -47.28 -24.23
N GLY G 259 -25.24 -46.59 -24.78
CA GLY G 259 -26.11 -47.20 -25.76
C GLY G 259 -27.57 -47.07 -25.38
N ALA G 260 -27.85 -46.16 -24.44
CA ALA G 260 -29.21 -45.89 -24.01
C ALA G 260 -30.05 -45.42 -25.19
N ASP G 261 -31.00 -46.23 -25.61
CA ASP G 261 -31.83 -45.87 -26.76
C ASP G 261 -32.63 -44.61 -26.49
N ARG G 262 -33.10 -44.42 -25.26
CA ARG G 262 -33.87 -43.24 -24.89
C ARG G 262 -33.52 -42.83 -23.48
N ILE G 263 -33.53 -41.52 -23.23
CA ILE G 263 -33.28 -40.93 -21.93
C ILE G 263 -34.38 -39.91 -21.65
N ILE G 264 -34.90 -39.91 -20.43
CA ILE G 264 -36.03 -39.07 -20.06
C ILE G 264 -35.69 -38.29 -18.79
N HIS G 265 -35.92 -36.97 -18.83
CA HIS G 265 -35.78 -36.10 -17.66
C HIS G 265 -37.17 -35.74 -17.13
N PRO G 266 -37.67 -36.41 -16.09
CA PRO G 266 -39.00 -36.05 -15.59
C PRO G 266 -39.12 -34.60 -15.14
N GLU G 267 -38.08 -34.03 -14.54
CA GLU G 267 -38.14 -32.63 -14.12
C GLU G 267 -38.04 -31.68 -15.31
N LYS G 268 -37.15 -31.96 -16.26
CA LYS G 268 -36.93 -31.05 -17.37
C LYS G 268 -37.98 -31.21 -18.45
N ASP G 269 -38.15 -32.44 -18.96
CA ASP G 269 -39.05 -32.67 -20.08
C ASP G 269 -40.48 -32.26 -19.77
N MET G 270 -40.85 -32.24 -18.48
CA MET G 270 -42.19 -31.81 -18.11
C MET G 270 -42.33 -30.30 -18.20
N GLY G 271 -41.27 -29.56 -17.89
CA GLY G 271 -41.33 -28.11 -17.98
C GLY G 271 -41.59 -27.61 -19.39
N VAL G 272 -40.99 -28.25 -20.39
CA VAL G 272 -41.18 -27.82 -21.76
C VAL G 272 -42.61 -28.13 -22.23
N LYS G 273 -43.23 -29.16 -21.65
CA LYS G 273 -44.61 -29.48 -22.00
C LYS G 273 -45.57 -28.51 -21.34
N ILE G 274 -45.29 -28.11 -20.10
CA ILE G 274 -46.11 -27.11 -19.43
C ILE G 274 -45.92 -25.75 -20.08
N ALA G 275 -44.69 -25.43 -20.47
CA ALA G 275 -44.43 -24.18 -21.18
C ALA G 275 -45.13 -24.13 -22.54
N GLN G 276 -45.52 -25.29 -23.07
CA GLN G 276 -46.39 -25.38 -24.23
C GLN G 276 -47.87 -25.30 -23.85
N SER G 277 -48.22 -25.71 -22.63
CA SER G 277 -49.62 -25.60 -22.22
C SER G 277 -50.00 -24.17 -21.86
N LEU G 278 -49.05 -23.37 -21.38
CA LEU G 278 -49.34 -21.99 -21.02
C LEU G 278 -49.33 -21.07 -22.24
N SER G 279 -48.56 -21.41 -23.28
CA SER G 279 -48.52 -20.57 -24.47
C SER G 279 -49.81 -20.71 -25.28
N ASP G 280 -50.23 -21.95 -25.54
CA ASP G 280 -51.45 -22.24 -26.28
C ASP G 280 -52.72 -21.94 -25.47
N GLU G 281 -52.61 -21.56 -24.20
CA GLU G 281 -53.77 -21.23 -23.36
C GLU G 281 -54.22 -19.79 -23.55
N ASN G 282 -53.56 -19.02 -24.40
CA ASN G 282 -53.96 -17.63 -24.66
C ASN G 282 -53.39 -17.12 -25.99
N LYS H 7 -67.48 -27.98 26.70
CA LYS H 7 -68.02 -29.23 27.25
C LYS H 7 -67.45 -30.44 26.50
N GLN H 8 -67.58 -30.43 25.18
CA GLN H 8 -67.06 -31.50 24.33
C GLN H 8 -65.63 -31.16 23.92
N PHE H 9 -64.67 -31.97 24.38
CA PHE H 9 -63.26 -31.77 24.07
C PHE H 9 -62.73 -32.94 23.27
N ALA H 10 -61.84 -32.65 22.31
CA ALA H 10 -61.25 -33.66 21.44
C ALA H 10 -59.84 -33.22 21.09
N VAL H 11 -58.88 -34.12 21.25
CA VAL H 11 -57.47 -33.84 20.98
C VAL H 11 -56.98 -34.84 19.94
N ILE H 12 -56.47 -34.33 18.83
CA ILE H 12 -55.92 -35.14 17.75
C ILE H 12 -54.41 -35.18 17.90
N GLY H 13 -53.83 -36.37 17.69
CA GLY H 13 -52.39 -36.52 17.81
C GLY H 13 -51.92 -36.68 19.23
N LEU H 14 -51.48 -37.87 19.59
CA LEU H 14 -51.05 -38.17 20.97
C LEU H 14 -49.53 -38.10 21.11
N GLY H 15 -48.93 -37.00 20.67
CA GLY H 15 -47.51 -36.79 20.92
C GLY H 15 -47.25 -36.42 22.36
N ARG H 16 -46.09 -35.82 22.64
CA ARG H 16 -45.82 -35.37 23.99
C ARG H 16 -46.75 -34.24 24.41
N PHE H 17 -47.04 -33.31 23.49
CA PHE H 17 -47.95 -32.21 23.82
C PHE H 17 -49.39 -32.70 23.89
N GLY H 18 -49.86 -33.40 22.86
CA GLY H 18 -51.22 -33.90 22.83
C GLY H 18 -51.52 -35.00 23.82
N GLY H 19 -50.49 -35.59 24.43
CA GLY H 19 -50.70 -36.60 25.46
C GLY H 19 -50.80 -35.98 26.84
N SER H 20 -50.15 -34.83 27.03
CA SER H 20 -50.22 -34.13 28.31
C SER H 20 -51.50 -33.32 28.47
N ILE H 21 -52.32 -33.20 27.43
CA ILE H 21 -53.61 -32.56 27.54
C ILE H 21 -54.75 -33.55 27.67
N VAL H 22 -54.60 -34.75 27.09
CA VAL H 22 -55.60 -35.79 27.24
C VAL H 22 -55.63 -36.29 28.68
N LYS H 23 -54.45 -36.41 29.31
CA LYS H 23 -54.36 -36.86 30.69
C LYS H 23 -54.72 -35.76 31.69
N GLU H 24 -54.43 -34.50 31.35
CA GLU H 24 -54.75 -33.40 32.27
C GLU H 24 -56.24 -33.11 32.29
N LEU H 25 -56.85 -33.00 31.10
CA LEU H 25 -58.28 -32.76 31.04
C LEU H 25 -59.07 -33.92 31.66
N HIS H 26 -58.60 -35.16 31.46
CA HIS H 26 -59.22 -36.31 32.10
C HIS H 26 -59.02 -36.28 33.60
N ARG H 27 -57.98 -35.59 34.08
CA ARG H 27 -57.72 -35.53 35.52
C ARG H 27 -58.76 -34.68 36.23
N MET H 28 -58.95 -33.43 35.77
CA MET H 28 -59.99 -32.57 36.33
C MET H 28 -61.35 -33.24 36.28
N GLY H 29 -61.69 -33.84 35.14
CA GLY H 29 -62.98 -34.49 34.98
C GLY H 29 -63.75 -33.99 33.79
N HIS H 30 -63.08 -33.84 32.65
CA HIS H 30 -63.70 -33.38 31.42
C HIS H 30 -63.55 -34.45 30.35
N GLU H 31 -64.58 -34.61 29.51
CA GLU H 31 -64.57 -35.60 28.46
C GLU H 31 -63.53 -35.24 27.41
N VAL H 32 -62.72 -36.22 27.01
CA VAL H 32 -61.63 -36.01 26.06
C VAL H 32 -61.73 -37.08 24.97
N LEU H 33 -61.82 -36.64 23.72
CA LEU H 33 -61.81 -37.56 22.58
C LEU H 33 -60.38 -37.63 22.05
N ALA H 34 -59.58 -38.52 22.64
CA ALA H 34 -58.21 -38.72 22.20
C ALA H 34 -58.16 -39.61 20.96
N VAL H 35 -57.21 -39.30 20.07
CA VAL H 35 -57.09 -40.00 18.79
C VAL H 35 -55.73 -39.68 18.17
N ASP H 36 -55.08 -40.69 17.58
CA ASP H 36 -53.75 -40.55 17.01
C ASP H 36 -53.64 -41.40 15.74
N ILE H 37 -52.59 -41.17 14.96
CA ILE H 37 -52.46 -41.81 13.66
C ILE H 37 -52.30 -43.31 13.79
N ASN H 38 -51.46 -43.75 14.73
CA ASN H 38 -51.22 -45.17 14.96
C ASN H 38 -51.97 -45.61 16.21
N GLU H 39 -51.92 -46.92 16.48
CA GLU H 39 -52.55 -47.44 17.67
C GLU H 39 -51.60 -47.58 18.83
N GLU H 40 -50.29 -47.47 18.59
CA GLU H 40 -49.31 -47.63 19.66
C GLU H 40 -49.56 -46.66 20.81
N LYS H 41 -49.96 -45.42 20.49
CA LYS H 41 -50.24 -44.43 21.52
C LYS H 41 -51.68 -44.55 22.01
N VAL H 42 -52.61 -44.87 21.11
CA VAL H 42 -54.02 -44.96 21.48
C VAL H 42 -54.24 -46.07 22.50
N ASN H 43 -53.38 -47.09 22.50
CA ASN H 43 -53.51 -48.17 23.47
C ASN H 43 -53.15 -47.69 24.88
N ALA H 44 -52.04 -46.97 25.02
CA ALA H 44 -51.63 -46.49 26.33
C ALA H 44 -52.55 -45.41 26.88
N TYR H 45 -53.37 -44.80 26.03
CA TYR H 45 -54.31 -43.76 26.43
C TYR H 45 -55.75 -44.26 26.40
N ALA H 46 -55.96 -45.56 26.65
CA ALA H 46 -57.31 -46.14 26.64
C ALA H 46 -58.10 -45.75 27.87
N SER H 47 -57.43 -45.57 29.01
CA SER H 47 -58.08 -45.13 30.25
C SER H 47 -57.65 -43.73 30.65
N TYR H 48 -56.98 -43.00 29.74
CA TYR H 48 -56.59 -41.62 29.98
C TYR H 48 -57.51 -40.63 29.28
N ALA H 49 -58.57 -41.13 28.64
CA ALA H 49 -59.50 -40.29 27.91
C ALA H 49 -60.89 -40.92 27.97
N THR H 50 -61.89 -40.09 27.69
CA THR H 50 -63.27 -40.58 27.61
C THR H 50 -63.41 -41.61 26.49
N HIS H 51 -62.78 -41.36 25.33
CA HIS H 51 -62.84 -42.29 24.21
C HIS H 51 -61.50 -42.29 23.49
N ALA H 52 -60.87 -43.46 23.42
CA ALA H 52 -59.64 -43.64 22.67
C ALA H 52 -59.96 -44.26 21.32
N VAL H 53 -59.51 -43.59 20.24
CA VAL H 53 -59.85 -43.98 18.87
C VAL H 53 -58.58 -44.01 18.04
N ILE H 54 -58.52 -44.96 17.12
CA ILE H 54 -57.41 -45.11 16.17
C ILE H 54 -57.93 -44.67 14.80
N ALA H 55 -57.40 -43.57 14.28
CA ALA H 55 -57.89 -43.01 13.02
C ALA H 55 -56.84 -42.08 12.44
N ASN H 56 -57.06 -41.68 11.18
CA ASN H 56 -56.20 -40.72 10.49
C ASN H 56 -57.02 -39.46 10.22
N ALA H 57 -56.51 -38.31 10.67
CA ALA H 57 -57.28 -37.08 10.63
C ALA H 57 -57.40 -36.47 9.24
N THR H 58 -56.78 -37.07 8.22
CA THR H 58 -56.87 -36.56 6.86
C THR H 58 -58.03 -37.14 6.07
N GLU H 59 -58.57 -38.29 6.50
CA GLU H 59 -59.70 -38.91 5.81
C GLU H 59 -61.00 -38.31 6.29
N GLU H 60 -61.89 -37.98 5.34
CA GLU H 60 -63.15 -37.33 5.72
C GLU H 60 -64.06 -38.30 6.47
N ASN H 61 -64.21 -39.53 5.97
CA ASN H 61 -65.15 -40.48 6.56
C ASN H 61 -64.79 -40.88 7.98
N GLU H 62 -63.51 -40.76 8.36
CA GLU H 62 -63.12 -41.03 9.74
C GLU H 62 -63.36 -39.84 10.66
N LEU H 63 -63.50 -38.63 10.10
CA LEU H 63 -63.86 -37.46 10.90
C LEU H 63 -65.36 -37.41 11.15
N LEU H 64 -66.16 -37.85 10.17
CA LEU H 64 -67.61 -37.84 10.32
C LEU H 64 -68.09 -38.99 11.20
N SER H 65 -67.58 -40.21 10.98
CA SER H 65 -68.03 -41.37 11.75
C SER H 65 -67.67 -41.26 13.23
N LEU H 66 -66.79 -40.32 13.59
CA LEU H 66 -66.39 -40.08 14.97
C LEU H 66 -67.21 -38.98 15.65
N GLY H 67 -68.18 -38.40 14.95
CA GLY H 67 -68.98 -37.33 15.51
C GLY H 67 -68.16 -36.15 15.98
N ILE H 68 -67.11 -35.80 15.23
CA ILE H 68 -66.18 -34.76 15.68
C ILE H 68 -66.84 -33.39 15.67
N ARG H 69 -67.85 -33.19 14.83
CA ARG H 69 -68.53 -31.90 14.76
C ARG H 69 -69.20 -31.53 16.08
N ASN H 70 -69.63 -32.53 16.86
CA ASN H 70 -70.24 -32.26 18.16
C ASN H 70 -69.25 -31.66 19.15
N PHE H 71 -67.97 -31.57 18.80
CA PHE H 71 -66.94 -31.07 19.70
C PHE H 71 -66.62 -29.62 19.35
N GLU H 72 -66.84 -28.73 20.31
CA GLU H 72 -66.57 -27.30 20.10
C GLU H 72 -65.09 -26.97 20.21
N TYR H 73 -64.28 -27.86 20.78
CA TYR H 73 -62.85 -27.62 21.00
C TYR H 73 -62.07 -28.81 20.45
N VAL H 74 -61.46 -28.63 19.28
CA VAL H 74 -60.61 -29.63 18.65
C VAL H 74 -59.17 -29.16 18.74
N ILE H 75 -58.27 -30.07 19.14
CA ILE H 75 -56.86 -29.76 19.33
C ILE H 75 -56.04 -30.62 18.39
N VAL H 76 -55.26 -29.99 17.52
CA VAL H 76 -54.40 -30.68 16.57
C VAL H 76 -52.97 -30.56 17.10
N ALA H 77 -52.46 -31.64 17.69
CA ALA H 77 -51.13 -31.66 18.26
C ALA H 77 -50.19 -32.59 17.50
N ILE H 78 -50.57 -33.04 16.30
CA ILE H 78 -49.74 -33.92 15.49
C ILE H 78 -48.46 -33.20 15.13
N GLY H 79 -47.35 -33.61 15.74
CA GLY H 79 -46.05 -33.07 15.42
C GLY H 79 -45.50 -33.67 14.15
N ALA H 80 -44.17 -33.62 14.03
CA ALA H 80 -43.43 -34.19 12.90
C ALA H 80 -43.91 -33.49 11.63
N ASN H 81 -44.55 -34.20 10.70
CA ASN H 81 -44.92 -33.60 9.42
C ASN H 81 -45.97 -32.51 9.62
N ILE H 82 -45.80 -31.41 8.89
CA ILE H 82 -46.70 -30.27 9.04
C ILE H 82 -47.99 -30.48 8.26
N GLN H 83 -47.90 -31.12 7.09
CA GLN H 83 -49.09 -31.32 6.25
C GLN H 83 -50.20 -32.05 7.00
N ALA H 84 -49.82 -33.01 7.85
CA ALA H 84 -50.83 -33.66 8.69
C ALA H 84 -51.46 -32.65 9.65
N SER H 85 -50.67 -31.73 10.19
CA SER H 85 -51.22 -30.71 11.06
C SER H 85 -52.11 -29.75 10.29
N THR H 86 -51.69 -29.34 9.11
CA THR H 86 -52.44 -28.35 8.34
C THR H 86 -53.72 -28.94 7.77
N LEU H 87 -53.60 -30.02 6.97
CA LEU H 87 -54.76 -30.59 6.30
C LEU H 87 -55.86 -30.95 7.29
N THR H 88 -55.48 -31.35 8.50
CA THR H 88 -56.47 -31.63 9.54
C THR H 88 -57.30 -30.39 9.84
N THR H 89 -56.65 -29.30 10.24
CA THR H 89 -57.36 -28.06 10.54
C THR H 89 -58.14 -27.56 9.33
N LEU H 90 -57.65 -27.83 8.13
CA LEU H 90 -58.39 -27.49 6.91
C LEU H 90 -59.72 -28.22 6.87
N LEU H 91 -59.70 -29.53 7.20
CA LEU H 91 -60.95 -30.27 7.26
C LEU H 91 -61.83 -29.81 8.42
N LEU H 92 -61.21 -29.54 9.58
CA LEU H 92 -61.99 -29.12 10.75
C LEU H 92 -62.76 -27.84 10.47
N LYS H 93 -62.11 -26.85 9.87
CA LYS H 93 -62.78 -25.59 9.56
C LYS H 93 -63.93 -25.78 8.57
N GLU H 94 -63.91 -26.87 7.78
CA GLU H 94 -65.02 -27.13 6.88
C GLU H 94 -66.25 -27.63 7.65
N LEU H 95 -66.03 -28.41 8.71
CA LEU H 95 -67.12 -28.88 9.56
C LEU H 95 -67.63 -27.82 10.53
N ASP H 96 -67.25 -26.56 10.33
CA ASP H 96 -67.71 -25.44 11.14
C ASP H 96 -67.38 -25.66 12.63
N ILE H 97 -66.21 -26.22 12.89
CA ILE H 97 -65.81 -26.44 14.30
C ILE H 97 -65.66 -25.09 14.98
N PRO H 98 -66.31 -24.87 16.13
CA PRO H 98 -66.30 -23.55 16.76
C PRO H 98 -64.91 -23.02 17.07
N ASN H 99 -64.10 -23.79 17.80
CA ASN H 99 -62.77 -23.36 18.23
C ASN H 99 -61.76 -24.46 17.94
N ILE H 100 -60.88 -24.22 16.97
CA ILE H 100 -59.81 -25.15 16.64
C ILE H 100 -58.50 -24.59 17.16
N TRP H 101 -57.80 -25.37 17.98
CA TRP H 101 -56.51 -25.01 18.53
C TRP H 101 -55.45 -25.93 17.94
N VAL H 102 -54.37 -25.34 17.41
CA VAL H 102 -53.38 -26.09 16.64
C VAL H 102 -51.98 -25.84 17.19
N LYS H 103 -51.13 -26.86 17.07
CA LYS H 103 -49.72 -26.78 17.46
C LYS H 103 -48.89 -26.55 16.21
N ALA H 104 -48.34 -25.35 16.06
CA ALA H 104 -47.51 -25.03 14.92
C ALA H 104 -46.05 -25.39 15.21
N GLN H 105 -45.28 -25.55 14.15
CA GLN H 105 -43.88 -25.94 14.30
C GLN H 105 -42.96 -24.75 14.09
N ASN H 106 -42.86 -24.27 12.86
CA ASN H 106 -41.97 -23.17 12.55
C ASN H 106 -42.78 -21.89 12.38
N TYR H 107 -42.11 -20.81 11.93
CA TYR H 107 -42.80 -19.54 11.74
C TYR H 107 -43.81 -19.61 10.61
N TYR H 108 -43.44 -20.22 9.49
CA TYR H 108 -44.35 -20.29 8.36
C TYR H 108 -45.60 -21.09 8.71
N HIS H 109 -45.45 -22.09 9.59
CA HIS H 109 -46.60 -22.85 10.04
C HIS H 109 -47.61 -21.94 10.75
N HIS H 110 -47.10 -20.94 11.47
CA HIS H 110 -47.99 -19.98 12.12
C HIS H 110 -48.80 -19.20 11.09
N LYS H 111 -48.14 -18.79 9.99
CA LYS H 111 -48.81 -17.96 9.00
C LYS H 111 -49.87 -18.75 8.23
N VAL H 112 -49.51 -19.95 7.75
CA VAL H 112 -50.44 -20.70 6.90
C VAL H 112 -51.65 -21.15 7.72
N LEU H 113 -51.43 -21.62 8.95
CA LEU H 113 -52.54 -21.96 9.83
C LEU H 113 -53.42 -20.76 10.15
N GLU H 114 -52.87 -19.54 10.12
CA GLU H 114 -53.66 -18.36 10.42
C GLU H 114 -54.64 -18.03 9.30
N LYS H 115 -54.27 -18.29 8.05
CA LYS H 115 -55.16 -18.02 6.92
C LYS H 115 -56.15 -19.15 6.67
N ILE H 116 -55.99 -20.31 7.31
CA ILE H 116 -56.95 -21.38 7.16
C ILE H 116 -58.19 -21.12 8.01
N GLY H 117 -58.00 -20.61 9.22
CA GLY H 117 -59.09 -20.36 10.13
C GLY H 117 -58.83 -20.89 11.53
N ALA H 118 -57.56 -21.13 11.85
CA ALA H 118 -57.21 -21.66 13.16
C ALA H 118 -57.55 -20.67 14.25
N ASP H 119 -58.45 -21.09 15.16
CA ASP H 119 -58.89 -20.19 16.22
C ASP H 119 -57.80 -19.92 17.25
N ARG H 120 -56.74 -20.72 17.27
CA ARG H 120 -55.65 -20.54 18.22
C ARG H 120 -54.47 -21.40 17.79
N ILE H 121 -53.26 -20.86 17.98
CA ILE H 121 -52.02 -21.53 17.64
C ILE H 121 -51.10 -21.48 18.85
N ILE H 122 -50.47 -22.60 19.17
CA ILE H 122 -49.61 -22.72 20.34
C ILE H 122 -48.23 -23.18 19.88
N HIS H 123 -47.20 -22.43 20.27
CA HIS H 123 -45.82 -22.84 20.09
C HIS H 123 -45.30 -23.37 21.43
N PRO H 124 -45.27 -24.68 21.65
CA PRO H 124 -44.86 -25.20 22.97
C PRO H 124 -43.46 -24.76 23.38
N GLU H 125 -42.50 -24.75 22.45
CA GLU H 125 -41.15 -24.30 22.79
C GLU H 125 -41.12 -22.80 23.04
N LYS H 126 -41.76 -22.04 22.15
CA LYS H 126 -41.74 -20.58 22.27
C LYS H 126 -42.60 -20.09 23.43
N ASP H 127 -43.89 -20.48 23.44
CA ASP H 127 -44.81 -19.93 24.43
C ASP H 127 -44.41 -20.31 25.85
N MET H 128 -43.65 -21.39 26.00
CA MET H 128 -43.19 -21.78 27.33
C MET H 128 -42.02 -20.92 27.77
N GLY H 129 -41.15 -20.55 26.83
CA GLY H 129 -40.05 -19.67 27.17
C GLY H 129 -40.50 -18.35 27.76
N VAL H 130 -41.61 -17.80 27.23
CA VAL H 130 -42.09 -16.52 27.74
C VAL H 130 -42.72 -16.71 29.12
N LYS H 131 -43.22 -17.91 29.41
CA LYS H 131 -43.77 -18.16 30.74
C LYS H 131 -42.66 -18.37 31.75
N ILE H 132 -41.59 -19.07 31.35
CA ILE H 132 -40.44 -19.21 32.22
C ILE H 132 -39.77 -17.85 32.41
N ALA H 133 -39.69 -17.05 31.35
CA ALA H 133 -39.11 -15.71 31.47
C ALA H 133 -39.93 -14.81 32.40
N GLN H 134 -41.17 -15.17 32.68
CA GLN H 134 -41.97 -14.51 33.71
C GLN H 134 -41.76 -15.14 35.08
N SER H 135 -41.48 -16.45 35.14
CA SER H 135 -41.21 -17.09 36.43
C SER H 135 -39.87 -16.62 37.00
N LEU H 136 -38.87 -16.43 36.14
CA LEU H 136 -37.56 -15.97 36.60
C LEU H 136 -37.60 -14.49 37.00
N SER H 137 -38.45 -13.70 36.35
CA SER H 137 -38.52 -12.27 36.68
C SER H 137 -39.16 -12.05 38.03
N ASP H 138 -40.32 -12.66 38.26
CA ASP H 138 -41.04 -12.55 39.52
C ASP H 138 -40.40 -13.33 40.65
N GLU H 139 -39.30 -14.05 40.39
CA GLU H 139 -38.62 -14.82 41.42
C GLU H 139 -37.61 -13.99 42.22
N ASN H 140 -37.39 -12.74 41.86
CA ASN H 140 -36.46 -11.86 42.57
C ASN H 140 -36.80 -10.39 42.31
N LYS H 149 -31.16 -11.27 39.68
CA LYS H 149 -30.59 -10.07 39.08
C LYS H 149 -29.75 -10.42 37.86
N GLN H 150 -28.86 -11.38 38.02
CA GLN H 150 -28.00 -11.84 36.94
C GLN H 150 -28.67 -13.03 36.24
N PHE H 151 -28.94 -12.88 34.94
CA PHE H 151 -29.58 -13.93 34.15
C PHE H 151 -28.68 -14.33 32.98
N ALA H 152 -28.72 -15.63 32.65
CA ALA H 152 -27.93 -16.22 31.57
C ALA H 152 -28.64 -17.46 31.05
N VAL H 153 -28.75 -17.57 29.73
CA VAL H 153 -29.43 -18.69 29.07
C VAL H 153 -28.44 -19.35 28.12
N ILE H 154 -28.25 -20.66 28.26
CA ILE H 154 -27.37 -21.44 27.41
C ILE H 154 -28.22 -22.17 26.38
N GLY H 155 -27.77 -22.16 25.12
CA GLY H 155 -28.50 -22.83 24.06
C GLY H 155 -29.62 -21.98 23.48
N LEU H 156 -29.38 -21.41 22.30
CA LEU H 156 -30.35 -20.50 21.66
C LEU H 156 -31.29 -21.26 20.73
N GLY H 157 -31.86 -22.34 21.23
CA GLY H 157 -32.89 -23.06 20.50
C GLY H 157 -34.17 -22.24 20.43
N ARG H 158 -35.25 -22.90 19.99
CA ARG H 158 -36.54 -22.23 19.96
C ARG H 158 -36.98 -21.83 21.37
N PHE H 159 -36.77 -22.71 22.34
CA PHE H 159 -37.11 -22.39 23.72
C PHE H 159 -36.13 -21.38 24.31
N GLY H 160 -34.83 -21.66 24.19
CA GLY H 160 -33.82 -20.75 24.71
C GLY H 160 -33.73 -19.43 23.99
N GLY H 161 -34.31 -19.34 22.78
CA GLY H 161 -34.38 -18.06 22.10
C GLY H 161 -35.59 -17.25 22.49
N SER H 162 -36.65 -17.92 22.94
CA SER H 162 -37.87 -17.24 23.38
C SER H 162 -37.77 -16.68 24.80
N ILE H 163 -36.68 -16.96 25.50
CA ILE H 163 -36.47 -16.45 26.85
C ILE H 163 -35.46 -15.31 26.87
N VAL H 164 -34.43 -15.40 26.01
CA VAL H 164 -33.50 -14.29 25.85
C VAL H 164 -34.21 -13.07 25.30
N LYS H 165 -35.17 -13.29 24.40
CA LYS H 165 -35.92 -12.16 23.82
C LYS H 165 -36.95 -11.61 24.80
N GLU H 166 -37.56 -12.48 25.62
CA GLU H 166 -38.60 -12.01 26.54
C GLU H 166 -38.01 -11.28 27.72
N LEU H 167 -36.96 -11.84 28.33
CA LEU H 167 -36.33 -11.18 29.47
C LEU H 167 -35.75 -9.83 29.07
N HIS H 168 -35.16 -9.75 27.88
CA HIS H 168 -34.65 -8.47 27.37
C HIS H 168 -35.77 -7.47 27.12
N ARG H 169 -37.00 -7.94 26.94
CA ARG H 169 -38.11 -7.05 26.62
C ARG H 169 -38.54 -6.24 27.84
N MET H 170 -38.84 -6.94 28.95
CA MET H 170 -39.15 -6.24 30.21
C MET H 170 -38.03 -5.29 30.60
N GLY H 171 -36.79 -5.75 30.51
CA GLY H 171 -35.65 -4.91 30.87
C GLY H 171 -34.74 -5.58 31.88
N HIS H 172 -34.34 -6.81 31.60
CA HIS H 172 -33.46 -7.57 32.48
C HIS H 172 -32.25 -8.04 31.70
N GLU H 173 -31.10 -8.04 32.36
CA GLU H 173 -29.84 -8.45 31.73
C GLU H 173 -29.86 -9.94 31.42
N VAL H 174 -29.48 -10.30 30.19
CA VAL H 174 -29.48 -11.69 29.74
C VAL H 174 -28.13 -11.97 29.08
N LEU H 175 -27.41 -12.96 29.61
CA LEU H 175 -26.16 -13.42 29.00
C LEU H 175 -26.48 -14.58 28.07
N ALA H 176 -26.84 -14.26 26.84
CA ALA H 176 -27.14 -15.29 25.84
C ALA H 176 -25.86 -15.90 25.32
N VAL H 177 -25.88 -17.22 25.11
CA VAL H 177 -24.72 -17.94 24.62
C VAL H 177 -25.15 -19.28 24.01
N ASP H 178 -24.63 -19.59 22.82
CA ASP H 178 -24.93 -20.83 22.12
C ASP H 178 -23.62 -21.46 21.63
N ILE H 179 -23.70 -22.73 21.26
CA ILE H 179 -22.50 -23.49 20.90
C ILE H 179 -21.78 -22.85 19.72
N ASN H 180 -22.52 -22.54 18.66
CA ASN H 180 -21.96 -21.87 17.50
C ASN H 180 -22.38 -20.40 17.52
N GLU H 181 -22.16 -19.72 16.39
CA GLU H 181 -22.40 -18.30 16.28
C GLU H 181 -23.66 -17.95 15.49
N GLU H 182 -24.17 -18.86 14.66
CA GLU H 182 -25.29 -18.54 13.78
C GLU H 182 -26.47 -17.97 14.56
N LYS H 183 -26.71 -18.50 15.76
CA LYS H 183 -27.77 -17.97 16.60
C LYS H 183 -27.30 -16.76 17.41
N VAL H 184 -26.06 -16.81 17.92
CA VAL H 184 -25.54 -15.72 18.72
C VAL H 184 -25.47 -14.43 17.93
N ASN H 185 -25.30 -14.53 16.60
CA ASN H 185 -25.33 -13.35 15.76
C ASN H 185 -26.71 -12.72 15.74
N ALA H 186 -27.74 -13.51 15.47
CA ALA H 186 -29.09 -12.96 15.44
C ALA H 186 -29.55 -12.53 16.82
N TYR H 187 -28.85 -12.95 17.88
CA TYR H 187 -29.18 -12.55 19.25
C TYR H 187 -28.13 -11.60 19.82
N ALA H 188 -27.48 -10.81 18.97
CA ALA H 188 -26.50 -9.84 19.46
C ALA H 188 -27.18 -8.63 20.09
N SER H 189 -28.33 -8.21 19.55
CA SER H 189 -29.10 -7.12 20.11
C SER H 189 -30.32 -7.60 20.89
N TYR H 190 -30.43 -8.90 21.12
CA TYR H 190 -31.54 -9.48 21.87
C TYR H 190 -31.14 -9.83 23.30
N ALA H 191 -29.91 -9.54 23.69
CA ALA H 191 -29.43 -9.88 25.02
C ALA H 191 -28.43 -8.84 25.48
N THR H 192 -28.21 -8.81 26.79
CA THR H 192 -27.17 -7.94 27.34
C THR H 192 -25.79 -8.33 26.82
N HIS H 193 -25.54 -9.62 26.64
CA HIS H 193 -24.25 -10.08 26.13
C HIS H 193 -24.46 -11.35 25.30
N ALA H 194 -24.19 -11.26 24.00
CA ALA H 194 -24.23 -12.42 23.12
C ALA H 194 -22.83 -13.01 23.04
N VAL H 195 -22.70 -14.26 23.46
CA VAL H 195 -21.41 -14.94 23.55
C VAL H 195 -21.49 -16.23 22.75
N ILE H 196 -20.38 -16.59 22.11
CA ILE H 196 -20.25 -17.85 21.39
C ILE H 196 -19.35 -18.75 22.21
N ALA H 197 -19.92 -19.81 22.78
CA ALA H 197 -19.15 -20.67 23.67
C ALA H 197 -19.76 -22.06 23.68
N ASN H 198 -18.95 -23.03 24.12
CA ASN H 198 -19.39 -24.39 24.36
C ASN H 198 -19.46 -24.59 25.87
N ALA H 199 -20.65 -24.92 26.38
CA ALA H 199 -20.88 -25.00 27.81
C ALA H 199 -20.22 -26.21 28.47
N THR H 200 -19.53 -27.06 27.69
CA THR H 200 -18.86 -28.22 28.25
C THR H 200 -17.43 -27.94 28.67
N GLU H 201 -16.83 -26.85 28.23
CA GLU H 201 -15.46 -26.53 28.57
C GLU H 201 -15.43 -25.70 29.84
N GLU H 202 -14.61 -26.11 30.82
CA GLU H 202 -14.57 -25.41 32.09
C GLU H 202 -14.07 -23.98 31.91
N ASN H 203 -12.97 -23.81 31.16
CA ASN H 203 -12.36 -22.49 31.01
C ASN H 203 -13.33 -21.50 30.36
N GLU H 204 -14.15 -21.97 29.41
CA GLU H 204 -15.14 -21.08 28.81
C GLU H 204 -16.21 -20.67 29.82
N LEU H 205 -16.49 -21.52 30.81
CA LEU H 205 -17.45 -21.17 31.84
C LEU H 205 -16.86 -20.18 32.85
N LEU H 206 -15.62 -20.43 33.28
CA LEU H 206 -14.98 -19.52 34.23
C LEU H 206 -14.74 -18.15 33.60
N SER H 207 -14.20 -18.14 32.38
CA SER H 207 -13.85 -16.88 31.71
C SER H 207 -15.07 -16.03 31.43
N LEU H 208 -16.25 -16.65 31.28
CA LEU H 208 -17.47 -15.89 31.06
C LEU H 208 -18.07 -15.34 32.35
N GLY H 209 -17.38 -15.49 33.47
CA GLY H 209 -17.90 -15.01 34.74
C GLY H 209 -19.24 -15.63 35.11
N ILE H 210 -19.50 -16.85 34.65
CA ILE H 210 -20.78 -17.49 34.90
C ILE H 210 -21.03 -17.71 36.39
N ARG H 211 -19.98 -17.72 37.21
CA ARG H 211 -20.15 -17.87 38.65
C ARG H 211 -21.03 -16.77 39.25
N ASN H 212 -20.97 -15.56 38.68
CA ASN H 212 -21.72 -14.43 39.23
C ASN H 212 -23.20 -14.49 38.93
N PHE H 213 -23.65 -15.44 38.11
CA PHE H 213 -25.04 -15.53 37.72
C PHE H 213 -25.80 -16.49 38.63
N GLU H 214 -26.88 -16.01 39.22
CA GLU H 214 -27.68 -16.83 40.13
C GLU H 214 -28.69 -17.72 39.41
N TYR H 215 -29.01 -17.42 38.15
CA TYR H 215 -29.99 -18.18 37.38
C TYR H 215 -29.40 -18.56 36.04
N VAL H 216 -29.20 -19.86 35.82
CA VAL H 216 -28.67 -20.38 34.55
C VAL H 216 -29.72 -21.29 33.92
N ILE H 217 -29.90 -21.14 32.61
CA ILE H 217 -30.91 -21.89 31.86
C ILE H 217 -30.20 -22.67 30.78
N VAL H 218 -30.36 -24.00 30.81
CA VAL H 218 -29.78 -24.89 29.81
C VAL H 218 -30.91 -25.30 28.87
N ALA H 219 -31.00 -24.64 27.73
CA ALA H 219 -32.03 -24.93 26.73
C ALA H 219 -31.45 -25.61 25.50
N ILE H 220 -30.23 -26.10 25.57
CA ILE H 220 -29.61 -26.83 24.47
C ILE H 220 -30.41 -28.10 24.22
N GLY H 221 -31.07 -28.17 23.06
CA GLY H 221 -31.92 -29.30 22.75
C GLY H 221 -31.11 -30.44 22.17
N ALA H 222 -31.81 -31.30 21.43
CA ALA H 222 -31.16 -32.39 20.67
C ALA H 222 -30.52 -33.35 21.69
N ASN H 223 -29.25 -33.68 21.55
CA ASN H 223 -28.69 -34.74 22.39
C ASN H 223 -28.66 -34.31 23.83
N ILE H 224 -28.84 -35.30 24.70
CA ILE H 224 -28.98 -35.06 26.14
C ILE H 224 -27.64 -34.77 26.80
N GLN H 225 -26.53 -35.37 26.35
CA GLN H 225 -25.23 -35.18 27.02
C GLN H 225 -24.81 -33.71 27.08
N ALA H 226 -25.05 -32.96 26.01
CA ALA H 226 -24.77 -31.54 26.04
C ALA H 226 -25.59 -30.84 27.11
N SER H 227 -26.85 -31.25 27.27
CA SER H 227 -27.69 -30.67 28.32
C SER H 227 -27.19 -31.08 29.70
N THR H 228 -26.96 -32.38 29.91
CA THR H 228 -26.60 -32.87 31.24
C THR H 228 -25.24 -32.34 31.68
N LEU H 229 -24.20 -32.57 30.86
CA LEU H 229 -22.84 -32.20 31.23
C LEU H 229 -22.74 -30.73 31.59
N THR H 230 -23.50 -29.88 30.88
CA THR H 230 -23.53 -28.47 31.24
C THR H 230 -24.01 -28.30 32.68
N THR H 231 -25.21 -28.81 32.99
CA THR H 231 -25.73 -28.74 34.35
C THR H 231 -24.79 -29.38 35.35
N LEU H 232 -24.04 -30.40 34.93
CA LEU H 232 -23.05 -31.01 35.80
C LEU H 232 -21.97 -30.02 36.17
N LEU H 233 -21.45 -29.28 35.17
CA LEU H 233 -20.42 -28.28 35.45
C LEU H 233 -20.98 -27.12 36.25
N LEU H 234 -22.20 -26.69 35.94
CA LEU H 234 -22.80 -25.56 36.65
C LEU H 234 -22.91 -25.85 38.13
N LYS H 235 -23.36 -27.06 38.48
CA LYS H 235 -23.48 -27.43 39.89
C LYS H 235 -22.14 -27.43 40.62
N GLU H 236 -21.03 -27.48 39.87
CA GLU H 236 -19.71 -27.44 40.50
C GLU H 236 -19.30 -26.03 40.90
N LEU H 237 -19.68 -25.03 40.09
CA LEU H 237 -19.40 -23.64 40.41
C LEU H 237 -20.36 -23.08 41.45
N ASP H 238 -21.14 -23.94 42.11
CA ASP H 238 -22.08 -23.52 43.16
C ASP H 238 -23.10 -22.52 42.65
N ILE H 239 -23.64 -22.78 41.45
CA ILE H 239 -24.66 -21.90 40.89
C ILE H 239 -25.93 -22.00 41.72
N PRO H 240 -26.52 -20.88 42.15
CA PRO H 240 -27.68 -20.93 43.05
C PRO H 240 -28.88 -21.70 42.50
N ASN H 241 -29.40 -21.30 41.34
CA ASN H 241 -30.60 -21.90 40.76
C ASN H 241 -30.35 -22.25 39.31
N ILE H 242 -30.35 -23.54 38.98
CA ILE H 242 -30.16 -24.03 37.62
C ILE H 242 -31.49 -24.59 37.10
N TRP H 243 -31.92 -24.10 35.94
CA TRP H 243 -33.14 -24.55 35.29
C TRP H 243 -32.78 -25.19 33.97
N VAL H 244 -33.28 -26.41 33.73
CA VAL H 244 -32.86 -27.22 32.60
C VAL H 244 -34.07 -27.67 31.80
N LYS H 245 -33.89 -27.73 30.47
CA LYS H 245 -34.90 -28.23 29.55
C LYS H 245 -34.63 -29.71 29.31
N ALA H 246 -35.45 -30.56 29.90
CA ALA H 246 -35.26 -31.99 29.71
C ALA H 246 -35.98 -32.45 28.44
N GLN H 247 -35.60 -33.62 27.97
CA GLN H 247 -36.15 -34.16 26.74
C GLN H 247 -37.12 -35.31 27.02
N ASN H 248 -36.60 -36.42 27.53
CA ASN H 248 -37.44 -37.58 27.80
C ASN H 248 -37.58 -37.78 29.31
N TYR H 249 -38.23 -38.89 29.69
CA TYR H 249 -38.46 -39.16 31.11
C TYR H 249 -37.15 -39.44 31.84
N TYR H 250 -36.28 -40.26 31.24
CA TYR H 250 -35.02 -40.57 31.89
C TYR H 250 -34.18 -39.33 32.07
N HIS H 251 -34.26 -38.40 31.12
CA HIS H 251 -33.57 -37.12 31.25
C HIS H 251 -34.04 -36.39 32.51
N HIS H 252 -35.33 -36.47 32.82
CA HIS H 252 -35.84 -35.90 34.07
C HIS H 252 -35.19 -36.58 35.27
N LYS H 253 -35.09 -37.90 35.25
CA LYS H 253 -34.53 -38.63 36.39
C LYS H 253 -33.05 -38.31 36.57
N VAL H 254 -32.26 -38.40 35.50
CA VAL H 254 -30.83 -38.18 35.63
C VAL H 254 -30.53 -36.75 36.02
N LEU H 255 -31.21 -35.78 35.39
CA LEU H 255 -31.04 -34.38 35.78
C LEU H 255 -31.44 -34.14 37.23
N GLU H 256 -32.39 -34.94 37.74
CA GLU H 256 -32.82 -34.76 39.13
C GLU H 256 -31.75 -35.20 40.11
N LYS H 257 -30.99 -36.26 39.79
CA LYS H 257 -29.91 -36.72 40.65
C LYS H 257 -28.63 -35.91 40.50
N ILE H 258 -28.57 -35.00 39.52
CA ILE H 258 -27.39 -34.14 39.38
C ILE H 258 -27.47 -32.94 40.31
N GLY H 259 -28.67 -32.40 40.50
CA GLY H 259 -28.87 -31.24 41.34
C GLY H 259 -29.64 -30.14 40.63
N ALA H 260 -30.31 -30.51 39.53
CA ALA H 260 -31.10 -29.56 38.77
C ALA H 260 -32.19 -28.94 39.63
N ASP H 261 -32.07 -27.65 39.92
CA ASP H 261 -33.06 -26.98 40.74
C ASP H 261 -34.44 -26.97 40.07
N ARG H 262 -34.47 -26.91 38.74
CA ARG H 262 -35.72 -26.88 38.00
C ARG H 262 -35.56 -27.63 36.70
N ILE H 263 -36.62 -28.30 36.28
CA ILE H 263 -36.66 -29.04 35.01
C ILE H 263 -37.96 -28.68 34.31
N ILE H 264 -37.86 -28.35 33.03
CA ILE H 264 -39.01 -27.89 32.24
C ILE H 264 -39.16 -28.78 31.02
N HIS H 265 -40.37 -29.27 30.80
CA HIS H 265 -40.72 -29.99 29.58
C HIS H 265 -41.59 -29.06 28.74
N PRO H 266 -41.04 -28.43 27.69
CA PRO H 266 -41.80 -27.40 26.98
C PRO H 266 -43.13 -27.85 26.40
N GLU H 267 -43.21 -29.08 25.88
CA GLU H 267 -44.50 -29.55 25.37
C GLU H 267 -45.39 -30.08 26.48
N LYS H 268 -44.83 -30.86 27.40
CA LYS H 268 -45.63 -31.45 28.48
C LYS H 268 -46.23 -30.36 29.37
N ASP H 269 -45.37 -29.48 29.90
CA ASP H 269 -45.85 -28.42 30.77
C ASP H 269 -46.76 -27.44 30.07
N MET H 270 -46.68 -27.35 28.73
CA MET H 270 -47.59 -26.47 28.01
C MET H 270 -48.97 -27.10 27.84
N GLY H 271 -49.01 -28.42 27.63
CA GLY H 271 -50.30 -29.09 27.49
C GLY H 271 -51.18 -28.94 28.71
N VAL H 272 -50.58 -28.99 29.90
CA VAL H 272 -51.36 -28.86 31.12
C VAL H 272 -51.88 -27.43 31.26
N LYS H 273 -51.18 -26.45 30.67
CA LYS H 273 -51.66 -25.07 30.69
C LYS H 273 -52.78 -24.88 29.68
N ILE H 274 -52.66 -25.49 28.50
CA ILE H 274 -53.74 -25.43 27.52
C ILE H 274 -54.95 -26.21 28.02
N ALA H 275 -54.71 -27.36 28.67
CA ALA H 275 -55.80 -28.11 29.28
C ALA H 275 -56.51 -27.32 30.36
N GLN H 276 -55.84 -26.31 30.93
CA GLN H 276 -56.49 -25.36 31.83
C GLN H 276 -57.16 -24.21 31.08
N SER H 277 -56.60 -23.81 29.93
CA SER H 277 -57.25 -22.76 29.14
C SER H 277 -58.54 -23.26 28.52
N LEU H 278 -58.61 -24.54 28.17
CA LEU H 278 -59.84 -25.10 27.60
C LEU H 278 -60.89 -25.38 28.67
N SER H 279 -60.47 -25.72 29.88
CA SER H 279 -61.43 -25.98 30.95
C SER H 279 -62.10 -24.70 31.40
N ASP H 280 -61.31 -23.67 31.72
CA ASP H 280 -61.84 -22.39 32.16
C ASP H 280 -62.46 -21.58 31.02
N GLU H 281 -62.35 -22.05 29.78
CA GLU H 281 -62.99 -21.38 28.66
C GLU H 281 -64.48 -21.72 28.55
N ASN H 282 -64.99 -22.58 29.41
CA ASN H 282 -66.41 -22.93 29.39
C ASN H 282 -66.85 -23.50 30.74
#